data_9Q5C
#
_entry.id   9Q5C
#
_cell.length_a   1.00
_cell.length_b   1.00
_cell.length_c   1.00
_cell.angle_alpha   90.00
_cell.angle_beta   90.00
_cell.angle_gamma   90.00
#
_symmetry.space_group_name_H-M   'P 1'
#
_entity_poly.entity_id   1
_entity_poly.type   'polypeptide(L)'
_entity_poly.pdbx_seq_one_letter_code
;MAHHHHHHMKISDGNWLIQPGLNLIQPVQVYEVEQQGNEMVVYAAPRDVRERAWQLDTPLFTLRFFSPQEGIIGVRMEHF
QGALDNSPHYPLNVQKDVHVEIENTAEFAELKSGSLSVRVTKGEFWALDFLRDGVRITGSQLKNNGYVQDSKTQRNYMFE
RLDLGVGETVYGLGERFTALVRNGQTVETWNEDGGTSTEQSYKNIPFYLTNRGYGVLVNHPQRVSFEVGSEKVSKVQFSV
EGEYLEYFVIDGPTPKAVLNRYTQFTGRPALPPAWSFGLWLTTSFTTNYDEATVNSFIDGMAERHLPLHVFHFDCFWMKA
FQWCDFEWDPLTFPDPEGMIKRLKAKGLKVCVWINPYIGQRSPVFKELKEKGYLLKRPDGSLWQWDKWQPGLAIYDFTNP
EACQWYASKLKGLVAMGVDCFKTDFGERIPTDVQWFDGSDPQKMHNHYAFIYNELVWKVLKETVGEQEAVLFARSASVGA
QQFPVHWGGDCYANYESMAESLRGGLSIGMSGFGFWSHDIGGFENTAPAHVYKRWCAFGLLSSHSRLHGSKSYRVPWAYD
EESCDVVRHFTQLKCRMMPYLYRQAALANEFGTPMLRAMMLEFPDDPACDYLDRQYMLGDSVLVAPVFSEAGEVQFYLPE
GRWTHLWHNDELPGSRWHKQRHDALSLPVYVRDNTLLALGNNDQKPDYAWHEGTAFQLFQLGDGNETVCQVPAADGSAIF
TLKAKRQGNTITVSGEGEARGWTLCLRNIPQIAGVEGGTQAGSELGVVVSAQGNALTISL
;
_entity_poly.pdbx_strand_id   A,B,C,D,E,F
#
# COMPACT_ATOMS: atom_id res chain seq x y z
N MET A 9 0.35 -19.55 9.23
CA MET A 9 1.12 -20.68 9.72
C MET A 9 0.55 -22.00 9.19
N LYS A 10 -0.72 -21.97 8.80
CA LYS A 10 -1.36 -23.17 8.27
C LYS A 10 -0.66 -23.61 6.99
N ILE A 11 -0.47 -24.92 6.84
CA ILE A 11 0.22 -25.50 5.70
C ILE A 11 -0.75 -26.20 4.76
N SER A 12 -1.60 -27.07 5.29
CA SER A 12 -2.53 -27.86 4.49
C SER A 12 -3.95 -27.36 4.71
N ASP A 13 -4.63 -27.03 3.61
CA ASP A 13 -6.02 -26.59 3.65
C ASP A 13 -6.94 -27.79 3.42
N GLY A 14 -6.88 -28.73 4.36
CA GLY A 14 -7.63 -29.96 4.26
C GLY A 14 -6.74 -31.17 4.04
N ASN A 15 -7.11 -32.02 3.09
CA ASN A 15 -6.33 -33.21 2.78
C ASN A 15 -5.97 -33.35 1.30
N TRP A 16 -6.48 -32.49 0.42
CA TRP A 16 -6.22 -32.56 -1.01
C TRP A 16 -5.51 -31.34 -1.56
N LEU A 17 -5.73 -30.15 -0.98
CA LEU A 17 -5.14 -28.92 -1.46
C LEU A 17 -4.41 -28.21 -0.32
N ILE A 18 -3.68 -27.15 -0.69
CA ILE A 18 -2.90 -26.36 0.26
C ILE A 18 -3.22 -24.89 0.05
N GLN A 19 -2.84 -24.08 1.02
CA GLN A 19 -3.13 -22.65 0.96
C GLN A 19 -2.37 -22.00 -0.21
N PRO A 20 -2.94 -20.96 -0.80
CA PRO A 20 -2.26 -20.30 -1.92
C PRO A 20 -0.94 -19.66 -1.49
N GLY A 21 -0.02 -19.57 -2.43
CA GLY A 21 1.25 -18.92 -2.18
C GLY A 21 2.15 -19.63 -1.19
N LEU A 22 2.20 -20.96 -1.24
CA LEU A 22 3.04 -21.75 -0.35
C LEU A 22 3.70 -22.85 -1.17
N ASN A 23 4.95 -22.63 -1.56
CA ASN A 23 5.69 -23.62 -2.32
C ASN A 23 6.21 -24.71 -1.39
N LEU A 24 5.94 -25.96 -1.72
CA LEU A 24 6.30 -27.11 -0.90
C LEU A 24 7.34 -27.95 -1.63
N ILE A 25 8.44 -28.26 -0.95
CA ILE A 25 9.47 -29.14 -1.48
C ILE A 25 9.68 -30.25 -0.46
N GLN A 26 9.36 -31.49 -0.85
CA GLN A 26 9.39 -32.61 0.08
C GLN A 26 10.26 -33.73 -0.48
N PRO A 27 10.97 -34.46 0.38
CA PRO A 27 11.73 -35.62 -0.09
C PRO A 27 10.80 -36.76 -0.50
N VAL A 28 11.13 -37.40 -1.62
CA VAL A 28 10.30 -38.47 -2.16
C VAL A 28 11.14 -39.72 -2.36
N GLN A 29 12.45 -39.56 -2.52
CA GLN A 29 13.32 -40.69 -2.82
C GLN A 29 14.68 -40.48 -2.14
N VAL A 30 15.36 -41.58 -1.89
CA VAL A 30 16.69 -41.58 -1.29
C VAL A 30 17.71 -41.70 -2.42
N TYR A 31 18.62 -40.73 -2.50
CA TYR A 31 19.64 -40.73 -3.54
C TYR A 31 20.95 -41.36 -3.08
N GLU A 32 21.50 -40.92 -1.95
CA GLU A 32 22.80 -41.42 -1.51
C GLU A 32 22.85 -41.53 0.00
N VAL A 33 23.71 -42.44 0.48
CA VAL A 33 23.93 -42.65 1.90
C VAL A 33 25.44 -42.74 2.13
N GLU A 34 25.92 -42.08 3.18
CA GLU A 34 27.33 -42.05 3.53
C GLU A 34 27.50 -42.23 5.02
N GLN A 35 28.65 -42.77 5.42
CA GLN A 35 29.01 -42.98 6.81
C GLN A 35 30.21 -42.12 7.14
N GLN A 36 30.03 -41.14 8.04
CA GLN A 36 31.10 -40.25 8.47
C GLN A 36 31.37 -40.56 9.94
N GLY A 37 32.37 -41.40 10.18
CA GLY A 37 32.72 -41.80 11.53
C GLY A 37 31.58 -42.50 12.23
N ASN A 38 31.00 -41.85 13.23
CA ASN A 38 29.88 -42.40 13.98
C ASN A 38 28.54 -41.80 13.57
N GLU A 39 28.50 -41.07 12.46
CA GLU A 39 27.29 -40.41 11.99
C GLU A 39 26.92 -40.93 10.61
N MET A 40 25.64 -40.82 10.29
CA MET A 40 25.12 -41.24 8.99
C MET A 40 24.55 -40.02 8.27
N VAL A 41 24.81 -39.93 6.96
CA VAL A 41 24.34 -38.82 6.14
C VAL A 41 23.52 -39.39 5.00
N VAL A 42 22.35 -38.82 4.77
CA VAL A 42 21.45 -39.23 3.70
C VAL A 42 21.14 -38.02 2.83
N TYR A 43 21.44 -38.12 1.54
CA TYR A 43 21.12 -37.09 0.57
C TYR A 43 19.92 -37.57 -0.24
N ALA A 44 18.83 -36.81 -0.18
CA ALA A 44 17.57 -37.17 -0.80
C ALA A 44 17.09 -36.08 -1.74
N ALA A 45 16.25 -36.46 -2.70
CA ALA A 45 15.73 -35.55 -3.70
C ALA A 45 14.21 -35.67 -3.76
N PRO A 46 13.52 -34.64 -4.25
CA PRO A 46 12.06 -34.67 -4.30
C PRO A 46 11.49 -35.47 -5.46
N ARG A 47 12.33 -35.95 -6.38
CA ARG A 47 11.85 -36.64 -7.56
C ARG A 47 12.77 -37.81 -7.87
N ASP A 48 12.33 -38.66 -8.79
CA ASP A 48 13.16 -39.78 -9.23
C ASP A 48 14.46 -39.26 -9.83
N VAL A 49 15.58 -39.84 -9.39
CA VAL A 49 16.89 -39.40 -9.85
C VAL A 49 17.72 -40.60 -10.27
N ARG A 50 17.08 -41.76 -10.41
CA ARG A 50 17.80 -42.94 -10.86
C ARG A 50 18.38 -42.75 -12.26
N GLU A 51 17.72 -41.96 -13.09
CA GLU A 51 18.20 -41.68 -14.44
C GLU A 51 19.09 -40.44 -14.43
N ARG A 52 20.04 -40.41 -15.36
CA ARG A 52 20.99 -39.32 -15.43
C ARG A 52 20.36 -38.01 -15.87
N ALA A 53 19.19 -38.05 -16.51
CA ALA A 53 18.60 -36.83 -17.04
C ALA A 53 18.11 -35.92 -15.92
N TRP A 54 17.61 -36.50 -14.82
CA TRP A 54 17.02 -35.72 -13.73
C TRP A 54 17.99 -35.47 -12.59
N GLN A 55 19.27 -35.77 -12.78
CA GLN A 55 20.28 -35.53 -11.75
C GLN A 55 20.83 -34.11 -11.83
N LEU A 56 19.94 -33.12 -11.85
CA LEU A 56 20.33 -31.73 -11.92
C LEU A 56 19.08 -30.86 -11.84
N ASP A 57 19.28 -29.58 -11.55
CA ASP A 57 18.20 -28.60 -11.51
C ASP A 57 17.12 -28.98 -10.50
N THR A 58 17.51 -29.63 -9.41
CA THR A 58 16.60 -30.02 -8.36
C THR A 58 17.26 -29.80 -7.01
N PRO A 59 16.46 -29.56 -5.95
CA PRO A 59 17.05 -29.42 -4.61
C PRO A 59 17.56 -30.74 -4.06
N LEU A 60 18.10 -30.73 -2.85
CA LEU A 60 18.61 -31.95 -2.24
C LEU A 60 18.62 -31.76 -0.72
N PHE A 61 17.78 -32.51 -0.02
CA PHE A 61 17.75 -32.44 1.43
C PHE A 61 18.84 -33.32 2.02
N THR A 62 19.50 -32.82 3.07
CA THR A 62 20.56 -33.54 3.75
C THR A 62 20.10 -33.88 5.16
N LEU A 63 20.07 -35.17 5.49
CA LEU A 63 19.64 -35.65 6.79
C LEU A 63 20.84 -36.29 7.50
N ARG A 64 21.17 -35.79 8.68
CA ARG A 64 22.27 -36.29 9.47
C ARG A 64 21.71 -36.98 10.72
N PHE A 65 22.08 -38.24 10.91
CA PHE A 65 21.65 -39.03 12.05
C PHE A 65 22.87 -39.32 12.92
N PHE A 66 22.76 -38.99 14.21
CA PHE A 66 23.85 -39.21 15.14
C PHE A 66 23.28 -39.63 16.49
N SER A 67 24.16 -39.99 17.42
CA SER A 67 23.77 -40.47 18.74
C SER A 67 24.58 -39.75 19.79
N PRO A 68 24.13 -38.58 20.25
CA PRO A 68 24.87 -37.86 21.29
C PRO A 68 24.96 -38.61 22.61
N GLN A 69 24.01 -39.51 22.88
CA GLN A 69 24.00 -40.27 24.13
C GLN A 69 23.33 -41.60 23.86
N GLU A 70 23.64 -42.58 24.72
CA GLU A 70 23.04 -43.90 24.59
C GLU A 70 21.52 -43.79 24.75
N GLY A 71 20.79 -44.42 23.84
CA GLY A 71 19.34 -44.40 23.87
C GLY A 71 18.71 -43.15 23.29
N ILE A 72 19.50 -42.22 22.76
CA ILE A 72 19.00 -40.99 22.18
C ILE A 72 19.54 -40.86 20.76
N ILE A 73 18.66 -40.52 19.82
CA ILE A 73 19.02 -40.37 18.42
C ILE A 73 18.68 -38.96 17.99
N GLY A 74 19.65 -38.26 17.41
CA GLY A 74 19.46 -36.89 16.94
C GLY A 74 19.45 -36.85 15.42
N VAL A 75 18.47 -36.13 14.88
CA VAL A 75 18.24 -35.99 13.45
C VAL A 75 18.32 -34.52 13.10
N ARG A 76 19.11 -34.19 12.07
CA ARG A 76 19.30 -32.83 11.61
C ARG A 76 19.01 -32.80 10.12
N MET A 77 17.94 -32.11 9.73
CA MET A 77 17.54 -31.99 8.33
C MET A 77 17.87 -30.58 7.86
N GLU A 78 18.57 -30.49 6.73
CA GLU A 78 19.08 -29.23 6.22
C GLU A 78 18.82 -29.10 4.73
N HIS A 79 18.62 -27.85 4.30
CA HIS A 79 18.47 -27.48 2.89
C HIS A 79 19.62 -26.61 2.41
N PHE A 80 19.88 -25.51 3.10
CA PHE A 80 20.99 -24.61 2.80
C PHE A 80 21.93 -24.54 3.99
N GLN A 81 23.22 -24.72 3.74
CA GLN A 81 24.23 -24.63 4.77
C GLN A 81 24.89 -23.26 4.84
N GLY A 82 24.49 -22.33 3.99
CA GLY A 82 25.08 -21.00 3.98
C GLY A 82 24.50 -20.02 4.97
N ALA A 83 23.47 -20.42 5.72
CA ALA A 83 22.86 -19.53 6.69
C ALA A 83 23.77 -19.39 7.91
N LEU A 84 23.48 -18.36 8.71
CA LEU A 84 24.25 -18.07 9.91
C LEU A 84 23.62 -18.74 11.13
N ASP A 85 24.46 -19.30 11.99
CA ASP A 85 24.03 -19.92 13.23
C ASP A 85 24.76 -19.23 14.38
N ASN A 86 24.09 -18.27 15.00
CA ASN A 86 24.67 -17.45 16.06
C ASN A 86 24.31 -18.01 17.43
N SER A 87 24.99 -17.48 18.45
CA SER A 87 24.73 -17.88 19.81
C SER A 87 23.37 -17.35 20.26
N PRO A 88 22.78 -17.93 21.32
CA PRO A 88 23.25 -19.06 22.13
C PRO A 88 22.72 -20.41 21.67
N HIS A 89 23.07 -21.46 22.39
CA HIS A 89 22.56 -22.80 22.12
C HIS A 89 22.22 -23.47 23.44
N TYR A 90 21.31 -24.44 23.38
CA TYR A 90 20.88 -25.11 24.60
C TYR A 90 22.07 -25.84 25.22
N PRO A 91 22.18 -25.84 26.56
CA PRO A 91 23.31 -26.53 27.22
C PRO A 91 23.12 -28.05 27.27
N LEU A 92 23.47 -28.70 26.16
CA LEU A 92 23.32 -30.14 26.03
C LEU A 92 24.66 -30.82 26.28
N ASN A 93 24.64 -31.87 27.10
CA ASN A 93 25.83 -32.66 27.38
C ASN A 93 25.95 -33.75 26.33
N VAL A 94 27.04 -33.73 25.58
CA VAL A 94 27.28 -34.65 24.48
C VAL A 94 28.53 -35.48 24.78
N GLN A 95 28.42 -36.79 24.61
CA GLN A 95 29.53 -37.71 24.84
C GLN A 95 30.03 -38.23 23.49
N LYS A 96 31.35 -38.19 23.31
CA LYS A 96 31.97 -38.64 22.08
C LYS A 96 32.52 -40.07 22.18
N ASP A 97 32.19 -40.79 23.26
CA ASP A 97 32.64 -42.15 23.48
C ASP A 97 31.47 -43.11 23.56
N VAL A 98 30.52 -42.96 22.64
CA VAL A 98 29.31 -43.78 22.61
C VAL A 98 29.46 -44.84 21.53
N HIS A 99 29.16 -46.09 21.88
CA HIS A 99 29.23 -47.19 20.93
C HIS A 99 27.97 -47.21 20.08
N VAL A 100 28.14 -47.14 18.76
CA VAL A 100 27.03 -47.11 17.82
C VAL A 100 27.31 -48.11 16.70
N GLU A 101 26.24 -48.55 16.05
CA GLU A 101 26.32 -49.51 14.95
C GLU A 101 25.63 -48.94 13.72
N ILE A 102 26.21 -49.19 12.56
CA ILE A 102 25.66 -48.73 11.29
C ILE A 102 25.62 -49.92 10.33
N GLU A 103 24.47 -50.10 9.67
CA GLU A 103 24.29 -51.16 8.68
C GLU A 103 23.77 -50.51 7.41
N ASN A 104 24.59 -50.54 6.35
CA ASN A 104 24.27 -49.92 5.07
C ASN A 104 24.24 -51.02 4.01
N THR A 105 23.07 -51.63 3.83
CA THR A 105 22.87 -52.63 2.79
C THR A 105 22.10 -52.03 1.63
N ALA A 106 21.98 -52.81 0.55
CA ALA A 106 21.35 -52.32 -0.67
C ALA A 106 19.87 -52.07 -0.52
N GLU A 107 19.24 -52.53 0.57
CA GLU A 107 17.81 -52.40 0.77
C GLU A 107 17.43 -51.27 1.73
N PHE A 108 18.19 -51.09 2.82
CA PHE A 108 17.84 -50.09 3.82
C PHE A 108 19.10 -49.67 4.56
N ALA A 109 18.97 -48.55 5.28
CA ALA A 109 20.05 -48.02 6.11
C ALA A 109 19.56 -47.99 7.55
N GLU A 110 20.36 -48.58 8.45
CA GLU A 110 20.00 -48.70 9.86
C GLU A 110 21.09 -48.11 10.73
N LEU A 111 20.70 -47.26 11.67
CA LEU A 111 21.61 -46.71 12.68
C LEU A 111 21.08 -47.14 14.05
N LYS A 112 21.84 -47.99 14.73
CA LYS A 112 21.41 -48.59 15.99
C LYS A 112 22.29 -48.09 17.13
N SER A 113 21.66 -47.54 18.17
CA SER A 113 22.33 -47.14 19.40
C SER A 113 21.57 -47.76 20.56
N GLY A 114 22.30 -48.49 21.40
CA GLY A 114 21.65 -49.14 22.53
C GLY A 114 20.53 -50.04 22.06
N SER A 115 19.36 -49.88 22.65
CA SER A 115 18.18 -50.65 22.26
C SER A 115 17.34 -49.96 21.19
N LEU A 116 17.70 -48.75 20.79
CA LEU A 116 16.95 -48.00 19.79
C LEU A 116 17.65 -48.07 18.45
N SER A 117 16.87 -47.89 17.38
CA SER A 117 17.43 -47.87 16.04
C SER A 117 16.55 -47.02 15.14
N VAL A 118 17.16 -46.50 14.08
CA VAL A 118 16.49 -45.71 13.06
C VAL A 118 16.72 -46.38 11.72
N ARG A 119 15.63 -46.62 10.97
CA ARG A 119 15.68 -47.32 9.70
C ARG A 119 15.11 -46.44 8.60
N VAL A 120 15.83 -46.38 7.48
CA VAL A 120 15.40 -45.65 6.29
C VAL A 120 15.37 -46.63 5.13
N THR A 121 14.25 -46.67 4.42
CA THR A 121 14.06 -47.60 3.32
C THR A 121 14.42 -46.91 2.00
N LYS A 122 15.27 -47.56 1.21
CA LYS A 122 15.68 -47.03 -0.08
C LYS A 122 14.73 -47.51 -1.18
N GLY A 123 14.90 -46.93 -2.36
CA GLY A 123 14.07 -47.28 -3.50
C GLY A 123 13.05 -46.22 -3.84
N GLU A 124 11.94 -46.63 -4.46
CA GLU A 124 10.91 -45.67 -4.84
C GLU A 124 10.11 -45.19 -3.64
N PHE A 125 9.99 -46.02 -2.61
CA PHE A 125 9.18 -45.71 -1.43
C PHE A 125 10.10 -45.14 -0.35
N TRP A 126 9.84 -43.88 0.02
CA TRP A 126 10.58 -43.23 1.09
C TRP A 126 9.83 -43.37 2.41
N ALA A 127 10.52 -43.82 3.45
CA ALA A 127 9.90 -44.01 4.75
C ALA A 127 10.98 -43.99 5.83
N LEU A 128 10.65 -43.43 6.98
CA LEU A 128 11.55 -43.36 8.12
C LEU A 128 10.86 -44.01 9.31
N ASP A 129 11.56 -44.90 10.01
CA ASP A 129 10.97 -45.62 11.13
C ASP A 129 11.93 -45.62 12.31
N PHE A 130 11.37 -45.61 13.51
CA PHE A 130 12.12 -45.77 14.75
C PHE A 130 11.72 -47.09 15.39
N LEU A 131 12.71 -47.94 15.66
CA LEU A 131 12.47 -49.29 16.14
C LEU A 131 13.08 -49.47 17.51
N ARG A 132 12.29 -49.99 18.44
CA ARG A 132 12.74 -50.34 19.79
C ARG A 132 12.91 -51.86 19.83
N ASP A 133 14.11 -52.31 19.49
CA ASP A 133 14.44 -53.73 19.44
C ASP A 133 13.80 -54.43 18.24
N GLY A 134 13.57 -53.69 17.16
CA GLY A 134 13.09 -54.25 15.91
C GLY A 134 11.60 -54.07 15.66
N VAL A 135 10.89 -53.37 16.54
CA VAL A 135 9.45 -53.13 16.39
C VAL A 135 9.23 -51.63 16.29
N ARG A 136 8.51 -51.20 15.26
CA ARG A 136 8.26 -49.78 15.05
C ARG A 136 7.40 -49.21 16.17
N ILE A 137 7.73 -47.99 16.59
CA ILE A 137 6.95 -47.27 17.59
C ILE A 137 6.44 -45.97 16.98
N THR A 138 7.16 -45.43 16.00
CA THR A 138 6.78 -44.19 15.33
C THR A 138 7.70 -43.99 14.14
N GLY A 139 7.48 -42.90 13.42
CA GLY A 139 8.29 -42.58 12.27
C GLY A 139 7.61 -41.53 11.40
N SER A 140 8.21 -41.32 10.24
CA SER A 140 7.73 -40.36 9.25
C SER A 140 7.39 -41.09 7.96
N GLN A 141 6.19 -40.83 7.44
CA GLN A 141 5.73 -41.45 6.20
C GLN A 141 6.14 -40.60 5.01
N LEU A 142 5.60 -40.92 3.84
CA LEU A 142 5.94 -40.20 2.62
C LEU A 142 5.28 -38.82 2.60
N LYS A 143 6.01 -37.84 2.06
CA LYS A 143 5.49 -36.49 1.89
C LYS A 143 4.98 -35.91 3.21
N ASN A 144 5.79 -36.06 4.26
CA ASN A 144 5.47 -35.50 5.57
C ASN A 144 6.66 -34.78 6.20
N ASN A 145 7.74 -34.56 5.44
CA ASN A 145 8.94 -33.90 5.92
C ASN A 145 9.28 -32.72 5.01
N GLY A 146 8.29 -31.89 4.71
CA GLY A 146 8.45 -30.88 3.68
C GLY A 146 9.12 -29.61 4.15
N TYR A 147 9.44 -28.77 3.17
CA TYR A 147 10.00 -27.44 3.37
C TYR A 147 9.11 -26.44 2.64
N VAL A 148 8.75 -25.36 3.34
CA VAL A 148 7.72 -24.44 2.89
C VAL A 148 8.35 -23.09 2.62
N GLN A 149 8.05 -22.53 1.45
CA GLN A 149 8.43 -21.16 1.08
C GLN A 149 7.16 -20.33 0.95
N ASP A 150 7.10 -19.24 1.70
CA ASP A 150 5.94 -18.35 1.70
C ASP A 150 6.32 -17.07 0.97
N SER A 151 5.69 -16.81 -0.17
CA SER A 151 5.99 -15.62 -0.96
C SER A 151 5.39 -14.36 -0.34
N LYS A 152 4.26 -14.47 0.34
CA LYS A 152 3.63 -13.29 0.93
C LYS A 152 4.58 -12.59 1.89
N THR A 153 5.15 -13.34 2.84
CA THR A 153 6.13 -12.80 3.77
C THR A 153 7.56 -13.08 3.35
N GLN A 154 7.77 -13.73 2.21
CA GLN A 154 9.11 -14.08 1.74
C GLN A 154 9.88 -14.83 2.83
N ARG A 155 9.20 -15.76 3.48
CA ARG A 155 9.76 -16.51 4.61
C ARG A 155 9.93 -17.98 4.24
N ASN A 156 10.66 -18.69 5.10
CA ASN A 156 10.93 -20.11 4.92
C ASN A 156 10.68 -20.84 6.23
N TYR A 157 10.06 -22.02 6.12
CA TYR A 157 9.71 -22.82 7.28
C TYR A 157 10.08 -24.28 7.03
N MET A 158 10.44 -24.97 8.11
CA MET A 158 10.72 -26.40 8.09
C MET A 158 9.80 -27.08 9.09
N PHE A 159 9.04 -28.06 8.63
CA PHE A 159 8.07 -28.76 9.46
C PHE A 159 8.30 -30.27 9.37
N GLU A 160 7.99 -30.95 10.46
CA GLU A 160 8.14 -32.39 10.55
C GLU A 160 6.94 -32.99 11.25
N ARG A 161 6.48 -34.14 10.75
CA ARG A 161 5.33 -34.84 11.30
C ARG A 161 5.75 -36.23 11.76
N LEU A 162 5.26 -36.64 12.93
CA LEU A 162 5.54 -37.94 13.50
C LEU A 162 4.23 -38.69 13.71
N ASP A 163 4.21 -39.95 13.33
CA ASP A 163 2.98 -40.73 13.36
C ASP A 163 2.57 -41.04 14.80
N LEU A 164 1.26 -41.26 14.98
CA LEU A 164 0.69 -41.64 16.26
C LEU A 164 -0.20 -42.86 16.06
N GLY A 165 -0.04 -43.86 16.92
CA GLY A 165 -0.86 -45.05 16.89
C GLY A 165 -2.16 -44.85 17.63
N VAL A 166 -2.82 -45.97 17.91
CA VAL A 166 -4.09 -45.94 18.64
C VAL A 166 -3.81 -45.87 20.14
N GLY A 167 -4.50 -44.96 20.83
CA GLY A 167 -4.33 -44.81 22.25
C GLY A 167 -3.19 -43.90 22.68
N GLU A 168 -2.48 -43.29 21.74
CA GLU A 168 -1.37 -42.42 22.10
C GLU A 168 -1.87 -41.20 22.84
N THR A 169 -1.13 -40.79 23.87
CA THR A 169 -1.43 -39.61 24.65
C THR A 169 -0.14 -38.80 24.83
N VAL A 170 -0.23 -37.50 24.63
CA VAL A 170 0.92 -36.60 24.65
C VAL A 170 0.88 -35.79 25.93
N TYR A 171 2.03 -35.68 26.60
CA TYR A 171 2.13 -34.94 27.85
C TYR A 171 3.39 -34.08 27.82
N GLY A 172 3.36 -33.03 28.65
CA GLY A 172 4.53 -32.17 28.82
C GLY A 172 4.35 -30.80 28.20
N LEU A 173 5.35 -30.37 27.43
CA LEU A 173 5.34 -29.07 26.75
C LEU A 173 5.32 -27.92 27.75
N GLY A 174 5.87 -28.14 28.95
CA GLY A 174 6.04 -27.07 29.91
C GLY A 174 4.83 -26.88 30.81
N GLU A 175 4.81 -25.72 31.45
CA GLU A 175 3.75 -25.35 32.38
C GLU A 175 2.53 -24.89 31.59
N ARG A 176 1.57 -25.79 31.42
CA ARG A 176 0.31 -25.48 30.75
C ARG A 176 -0.83 -25.77 31.71
N PHE A 177 -1.77 -24.82 31.81
CA PHE A 177 -2.93 -24.96 32.68
C PHE A 177 -4.16 -25.48 31.94
N THR A 178 -4.00 -25.89 30.69
CA THR A 178 -5.08 -26.48 29.92
C THR A 178 -5.25 -27.94 30.33
N ALA A 179 -6.01 -28.70 29.55
CA ALA A 179 -6.21 -30.11 29.85
C ALA A 179 -4.87 -30.84 29.87
N LEU A 180 -4.74 -31.82 30.77
CA LEU A 180 -3.48 -32.53 30.91
C LEU A 180 -3.07 -33.20 29.60
N VAL A 181 -4.01 -33.82 28.92
CA VAL A 181 -3.73 -34.43 27.62
C VAL A 181 -3.66 -33.34 26.57
N ARG A 182 -2.56 -33.32 25.82
CA ARG A 182 -2.30 -32.27 24.84
C ARG A 182 -2.96 -32.54 23.50
N ASN A 183 -3.66 -33.65 23.34
CA ASN A 183 -4.33 -33.94 22.08
C ASN A 183 -5.36 -32.86 21.79
N GLY A 184 -5.35 -32.36 20.56
CA GLY A 184 -6.27 -31.33 20.13
C GLY A 184 -5.85 -29.90 20.44
N GLN A 185 -4.62 -29.69 20.87
CA GLN A 185 -4.13 -28.38 21.26
C GLN A 185 -3.05 -27.90 20.30
N THR A 186 -3.16 -26.66 19.85
CA THR A 186 -2.16 -26.03 18.99
C THR A 186 -1.20 -25.18 19.84
N VAL A 187 -0.46 -25.87 20.71
CA VAL A 187 0.45 -25.19 21.63
C VAL A 187 1.58 -24.53 20.85
N GLU A 188 2.07 -23.42 21.40
CA GLU A 188 3.21 -22.70 20.84
C GLU A 188 4.16 -22.33 21.97
N THR A 189 5.47 -22.46 21.71
CA THR A 189 6.50 -22.22 22.71
C THR A 189 6.96 -20.77 22.59
N TRP A 190 6.45 -19.91 23.47
CA TRP A 190 6.88 -18.52 23.51
C TRP A 190 6.56 -17.97 24.89
N ASN A 191 7.59 -17.67 25.68
CA ASN A 191 7.38 -17.18 27.03
C ASN A 191 6.58 -15.88 27.01
N GLU A 192 5.56 -15.81 27.85
CA GLU A 192 4.70 -14.63 27.93
C GLU A 192 4.07 -14.57 29.31
N ASP A 193 3.89 -13.36 29.82
CA ASP A 193 3.28 -13.14 31.14
C ASP A 193 1.80 -12.82 30.92
N GLY A 194 0.99 -13.88 30.80
CA GLY A 194 -0.42 -13.71 30.55
C GLY A 194 -1.28 -14.38 31.61
N GLY A 195 -0.76 -14.52 32.81
CA GLY A 195 -1.50 -15.14 33.89
C GLY A 195 -1.53 -16.66 33.76
N THR A 196 -2.41 -17.27 34.56
CA THR A 196 -2.59 -18.71 34.56
C THR A 196 -3.86 -19.16 33.87
N SER A 197 -4.91 -18.34 33.88
CA SER A 197 -6.15 -18.72 33.20
C SER A 197 -5.94 -18.86 31.70
N THR A 198 -5.19 -17.94 31.11
CA THR A 198 -4.95 -17.97 29.67
C THR A 198 -3.99 -19.10 29.30
N GLU A 199 -4.06 -19.53 28.03
CA GLU A 199 -3.20 -20.60 27.56
C GLU A 199 -1.73 -20.20 27.59
N GLN A 200 -1.42 -18.91 27.65
CA GLN A 200 -0.04 -18.47 27.70
C GLN A 200 0.64 -19.01 28.96
N SER A 201 1.91 -19.36 28.81
CA SER A 201 2.69 -19.98 29.87
C SER A 201 3.92 -19.14 30.18
N TYR A 202 4.22 -19.00 31.48
CA TYR A 202 5.42 -18.28 31.89
C TYR A 202 6.68 -18.99 31.40
N LYS A 203 6.72 -20.32 31.51
CA LYS A 203 7.88 -21.12 31.16
C LYS A 203 7.49 -22.11 30.06
N ASN A 204 8.24 -22.09 28.96
CA ASN A 204 7.99 -22.97 27.83
C ASN A 204 9.27 -23.71 27.47
N ILE A 205 9.16 -25.02 27.28
CA ILE A 205 10.29 -25.85 26.90
C ILE A 205 9.82 -26.86 25.85
N PRO A 206 10.39 -26.86 24.64
CA PRO A 206 9.88 -27.77 23.61
C PRO A 206 10.32 -29.21 23.87
N PHE A 207 9.40 -30.02 24.39
CA PHE A 207 9.64 -31.43 24.64
C PHE A 207 8.32 -32.07 25.01
N TYR A 208 8.05 -33.25 24.46
CA TYR A 208 6.82 -33.97 24.77
C TYR A 208 7.11 -35.43 24.98
N LEU A 209 6.21 -36.09 25.72
CA LEU A 209 6.35 -37.48 26.10
C LEU A 209 5.07 -38.22 25.74
N THR A 210 5.21 -39.52 25.51
CA THR A 210 4.10 -40.39 25.13
C THR A 210 4.03 -41.58 26.07
N ASN A 211 2.82 -42.10 26.24
CA ASN A 211 2.61 -43.22 27.16
C ASN A 211 3.32 -44.48 26.72
N ARG A 212 3.72 -44.57 25.45
CA ARG A 212 4.35 -45.78 24.94
C ARG A 212 5.81 -45.90 25.34
N GLY A 213 6.40 -44.87 25.94
CA GLY A 213 7.75 -44.92 26.42
C GLY A 213 8.79 -44.17 25.59
N TYR A 214 8.38 -43.33 24.65
CA TYR A 214 9.29 -42.57 23.82
C TYR A 214 8.97 -41.08 23.94
N GLY A 215 10.02 -40.26 23.95
CA GLY A 215 9.86 -38.83 24.06
C GLY A 215 10.62 -38.12 22.96
N VAL A 216 10.17 -36.89 22.68
CA VAL A 216 10.72 -36.08 21.59
C VAL A 216 11.12 -34.73 22.13
N LEU A 217 12.28 -34.24 21.69
CA LEU A 217 12.80 -32.94 22.08
C LEU A 217 13.18 -32.18 20.81
N VAL A 218 12.95 -30.87 20.82
CA VAL A 218 13.30 -30.00 19.71
C VAL A 218 14.37 -29.03 20.20
N ASN A 219 15.51 -29.01 19.51
CA ASN A 219 16.63 -28.13 19.88
C ASN A 219 16.52 -26.86 19.07
N HIS A 220 15.65 -25.97 19.51
CA HIS A 220 15.43 -24.68 18.85
C HIS A 220 14.94 -23.68 19.90
N PRO A 221 15.83 -22.89 20.49
CA PRO A 221 15.38 -21.90 21.47
C PRO A 221 14.37 -20.90 20.91
N GLN A 222 14.42 -20.64 19.61
CA GLN A 222 13.48 -19.71 19.00
C GLN A 222 12.07 -20.30 19.04
N ARG A 223 11.11 -19.52 18.54
CA ARG A 223 9.72 -19.94 18.57
C ARG A 223 9.54 -21.23 17.78
N VAL A 224 8.79 -22.17 18.35
CA VAL A 224 8.48 -23.44 17.73
C VAL A 224 6.96 -23.61 17.72
N SER A 225 6.41 -23.94 16.56
CA SER A 225 4.98 -24.12 16.39
C SER A 225 4.64 -25.60 16.49
N PHE A 226 3.79 -25.94 17.45
CA PHE A 226 3.39 -27.32 17.71
C PHE A 226 1.92 -27.52 17.38
N GLU A 227 1.60 -28.67 16.80
CA GLU A 227 0.23 -29.05 16.46
C GLU A 227 0.05 -30.51 16.86
N VAL A 228 -0.69 -30.74 17.95
CA VAL A 228 -0.99 -32.08 18.44
C VAL A 228 -2.50 -32.26 18.33
N GLY A 229 -2.93 -33.27 17.58
CA GLY A 229 -4.33 -33.52 17.36
C GLY A 229 -5.01 -32.53 16.42
N SER A 230 -4.27 -31.56 15.91
CA SER A 230 -4.81 -30.61 14.93
C SER A 230 -4.80 -31.24 13.55
N GLU A 231 -4.92 -30.43 12.51
CA GLU A 231 -4.82 -30.92 11.13
C GLU A 231 -3.74 -31.99 11.04
N LYS A 232 -4.06 -33.06 10.32
CA LYS A 232 -3.31 -34.32 10.41
C LYS A 232 -3.40 -34.88 11.83
N VAL A 233 -4.63 -35.25 12.18
CA VAL A 233 -4.93 -35.67 13.55
C VAL A 233 -4.06 -36.86 13.95
N SER A 234 -3.88 -37.82 13.04
CA SER A 234 -3.11 -39.02 13.34
C SER A 234 -1.60 -38.76 13.41
N LYS A 235 -1.17 -37.50 13.40
CA LYS A 235 0.25 -37.17 13.45
C LYS A 235 0.44 -35.93 14.31
N VAL A 236 1.64 -35.80 14.85
CA VAL A 236 2.06 -34.63 15.62
C VAL A 236 3.03 -33.85 14.77
N GLN A 237 2.74 -32.56 14.57
CA GLN A 237 3.52 -31.70 13.70
C GLN A 237 4.26 -30.66 14.51
N PHE A 238 5.52 -30.41 14.15
CA PHE A 238 6.27 -29.30 14.72
C PHE A 238 7.02 -28.59 13.60
N SER A 239 6.91 -27.27 13.58
CA SER A 239 7.50 -26.45 12.52
C SER A 239 8.26 -25.29 13.14
N VAL A 240 9.29 -24.85 12.43
CA VAL A 240 10.16 -23.78 12.90
C VAL A 240 10.64 -22.97 11.69
N GLU A 241 10.82 -21.67 11.92
CA GLU A 241 11.35 -20.79 10.89
C GLU A 241 12.85 -20.98 10.76
N GLY A 242 13.35 -20.85 9.53
CA GLY A 242 14.76 -21.00 9.26
C GLY A 242 15.04 -21.93 8.09
N GLU A 243 16.18 -22.62 8.14
CA GLU A 243 16.57 -23.53 7.07
C GLU A 243 16.98 -24.92 7.56
N TYR A 244 17.16 -25.11 8.87
CA TYR A 244 17.56 -26.40 9.41
C TYR A 244 16.65 -26.76 10.58
N LEU A 245 16.34 -28.05 10.70
CA LEU A 245 15.50 -28.56 11.78
C LEU A 245 16.24 -29.70 12.47
N GLU A 246 16.43 -29.57 13.78
CA GLU A 246 17.13 -30.56 14.58
C GLU A 246 16.22 -31.03 15.70
N TYR A 247 16.12 -32.35 15.86
CA TYR A 247 15.29 -32.90 16.93
C TYR A 247 15.84 -34.24 17.38
N PHE A 248 15.61 -34.54 18.67
CA PHE A 248 16.12 -35.75 19.30
C PHE A 248 14.97 -36.62 19.77
N VAL A 249 15.17 -37.93 19.69
CA VAL A 249 14.21 -38.93 20.13
C VAL A 249 14.87 -39.78 21.20
N ILE A 250 14.17 -39.96 22.32
CA ILE A 250 14.67 -40.73 23.46
C ILE A 250 13.74 -41.90 23.68
N ASP A 251 14.31 -43.10 23.80
CA ASP A 251 13.55 -44.32 24.01
C ASP A 251 13.45 -44.63 25.51
N GLY A 252 12.89 -45.79 25.83
CA GLY A 252 12.74 -46.21 27.20
C GLY A 252 11.51 -47.08 27.39
N PRO A 253 11.64 -48.19 28.12
CA PRO A 253 10.46 -49.04 28.36
C PRO A 253 9.32 -48.30 29.04
N THR A 254 9.61 -47.39 29.94
CA THR A 254 8.62 -46.65 30.71
C THR A 254 8.94 -45.17 30.67
N PRO A 255 7.94 -44.31 30.91
CA PRO A 255 8.22 -42.86 30.93
C PRO A 255 9.27 -42.46 31.94
N LYS A 256 9.39 -43.21 33.04
CA LYS A 256 10.40 -42.86 34.05
C LYS A 256 11.81 -42.96 33.48
N ALA A 257 12.08 -43.99 32.67
CA ALA A 257 13.38 -44.10 32.04
C ALA A 257 13.61 -42.95 31.07
N VAL A 258 12.57 -42.55 30.34
CA VAL A 258 12.69 -41.43 29.42
C VAL A 258 13.05 -40.15 30.19
N LEU A 259 12.38 -39.93 31.32
CA LEU A 259 12.69 -38.76 32.14
C LEU A 259 14.11 -38.83 32.67
N ASN A 260 14.55 -40.02 33.09
CA ASN A 260 15.92 -40.18 33.56
C ASN A 260 16.92 -39.81 32.47
N ARG A 261 16.70 -40.31 31.25
CA ARG A 261 17.61 -40.00 30.16
C ARG A 261 17.60 -38.51 29.85
N TYR A 262 16.41 -37.90 29.84
CA TYR A 262 16.32 -36.47 29.55
C TYR A 262 17.05 -35.65 30.61
N THR A 263 16.88 -36.01 31.89
CA THR A 263 17.56 -35.28 32.96
C THR A 263 19.06 -35.46 32.89
N GLN A 264 19.52 -36.66 32.50
CA GLN A 264 20.95 -36.86 32.30
C GLN A 264 21.47 -36.03 31.15
N PHE A 265 20.65 -35.87 30.10
CA PHE A 265 21.09 -35.16 28.91
C PHE A 265 21.15 -33.66 29.14
N THR A 266 20.15 -33.09 29.81
CA THR A 266 20.02 -31.64 29.93
C THR A 266 20.48 -31.10 31.29
N GLY A 267 20.69 -31.96 32.28
CA GLY A 267 21.11 -31.51 33.59
C GLY A 267 20.25 -32.08 34.71
N ARG A 268 20.91 -32.68 35.71
CA ARG A 268 20.20 -33.28 36.83
C ARG A 268 19.68 -32.18 37.77
N PRO A 269 18.45 -32.30 38.25
CA PRO A 269 17.96 -31.33 39.24
C PRO A 269 18.79 -31.36 40.51
N ALA A 270 18.95 -30.19 41.12
CA ALA A 270 19.69 -30.06 42.36
C ALA A 270 18.84 -30.53 43.55
N LEU A 271 19.49 -30.66 44.70
CA LEU A 271 18.82 -31.10 45.90
C LEU A 271 18.59 -29.90 46.81
N PRO A 272 17.35 -29.44 47.00
CA PRO A 272 17.12 -28.31 47.88
C PRO A 272 17.45 -28.66 49.32
N PRO A 273 17.79 -27.68 50.15
CA PRO A 273 18.10 -27.98 51.56
C PRO A 273 16.88 -28.44 52.32
N ALA A 274 17.14 -29.13 53.43
CA ALA A 274 16.05 -29.69 54.23
C ALA A 274 15.13 -28.59 54.77
N TRP A 275 15.71 -27.49 55.25
CA TRP A 275 14.90 -26.43 55.84
C TRP A 275 13.99 -25.78 54.81
N SER A 276 14.31 -25.88 53.52
CA SER A 276 13.45 -25.30 52.50
C SER A 276 12.11 -26.01 52.43
N PHE A 277 12.05 -27.28 52.83
CA PHE A 277 10.81 -28.05 52.84
C PHE A 277 10.03 -27.70 54.09
N GLY A 278 9.39 -26.54 54.06
CA GLY A 278 8.62 -26.07 55.18
C GLY A 278 7.59 -25.05 54.76
N LEU A 279 6.89 -24.51 55.75
CA LEU A 279 5.87 -23.49 55.51
C LEU A 279 6.54 -22.14 55.27
N TRP A 280 6.11 -21.44 54.22
CA TRP A 280 6.59 -20.10 53.90
C TRP A 280 5.45 -19.11 54.04
N LEU A 281 5.75 -17.94 54.61
CA LEU A 281 4.78 -16.87 54.76
C LEU A 281 5.34 -15.61 54.14
N THR A 282 4.47 -14.82 53.52
CA THR A 282 4.86 -13.55 52.91
C THR A 282 4.01 -12.42 53.48
N THR A 283 4.47 -11.19 53.24
CA THR A 283 3.78 -9.99 53.68
C THR A 283 2.83 -9.44 52.62
N SER A 284 2.33 -10.30 51.72
CA SER A 284 1.43 -9.88 50.66
C SER A 284 2.11 -8.84 49.77
N PHE A 285 1.39 -8.37 48.74
CA PHE A 285 1.95 -7.48 47.74
C PHE A 285 1.55 -6.02 47.99
N THR A 286 0.26 -5.74 48.02
CA THR A 286 -0.24 -4.38 48.14
C THR A 286 -0.52 -3.96 49.58
N THR A 287 -0.46 -4.89 50.53
CA THR A 287 -0.74 -4.55 51.92
C THR A 287 0.35 -3.65 52.49
N ASN A 288 -0.03 -2.85 53.48
CA ASN A 288 0.90 -1.96 54.16
C ASN A 288 1.52 -2.73 55.33
N TYR A 289 2.82 -2.98 55.26
CA TYR A 289 3.52 -3.72 56.30
C TYR A 289 4.82 -3.03 56.64
N ASP A 290 5.28 -3.25 57.87
CA ASP A 290 6.54 -2.68 58.35
C ASP A 290 7.13 -3.65 59.37
N GLU A 291 8.13 -3.17 60.11
CA GLU A 291 8.75 -4.01 61.13
C GLU A 291 7.74 -4.44 62.19
N ALA A 292 6.91 -3.50 62.64
CA ALA A 292 5.92 -3.82 63.67
C ALA A 292 4.92 -4.86 63.16
N THR A 293 4.49 -4.73 61.90
CA THR A 293 3.55 -5.70 61.35
C THR A 293 4.15 -7.09 61.30
N VAL A 294 5.41 -7.21 60.87
CA VAL A 294 6.07 -8.51 60.82
C VAL A 294 6.20 -9.09 62.21
N ASN A 295 6.61 -8.27 63.18
CA ASN A 295 6.75 -8.75 64.56
C ASN A 295 5.42 -9.23 65.10
N SER A 296 4.34 -8.47 64.87
CA SER A 296 3.03 -8.88 65.36
C SER A 296 2.57 -10.17 64.69
N PHE A 297 2.79 -10.31 63.38
CA PHE A 297 2.42 -11.54 62.69
C PHE A 297 3.16 -12.73 63.28
N ILE A 298 4.47 -12.58 63.50
CA ILE A 298 5.27 -13.68 64.04
C ILE A 298 4.80 -14.03 65.44
N ASP A 299 4.56 -13.01 66.27
CA ASP A 299 4.09 -13.27 67.64
C ASP A 299 2.75 -13.98 67.64
N GLY A 300 1.83 -13.54 66.78
CA GLY A 300 0.54 -14.20 66.71
C GLY A 300 0.65 -15.64 66.23
N MET A 301 1.50 -15.88 65.25
CA MET A 301 1.71 -17.26 64.77
C MET A 301 2.29 -18.13 65.87
N ALA A 302 3.26 -17.60 66.61
CA ALA A 302 3.85 -18.38 67.70
C ALA A 302 2.84 -18.65 68.81
N GLU A 303 2.00 -17.67 69.12
CA GLU A 303 1.03 -17.84 70.20
C GLU A 303 0.05 -18.97 69.91
N ARG A 304 -0.41 -19.06 68.66
CA ARG A 304 -1.38 -20.07 68.26
C ARG A 304 -0.75 -21.43 68.02
N HIS A 305 0.49 -21.65 68.44
CA HIS A 305 1.17 -22.93 68.28
C HIS A 305 1.20 -23.36 66.82
N LEU A 306 1.46 -22.39 65.93
CA LEU A 306 1.58 -22.66 64.50
C LEU A 306 3.04 -22.55 64.10
N PRO A 307 3.75 -23.66 63.86
CA PRO A 307 5.17 -23.55 63.51
C PRO A 307 5.38 -22.79 62.22
N LEU A 308 6.46 -22.00 62.18
CA LEU A 308 6.86 -21.26 61.00
C LEU A 308 8.35 -21.39 60.83
N HIS A 309 8.79 -21.52 59.58
CA HIS A 309 10.20 -21.75 59.27
C HIS A 309 10.80 -20.72 58.34
N VAL A 310 10.03 -20.20 57.38
CA VAL A 310 10.54 -19.29 56.36
C VAL A 310 9.64 -18.07 56.31
N PHE A 311 10.27 -16.89 56.17
CA PHE A 311 9.56 -15.63 56.00
C PHE A 311 10.07 -14.95 54.74
N HIS A 312 9.19 -14.22 54.08
CA HIS A 312 9.48 -13.61 52.79
C HIS A 312 9.04 -12.15 52.77
N PHE A 313 9.84 -11.32 52.12
CA PHE A 313 9.53 -9.91 51.89
C PHE A 313 9.20 -9.71 50.42
N ASP A 314 8.08 -9.04 50.16
CA ASP A 314 7.59 -8.89 48.80
C ASP A 314 8.24 -7.67 48.14
N CYS A 315 7.70 -7.27 46.99
CA CYS A 315 8.35 -6.24 46.18
C CYS A 315 8.52 -4.92 46.93
N PHE A 316 7.57 -4.58 47.80
CA PHE A 316 7.56 -3.26 48.41
C PHE A 316 8.57 -3.09 49.55
N TRP A 317 9.51 -4.02 49.71
CA TRP A 317 10.61 -3.79 50.63
C TRP A 317 11.57 -2.72 50.11
N MET A 318 11.50 -2.38 48.83
CA MET A 318 12.24 -1.27 48.26
C MET A 318 11.33 -0.04 48.22
N LYS A 319 11.79 1.02 47.58
CA LYS A 319 11.00 2.23 47.43
C LYS A 319 10.11 2.13 46.19
N ALA A 320 8.97 2.81 46.23
CA ALA A 320 8.03 2.78 45.12
C ALA A 320 8.65 3.39 43.88
N PHE A 321 8.34 2.80 42.72
CA PHE A 321 8.85 3.24 41.42
C PHE A 321 10.38 3.16 41.36
N GLN A 322 10.99 2.36 42.25
CA GLN A 322 12.44 2.25 42.33
C GLN A 322 12.96 0.88 41.97
N TRP A 323 12.09 -0.12 41.82
CA TRP A 323 12.55 -1.49 41.64
C TRP A 323 13.24 -1.65 40.29
N CYS A 324 14.38 -2.35 40.24
CA CYS A 324 15.12 -2.89 41.38
C CYS A 324 16.31 -2.00 41.69
N ASP A 325 16.40 -1.52 42.92
CA ASP A 325 17.49 -0.64 43.35
C ASP A 325 18.31 -1.20 44.50
N PHE A 326 17.84 -2.26 45.17
CA PHE A 326 18.61 -2.97 46.19
C PHE A 326 18.96 -2.06 47.37
N GLU A 327 18.07 -1.16 47.74
CA GLU A 327 18.24 -0.33 48.93
C GLU A 327 16.95 -0.35 49.74
N TRP A 328 17.08 -0.57 51.05
CA TRP A 328 15.92 -0.61 51.92
C TRP A 328 15.31 0.78 52.08
N ASP A 329 13.99 0.82 52.19
CA ASP A 329 13.30 2.10 52.38
C ASP A 329 13.55 2.60 53.80
N PRO A 330 14.13 3.78 53.98
CA PRO A 330 14.38 4.26 55.35
C PRO A 330 13.11 4.47 56.16
N LEU A 331 12.00 4.85 55.51
CA LEU A 331 10.79 5.19 56.25
C LEU A 331 10.07 3.96 56.78
N THR A 332 10.37 2.76 56.28
CA THR A 332 9.69 1.54 56.68
C THR A 332 10.57 0.58 57.45
N PHE A 333 11.84 0.44 57.07
CA PHE A 333 12.78 -0.47 57.71
C PHE A 333 14.06 0.31 58.02
N PRO A 334 14.04 1.14 59.08
CA PRO A 334 15.24 1.94 59.39
C PRO A 334 16.48 1.10 59.65
N ASP A 335 16.32 -0.08 60.26
CA ASP A 335 17.45 -0.93 60.65
C ASP A 335 17.20 -2.34 60.15
N PRO A 336 17.39 -2.58 58.84
CA PRO A 336 17.20 -3.95 58.32
C PRO A 336 18.10 -4.97 58.99
N GLU A 337 19.34 -4.60 59.31
CA GLU A 337 20.26 -5.56 59.91
C GLU A 337 19.75 -6.05 61.26
N GLY A 338 19.27 -5.13 62.10
CA GLY A 338 18.76 -5.54 63.40
C GLY A 338 17.54 -6.43 63.29
N MET A 339 16.63 -6.09 62.37
CA MET A 339 15.45 -6.93 62.17
C MET A 339 15.84 -8.33 61.70
N ILE A 340 16.78 -8.41 60.75
CA ILE A 340 17.20 -9.71 60.25
C ILE A 340 17.85 -10.52 61.36
N LYS A 341 18.71 -9.87 62.16
CA LYS A 341 19.35 -10.57 63.26
C LYS A 341 18.33 -11.09 64.26
N ARG A 342 17.34 -10.26 64.60
CA ARG A 342 16.31 -10.69 65.53
C ARG A 342 15.51 -11.87 64.97
N LEU A 343 15.15 -11.81 63.70
CA LEU A 343 14.42 -12.91 63.09
C LEU A 343 15.24 -14.19 63.09
N LYS A 344 16.53 -14.09 62.75
CA LYS A 344 17.38 -15.28 62.73
C LYS A 344 17.54 -15.86 64.13
N ALA A 345 17.67 -15.00 65.14
CA ALA A 345 17.77 -15.49 66.51
C ALA A 345 16.51 -16.21 66.95
N LYS A 346 15.37 -15.91 66.32
CA LYS A 346 14.10 -16.55 66.67
C LYS A 346 13.93 -17.91 66.02
N GLY A 347 14.85 -18.31 65.14
CA GLY A 347 14.77 -19.59 64.47
C GLY A 347 14.16 -19.56 63.08
N LEU A 348 13.92 -18.38 62.52
CA LEU A 348 13.31 -18.25 61.21
C LEU A 348 14.39 -17.99 60.16
N LYS A 349 13.96 -17.88 58.90
CA LYS A 349 14.84 -17.56 57.79
C LYS A 349 14.31 -16.33 57.05
N VAL A 350 15.23 -15.58 56.46
CA VAL A 350 14.92 -14.35 55.73
C VAL A 350 15.33 -14.54 54.28
N CYS A 351 14.46 -14.14 53.36
CA CYS A 351 14.68 -14.34 51.94
C CYS A 351 13.76 -13.41 51.16
N VAL A 352 14.28 -12.83 50.08
CA VAL A 352 13.72 -11.60 49.54
C VAL A 352 13.28 -11.74 48.08
N TRP A 353 12.79 -10.65 47.51
CA TRP A 353 12.26 -10.59 46.16
C TRP A 353 13.14 -9.71 45.29
N ILE A 354 13.45 -10.19 44.08
CA ILE A 354 14.25 -9.45 43.11
C ILE A 354 13.70 -9.70 41.72
N ASN A 355 14.07 -8.81 40.80
CA ASN A 355 13.67 -8.94 39.40
C ASN A 355 14.74 -8.30 38.54
N PRO A 356 14.83 -8.70 37.26
CA PRO A 356 15.89 -8.16 36.39
C PRO A 356 15.52 -6.86 35.70
N TYR A 357 14.48 -6.18 36.17
CA TYR A 357 14.01 -4.94 35.59
C TYR A 357 14.24 -3.80 36.57
N ILE A 358 14.68 -2.65 36.05
CA ILE A 358 14.95 -1.46 36.84
C ILE A 358 14.06 -0.33 36.35
N GLY A 359 13.76 0.59 37.26
CA GLY A 359 12.89 1.71 36.97
C GLY A 359 13.66 2.99 36.71
N GLN A 360 13.08 3.86 35.88
CA GLN A 360 13.71 5.13 35.58
C GLN A 360 13.86 5.99 36.84
N ARG A 361 12.86 5.97 37.71
CA ARG A 361 12.87 6.74 38.94
C ARG A 361 13.81 6.04 39.92
N SER A 362 15.11 6.35 39.81
CA SER A 362 16.11 5.77 40.69
C SER A 362 17.42 6.54 40.54
N PRO A 363 18.10 6.87 41.65
CA PRO A 363 19.36 7.61 41.52
C PRO A 363 20.43 6.85 40.75
N VAL A 364 20.44 5.52 40.84
CA VAL A 364 21.48 4.73 40.18
C VAL A 364 21.22 4.56 38.68
N PHE A 365 20.06 4.98 38.19
CA PHE A 365 19.75 4.82 36.77
C PHE A 365 20.74 5.60 35.90
N LYS A 366 21.06 6.83 36.30
CA LYS A 366 22.00 7.64 35.53
C LYS A 366 23.38 6.98 35.49
N GLU A 367 23.86 6.50 36.63
CA GLU A 367 25.16 5.84 36.67
C GLU A 367 25.16 4.58 35.81
N LEU A 368 24.09 3.79 35.88
CA LEU A 368 24.01 2.59 35.07
C LEU A 368 24.00 2.92 33.58
N LYS A 369 23.27 3.96 33.19
CA LYS A 369 23.25 4.37 31.79
C LYS A 369 24.64 4.83 31.34
N GLU A 370 25.32 5.59 32.20
CA GLU A 370 26.67 6.04 31.86
C GLU A 370 27.62 4.85 31.68
N LYS A 371 27.52 3.86 32.57
CA LYS A 371 28.37 2.68 32.46
C LYS A 371 27.97 1.75 31.32
N GLY A 372 26.81 1.98 30.71
CA GLY A 372 26.37 1.16 29.59
C GLY A 372 26.08 -0.28 29.95
N TYR A 373 25.47 -0.51 31.13
CA TYR A 373 25.11 -1.86 31.56
C TYR A 373 23.68 -2.23 31.22
N LEU A 374 22.95 -1.36 30.52
CA LEU A 374 21.54 -1.59 30.21
C LEU A 374 21.37 -1.99 28.74
N LEU A 375 20.23 -2.60 28.45
CA LEU A 375 19.91 -3.01 27.09
C LEU A 375 19.78 -1.78 26.20
N LYS A 376 20.21 -1.92 24.94
CA LYS A 376 20.26 -0.82 24.00
C LYS A 376 19.43 -1.14 22.78
N ARG A 377 18.66 -0.13 22.33
CA ARG A 377 17.98 -0.23 21.05
C ARG A 377 19.00 -0.24 19.93
N PRO A 378 18.61 -0.70 18.74
CA PRO A 378 19.62 -0.97 17.69
C PRO A 378 20.53 0.20 17.37
N ASP A 379 20.01 1.43 17.29
CA ASP A 379 20.83 2.52 16.77
C ASP A 379 21.73 3.14 17.85
N GLY A 380 21.13 3.85 18.80
CA GLY A 380 21.91 4.47 19.86
C GLY A 380 21.23 4.60 21.20
N SER A 381 19.98 4.15 21.31
CA SER A 381 19.11 4.52 22.42
C SER A 381 18.94 3.33 23.36
N LEU A 382 18.05 3.51 24.34
CA LEU A 382 17.66 2.46 25.27
C LEU A 382 16.23 2.03 24.98
N TRP A 383 15.86 0.87 25.49
CA TRP A 383 14.54 0.29 25.29
C TRP A 383 13.71 0.49 26.55
N GLN A 384 12.58 1.18 26.41
CA GLN A 384 11.71 1.47 27.54
C GLN A 384 10.25 1.45 27.07
N TRP A 385 9.35 1.20 28.01
CA TRP A 385 7.93 1.18 27.70
C TRP A 385 7.13 1.37 28.98
N ASP A 386 5.84 1.69 28.81
CA ASP A 386 4.93 1.90 29.93
C ASP A 386 4.47 0.53 30.43
N LYS A 387 5.08 0.06 31.50
CA LYS A 387 4.82 -1.30 31.99
C LYS A 387 5.06 -1.30 33.50
N TRP A 388 5.30 -2.50 34.05
CA TRP A 388 5.37 -2.75 35.49
C TRP A 388 5.96 -1.58 36.26
N GLN A 389 7.06 -1.01 35.77
CA GLN A 389 7.62 0.19 36.37
C GLN A 389 7.81 1.25 35.29
N PRO A 390 7.68 2.54 35.63
CA PRO A 390 7.88 3.58 34.63
C PRO A 390 9.28 3.54 34.05
N GLY A 391 9.38 3.76 32.74
CA GLY A 391 10.67 3.80 32.08
C GLY A 391 11.44 2.51 32.29
N LEU A 392 10.77 1.38 32.12
CA LEU A 392 11.40 0.09 32.42
C LEU A 392 12.64 -0.12 31.57
N ALA A 393 13.66 -0.70 32.18
CA ALA A 393 14.89 -1.06 31.49
C ALA A 393 15.28 -2.47 31.91
N ILE A 394 16.04 -3.14 31.05
CA ILE A 394 16.42 -4.53 31.24
C ILE A 394 17.93 -4.60 31.35
N TYR A 395 18.41 -5.26 32.41
CA TYR A 395 19.84 -5.47 32.57
C TYR A 395 20.39 -6.30 31.41
N ASP A 396 21.54 -5.88 30.89
CA ASP A 396 22.22 -6.59 29.81
C ASP A 396 23.17 -7.59 30.43
N PHE A 397 22.68 -8.80 30.70
CA PHE A 397 23.49 -9.82 31.34
C PHE A 397 24.58 -10.37 30.43
N THR A 398 24.54 -10.06 29.14
CA THR A 398 25.60 -10.49 28.23
C THR A 398 26.90 -9.72 28.48
N ASN A 399 26.83 -8.59 29.17
CA ASN A 399 28.02 -7.81 29.48
C ASN A 399 28.60 -8.27 30.81
N PRO A 400 29.85 -8.73 30.86
CA PRO A 400 30.38 -9.25 32.14
C PRO A 400 30.39 -8.22 33.26
N GLU A 401 30.60 -6.94 32.94
CA GLU A 401 30.66 -5.92 33.99
C GLU A 401 29.32 -5.78 34.71
N ALA A 402 28.21 -5.81 33.95
CA ALA A 402 26.90 -5.73 34.58
C ALA A 402 26.67 -6.94 35.48
N CYS A 403 27.06 -8.13 35.03
CA CYS A 403 26.92 -9.32 35.86
C CYS A 403 27.76 -9.20 37.13
N GLN A 404 28.98 -8.65 37.02
CA GLN A 404 29.81 -8.47 38.20
C GLN A 404 29.16 -7.49 39.18
N TRP A 405 28.59 -6.40 38.67
CA TRP A 405 27.90 -5.45 39.54
C TRP A 405 26.72 -6.09 40.24
N TYR A 406 25.91 -6.85 39.49
CA TYR A 406 24.78 -7.54 40.08
C TYR A 406 25.22 -8.54 41.14
N ALA A 407 26.30 -9.28 40.86
CA ALA A 407 26.81 -10.26 41.81
C ALA A 407 27.32 -9.58 43.07
N SER A 408 28.00 -8.42 42.93
CA SER A 408 28.47 -7.71 44.10
C SER A 408 27.30 -7.23 44.95
N LYS A 409 26.25 -6.70 44.32
CA LYS A 409 25.09 -6.26 45.08
C LYS A 409 24.42 -7.44 45.79
N LEU A 410 24.30 -8.57 45.10
CA LEU A 410 23.69 -9.75 45.72
C LEU A 410 24.56 -10.26 46.86
N LYS A 411 25.88 -10.20 46.72
CA LYS A 411 26.78 -10.61 47.79
C LYS A 411 26.61 -9.71 49.01
N GLY A 412 26.50 -8.40 48.79
CA GLY A 412 26.24 -7.50 49.90
C GLY A 412 24.91 -7.81 50.59
N LEU A 413 23.87 -8.07 49.80
CA LEU A 413 22.58 -8.42 50.39
C LEU A 413 22.67 -9.70 51.20
N VAL A 414 23.37 -10.71 50.68
CA VAL A 414 23.53 -11.96 51.41
C VAL A 414 24.29 -11.73 52.70
N ALA A 415 25.35 -10.93 52.65
CA ALA A 415 26.08 -10.60 53.87
C ALA A 415 25.19 -9.87 54.86
N MET A 416 24.19 -9.13 54.36
CA MET A 416 23.25 -8.49 55.27
C MET A 416 22.47 -9.51 56.09
N GLY A 417 22.27 -10.71 55.56
CA GLY A 417 21.60 -11.77 56.30
C GLY A 417 20.57 -12.54 55.50
N VAL A 418 20.46 -12.26 54.21
CA VAL A 418 19.46 -12.91 53.38
C VAL A 418 19.90 -14.34 53.06
N ASP A 419 18.93 -15.19 52.73
CA ASP A 419 19.17 -16.60 52.46
C ASP A 419 18.91 -16.98 51.01
N CYS A 420 17.71 -16.74 50.49
CA CYS A 420 17.40 -17.01 49.09
C CYS A 420 16.83 -15.75 48.45
N PHE A 421 16.46 -15.87 47.19
CA PHE A 421 15.87 -14.78 46.43
C PHE A 421 14.72 -15.32 45.60
N LYS A 422 13.80 -14.42 45.26
CA LYS A 422 12.61 -14.78 44.48
C LYS A 422 12.73 -14.08 43.13
N THR A 423 13.24 -14.80 42.14
CA THR A 423 13.47 -14.26 40.80
C THR A 423 12.14 -14.22 40.05
N ASP A 424 11.43 -13.11 40.18
CA ASP A 424 10.16 -12.91 39.51
C ASP A 424 10.37 -12.32 38.13
N PHE A 425 9.35 -12.44 37.29
CA PHE A 425 9.39 -11.91 35.93
C PHE A 425 10.55 -12.52 35.15
N GLY A 426 10.84 -11.97 33.98
CA GLY A 426 11.92 -12.47 33.15
C GLY A 426 11.42 -13.17 31.90
N GLU A 427 10.24 -12.78 31.42
CA GLU A 427 9.65 -13.37 30.23
C GLU A 427 9.22 -12.37 29.18
N ARG A 428 8.96 -11.12 29.54
CA ARG A 428 8.53 -10.10 28.58
C ARG A 428 9.74 -9.41 27.95
N ILE A 429 10.63 -10.20 27.38
CA ILE A 429 11.85 -9.66 26.76
C ILE A 429 11.53 -9.26 25.33
N PRO A 430 11.93 -8.07 24.87
CA PRO A 430 11.66 -7.68 23.50
C PRO A 430 12.54 -8.44 22.51
N THR A 431 12.29 -8.17 21.22
CA THR A 431 13.05 -8.77 20.14
C THR A 431 13.71 -7.76 19.21
N ASP A 432 13.23 -6.52 19.16
CA ASP A 432 13.81 -5.49 18.31
C ASP A 432 14.91 -4.71 19.04
N VAL A 433 15.90 -5.44 19.56
CA VAL A 433 16.98 -4.86 20.33
C VAL A 433 18.30 -5.46 19.86
N GLN A 434 19.38 -4.76 20.17
CA GLN A 434 20.74 -5.20 19.85
C GLN A 434 21.46 -5.50 21.15
N TRP A 435 21.82 -6.77 21.35
CA TRP A 435 22.49 -7.19 22.56
C TRP A 435 23.99 -6.88 22.48
N PHE A 436 24.64 -6.84 23.64
CA PHE A 436 26.06 -6.54 23.69
C PHE A 436 26.88 -7.60 22.97
N ASP A 437 26.53 -8.87 23.15
CA ASP A 437 27.27 -9.96 22.54
C ASP A 437 26.88 -10.21 21.09
N GLY A 438 25.84 -9.54 20.59
CA GLY A 438 25.41 -9.74 19.22
C GLY A 438 24.62 -11.01 18.98
N SER A 439 24.10 -11.62 20.04
CA SER A 439 23.33 -12.85 19.89
C SER A 439 21.99 -12.58 19.21
N ASP A 440 21.38 -13.63 18.70
CA ASP A 440 20.10 -13.51 18.02
C ASP A 440 19.01 -13.15 19.03
N PRO A 441 18.27 -12.06 18.82
CA PRO A 441 17.22 -11.70 19.81
C PRO A 441 16.19 -12.79 20.01
N GLN A 442 15.83 -13.52 18.95
CA GLN A 442 14.76 -14.51 19.07
C GLN A 442 15.12 -15.60 20.08
N LYS A 443 16.36 -16.09 20.05
CA LYS A 443 16.79 -17.11 20.99
C LYS A 443 17.06 -16.54 22.37
N MET A 444 17.58 -15.30 22.44
CA MET A 444 17.80 -14.68 23.73
C MET A 444 16.48 -14.45 24.46
N HIS A 445 15.39 -14.24 23.73
CA HIS A 445 14.09 -14.06 24.37
C HIS A 445 13.77 -15.21 25.31
N ASN A 446 14.19 -16.42 24.96
CA ASN A 446 13.97 -17.59 25.81
C ASN A 446 15.17 -17.91 26.70
N HIS A 447 16.38 -17.57 26.28
CA HIS A 447 17.58 -17.89 27.06
C HIS A 447 17.87 -16.90 28.17
N TYR A 448 17.18 -15.75 28.19
CA TYR A 448 17.44 -14.73 29.21
C TYR A 448 17.10 -15.24 30.60
N ALA A 449 15.97 -15.94 30.73
CA ALA A 449 15.59 -16.48 32.04
C ALA A 449 16.63 -17.48 32.53
N PHE A 450 17.09 -18.35 31.65
CA PHE A 450 18.12 -19.32 32.04
C PHE A 450 19.40 -18.61 32.45
N ILE A 451 19.81 -17.58 31.71
CA ILE A 451 21.03 -16.85 32.05
C ILE A 451 20.90 -16.20 33.43
N TYR A 452 19.75 -15.55 33.68
CA TYR A 452 19.54 -14.89 34.95
C TYR A 452 19.54 -15.88 36.10
N ASN A 453 18.84 -17.00 35.93
CA ASN A 453 18.81 -18.01 36.98
C ASN A 453 20.19 -18.59 37.23
N GLU A 454 20.96 -18.83 36.16
CA GLU A 454 22.31 -19.35 36.33
C GLU A 454 23.19 -18.37 37.09
N LEU A 455 23.10 -17.08 36.76
CA LEU A 455 23.89 -16.07 37.46
C LEU A 455 23.52 -16.04 38.94
N VAL A 456 22.22 -16.03 39.24
CA VAL A 456 21.80 -15.97 40.64
C VAL A 456 22.26 -17.22 41.39
N TRP A 457 22.12 -18.39 40.78
CA TRP A 457 22.54 -19.62 41.43
C TRP A 457 24.05 -19.63 41.66
N LYS A 458 24.82 -19.14 40.69
CA LYS A 458 26.26 -19.07 40.87
C LYS A 458 26.62 -18.17 42.03
N VAL A 459 25.97 -17.00 42.12
CA VAL A 459 26.24 -16.10 43.24
C VAL A 459 25.89 -16.78 44.56
N LEU A 460 24.72 -17.43 44.61
CA LEU A 460 24.28 -18.08 45.85
C LEU A 460 25.24 -19.19 46.27
N LYS A 461 25.71 -19.98 45.31
CA LYS A 461 26.63 -21.07 45.65
C LYS A 461 28.00 -20.54 46.03
N GLU A 462 28.41 -19.41 45.47
CA GLU A 462 29.69 -18.81 45.85
C GLU A 462 29.62 -18.20 47.24
N THR A 463 28.46 -17.67 47.63
CA THR A 463 28.36 -17.01 48.94
C THR A 463 28.09 -18.01 50.06
N VAL A 464 26.98 -18.73 49.97
CA VAL A 464 26.57 -19.64 51.05
C VAL A 464 27.15 -21.04 50.84
N GLY A 465 26.81 -21.68 49.73
CA GLY A 465 27.26 -23.02 49.45
C GLY A 465 26.21 -23.81 48.67
N GLU A 466 26.64 -24.91 48.08
CA GLU A 466 25.74 -25.73 47.28
C GLU A 466 24.61 -26.31 48.12
N GLN A 467 24.93 -26.78 49.33
CA GLN A 467 23.93 -27.46 50.14
C GLN A 467 22.77 -26.55 50.49
N GLU A 468 23.06 -25.30 50.87
CA GLU A 468 22.04 -24.35 51.30
C GLU A 468 21.46 -23.54 50.14
N ALA A 469 21.87 -23.82 48.91
CA ALA A 469 21.37 -23.05 47.78
C ALA A 469 19.90 -23.37 47.52
N VAL A 470 19.10 -22.33 47.32
CA VAL A 470 17.68 -22.49 47.01
C VAL A 470 17.19 -21.18 46.41
N LEU A 471 16.09 -21.25 45.65
CA LEU A 471 15.58 -20.10 44.93
C LEU A 471 14.06 -20.18 44.88
N PHE A 472 13.46 -19.23 44.17
CA PHE A 472 12.02 -19.21 43.93
C PHE A 472 11.79 -18.47 42.62
N ALA A 473 11.60 -19.23 41.53
CA ALA A 473 11.56 -18.67 40.19
C ALA A 473 10.18 -18.86 39.57
N ARG A 474 9.84 -17.93 38.67
CA ARG A 474 8.59 -18.00 37.92
C ARG A 474 8.79 -18.29 36.45
N SER A 475 9.95 -17.97 35.89
CA SER A 475 10.27 -18.22 34.49
C SER A 475 11.36 -19.28 34.39
N ALA A 476 11.29 -20.10 33.35
CA ALA A 476 12.23 -21.19 33.17
C ALA A 476 12.35 -21.52 31.69
N SER A 477 13.43 -22.24 31.37
CA SER A 477 13.68 -22.70 30.01
C SER A 477 14.41 -24.03 30.08
N VAL A 478 14.95 -24.47 28.95
CA VAL A 478 15.68 -25.74 28.92
C VAL A 478 16.93 -25.62 29.78
N GLY A 479 17.14 -26.60 30.65
CA GLY A 479 18.30 -26.62 31.53
C GLY A 479 18.11 -25.92 32.85
N ALA A 480 16.94 -25.32 33.10
CA ALA A 480 16.70 -24.66 34.37
C ALA A 480 16.53 -25.63 35.52
N GLN A 481 16.32 -26.91 35.23
CA GLN A 481 16.10 -27.88 36.29
C GLN A 481 17.26 -27.94 37.27
N GLN A 482 18.45 -27.49 36.86
CA GLN A 482 19.61 -27.51 37.75
C GLN A 482 19.43 -26.57 38.94
N PHE A 483 18.44 -25.70 38.91
CA PHE A 483 18.11 -24.83 40.04
C PHE A 483 16.62 -24.95 40.35
N PRO A 484 16.17 -26.15 40.73
CA PRO A 484 14.72 -26.40 40.76
C PRO A 484 14.01 -25.86 41.99
N VAL A 485 13.36 -24.71 41.82
CA VAL A 485 12.30 -24.25 42.70
C VAL A 485 11.41 -23.35 41.84
N HIS A 486 10.13 -23.70 41.72
CA HIS A 486 9.25 -23.00 40.79
C HIS A 486 7.91 -22.71 41.45
N TRP A 487 7.27 -21.65 40.99
CA TRP A 487 6.00 -21.18 41.53
C TRP A 487 5.03 -20.97 40.38
N GLY A 488 3.79 -21.44 40.56
CA GLY A 488 2.84 -21.41 39.46
C GLY A 488 2.61 -20.01 38.93
N GLY A 489 2.40 -19.05 39.83
CA GLY A 489 2.20 -17.67 39.44
C GLY A 489 0.98 -17.04 40.08
N ASP A 490 0.21 -16.29 39.29
CA ASP A 490 -0.98 -15.60 39.78
C ASP A 490 -2.20 -16.48 39.51
N CYS A 491 -2.94 -16.80 40.57
CA CYS A 491 -4.13 -17.63 40.49
C CYS A 491 -5.27 -16.95 41.22
N TYR A 492 -6.49 -17.42 40.96
CA TYR A 492 -7.69 -16.90 41.58
C TYR A 492 -8.16 -17.83 42.69
N ALA A 493 -9.08 -17.32 43.51
CA ALA A 493 -9.60 -18.05 44.66
C ALA A 493 -10.88 -18.79 44.25
N ASN A 494 -10.69 -19.88 43.51
CA ASN A 494 -11.80 -20.71 43.06
C ASN A 494 -11.33 -22.15 42.93
N TYR A 495 -12.29 -23.07 42.95
CA TYR A 495 -11.96 -24.48 42.77
C TYR A 495 -11.38 -24.72 41.39
N GLU A 496 -11.91 -24.04 40.37
CA GLU A 496 -11.37 -24.19 39.01
C GLU A 496 -9.92 -23.74 38.95
N SER A 497 -9.59 -22.65 39.65
CA SER A 497 -8.21 -22.19 39.69
C SER A 497 -7.31 -23.24 40.34
N MET A 498 -7.79 -23.87 41.42
CA MET A 498 -7.02 -24.92 42.07
C MET A 498 -6.78 -26.08 41.12
N ALA A 499 -7.83 -26.48 40.38
CA ALA A 499 -7.67 -27.58 39.42
C ALA A 499 -6.67 -27.23 38.34
N GLU A 500 -6.74 -26.01 37.81
CA GLU A 500 -5.82 -25.60 36.76
C GLU A 500 -4.38 -25.54 37.29
N SER A 501 -4.20 -25.07 38.52
CA SER A 501 -2.87 -25.03 39.11
C SER A 501 -2.33 -26.45 39.30
N LEU A 502 -3.18 -27.38 39.74
CA LEU A 502 -2.75 -28.76 39.88
C LEU A 502 -2.35 -29.35 38.52
N ARG A 503 -3.15 -29.06 37.49
CA ARG A 503 -2.80 -29.54 36.15
C ARG A 503 -1.46 -28.98 35.70
N GLY A 504 -1.24 -27.68 35.92
CA GLY A 504 0.04 -27.10 35.53
C GLY A 504 1.21 -27.70 36.29
N GLY A 505 1.02 -27.94 37.59
CA GLY A 505 2.08 -28.56 38.37
C GLY A 505 2.40 -29.96 37.89
N LEU A 506 1.37 -30.75 37.59
CA LEU A 506 1.60 -32.09 37.05
C LEU A 506 2.34 -32.01 35.72
N SER A 507 1.93 -31.08 34.85
CA SER A 507 2.57 -30.95 33.54
C SER A 507 4.04 -30.57 33.68
N ILE A 508 4.34 -29.59 34.54
CA ILE A 508 5.74 -29.19 34.71
C ILE A 508 6.54 -30.30 35.36
N GLY A 509 5.92 -31.07 36.26
CA GLY A 509 6.61 -32.23 36.81
C GLY A 509 6.95 -33.25 35.73
N MET A 510 6.03 -33.48 34.81
CA MET A 510 6.28 -34.43 33.72
C MET A 510 7.23 -33.88 32.67
N SER A 511 7.57 -32.60 32.72
CA SER A 511 8.43 -31.97 31.72
C SER A 511 9.89 -31.96 32.12
N GLY A 512 10.24 -32.57 33.25
CA GLY A 512 11.62 -32.66 33.69
C GLY A 512 11.94 -31.92 34.98
N PHE A 513 11.05 -31.08 35.48
CA PHE A 513 11.27 -30.38 36.74
C PHE A 513 10.78 -31.26 37.89
N GLY A 514 11.58 -31.36 38.94
CA GLY A 514 11.28 -32.26 40.04
C GLY A 514 10.65 -31.59 41.25
N PHE A 515 10.56 -30.27 41.24
CA PHE A 515 10.00 -29.52 42.35
C PHE A 515 9.10 -28.41 41.83
N TRP A 516 7.99 -28.19 42.52
CA TRP A 516 7.01 -27.18 42.12
C TRP A 516 6.28 -26.68 43.35
N SER A 517 5.75 -25.47 43.25
CA SER A 517 5.04 -24.84 44.35
C SER A 517 3.94 -23.94 43.80
N HIS A 518 3.00 -23.57 44.66
CA HIS A 518 1.88 -22.73 44.27
C HIS A 518 1.47 -21.87 45.46
N ASP A 519 0.75 -20.80 45.16
CA ASP A 519 0.25 -19.91 46.19
C ASP A 519 -1.00 -20.50 46.83
N ILE A 520 -0.95 -20.68 48.15
CA ILE A 520 -2.06 -21.25 48.89
C ILE A 520 -3.09 -20.17 49.18
N GLY A 521 -4.36 -20.49 48.95
CA GLY A 521 -5.44 -19.55 49.18
C GLY A 521 -5.71 -18.59 48.05
N GLY A 522 -4.93 -18.66 46.97
CA GLY A 522 -5.13 -17.78 45.83
C GLY A 522 -4.34 -16.48 45.96
N PHE A 523 -4.07 -15.88 44.81
CA PHE A 523 -3.38 -14.61 44.72
C PHE A 523 -4.33 -13.42 44.61
N GLU A 524 -5.22 -13.45 43.62
CA GLU A 524 -6.21 -12.40 43.45
C GLU A 524 -7.48 -12.73 44.21
N ASN A 525 -8.22 -11.69 44.60
CA ASN A 525 -9.48 -11.85 45.30
C ASN A 525 -9.28 -12.53 46.65
N THR A 526 -10.28 -12.46 47.52
CA THR A 526 -10.22 -13.04 48.85
C THR A 526 -11.08 -14.30 48.89
N ALA A 527 -10.50 -15.39 49.40
CA ALA A 527 -11.22 -16.65 49.48
C ALA A 527 -12.29 -16.57 50.57
N PRO A 528 -13.49 -17.14 50.33
CA PRO A 528 -14.51 -17.14 51.38
C PRO A 528 -14.06 -17.80 52.67
N ALA A 529 -13.67 -19.08 52.59
CA ALA A 529 -13.26 -19.83 53.77
C ALA A 529 -12.97 -21.29 53.43
N HIS A 530 -14.00 -22.01 52.98
CA HIS A 530 -13.85 -23.44 52.72
C HIS A 530 -12.79 -23.70 51.65
N VAL A 531 -12.83 -22.93 50.55
CA VAL A 531 -11.83 -23.11 49.50
C VAL A 531 -10.44 -22.85 50.06
N TYR A 532 -10.31 -21.89 50.98
CA TYR A 532 -9.02 -21.64 51.61
C TYR A 532 -8.54 -22.87 52.38
N LYS A 533 -9.45 -23.51 53.12
CA LYS A 533 -9.05 -24.71 53.86
C LYS A 533 -8.62 -25.83 52.92
N ARG A 534 -9.38 -26.04 51.85
CA ARG A 534 -9.02 -27.10 50.90
C ARG A 534 -7.68 -26.80 50.24
N TRP A 535 -7.46 -25.53 49.87
CA TRP A 535 -6.19 -25.15 49.25
C TRP A 535 -5.03 -25.34 50.22
N CYS A 536 -5.23 -24.99 51.49
CA CYS A 536 -4.19 -25.21 52.48
C CYS A 536 -3.87 -26.69 52.62
N ALA A 537 -4.90 -27.53 52.68
CA ALA A 537 -4.69 -28.96 52.80
C ALA A 537 -3.92 -29.49 51.59
N PHE A 538 -4.30 -29.04 50.39
CA PHE A 538 -3.63 -29.51 49.18
C PHE A 538 -2.18 -29.05 49.13
N GLY A 539 -1.94 -27.77 49.39
CA GLY A 539 -0.58 -27.24 49.28
C GLY A 539 0.36 -27.79 50.34
N LEU A 540 -0.15 -27.99 51.55
CA LEU A 540 0.70 -28.49 52.62
C LEU A 540 1.09 -29.95 52.43
N LEU A 541 0.45 -30.65 51.49
CA LEU A 541 0.82 -32.01 51.14
C LEU A 541 1.77 -32.08 49.94
N SER A 542 2.18 -30.93 49.42
CA SER A 542 3.07 -30.87 48.27
C SER A 542 4.51 -30.69 48.74
N SER A 543 5.41 -30.51 47.76
CA SER A 543 6.83 -30.35 48.09
C SER A 543 7.06 -29.09 48.92
N HIS A 544 6.44 -27.97 48.53
CA HIS A 544 6.62 -26.71 49.22
C HIS A 544 5.25 -26.04 49.42
N SER A 545 5.14 -25.30 50.51
CA SER A 545 3.90 -24.62 50.87
C SER A 545 4.19 -23.14 51.08
N ARG A 546 3.44 -22.29 50.37
CA ARG A 546 3.64 -20.85 50.38
C ARG A 546 2.34 -20.14 50.72
N LEU A 547 2.43 -19.08 51.50
CA LEU A 547 1.28 -18.23 51.87
C LEU A 547 1.57 -16.83 51.34
N HIS A 548 1.03 -16.53 50.17
CA HIS A 548 1.23 -15.25 49.49
C HIS A 548 -0.11 -14.71 49.02
N GLY A 549 -0.28 -13.39 49.16
CA GLY A 549 -1.52 -12.75 48.76
C GLY A 549 -1.25 -11.45 48.04
N SER A 550 -2.29 -10.95 47.37
CA SER A 550 -2.20 -9.72 46.59
C SER A 550 -2.78 -8.51 47.32
N LYS A 551 -3.98 -8.64 47.89
CA LYS A 551 -4.64 -7.53 48.57
C LYS A 551 -4.93 -7.80 50.05
N SER A 552 -4.90 -9.05 50.48
CA SER A 552 -5.22 -9.41 51.85
C SER A 552 -4.17 -10.36 52.41
N TYR A 553 -3.94 -10.27 53.71
CA TYR A 553 -2.98 -11.15 54.36
C TYR A 553 -3.48 -12.58 54.33
N ARG A 554 -2.56 -13.51 54.02
CA ARG A 554 -2.88 -14.92 53.96
C ARG A 554 -2.48 -15.61 55.27
N VAL A 555 -3.17 -15.20 56.34
CA VAL A 555 -2.93 -15.72 57.69
C VAL A 555 -4.16 -16.49 58.11
N PRO A 556 -4.02 -17.71 58.67
CA PRO A 556 -5.22 -18.50 58.98
C PRO A 556 -6.16 -17.82 59.97
N TRP A 557 -5.65 -17.10 60.96
CA TRP A 557 -6.53 -16.52 61.96
C TRP A 557 -7.35 -15.36 61.43
N ALA A 558 -7.06 -14.88 60.22
CA ALA A 558 -7.86 -13.81 59.63
C ALA A 558 -9.23 -14.29 59.17
N TYR A 559 -9.48 -15.60 59.15
CA TYR A 559 -10.75 -16.15 58.71
C TYR A 559 -11.52 -16.80 59.84
N ASP A 560 -10.92 -17.76 60.53
CA ASP A 560 -11.58 -18.46 61.64
C ASP A 560 -10.58 -19.39 62.29
N GLU A 561 -11.00 -19.98 63.43
CA GLU A 561 -10.13 -20.88 64.18
C GLU A 561 -9.99 -22.23 63.50
N GLU A 562 -11.00 -22.67 62.74
CA GLU A 562 -10.92 -23.95 62.08
C GLU A 562 -9.77 -23.99 61.07
N SER A 563 -9.56 -22.88 60.35
CA SER A 563 -8.43 -22.82 59.44
C SER A 563 -7.11 -22.98 60.17
N CYS A 564 -6.98 -22.32 61.33
CA CYS A 564 -5.77 -22.47 62.12
C CYS A 564 -5.58 -23.92 62.56
N ASP A 565 -6.66 -24.56 63.01
CA ASP A 565 -6.56 -25.94 63.49
C ASP A 565 -6.12 -26.87 62.36
N VAL A 566 -6.75 -26.75 61.19
CA VAL A 566 -6.40 -27.62 60.08
C VAL A 566 -4.97 -27.35 59.61
N VAL A 567 -4.57 -26.08 59.60
CA VAL A 567 -3.20 -25.76 59.21
C VAL A 567 -2.20 -26.39 60.17
N ARG A 568 -2.48 -26.29 61.47
CA ARG A 568 -1.59 -26.89 62.47
C ARG A 568 -1.51 -28.40 62.27
N HIS A 569 -2.66 -29.04 62.07
CA HIS A 569 -2.68 -30.49 61.91
C HIS A 569 -1.88 -30.91 60.69
N PHE A 570 -2.09 -30.23 59.55
CA PHE A 570 -1.41 -30.62 58.32
C PHE A 570 0.08 -30.32 58.40
N THR A 571 0.48 -29.22 59.04
CA THR A 571 1.89 -28.93 59.20
C THR A 571 2.57 -29.98 60.09
N GLN A 572 1.90 -30.37 61.18
CA GLN A 572 2.45 -31.42 62.03
C GLN A 572 2.58 -32.72 61.25
N LEU A 573 1.59 -33.06 60.43
CA LEU A 573 1.66 -34.27 59.62
C LEU A 573 2.84 -34.21 58.65
N LYS A 574 3.01 -33.06 57.98
CA LYS A 574 4.12 -32.92 57.04
C LYS A 574 5.46 -33.04 57.74
N CYS A 575 5.61 -32.41 58.91
CA CYS A 575 6.85 -32.53 59.67
C CYS A 575 7.10 -33.97 60.07
N ARG A 576 6.06 -34.69 60.48
CA ARG A 576 6.22 -36.10 60.86
C ARG A 576 6.55 -36.97 59.65
N MET A 577 6.28 -36.51 58.44
CA MET A 577 6.53 -37.26 57.22
C MET A 577 7.77 -36.78 56.48
N MET A 578 8.63 -36.01 57.13
CA MET A 578 9.79 -35.42 56.45
C MET A 578 10.72 -36.46 55.85
N PRO A 579 11.15 -37.51 56.56
CA PRO A 579 12.17 -38.40 55.98
C PRO A 579 11.75 -39.03 54.66
N TYR A 580 10.48 -39.44 54.53
CA TYR A 580 10.04 -40.04 53.28
C TYR A 580 10.09 -39.02 52.14
N LEU A 581 9.66 -37.80 52.41
CA LEU A 581 9.72 -36.75 51.39
C LEU A 581 11.16 -36.47 50.98
N TYR A 582 12.08 -36.44 51.94
CA TYR A 582 13.48 -36.19 51.62
C TYR A 582 14.08 -37.34 50.82
N ARG A 583 13.69 -38.58 51.13
CA ARG A 583 14.15 -39.71 50.34
C ARG A 583 13.63 -39.62 48.92
N GLN A 584 12.37 -39.24 48.75
CA GLN A 584 11.82 -39.06 47.40
C GLN A 584 12.55 -37.94 46.67
N ALA A 585 12.89 -36.86 47.37
CA ALA A 585 13.65 -35.78 46.75
C ALA A 585 15.02 -36.25 46.31
N ALA A 586 15.68 -37.07 47.13
CA ALA A 586 16.98 -37.63 46.74
C ALA A 586 16.83 -38.52 45.51
N LEU A 587 15.78 -39.33 45.46
CA LEU A 587 15.53 -40.14 44.27
C LEU A 587 15.31 -39.25 43.05
N ALA A 588 14.58 -38.15 43.22
CA ALA A 588 14.37 -37.22 42.11
C ALA A 588 15.69 -36.62 41.64
N ASN A 589 16.57 -36.28 42.58
CA ASN A 589 17.88 -35.74 42.20
C ASN A 589 18.70 -36.79 41.46
N GLU A 590 18.63 -38.05 41.89
CA GLU A 590 19.45 -39.09 41.29
C GLU A 590 18.94 -39.49 39.91
N PHE A 591 17.72 -40.02 39.85
CA PHE A 591 17.16 -40.56 38.61
C PHE A 591 16.30 -39.56 37.86
N GLY A 592 16.05 -38.37 38.40
CA GLY A 592 15.28 -37.37 37.72
C GLY A 592 13.78 -37.51 37.83
N THR A 593 13.29 -38.45 38.62
CA THR A 593 11.85 -38.67 38.73
C THR A 593 11.23 -37.60 39.63
N PRO A 594 10.26 -36.83 39.15
CA PRO A 594 9.69 -35.77 40.00
C PRO A 594 8.98 -36.35 41.22
N MET A 595 8.99 -35.57 42.30
CA MET A 595 8.30 -35.99 43.51
C MET A 595 6.79 -35.96 43.33
N LEU A 596 6.28 -34.93 42.67
CA LEU A 596 4.84 -34.79 42.43
C LEU A 596 4.47 -35.55 41.16
N ARG A 597 4.55 -36.87 41.25
CA ARG A 597 4.29 -37.73 40.12
C ARG A 597 2.80 -37.74 39.76
N ALA A 598 2.54 -37.90 38.47
CA ALA A 598 1.18 -38.10 38.00
C ALA A 598 0.77 -39.56 38.14
N MET A 599 -0.52 -39.83 38.00
CA MET A 599 -1.02 -41.19 38.14
C MET A 599 -0.44 -42.10 37.07
N MET A 600 -0.32 -41.60 35.84
CA MET A 600 0.18 -42.42 34.74
C MET A 600 1.61 -42.87 35.00
N LEU A 601 2.45 -41.96 35.51
CA LEU A 601 3.87 -42.26 35.63
C LEU A 601 4.11 -43.49 36.53
N GLU A 602 3.39 -43.57 37.65
CA GLU A 602 3.57 -44.71 38.54
C GLU A 602 3.03 -46.00 37.94
N PHE A 603 1.93 -45.92 37.19
CA PHE A 603 1.28 -47.09 36.61
C PHE A 603 1.00 -46.83 35.14
N PRO A 604 2.06 -46.79 34.31
CA PRO A 604 1.85 -46.55 32.87
C PRO A 604 1.07 -47.66 32.18
N ASP A 605 1.02 -48.85 32.75
CA ASP A 605 0.35 -49.99 32.12
C ASP A 605 -1.14 -50.05 32.42
N ASP A 606 -1.66 -49.14 33.24
CA ASP A 606 -3.08 -49.13 33.58
C ASP A 606 -3.80 -48.11 32.70
N PRO A 607 -4.67 -48.54 31.78
CA PRO A 607 -5.36 -47.56 30.93
C PRO A 607 -6.29 -46.63 31.68
N ALA A 608 -6.71 -47.00 32.90
CA ALA A 608 -7.69 -46.19 33.63
C ALA A 608 -7.12 -44.86 34.09
N CYS A 609 -5.79 -44.74 34.20
CA CYS A 609 -5.16 -43.53 34.71
C CYS A 609 -4.66 -42.61 33.60
N ASP A 610 -5.04 -42.88 32.34
CA ASP A 610 -4.57 -42.04 31.24
C ASP A 610 -5.10 -40.63 31.34
N TYR A 611 -6.37 -40.47 31.74
CA TYR A 611 -7.06 -39.19 31.75
C TYR A 611 -7.43 -38.76 33.17
N LEU A 612 -6.50 -38.92 34.11
CA LEU A 612 -6.71 -38.53 35.49
C LEU A 612 -5.88 -37.28 35.79
N ASP A 613 -6.55 -36.23 36.27
CA ASP A 613 -5.86 -34.99 36.61
C ASP A 613 -6.30 -34.37 37.93
N ARG A 614 -7.38 -34.82 38.56
CA ARG A 614 -7.85 -34.26 39.81
C ARG A 614 -7.19 -34.89 41.03
N GLN A 615 -6.41 -35.95 40.84
CA GLN A 615 -5.70 -36.61 41.93
C GLN A 615 -4.26 -36.85 41.49
N TYR A 616 -3.36 -36.94 42.47
CA TYR A 616 -1.95 -37.09 42.18
C TYR A 616 -1.32 -38.11 43.14
N MET A 617 -0.08 -38.47 42.83
CA MET A 617 0.69 -39.42 43.62
C MET A 617 1.91 -38.71 44.18
N LEU A 618 2.05 -38.74 45.50
CA LEU A 618 3.20 -38.20 46.20
C LEU A 618 4.17 -39.35 46.49
N GLY A 619 5.43 -39.15 46.13
CA GLY A 619 6.41 -40.21 46.28
C GLY A 619 6.08 -41.38 45.38
N ASP A 620 6.56 -42.55 45.77
CA ASP A 620 6.27 -43.79 45.07
C ASP A 620 5.21 -44.63 45.78
N SER A 621 4.63 -44.13 46.87
CA SER A 621 3.68 -44.89 47.66
C SER A 621 2.45 -44.14 48.08
N VAL A 622 2.46 -42.81 48.14
CA VAL A 622 1.34 -42.03 48.66
C VAL A 622 0.47 -41.57 47.51
N LEU A 623 -0.85 -41.59 47.72
CA LEU A 623 -1.81 -41.09 46.74
C LEU A 623 -2.72 -40.10 47.43
N VAL A 624 -2.89 -38.92 46.83
CA VAL A 624 -3.69 -37.84 47.41
C VAL A 624 -4.72 -37.41 46.37
N ALA A 625 -5.96 -37.23 46.81
CA ALA A 625 -7.06 -36.80 45.93
C ALA A 625 -7.76 -35.60 46.54
N PRO A 626 -7.19 -34.41 46.40
CA PRO A 626 -7.79 -33.23 47.04
C PRO A 626 -9.22 -32.98 46.55
N VAL A 627 -10.06 -32.53 47.47
CA VAL A 627 -11.47 -32.30 47.17
C VAL A 627 -11.64 -30.94 46.51
N PHE A 628 -12.69 -30.82 45.69
CA PHE A 628 -13.00 -29.58 44.99
C PHE A 628 -14.48 -29.23 45.11
N SER A 629 -15.18 -29.78 46.09
CA SER A 629 -16.61 -29.58 46.25
C SER A 629 -16.91 -28.97 47.60
N GLU A 630 -17.96 -28.11 47.63
CA GLU A 630 -18.36 -27.49 48.88
C GLU A 630 -18.82 -28.53 49.89
N ALA A 631 -19.59 -29.51 49.45
CA ALA A 631 -20.12 -30.52 50.36
C ALA A 631 -19.07 -31.54 50.78
N GLY A 632 -17.89 -31.54 50.15
CA GLY A 632 -16.85 -32.48 50.48
C GLY A 632 -16.89 -33.78 49.71
N GLU A 633 -17.90 -33.99 48.87
CA GLU A 633 -17.98 -35.20 48.06
C GLU A 633 -16.85 -35.23 47.05
N VAL A 634 -16.22 -36.39 46.90
CA VAL A 634 -15.08 -36.54 46.00
C VAL A 634 -15.02 -37.98 45.52
N GLN A 635 -14.67 -38.16 44.25
CA GLN A 635 -14.53 -39.47 43.63
C GLN A 635 -13.09 -39.64 43.17
N PHE A 636 -12.51 -40.80 43.47
CA PHE A 636 -11.12 -41.08 43.11
C PHE A 636 -10.97 -42.54 42.73
N TYR A 637 -9.99 -42.82 41.89
CA TYR A 637 -9.74 -44.16 41.37
C TYR A 637 -8.50 -44.74 42.02
N LEU A 638 -8.60 -46.01 42.43
CA LEU A 638 -7.49 -46.74 43.03
C LEU A 638 -7.01 -47.82 42.07
N PRO A 639 -5.71 -47.91 41.77
CA PRO A 639 -5.20 -49.05 41.00
C PRO A 639 -5.19 -50.34 41.81
N GLU A 640 -4.70 -51.42 41.20
CA GLU A 640 -4.72 -52.72 41.85
C GLU A 640 -3.93 -52.69 43.15
N GLY A 641 -4.44 -53.40 44.16
CA GLY A 641 -3.79 -53.47 45.45
C GLY A 641 -4.67 -52.91 46.56
N ARG A 642 -4.39 -53.31 47.80
CA ARG A 642 -5.14 -52.83 48.95
C ARG A 642 -4.49 -51.57 49.49
N TRP A 643 -5.30 -50.54 49.71
CA TRP A 643 -4.82 -49.23 50.15
C TRP A 643 -5.34 -48.93 51.55
N THR A 644 -4.49 -48.33 52.37
CA THR A 644 -4.83 -47.97 53.74
C THR A 644 -4.57 -46.48 53.95
N HIS A 645 -5.51 -45.81 54.63
CA HIS A 645 -5.40 -44.39 54.86
C HIS A 645 -4.21 -44.08 55.77
N LEU A 646 -3.66 -42.88 55.62
CA LEU A 646 -2.47 -42.51 56.37
C LEU A 646 -2.76 -42.45 57.88
N TRP A 647 -3.90 -41.89 58.26
CA TRP A 647 -4.22 -41.71 59.68
C TRP A 647 -5.64 -42.15 60.03
N HIS A 648 -6.36 -42.81 59.12
CA HIS A 648 -7.66 -43.38 59.43
C HIS A 648 -7.67 -44.89 59.52
N ASN A 649 -6.69 -45.56 58.91
CA ASN A 649 -6.47 -47.00 59.02
C ASN A 649 -7.58 -47.83 58.38
N ASP A 650 -8.42 -47.23 57.55
CA ASP A 650 -9.44 -47.99 56.85
C ASP A 650 -8.86 -48.64 55.60
N GLU A 651 -9.48 -49.74 55.18
CA GLU A 651 -9.03 -50.51 54.03
C GLU A 651 -10.07 -50.42 52.92
N LEU A 652 -9.58 -50.31 51.68
CA LEU A 652 -10.44 -50.22 50.51
C LEU A 652 -9.85 -51.08 49.40
N PRO A 653 -10.66 -51.90 48.72
CA PRO A 653 -10.12 -52.67 47.60
C PRO A 653 -9.71 -51.76 46.45
N GLY A 654 -8.73 -52.23 45.67
CA GLY A 654 -8.18 -51.46 44.58
C GLY A 654 -8.75 -51.84 43.23
N SER A 655 -8.23 -51.18 42.20
CA SER A 655 -8.62 -51.40 40.82
C SER A 655 -10.09 -51.04 40.60
N ARG A 656 -10.47 -49.85 41.05
CA ARG A 656 -11.86 -49.41 40.91
C ARG A 656 -11.98 -47.99 41.43
N TRP A 657 -13.14 -47.38 41.17
CA TRP A 657 -13.45 -46.04 41.64
C TRP A 657 -14.12 -46.11 43.01
N HIS A 658 -14.07 -44.97 43.71
CA HIS A 658 -14.68 -44.86 45.03
C HIS A 658 -15.12 -43.42 45.24
N LYS A 659 -16.20 -43.27 46.02
CA LYS A 659 -16.77 -41.97 46.33
C LYS A 659 -16.83 -41.81 47.84
N GLN A 660 -16.45 -40.63 48.33
CA GLN A 660 -16.39 -40.40 49.77
C GLN A 660 -16.65 -38.94 50.07
N ARG A 661 -17.22 -38.68 51.25
CA ARG A 661 -17.44 -37.34 51.76
C ARG A 661 -16.59 -37.14 53.01
N HIS A 662 -15.80 -36.07 53.01
CA HIS A 662 -14.88 -35.78 54.10
C HIS A 662 -15.07 -34.36 54.60
N ASP A 663 -14.84 -34.16 55.89
CA ASP A 663 -14.92 -32.83 56.48
C ASP A 663 -13.63 -32.05 56.21
N ALA A 664 -13.58 -30.82 56.72
CA ALA A 664 -12.44 -29.96 56.46
C ALA A 664 -11.15 -30.50 57.06
N LEU A 665 -11.23 -31.35 58.07
CA LEU A 665 -10.06 -31.90 58.73
C LEU A 665 -9.56 -33.21 58.11
N SER A 666 -10.23 -33.70 57.08
CA SER A 666 -9.85 -34.97 56.46
C SER A 666 -9.96 -34.85 54.95
N LEU A 667 -9.16 -35.66 54.25
CA LEU A 667 -9.18 -35.74 52.80
C LEU A 667 -8.58 -37.07 52.38
N PRO A 668 -8.89 -37.55 51.18
CA PRO A 668 -8.40 -38.88 50.78
C PRO A 668 -6.91 -38.91 50.51
N VAL A 669 -6.18 -39.51 51.46
CA VAL A 669 -4.76 -39.80 51.36
C VAL A 669 -4.57 -41.26 51.71
N TYR A 670 -3.92 -42.01 50.82
CA TYR A 670 -3.82 -43.46 50.96
C TYR A 670 -2.42 -43.92 50.62
N VAL A 671 -2.10 -45.13 51.07
CA VAL A 671 -0.80 -45.75 50.87
C VAL A 671 -1.02 -47.13 50.26
N ARG A 672 -0.25 -47.47 49.23
CA ARG A 672 -0.40 -48.76 48.57
C ARG A 672 0.01 -49.88 49.52
N ASP A 673 -0.25 -51.11 49.09
CA ASP A 673 0.07 -52.28 49.88
C ASP A 673 1.56 -52.59 49.79
N ASN A 674 2.02 -53.48 50.67
CA ASN A 674 3.40 -53.92 50.70
C ASN A 674 4.34 -52.73 50.86
N THR A 675 4.07 -51.90 51.86
CA THR A 675 4.81 -50.66 52.05
C THR A 675 5.44 -50.61 53.43
N LEU A 676 6.61 -49.98 53.50
CA LEU A 676 7.35 -49.77 54.75
C LEU A 676 7.71 -48.29 54.81
N LEU A 677 6.79 -47.49 55.34
CA LEU A 677 7.01 -46.05 55.44
C LEU A 677 7.86 -45.72 56.66
N ALA A 678 8.37 -44.49 56.70
CA ALA A 678 9.18 -44.01 57.81
C ALA A 678 8.67 -42.66 58.28
N LEU A 679 8.67 -42.45 59.59
CA LEU A 679 8.23 -41.20 60.18
C LEU A 679 9.14 -40.83 61.34
N GLY A 680 9.17 -39.54 61.67
CA GLY A 680 9.97 -39.04 62.76
C GLY A 680 9.12 -38.68 63.97
N ASN A 681 9.81 -38.46 65.09
CA ASN A 681 9.17 -38.11 66.35
C ASN A 681 9.04 -36.61 66.57
N ASN A 682 9.46 -35.80 65.61
CA ASN A 682 9.41 -34.34 65.72
C ASN A 682 8.39 -33.81 64.73
N ASP A 683 7.45 -33.00 65.23
CA ASP A 683 6.38 -32.43 64.41
C ASP A 683 6.40 -30.91 64.42
N GLN A 684 7.55 -30.30 64.73
CA GLN A 684 7.68 -28.84 64.77
C GLN A 684 8.77 -28.30 63.85
N LYS A 685 9.78 -29.10 63.51
CA LYS A 685 10.87 -28.68 62.66
C LYS A 685 11.15 -29.75 61.61
N PRO A 686 11.53 -29.36 60.39
CA PRO A 686 11.87 -30.35 59.37
C PRO A 686 13.35 -30.70 59.27
N ASP A 687 14.19 -30.17 60.15
CA ASP A 687 15.63 -30.39 60.11
C ASP A 687 16.12 -31.12 61.36
N TYR A 688 15.38 -32.15 61.76
CA TYR A 688 15.71 -32.95 62.94
C TYR A 688 16.41 -34.24 62.51
N ALA A 689 16.92 -34.96 63.51
CA ALA A 689 17.60 -36.22 63.28
C ALA A 689 16.57 -37.27 62.87
N TRP A 690 16.52 -37.59 61.58
CA TRP A 690 15.54 -38.53 61.07
C TRP A 690 15.83 -39.96 61.51
N HIS A 691 17.11 -40.28 61.74
CA HIS A 691 17.51 -41.64 62.07
C HIS A 691 17.52 -41.90 63.58
N GLU A 692 17.07 -40.94 64.39
CA GLU A 692 16.98 -41.09 65.84
C GLU A 692 15.52 -41.23 66.24
N GLY A 693 15.19 -42.32 66.91
CA GLY A 693 13.83 -42.53 67.37
C GLY A 693 12.81 -42.59 66.24
N THR A 694 13.20 -43.15 65.11
CA THR A 694 12.29 -43.23 63.96
C THR A 694 11.23 -44.30 64.18
N ALA A 695 10.10 -44.11 63.51
CA ALA A 695 8.98 -45.05 63.56
C ALA A 695 8.68 -45.51 62.14
N PHE A 696 9.01 -46.76 61.84
CA PHE A 696 8.61 -47.36 60.58
C PHE A 696 7.18 -47.87 60.68
N GLN A 697 6.48 -47.87 59.56
CA GLN A 697 5.09 -48.29 59.49
C GLN A 697 4.95 -49.35 58.41
N LEU A 698 4.40 -50.50 58.78
CA LEU A 698 4.27 -51.65 57.88
C LEU A 698 2.82 -51.75 57.42
N PHE A 699 2.62 -51.72 56.11
CA PHE A 699 1.31 -51.73 55.47
C PHE A 699 1.22 -52.95 54.55
N GLN A 700 0.38 -53.91 54.93
CA GLN A 700 -0.07 -55.00 54.05
C GLN A 700 1.12 -55.73 53.43
N LEU A 701 1.92 -56.37 54.28
CA LEU A 701 3.03 -57.19 53.82
C LEU A 701 2.48 -58.56 53.44
N GLY A 702 2.36 -58.81 52.14
CA GLY A 702 1.86 -60.09 51.68
C GLY A 702 2.89 -61.20 51.81
N ASP A 703 2.39 -62.43 51.82
CA ASP A 703 3.26 -63.58 51.96
C ASP A 703 4.18 -63.71 50.75
N GLY A 704 5.46 -64.01 51.01
CA GLY A 704 6.42 -64.21 49.97
C GLY A 704 7.00 -62.94 49.37
N ASN A 705 6.65 -61.78 49.90
CA ASN A 705 7.12 -60.50 49.38
C ASN A 705 8.19 -59.90 50.29
N GLU A 706 9.00 -59.03 49.70
CA GLU A 706 10.08 -58.36 50.42
C GLU A 706 9.99 -56.86 50.18
N THR A 707 10.25 -56.08 51.22
CA THR A 707 10.18 -54.63 51.16
C THR A 707 11.45 -54.03 51.74
N VAL A 708 11.83 -52.86 51.26
CA VAL A 708 13.02 -52.16 51.69
C VAL A 708 12.68 -50.71 51.96
N CYS A 709 13.47 -50.07 52.82
CA CYS A 709 13.30 -48.66 53.14
C CYS A 709 14.65 -48.08 53.52
N GLN A 710 14.99 -46.93 52.95
CA GLN A 710 16.28 -46.28 53.17
C GLN A 710 16.03 -44.87 53.69
N VAL A 711 16.32 -44.64 54.96
CA VAL A 711 16.23 -43.31 55.54
C VAL A 711 17.44 -42.49 55.09
N PRO A 712 17.25 -41.29 54.55
CA PRO A 712 18.38 -40.51 54.05
C PRO A 712 19.06 -39.70 55.16
N ALA A 713 20.22 -39.16 54.82
CA ALA A 713 20.99 -38.30 55.70
C ALA A 713 20.81 -36.85 55.25
N ALA A 714 21.58 -35.95 55.87
CA ALA A 714 21.50 -34.54 55.50
C ALA A 714 21.91 -34.34 54.04
N ASP A 715 22.97 -35.03 53.61
CA ASP A 715 23.43 -34.92 52.23
C ASP A 715 22.55 -35.67 51.24
N GLY A 716 21.61 -36.48 51.73
CA GLY A 716 20.71 -37.23 50.89
C GLY A 716 21.07 -38.70 50.72
N SER A 717 22.29 -39.08 51.05
CA SER A 717 22.70 -40.47 50.95
C SER A 717 22.08 -41.30 52.08
N ALA A 718 21.65 -42.51 51.75
CA ALA A 718 21.02 -43.36 52.75
C ALA A 718 21.97 -43.62 53.91
N ILE A 719 21.43 -43.51 55.13
CA ILE A 719 22.22 -43.73 56.33
C ILE A 719 21.87 -45.05 57.02
N PHE A 720 20.67 -45.58 56.83
CA PHE A 720 20.25 -46.81 57.45
C PHE A 720 19.20 -47.47 56.57
N THR A 721 19.31 -48.78 56.39
CA THR A 721 18.42 -49.54 55.52
C THR A 721 17.80 -50.69 56.29
N LEU A 722 16.49 -50.89 56.09
CA LEU A 722 15.73 -51.93 56.76
C LEU A 722 15.02 -52.77 55.73
N LYS A 723 15.12 -54.10 55.86
CA LYS A 723 14.49 -55.04 54.95
C LYS A 723 13.62 -56.01 55.73
N ALA A 724 12.39 -56.20 55.26
CA ALA A 724 11.42 -57.08 55.88
C ALA A 724 11.04 -58.19 54.91
N LYS A 725 11.08 -59.43 55.37
CA LYS A 725 10.72 -60.59 54.56
C LYS A 725 9.68 -61.40 55.30
N ARG A 726 8.58 -61.73 54.63
CA ARG A 726 7.48 -62.49 55.20
C ARG A 726 7.45 -63.88 54.57
N GLN A 727 7.34 -64.91 55.42
CA GLN A 727 7.21 -66.28 54.98
C GLN A 727 6.18 -66.97 55.86
N GLY A 728 5.13 -67.51 55.24
CA GLY A 728 4.06 -68.12 56.01
C GLY A 728 3.43 -67.13 56.96
N ASN A 729 3.68 -67.30 58.26
CA ASN A 729 3.17 -66.40 59.29
C ASN A 729 4.29 -65.77 60.11
N THR A 730 5.52 -65.76 59.59
CA THR A 730 6.67 -65.20 60.28
C THR A 730 7.30 -64.11 59.43
N ILE A 731 7.54 -62.96 60.06
CA ILE A 731 8.15 -61.81 59.39
C ILE A 731 9.48 -61.51 60.07
N THR A 732 10.55 -61.47 59.28
CA THR A 732 11.89 -61.18 59.76
C THR A 732 12.33 -59.83 59.22
N VAL A 733 12.79 -58.95 60.12
CA VAL A 733 13.24 -57.61 59.76
C VAL A 733 14.71 -57.49 60.14
N SER A 734 15.53 -57.02 59.19
CA SER A 734 16.95 -56.85 59.39
C SER A 734 17.35 -55.43 58.99
N GLY A 735 18.08 -54.75 59.86
CA GLY A 735 18.50 -53.39 59.58
C GLY A 735 20.00 -53.25 59.71
N GLU A 736 20.55 -52.39 58.85
CA GLU A 736 21.99 -52.12 58.84
C GLU A 736 22.23 -50.66 58.52
N GLY A 737 23.19 -50.06 59.23
CA GLY A 737 23.52 -48.66 59.05
C GLY A 737 23.85 -47.97 60.35
N GLU A 738 23.26 -46.80 60.57
CA GLU A 738 23.49 -46.00 61.77
C GLU A 738 22.14 -45.57 62.33
N ALA A 739 21.85 -45.99 63.56
CA ALA A 739 20.61 -45.61 64.23
C ALA A 739 20.74 -45.93 65.71
N ARG A 740 19.91 -45.27 66.51
CA ARG A 740 19.90 -45.46 67.97
C ARG A 740 18.45 -45.41 68.44
N GLY A 741 17.81 -46.57 68.51
CA GLY A 741 16.45 -46.65 69.00
C GLY A 741 15.44 -46.40 67.89
N TRP A 742 14.49 -47.31 67.72
CA TRP A 742 13.46 -47.15 66.69
C TRP A 742 12.30 -48.08 67.02
N THR A 743 11.18 -47.83 66.33
CA THR A 743 9.97 -48.62 66.51
C THR A 743 9.42 -49.02 65.15
N LEU A 744 8.69 -50.14 65.14
CA LEU A 744 8.02 -50.63 63.94
C LEU A 744 6.56 -50.86 64.29
N CYS A 745 5.66 -50.18 63.59
CA CYS A 745 4.23 -50.27 63.81
C CYS A 745 3.61 -51.04 62.65
N LEU A 746 3.20 -52.28 62.92
CA LEU A 746 2.44 -53.05 61.95
C LEU A 746 1.00 -52.59 62.00
N ARG A 747 0.45 -52.19 60.86
CA ARG A 747 -0.90 -51.63 60.81
C ARG A 747 -1.94 -52.72 60.62
N ASN A 748 -3.12 -52.50 61.22
CA ASN A 748 -4.25 -53.41 61.12
C ASN A 748 -3.92 -54.79 61.70
N ILE A 749 -3.03 -54.83 62.68
CA ILE A 749 -2.67 -56.05 63.38
C ILE A 749 -2.95 -55.85 64.86
N PRO A 750 -4.11 -56.31 65.35
CA PRO A 750 -4.43 -56.08 66.77
C PRO A 750 -3.40 -56.63 67.73
N GLN A 751 -2.81 -57.79 67.44
CA GLN A 751 -1.87 -58.42 68.34
C GLN A 751 -0.99 -59.39 67.56
N ILE A 752 0.09 -59.83 68.21
CA ILE A 752 1.03 -60.78 67.62
C ILE A 752 1.16 -61.97 68.57
N ALA A 753 1.61 -63.12 68.04
CA ALA A 753 1.74 -64.35 68.81
C ALA A 753 3.20 -64.71 69.04
N GLY A 754 4.08 -63.72 69.15
CA GLY A 754 5.48 -63.97 69.41
C GLY A 754 6.41 -62.93 68.83
N VAL A 755 7.43 -62.54 69.61
CA VAL A 755 8.43 -61.58 69.19
C VAL A 755 9.80 -62.08 69.61
N GLU A 756 10.83 -61.59 68.93
CA GLU A 756 12.22 -61.98 69.19
C GLU A 756 13.08 -60.72 69.28
N GLY A 757 13.38 -60.29 70.50
CA GLY A 757 14.25 -59.17 70.72
C GLY A 757 13.59 -57.81 70.67
N GLY A 758 12.29 -57.75 70.48
CA GLY A 758 11.58 -56.48 70.44
C GLY A 758 10.47 -56.39 71.46
N THR A 759 10.32 -55.22 72.08
CA THR A 759 9.28 -55.02 73.08
C THR A 759 7.99 -54.58 72.41
N GLN A 760 6.94 -55.39 72.53
CA GLN A 760 5.70 -55.19 71.79
C GLN A 760 4.66 -54.49 72.66
N ALA A 761 3.80 -53.71 72.01
CA ALA A 761 2.69 -53.05 72.67
C ALA A 761 1.60 -52.78 71.65
N GLY A 762 0.39 -52.53 72.14
CA GLY A 762 -0.74 -52.26 71.28
C GLY A 762 -1.01 -50.78 71.10
N SER A 763 -1.70 -50.45 70.01
CA SER A 763 -2.08 -49.06 69.74
C SER A 763 -3.28 -49.07 68.81
N GLU A 764 -3.98 -47.94 68.78
CA GLU A 764 -5.19 -47.84 67.96
C GLU A 764 -4.91 -48.09 66.49
N LEU A 765 -3.66 -47.92 66.04
CA LEU A 765 -3.29 -48.12 64.65
C LEU A 765 -2.65 -49.47 64.40
N GLY A 766 -2.53 -50.33 65.42
CA GLY A 766 -1.95 -51.64 65.23
C GLY A 766 -1.07 -52.08 66.38
N VAL A 767 0.11 -52.63 66.06
CA VAL A 767 1.04 -53.12 67.07
C VAL A 767 2.39 -52.45 66.86
N VAL A 768 2.91 -51.83 67.92
CA VAL A 768 4.18 -51.12 67.89
C VAL A 768 5.21 -51.93 68.65
N VAL A 769 6.31 -52.26 67.98
CA VAL A 769 7.41 -53.01 68.59
C VAL A 769 8.62 -52.11 68.60
N SER A 770 9.11 -51.79 69.80
CA SER A 770 10.35 -51.05 69.95
C SER A 770 11.53 -52.00 69.85
N ALA A 771 12.51 -51.65 69.03
CA ALA A 771 13.63 -52.53 68.73
C ALA A 771 14.86 -52.10 69.53
N GLN A 772 15.42 -53.04 70.29
CA GLN A 772 16.67 -52.83 71.01
C GLN A 772 17.88 -53.34 70.24
N GLY A 773 17.69 -53.84 69.03
CA GLY A 773 18.79 -54.34 68.22
C GLY A 773 18.61 -54.01 66.75
N ASN A 774 19.26 -54.78 65.88
CA ASN A 774 19.19 -54.58 64.44
C ASN A 774 18.67 -55.82 63.70
N ALA A 775 17.89 -56.65 64.39
CA ALA A 775 17.33 -57.84 63.78
C ALA A 775 16.22 -58.37 64.66
N LEU A 776 15.03 -58.56 64.09
CA LEU A 776 13.88 -59.06 64.83
C LEU A 776 13.12 -60.07 63.99
N THR A 777 12.40 -60.95 64.68
CA THR A 777 11.54 -61.94 64.05
C THR A 777 10.23 -62.01 64.82
N ILE A 778 9.11 -61.91 64.11
CA ILE A 778 7.79 -61.90 64.74
C ILE A 778 6.94 -62.98 64.08
N SER A 779 6.36 -63.84 64.89
CA SER A 779 5.50 -64.91 64.40
C SER A 779 4.03 -64.53 64.53
N MET B 9 9.85 2.33 -19.10
CA MET B 9 11.03 2.72 -19.85
C MET B 9 10.66 3.65 -21.01
N LYS B 10 9.40 3.58 -21.43
CA LYS B 10 8.94 4.43 -22.53
C LYS B 10 9.05 5.90 -22.13
N ILE B 11 9.49 6.73 -23.08
CA ILE B 11 9.71 8.15 -22.84
C ILE B 11 8.63 8.99 -23.53
N SER B 12 8.40 8.74 -24.82
CA SER B 12 7.46 9.52 -25.61
C SER B 12 6.22 8.69 -25.91
N ASP B 13 5.05 9.22 -25.58
CA ASP B 13 3.78 8.56 -25.86
C ASP B 13 3.22 9.09 -27.18
N GLY B 14 3.96 8.80 -28.25
CA GLY B 14 3.61 9.29 -29.57
C GLY B 14 4.58 10.33 -30.08
N ASN B 15 4.06 11.43 -30.62
CA ASN B 15 4.89 12.51 -31.14
C ASN B 15 4.55 13.88 -30.59
N TRP B 16 3.48 14.00 -29.81
CA TRP B 16 3.07 15.29 -29.26
C TRP B 16 3.07 15.34 -27.74
N LEU B 17 2.84 14.21 -27.07
CA LEU B 17 2.77 14.15 -25.61
C LEU B 17 3.73 13.08 -25.09
N ILE B 18 3.89 13.05 -23.77
CA ILE B 18 4.77 12.12 -23.09
C ILE B 18 4.01 11.46 -21.95
N GLN B 19 4.56 10.37 -21.44
CA GLN B 19 3.90 9.63 -20.38
C GLN B 19 3.83 10.46 -19.11
N PRO B 20 2.79 10.27 -18.29
CA PRO B 20 2.67 11.06 -17.07
C PRO B 20 3.81 10.76 -16.10
N GLY B 21 4.14 11.76 -15.28
CA GLY B 21 5.14 11.59 -14.25
C GLY B 21 6.55 11.40 -14.77
N LEU B 22 6.93 12.12 -15.83
CA LEU B 22 8.26 12.02 -16.41
C LEU B 22 8.73 13.44 -16.72
N ASN B 23 9.55 14.01 -15.85
CA ASN B 23 10.09 15.34 -16.06
C ASN B 23 11.25 15.27 -17.05
N LEU B 24 11.20 16.10 -18.09
CA LEU B 24 12.20 16.10 -19.15
C LEU B 24 12.96 17.42 -19.13
N ILE B 25 14.29 17.33 -19.12
CA ILE B 25 15.16 18.51 -19.18
C ILE B 25 16.10 18.29 -20.36
N GLN B 26 15.98 19.13 -21.38
CA GLN B 26 16.74 18.95 -22.61
C GLN B 26 17.52 20.22 -22.95
N PRO B 27 18.71 20.08 -23.53
CA PRO B 27 19.45 21.27 -23.98
C PRO B 27 18.78 21.90 -25.19
N VAL B 28 18.72 23.23 -25.19
CA VAL B 28 18.06 23.97 -26.26
C VAL B 28 19.00 25.01 -26.85
N GLN B 29 19.99 25.43 -26.06
CA GLN B 29 20.90 26.49 -26.49
C GLN B 29 22.29 26.23 -25.94
N VAL B 30 23.28 26.77 -26.64
CA VAL B 30 24.68 26.67 -26.23
C VAL B 30 25.05 27.94 -25.48
N TYR B 31 25.52 27.80 -24.25
CA TYR B 31 25.91 28.94 -23.42
C TYR B 31 27.39 29.25 -23.51
N GLU B 32 28.26 28.26 -23.28
CA GLU B 32 29.69 28.54 -23.26
C GLU B 32 30.47 27.36 -23.84
N VAL B 33 31.65 27.68 -24.37
CA VAL B 33 32.57 26.70 -24.93
C VAL B 33 33.96 26.99 -24.41
N GLU B 34 34.68 25.93 -24.01
CA GLU B 34 36.03 26.05 -23.47
C GLU B 34 36.91 24.96 -24.06
N GLN B 35 38.22 25.24 -24.11
CA GLN B 35 39.22 24.31 -24.61
C GLN B 35 40.15 23.96 -23.46
N GLN B 36 40.15 22.69 -23.06
CA GLN B 36 41.01 22.20 -21.99
C GLN B 36 42.02 21.24 -22.62
N GLY B 37 43.19 21.76 -22.94
CA GLY B 37 44.22 20.94 -23.58
C GLY B 37 43.78 20.40 -24.91
N ASN B 38 43.57 19.09 -24.99
CA ASN B 38 43.12 18.43 -26.21
C ASN B 38 41.64 18.08 -26.18
N GLU B 39 40.89 18.60 -25.21
CA GLU B 39 39.48 18.31 -25.05
C GLU B 39 38.66 19.59 -25.17
N MET B 40 37.40 19.43 -25.55
CA MET B 40 36.47 20.54 -25.67
C MET B 40 35.33 20.36 -24.69
N VAL B 41 34.92 21.45 -24.05
CA VAL B 41 33.85 21.44 -23.07
C VAL B 41 32.77 22.41 -23.52
N VAL B 42 31.52 21.98 -23.48
CA VAL B 42 30.38 22.80 -23.86
C VAL B 42 29.40 22.81 -22.71
N TYR B 43 29.07 24.00 -22.22
CA TYR B 43 28.07 24.19 -21.18
C TYR B 43 26.81 24.74 -21.83
N ALA B 44 25.72 23.99 -21.71
CA ALA B 44 24.47 24.32 -22.38
C ALA B 44 23.34 24.40 -21.36
N ALA B 45 22.29 25.12 -21.73
CA ALA B 45 21.13 25.33 -20.88
C ALA B 45 19.86 25.00 -21.63
N PRO B 46 18.77 24.68 -20.92
CA PRO B 46 17.52 24.33 -21.61
C PRO B 46 16.71 25.51 -22.12
N ARG B 47 17.13 26.74 -21.82
CA ARG B 47 16.35 27.91 -22.20
C ARG B 47 17.31 29.02 -22.64
N ASP B 48 16.74 30.06 -23.22
CA ASP B 48 17.54 31.22 -23.62
C ASP B 48 18.21 31.83 -22.40
N VAL B 49 19.51 32.07 -22.51
CA VAL B 49 20.30 32.62 -21.40
C VAL B 49 21.13 33.80 -21.87
N ARG B 50 20.83 34.31 -23.07
CA ARG B 50 21.55 35.49 -23.56
C ARG B 50 21.34 36.69 -22.66
N GLU B 51 20.17 36.78 -22.03
CA GLU B 51 19.89 37.88 -21.11
C GLU B 51 20.30 37.52 -19.69
N ARG B 52 20.66 38.53 -18.92
CA ARG B 52 21.14 38.33 -17.56
C ARG B 52 20.06 37.84 -16.62
N ALA B 53 18.78 38.05 -16.96
CA ALA B 53 17.70 37.69 -16.05
C ALA B 53 17.56 36.18 -15.90
N TRP B 54 17.80 35.43 -16.98
CA TRP B 54 17.60 33.99 -16.98
C TRP B 54 18.88 33.21 -16.73
N GLN B 55 19.97 33.88 -16.33
CA GLN B 55 21.23 33.21 -16.04
C GLN B 55 21.27 32.73 -14.59
N LEU B 56 20.25 32.00 -14.17
CA LEU B 56 20.17 31.47 -12.82
C LEU B 56 18.91 30.62 -12.71
N ASP B 57 18.88 29.79 -11.66
CA ASP B 57 17.72 28.96 -11.35
C ASP B 57 17.38 28.00 -12.50
N THR B 58 18.39 27.55 -13.23
CA THR B 58 18.21 26.62 -14.32
C THR B 58 19.33 25.60 -14.31
N PRO B 59 19.10 24.39 -14.83
CA PRO B 59 20.18 23.40 -14.92
C PRO B 59 21.21 23.76 -15.97
N LEU B 60 22.22 22.91 -16.14
CA LEU B 60 23.27 23.18 -17.11
C LEU B 60 23.93 21.85 -17.47
N PHE B 61 23.75 21.41 -18.71
CA PHE B 61 24.38 20.17 -19.17
C PHE B 61 25.81 20.45 -19.60
N THR B 62 26.71 19.53 -19.25
CA THR B 62 28.13 19.64 -19.60
C THR B 62 28.48 18.53 -20.58
N LEU B 63 28.96 18.91 -21.76
CA LEU B 63 29.33 17.95 -22.80
C LEU B 63 30.84 18.05 -23.03
N ARG B 64 31.53 16.93 -22.87
CA ARG B 64 32.97 16.86 -23.06
C ARG B 64 33.25 16.02 -24.30
N PHE B 65 33.99 16.60 -25.25
CA PHE B 65 34.37 15.94 -26.48
C PHE B 65 35.88 15.73 -26.47
N PHE B 66 36.30 14.48 -26.69
CA PHE B 66 37.72 14.14 -26.70
C PHE B 66 37.97 13.08 -27.77
N SER B 67 39.24 12.76 -27.99
CA SER B 67 39.65 11.81 -29.02
C SER B 67 40.64 10.82 -28.41
N PRO B 68 40.14 9.74 -27.81
CA PRO B 68 41.07 8.74 -27.24
C PRO B 68 41.95 8.07 -28.28
N GLN B 69 41.52 8.02 -29.53
CA GLN B 69 42.29 7.38 -30.59
C GLN B 69 41.97 8.07 -31.91
N GLU B 70 42.88 7.95 -32.86
CA GLU B 70 42.67 8.54 -34.18
C GLU B 70 41.44 7.91 -34.83
N GLY B 71 40.57 8.76 -35.36
CA GLY B 71 39.36 8.30 -36.01
C GLY B 71 38.22 7.97 -35.07
N ILE B 72 38.40 8.17 -33.77
CA ILE B 72 37.37 7.87 -32.77
C ILE B 72 37.13 9.13 -31.95
N ILE B 73 35.86 9.47 -31.73
CA ILE B 73 35.47 10.64 -30.96
C ILE B 73 34.59 10.20 -29.81
N GLY B 74 34.96 10.59 -28.59
CA GLY B 74 34.22 10.25 -27.40
C GLY B 74 33.49 11.46 -26.84
N VAL B 75 32.22 11.25 -26.51
CA VAL B 75 31.33 12.29 -26.01
C VAL B 75 30.84 11.86 -24.63
N ARG B 76 30.94 12.76 -23.66
CA ARG B 76 30.52 12.52 -22.28
C ARG B 76 29.57 13.64 -21.87
N MET B 77 28.30 13.30 -21.67
CA MET B 77 27.28 14.25 -21.27
C MET B 77 26.96 14.04 -19.79
N GLU B 78 27.00 15.12 -19.01
CA GLU B 78 26.86 15.05 -17.57
C GLU B 78 25.91 16.13 -17.08
N HIS B 79 25.22 15.80 -15.99
CA HIS B 79 24.33 16.71 -15.27
C HIS B 79 24.84 17.00 -13.86
N PHE B 80 25.09 15.97 -13.07
CA PHE B 80 25.63 16.09 -11.73
C PHE B 80 26.97 15.35 -11.66
N GLN B 81 27.99 16.02 -11.14
CA GLN B 81 29.31 15.42 -10.96
C GLN B 81 29.52 14.87 -9.55
N GLY B 82 28.53 14.99 -8.67
CA GLY B 82 28.66 14.50 -7.31
C GLY B 82 28.38 13.03 -7.12
N ALA B 83 27.96 12.33 -8.17
CA ALA B 83 27.66 10.91 -8.05
C ALA B 83 28.95 10.10 -7.93
N LEU B 84 28.80 8.85 -7.49
CA LEU B 84 29.93 7.96 -7.32
C LEU B 84 30.14 7.11 -8.57
N ASP B 85 31.40 6.94 -8.95
CA ASP B 85 31.79 6.11 -10.09
C ASP B 85 32.74 5.04 -9.58
N ASN B 86 32.21 3.86 -9.31
CA ASN B 86 32.98 2.76 -8.74
C ASN B 86 33.46 1.81 -9.83
N SER B 87 34.36 0.91 -9.44
CA SER B 87 34.88 -0.09 -10.35
C SER B 87 33.80 -1.11 -10.68
N PRO B 88 33.94 -1.85 -11.79
CA PRO B 88 35.03 -1.82 -12.78
C PRO B 88 34.72 -0.92 -13.99
N HIS B 89 35.65 -0.87 -14.94
CA HIS B 89 35.45 -0.13 -16.18
C HIS B 89 35.96 -0.98 -17.34
N TYR B 90 35.42 -0.71 -18.52
CA TYR B 90 35.80 -1.48 -19.69
C TYR B 90 37.28 -1.29 -19.97
N PRO B 91 38.01 -2.35 -20.37
CA PRO B 91 39.45 -2.21 -20.66
C PRO B 91 39.72 -1.55 -22.01
N LEU B 92 39.68 -0.23 -22.02
CA LEU B 92 39.88 0.57 -23.23
C LEU B 92 41.30 1.10 -23.27
N ASN B 93 41.96 0.93 -24.42
CA ASN B 93 43.31 1.45 -24.63
C ASN B 93 43.21 2.89 -25.11
N VAL B 94 43.78 3.81 -24.34
CA VAL B 94 43.71 5.24 -24.62
C VAL B 94 45.13 5.76 -24.83
N GLN B 95 45.31 6.53 -25.91
CA GLN B 95 46.60 7.12 -26.24
C GLN B 95 46.54 8.62 -25.98
N LYS B 96 47.56 9.14 -25.29
CA LYS B 96 47.65 10.55 -24.95
C LYS B 96 48.53 11.33 -25.91
N ASP B 97 48.94 10.72 -27.02
CA ASP B 97 49.80 11.35 -28.01
C ASP B 97 49.10 11.43 -29.36
N VAL B 98 47.83 11.83 -29.36
CA VAL B 98 47.01 11.91 -30.56
C VAL B 98 46.93 13.36 -31.00
N HIS B 99 47.17 13.62 -32.28
CA HIS B 99 47.09 14.96 -32.83
C HIS B 99 45.63 15.30 -33.13
N VAL B 100 45.15 16.40 -32.53
CA VAL B 100 43.77 16.82 -32.69
C VAL B 100 43.75 18.32 -33.00
N GLU B 101 42.66 18.76 -33.62
CA GLU B 101 42.48 20.16 -34.00
C GLU B 101 41.17 20.67 -33.43
N ILE B 102 41.19 21.92 -32.95
CA ILE B 102 40.01 22.57 -32.39
C ILE B 102 39.85 23.93 -33.06
N GLU B 103 38.63 24.23 -33.50
CA GLU B 103 38.29 25.51 -34.11
C GLU B 103 37.10 26.08 -33.38
N ASN B 104 37.31 27.20 -32.67
CA ASN B 104 36.27 27.84 -31.86
C ASN B 104 36.06 29.25 -32.41
N THR B 105 35.15 29.36 -33.38
CA THR B 105 34.77 30.65 -33.95
C THR B 105 33.41 31.08 -33.39
N ALA B 106 33.03 32.30 -33.72
CA ALA B 106 31.80 32.88 -33.18
C ALA B 106 30.54 32.20 -33.70
N GLU B 107 30.65 31.36 -34.73
CA GLU B 107 29.49 30.71 -35.34
C GLU B 107 29.32 29.26 -34.92
N PHE B 108 30.41 28.50 -34.80
CA PHE B 108 30.32 27.09 -34.48
C PHE B 108 31.61 26.63 -33.82
N ALA B 109 31.53 25.46 -33.20
CA ALA B 109 32.68 24.82 -32.56
C ALA B 109 32.95 23.48 -33.25
N GLU B 110 34.18 23.28 -33.69
CA GLU B 110 34.56 22.08 -34.43
C GLU B 110 35.74 21.40 -33.75
N LEU B 111 35.62 20.09 -33.55
CA LEU B 111 36.70 19.25 -33.04
C LEU B 111 37.02 18.20 -34.10
N LYS B 112 38.19 18.28 -34.70
CA LYS B 112 38.59 17.44 -35.81
C LYS B 112 39.71 16.50 -35.39
N SER B 113 39.51 15.20 -35.59
CA SER B 113 40.54 14.20 -35.38
C SER B 113 40.62 13.33 -36.62
N GLY B 114 41.81 13.21 -37.20
CA GLY B 114 41.96 12.43 -38.40
C GLY B 114 41.04 12.96 -39.49
N SER B 115 40.28 12.04 -40.10
CA SER B 115 39.32 12.40 -41.12
C SER B 115 37.93 12.69 -40.57
N LEU B 116 37.71 12.52 -39.28
CA LEU B 116 36.42 12.74 -38.65
C LEU B 116 36.40 14.08 -37.94
N SER B 117 35.20 14.64 -37.78
CA SER B 117 35.04 15.87 -37.04
C SER B 117 33.66 15.93 -36.42
N VAL B 118 33.55 16.71 -35.36
CA VAL B 118 32.28 16.96 -34.66
C VAL B 118 32.04 18.46 -34.66
N ARG B 119 30.84 18.87 -35.09
CA ARG B 119 30.48 20.27 -35.21
C ARG B 119 29.25 20.56 -34.35
N VAL B 120 29.32 21.65 -33.60
CA VAL B 120 28.21 22.13 -32.78
C VAL B 120 27.91 23.56 -33.20
N THR B 121 26.64 23.84 -33.49
CA THR B 121 26.22 25.15 -33.95
C THR B 121 25.73 25.98 -32.78
N LYS B 122 26.26 27.20 -32.66
CA LYS B 122 25.86 28.11 -31.59
C LYS B 122 24.68 28.97 -32.03
N GLY B 123 24.12 29.70 -31.08
CA GLY B 123 22.99 30.57 -31.35
C GLY B 123 21.68 30.01 -30.83
N GLU B 124 20.57 30.41 -31.45
CA GLU B 124 19.26 29.94 -31.00
C GLU B 124 19.01 28.49 -31.38
N PHE B 125 19.61 28.02 -32.46
CA PHE B 125 19.40 26.67 -32.98
C PHE B 125 20.51 25.76 -32.46
N TRP B 126 20.14 24.76 -31.68
CA TRP B 126 21.09 23.77 -31.17
C TRP B 126 21.09 22.56 -32.08
N ALA B 127 22.29 22.13 -32.49
CA ALA B 127 22.42 20.99 -33.38
C ALA B 127 23.82 20.42 -33.25
N LEU B 128 23.92 19.09 -33.33
CA LEU B 128 25.19 18.38 -33.26
C LEU B 128 25.34 17.53 -34.51
N ASP B 129 26.49 17.62 -35.18
CA ASP B 129 26.72 16.90 -36.42
C ASP B 129 28.07 16.21 -36.39
N PHE B 130 28.15 15.05 -37.05
CA PHE B 130 29.40 14.34 -37.26
C PHE B 130 29.71 14.36 -38.75
N LEU B 131 30.90 14.86 -39.09
CA LEU B 131 31.29 15.08 -40.48
C LEU B 131 32.49 14.21 -40.83
N ARG B 132 32.39 13.49 -41.94
CA ARG B 132 33.49 12.70 -42.48
C ARG B 132 34.06 13.47 -43.66
N ASP B 133 35.05 14.32 -43.38
CA ASP B 133 35.69 15.17 -44.39
C ASP B 133 34.77 16.31 -44.84
N GLY B 134 33.88 16.76 -43.96
CA GLY B 134 33.04 17.91 -44.22
C GLY B 134 31.62 17.59 -44.64
N VAL B 135 31.24 16.32 -44.70
CA VAL B 135 29.90 15.91 -45.09
C VAL B 135 29.26 15.18 -43.92
N ARG B 136 28.05 15.60 -43.54
CA ARG B 136 27.36 14.98 -42.42
C ARG B 136 27.00 13.54 -42.72
N ILE B 137 27.14 12.69 -41.71
CA ILE B 137 26.76 11.29 -41.82
C ILE B 137 25.69 10.98 -40.76
N THR B 138 25.70 11.73 -39.66
CA THR B 138 24.74 11.54 -38.58
C THR B 138 24.90 12.68 -37.59
N GLY B 139 24.09 12.65 -36.54
CA GLY B 139 24.16 13.67 -35.52
C GLY B 139 22.89 13.66 -34.66
N SER B 140 22.81 14.67 -33.81
CA SER B 140 21.68 14.85 -32.91
C SER B 140 21.00 16.18 -33.22
N GLN B 141 19.68 16.14 -33.36
CA GLN B 141 18.88 17.31 -33.66
C GLN B 141 18.45 17.98 -32.36
N LEU B 142 17.53 18.94 -32.46
CA LEU B 142 17.05 19.67 -31.30
C LEU B 142 16.12 18.81 -30.46
N LYS B 143 16.22 18.97 -29.14
CA LYS B 143 15.34 18.28 -28.19
C LYS B 143 15.36 16.76 -28.41
N ASN B 144 16.58 16.21 -28.52
CA ASN B 144 16.77 14.78 -28.66
C ASN B 144 17.87 14.25 -27.74
N ASN B 145 18.36 15.06 -26.82
CA ASN B 145 19.42 14.70 -25.88
C ASN B 145 18.98 14.95 -24.45
N GLY B 146 17.77 14.50 -24.12
CA GLY B 146 17.15 14.88 -22.86
C GLY B 146 17.60 14.05 -21.67
N TYR B 147 17.18 14.52 -20.50
CA TYR B 147 17.40 13.85 -19.22
C TYR B 147 16.04 13.69 -18.56
N VAL B 148 15.77 12.48 -18.07
CA VAL B 148 14.43 12.09 -17.62
C VAL B 148 14.47 11.82 -16.12
N GLN B 149 13.54 12.40 -15.40
CA GLN B 149 13.32 12.14 -13.98
C GLN B 149 11.96 11.46 -13.82
N ASP B 150 11.96 10.27 -13.21
CA ASP B 150 10.74 9.50 -12.99
C ASP B 150 10.39 9.57 -11.51
N SER B 151 9.25 10.18 -11.21
CA SER B 151 8.82 10.32 -9.82
C SER B 151 8.26 9.02 -9.26
N LYS B 152 7.66 8.18 -10.10
CA LYS B 152 7.08 6.92 -9.63
C LYS B 152 8.14 6.07 -8.93
N THR B 153 9.26 5.84 -9.62
CA THR B 153 10.38 5.09 -9.06
C THR B 153 11.46 5.99 -8.49
N GLN B 154 11.28 7.30 -8.55
CA GLN B 154 12.30 8.24 -8.07
C GLN B 154 13.65 7.96 -8.71
N ARG B 155 13.63 7.69 -10.01
CA ARG B 155 14.82 7.31 -10.76
C ARG B 155 15.19 8.40 -11.76
N ASN B 156 16.39 8.26 -12.31
CA ASN B 156 16.92 9.20 -13.30
C ASN B 156 17.51 8.42 -14.47
N TYR B 157 17.26 8.91 -15.68
CA TYR B 157 17.73 8.27 -16.90
C TYR B 157 18.30 9.31 -17.84
N MET B 158 19.30 8.88 -18.62
CA MET B 158 19.91 9.69 -19.66
C MET B 158 19.79 8.94 -20.98
N PHE B 159 19.18 9.60 -21.97
CA PHE B 159 18.94 8.98 -23.27
C PHE B 159 19.50 9.87 -24.38
N GLU B 160 19.94 9.23 -25.46
CA GLU B 160 20.49 9.94 -26.61
C GLU B 160 19.96 9.31 -27.89
N ARG B 161 19.66 10.16 -28.86
CA ARG B 161 19.13 9.74 -30.15
C ARG B 161 20.07 10.17 -31.26
N LEU B 162 20.30 9.28 -32.22
CA LEU B 162 21.16 9.54 -33.37
C LEU B 162 20.35 9.37 -34.64
N ASP B 163 20.50 10.31 -35.56
CA ASP B 163 19.69 10.31 -36.77
C ASP B 163 20.09 9.17 -37.70
N LEU B 164 19.13 8.75 -38.54
CA LEU B 164 19.34 7.73 -39.55
C LEU B 164 18.83 8.26 -40.88
N GLY B 165 19.63 8.10 -41.93
CA GLY B 165 19.24 8.48 -43.27
C GLY B 165 18.44 7.40 -43.95
N VAL B 166 18.30 7.53 -45.27
CA VAL B 166 17.57 6.56 -46.06
C VAL B 166 18.48 5.39 -46.39
N GLY B 167 17.98 4.18 -46.20
CA GLY B 167 18.74 2.98 -46.48
C GLY B 167 19.66 2.51 -45.38
N GLU B 168 19.66 3.18 -44.22
CA GLU B 168 20.53 2.77 -43.13
C GLU B 168 20.12 1.40 -42.61
N THR B 169 21.12 0.58 -42.30
CA THR B 169 20.91 -0.74 -41.72
C THR B 169 21.85 -0.91 -40.54
N VAL B 170 21.33 -1.43 -39.44
CA VAL B 170 22.08 -1.56 -38.18
C VAL B 170 22.42 -3.03 -37.98
N TYR B 171 23.67 -3.30 -37.60
CA TYR B 171 24.13 -4.65 -37.36
C TYR B 171 24.95 -4.70 -36.09
N GLY B 172 25.04 -5.90 -35.52
CA GLY B 172 25.86 -6.13 -34.35
C GLY B 172 25.06 -6.36 -33.08
N LEU B 173 25.42 -5.66 -32.01
CA LEU B 173 24.75 -5.77 -30.71
C LEU B 173 24.90 -7.17 -30.12
N GLY B 174 25.97 -7.86 -30.46
CA GLY B 174 26.26 -9.14 -29.84
C GLY B 174 25.61 -10.32 -30.53
N GLU B 175 25.58 -11.43 -29.81
CA GLU B 175 25.03 -12.69 -30.31
C GLU B 175 23.51 -12.61 -30.21
N ARG B 176 22.85 -12.30 -31.33
CA ARG B 176 21.40 -12.29 -31.41
C ARG B 176 20.96 -13.25 -32.49
N PHE B 177 19.96 -14.08 -32.17
CA PHE B 177 19.42 -15.05 -33.11
C PHE B 177 18.18 -14.54 -33.83
N THR B 178 17.85 -13.26 -33.67
CA THR B 178 16.74 -12.65 -34.38
C THR B 178 17.18 -12.31 -35.80
N ALA B 179 16.38 -11.52 -36.50
CA ALA B 179 16.74 -11.12 -37.86
C ALA B 179 18.06 -10.38 -37.85
N LEU B 180 18.85 -10.59 -38.92
CA LEU B 180 20.17 -9.98 -38.98
C LEU B 180 20.10 -8.46 -38.89
N VAL B 181 19.14 -7.86 -39.59
CA VAL B 181 18.95 -6.42 -39.52
C VAL B 181 18.23 -6.09 -38.22
N ARG B 182 18.80 -5.17 -37.46
CA ARG B 182 18.29 -4.81 -36.14
C ARG B 182 17.18 -3.77 -36.19
N ASN B 183 16.82 -3.29 -37.38
CA ASN B 183 15.74 -2.32 -37.49
C ASN B 183 14.43 -2.91 -36.96
N GLY B 184 13.75 -2.15 -36.11
CA GLY B 184 12.49 -2.60 -35.54
C GLY B 184 12.60 -3.43 -34.29
N GLN B 185 13.79 -3.53 -33.69
CA GLN B 185 14.02 -4.37 -32.53
C GLN B 185 14.37 -3.51 -31.32
N THR B 186 13.72 -3.80 -30.19
CA THR B 186 14.01 -3.12 -28.93
C THR B 186 14.98 -3.96 -28.09
N VAL B 187 16.20 -4.11 -28.63
CA VAL B 187 17.20 -4.94 -27.98
C VAL B 187 17.62 -4.30 -26.65
N GLU B 188 17.99 -5.16 -25.70
CA GLU B 188 18.50 -4.75 -24.40
C GLU B 188 19.73 -5.57 -24.05
N THR B 189 20.74 -4.91 -23.49
CA THR B 189 22.00 -5.56 -23.16
C THR B 189 21.95 -6.05 -21.71
N TRP B 190 21.71 -7.35 -21.54
CA TRP B 190 21.70 -7.95 -20.21
C TRP B 190 21.93 -9.45 -20.39
N ASN B 191 23.08 -9.94 -19.95
CA ASN B 191 23.40 -11.35 -20.11
C ASN B 191 22.36 -12.20 -19.38
N GLU B 192 21.88 -13.23 -20.07
CA GLU B 192 20.88 -14.13 -19.52
C GLU B 192 20.97 -15.47 -20.23
N ASP B 193 20.72 -16.55 -19.49
CA ASP B 193 20.76 -17.90 -20.04
C ASP B 193 19.34 -18.32 -20.37
N GLY B 194 18.87 -17.92 -21.56
CA GLY B 194 17.52 -18.22 -21.98
C GLY B 194 17.46 -18.99 -23.29
N GLY B 195 18.51 -19.75 -23.58
CA GLY B 195 18.55 -20.52 -24.80
C GLY B 195 18.87 -19.68 -26.00
N THR B 196 18.66 -20.28 -27.18
CA THR B 196 18.90 -19.61 -28.45
C THR B 196 17.62 -19.19 -29.16
N SER B 197 16.52 -19.91 -28.97
CA SER B 197 15.26 -19.52 -29.60
C SER B 197 14.79 -18.17 -29.10
N THR B 198 14.90 -17.92 -27.80
CA THR B 198 14.43 -16.67 -27.23
C THR B 198 15.38 -15.53 -27.61
N GLU B 199 14.84 -14.31 -27.55
CA GLU B 199 15.64 -13.13 -27.87
C GLU B 199 16.78 -12.93 -26.90
N GLN B 200 16.73 -13.54 -25.72
CA GLN B 200 17.80 -13.39 -24.75
C GLN B 200 19.10 -13.95 -25.32
N SER B 201 20.20 -13.29 -24.97
CA SER B 201 21.52 -13.63 -25.50
C SER B 201 22.48 -13.94 -24.35
N TYR B 202 23.29 -14.97 -24.56
CA TYR B 202 24.31 -15.32 -23.56
C TYR B 202 25.34 -14.21 -23.41
N LYS B 203 25.77 -13.63 -24.53
CA LYS B 203 26.80 -12.60 -24.54
C LYS B 203 26.23 -11.32 -25.14
N ASN B 204 26.35 -10.22 -24.42
CA ASN B 204 25.84 -8.93 -24.86
C ASN B 204 26.96 -7.90 -24.77
N ILE B 205 27.12 -7.11 -25.84
CA ILE B 205 28.14 -6.06 -25.88
C ILE B 205 27.52 -4.84 -26.55
N PRO B 206 27.43 -3.68 -25.88
CA PRO B 206 26.78 -2.53 -26.51
C PRO B 206 27.65 -1.89 -27.58
N PHE B 207 27.33 -2.19 -28.84
CA PHE B 207 28.04 -1.61 -29.98
C PHE B 207 27.27 -1.99 -31.23
N TYR B 208 27.10 -1.01 -32.13
CA TYR B 208 26.40 -1.27 -33.39
C TYR B 208 27.15 -0.63 -34.54
N LEU B 209 26.90 -1.17 -35.74
CA LEU B 209 27.57 -0.73 -36.96
C LEU B 209 26.52 -0.44 -38.02
N THR B 210 26.89 0.44 -38.95
CA THR B 210 26.00 0.86 -40.02
C THR B 210 26.70 0.67 -41.36
N ASN B 211 25.90 0.43 -42.40
CA ASN B 211 26.45 0.17 -43.73
C ASN B 211 27.17 1.38 -44.31
N ARG B 212 26.95 2.58 -43.75
CA ARG B 212 27.57 3.78 -44.29
C ARG B 212 29.03 3.94 -43.86
N GLY B 213 29.52 3.11 -42.95
CA GLY B 213 30.90 3.13 -42.55
C GLY B 213 31.19 3.73 -41.18
N TYR B 214 30.17 3.96 -40.36
CA TYR B 214 30.36 4.52 -39.03
C TYR B 214 29.75 3.59 -37.99
N GLY B 215 30.41 3.48 -36.85
CA GLY B 215 29.95 2.63 -35.78
C GLY B 215 29.89 3.38 -34.46
N VAL B 216 29.05 2.87 -33.57
CA VAL B 216 28.79 3.52 -32.29
C VAL B 216 29.02 2.50 -31.17
N LEU B 217 29.66 2.95 -30.09
CA LEU B 217 29.92 2.14 -28.92
C LEU B 217 29.45 2.91 -27.68
N VAL B 218 28.91 2.18 -26.72
CA VAL B 218 28.45 2.75 -25.45
C VAL B 218 29.31 2.18 -24.34
N ASN B 219 29.97 3.06 -23.59
CA ASN B 219 30.84 2.64 -22.48
C ASN B 219 30.03 2.64 -21.19
N HIS B 220 29.26 1.58 -21.01
CA HIS B 220 28.42 1.40 -19.82
C HIS B 220 28.22 -0.08 -19.59
N PRO B 221 29.04 -0.71 -18.73
CA PRO B 221 28.84 -2.13 -18.45
C PRO B 221 27.47 -2.46 -17.90
N GLN B 222 26.82 -1.53 -17.21
CA GLN B 222 25.50 -1.76 -16.67
C GLN B 222 24.49 -1.91 -17.79
N ARG B 223 23.23 -2.18 -17.42
CA ARG B 223 22.19 -2.39 -18.41
C ARG B 223 22.02 -1.15 -19.28
N VAL B 224 21.90 -1.36 -20.59
CA VAL B 224 21.69 -0.31 -21.56
C VAL B 224 20.46 -0.65 -22.38
N SER B 225 19.55 0.30 -22.49
CA SER B 225 18.30 0.10 -23.23
C SER B 225 18.47 0.67 -24.64
N PHE B 226 18.29 -0.19 -25.64
CA PHE B 226 18.44 0.19 -27.04
C PHE B 226 17.09 0.13 -27.75
N GLU B 227 16.86 1.08 -28.65
CA GLU B 227 15.66 1.14 -29.47
C GLU B 227 16.09 1.50 -30.88
N VAL B 228 16.03 0.52 -31.78
CA VAL B 228 16.35 0.69 -33.19
C VAL B 228 15.08 0.43 -33.98
N GLY B 229 14.65 1.44 -34.75
CA GLY B 229 13.42 1.33 -35.52
C GLY B 229 12.16 1.40 -34.69
N SER B 230 12.27 1.55 -33.37
CA SER B 230 11.12 1.72 -32.49
C SER B 230 10.65 3.16 -32.54
N GLU B 231 9.85 3.57 -31.56
CA GLU B 231 9.43 4.96 -31.44
C GLU B 231 10.58 5.89 -31.82
N LYS B 232 10.27 6.92 -32.60
CA LYS B 232 11.28 7.70 -33.32
C LYS B 232 12.02 6.80 -34.30
N VAL B 233 11.24 6.33 -35.28
CA VAL B 233 11.74 5.34 -36.24
C VAL B 233 12.97 5.86 -36.97
N SER B 234 12.96 7.13 -37.36
CA SER B 234 14.08 7.72 -38.11
C SER B 234 15.31 7.96 -37.23
N LYS B 235 15.33 7.48 -35.99
CA LYS B 235 16.46 7.67 -35.11
C LYS B 235 16.69 6.40 -34.30
N VAL B 236 17.92 6.25 -33.82
CA VAL B 236 18.32 5.16 -32.95
C VAL B 236 18.53 5.74 -31.56
N GLN B 237 17.85 5.17 -30.57
CA GLN B 237 17.86 5.68 -29.21
C GLN B 237 18.59 4.70 -28.30
N PHE B 238 19.42 5.25 -27.40
CA PHE B 238 20.00 4.44 -26.34
C PHE B 238 19.94 5.22 -25.04
N SER B 239 19.47 4.54 -23.99
CA SER B 239 19.27 5.16 -22.69
C SER B 239 19.89 4.30 -21.60
N VAL B 240 20.31 4.96 -20.52
CA VAL B 240 20.97 4.29 -19.41
C VAL B 240 20.60 5.00 -18.12
N GLU B 241 20.49 4.23 -17.04
CA GLU B 241 20.23 4.78 -15.72
C GLU B 241 21.50 5.41 -15.16
N GLY B 242 21.31 6.50 -14.41
CA GLY B 242 22.41 7.21 -13.80
C GLY B 242 22.36 8.70 -14.03
N GLU B 243 23.53 9.34 -14.10
CA GLU B 243 23.61 10.78 -14.31
C GLU B 243 24.55 11.19 -15.43
N TYR B 244 25.36 10.28 -15.97
CA TYR B 244 26.30 10.58 -17.03
C TYR B 244 26.17 9.55 -18.15
N LEU B 245 26.32 10.01 -19.39
CA LEU B 245 26.24 9.15 -20.55
C LEU B 245 27.49 9.36 -21.39
N GLU B 246 28.23 8.28 -21.64
CA GLU B 246 29.46 8.33 -22.42
C GLU B 246 29.33 7.39 -23.61
N TYR B 247 29.68 7.89 -24.80
CA TYR B 247 29.61 7.04 -25.99
C TYR B 247 30.66 7.50 -27.00
N PHE B 248 31.14 6.55 -27.79
CA PHE B 248 32.19 6.78 -28.77
C PHE B 248 31.68 6.49 -30.17
N VAL B 249 32.16 7.28 -31.13
CA VAL B 249 31.81 7.14 -32.54
C VAL B 249 33.09 6.88 -33.31
N ILE B 250 33.08 5.85 -34.16
CA ILE B 250 34.24 5.46 -34.96
C ILE B 250 33.87 5.59 -36.42
N ASP B 251 34.73 6.26 -37.20
CA ASP B 251 34.51 6.47 -38.62
C ASP B 251 35.21 5.37 -39.42
N GLY B 252 35.19 5.53 -40.74
CA GLY B 252 35.82 4.59 -41.63
C GLY B 252 35.10 4.51 -42.96
N PRO B 253 35.85 4.51 -44.07
CA PRO B 253 35.19 4.40 -45.38
C PRO B 253 34.35 3.14 -45.53
N THR B 254 34.77 2.03 -44.95
CA THR B 254 34.09 0.75 -45.06
C THR B 254 33.94 0.13 -43.68
N PRO B 255 32.99 -0.79 -43.52
CA PRO B 255 32.83 -1.45 -42.21
C PRO B 255 34.08 -2.17 -41.75
N LYS B 256 34.90 -2.66 -42.69
CA LYS B 256 36.12 -3.36 -42.30
C LYS B 256 37.07 -2.43 -41.54
N ALA B 257 37.21 -1.19 -41.99
CA ALA B 257 38.05 -0.24 -41.26
C ALA B 257 37.48 0.06 -39.88
N VAL B 258 36.15 0.15 -39.77
CA VAL B 258 35.52 0.37 -38.47
C VAL B 258 35.84 -0.79 -37.53
N LEU B 259 35.73 -2.02 -38.04
CA LEU B 259 36.06 -3.19 -37.21
C LEU B 259 37.53 -3.18 -36.82
N ASN B 260 38.42 -2.79 -37.74
CA ASN B 260 39.84 -2.71 -37.41
C ASN B 260 40.07 -1.71 -36.29
N ARG B 261 39.46 -0.53 -36.39
CA ARG B 261 39.62 0.47 -35.34
C ARG B 261 39.07 -0.01 -34.01
N TYR B 262 37.90 -0.66 -34.04
CA TYR B 262 37.32 -1.17 -32.81
C TYR B 262 38.20 -2.23 -32.16
N THR B 263 38.75 -3.15 -32.97
CA THR B 263 39.61 -4.19 -32.45
C THR B 263 40.91 -3.60 -31.88
N GLN B 264 41.44 -2.56 -32.53
CA GLN B 264 42.61 -1.88 -31.98
C GLN B 264 42.27 -1.20 -30.67
N PHE B 265 41.05 -0.67 -30.55
CA PHE B 265 40.68 0.08 -29.36
C PHE B 265 40.43 -0.84 -28.16
N THR B 266 39.74 -1.97 -28.39
CA THR B 266 39.31 -2.82 -27.29
C THR B 266 40.18 -4.06 -27.10
N GLY B 267 41.05 -4.38 -28.06
CA GLY B 267 41.88 -5.56 -27.95
C GLY B 267 41.85 -6.44 -29.18
N ARG B 268 43.02 -6.76 -29.73
CA ARG B 268 43.10 -7.59 -30.93
C ARG B 268 42.81 -9.05 -30.59
N PRO B 269 42.02 -9.75 -31.41
CA PRO B 269 41.80 -11.18 -31.18
C PRO B 269 43.11 -11.96 -31.26
N ALA B 270 43.21 -12.99 -30.42
CA ALA B 270 44.38 -13.85 -30.41
C ALA B 270 44.34 -14.84 -31.59
N LEU B 271 45.45 -15.52 -31.80
CA LEU B 271 45.57 -16.48 -32.88
C LEU B 271 45.47 -17.89 -32.31
N PRO B 272 44.38 -18.62 -32.56
CA PRO B 272 44.29 -19.99 -32.03
C PRO B 272 45.33 -20.88 -32.67
N PRO B 273 45.74 -21.96 -31.99
CA PRO B 273 46.74 -22.86 -32.57
C PRO B 273 46.18 -23.61 -33.78
N ALA B 274 47.11 -24.10 -34.61
CA ALA B 274 46.72 -24.78 -35.84
C ALA B 274 45.90 -26.04 -35.54
N TRP B 275 46.31 -26.81 -34.54
CA TRP B 275 45.61 -28.06 -34.23
C TRP B 275 44.19 -27.81 -33.75
N SER B 276 43.89 -26.61 -33.24
CA SER B 276 42.53 -26.31 -32.80
C SER B 276 41.56 -26.29 -33.97
N PHE B 277 42.04 -26.00 -35.17
CA PHE B 277 41.20 -25.98 -36.37
C PHE B 277 41.04 -27.40 -36.87
N GLY B 278 40.16 -28.14 -36.19
CA GLY B 278 39.90 -29.52 -36.54
C GLY B 278 38.57 -29.98 -36.02
N LEU B 279 38.29 -31.26 -36.23
CA LEU B 279 37.05 -31.86 -35.77
C LEU B 279 37.14 -32.16 -34.28
N TRP B 280 36.10 -31.78 -33.54
CA TRP B 280 36.00 -32.04 -32.11
C TRP B 280 34.84 -32.99 -31.85
N LEU B 281 35.03 -33.94 -30.95
CA LEU B 281 34.00 -34.89 -30.56
C LEU B 281 33.84 -34.85 -29.05
N THR B 282 32.61 -34.99 -28.58
CA THR B 282 32.32 -35.02 -27.15
C THR B 282 31.56 -36.30 -26.81
N THR B 283 31.50 -36.58 -25.50
CA THR B 283 30.80 -37.74 -24.98
C THR B 283 29.36 -37.42 -24.59
N SER B 284 28.75 -36.40 -25.22
CA SER B 284 27.39 -36.01 -24.91
C SER B 284 27.26 -35.60 -23.45
N PHE B 285 26.05 -35.20 -23.03
CA PHE B 285 25.83 -34.68 -21.69
C PHE B 285 25.21 -35.71 -20.75
N THR B 286 24.05 -36.26 -21.13
CA THR B 286 23.32 -37.19 -20.26
C THR B 286 23.65 -38.65 -20.54
N THR B 287 24.38 -38.94 -21.61
CA THR B 287 24.70 -40.32 -21.93
C THR B 287 25.64 -40.92 -20.90
N ASN B 288 25.56 -42.24 -20.75
CA ASN B 288 26.44 -42.98 -19.84
C ASN B 288 27.70 -43.37 -20.60
N TYR B 289 28.84 -42.81 -20.19
CA TYR B 289 30.11 -43.08 -20.84
C TYR B 289 31.18 -43.33 -19.79
N ASP B 290 32.20 -44.09 -20.19
CA ASP B 290 33.32 -44.40 -19.32
C ASP B 290 34.57 -44.58 -20.20
N GLU B 291 35.63 -45.14 -19.61
CA GLU B 291 36.84 -45.36 -20.38
C GLU B 291 36.59 -46.31 -21.55
N ALA B 292 35.85 -47.39 -21.31
CA ALA B 292 35.58 -48.35 -22.38
C ALA B 292 34.78 -47.71 -23.50
N THR B 293 33.81 -46.87 -23.16
CA THR B 293 33.01 -46.20 -24.19
C THR B 293 33.88 -45.29 -25.04
N VAL B 294 34.77 -44.52 -24.42
CA VAL B 294 35.64 -43.64 -25.18
C VAL B 294 36.57 -44.45 -26.07
N ASN B 295 37.13 -45.54 -25.55
CA ASN B 295 38.02 -46.37 -26.35
C ASN B 295 37.28 -46.96 -27.54
N SER B 296 36.05 -47.45 -27.32
CA SER B 296 35.29 -48.03 -28.41
C SER B 296 34.94 -46.98 -29.46
N PHE B 297 34.56 -45.78 -29.02
CA PHE B 297 34.25 -44.72 -29.97
C PHE B 297 35.48 -44.37 -30.81
N ILE B 298 36.64 -44.25 -30.17
CA ILE B 298 37.85 -43.91 -30.91
C ILE B 298 38.21 -45.02 -31.88
N ASP B 299 38.11 -46.28 -31.45
CA ASP B 299 38.43 -47.39 -32.34
C ASP B 299 37.48 -47.43 -33.53
N GLY B 300 36.19 -47.21 -33.30
CA GLY B 300 35.24 -47.21 -34.40
C GLY B 300 35.50 -46.06 -35.37
N MET B 301 35.83 -44.89 -34.83
CA MET B 301 36.15 -43.76 -35.70
C MET B 301 37.38 -44.05 -36.54
N ALA B 302 38.42 -44.64 -35.93
CA ALA B 302 39.62 -44.96 -36.67
C ALA B 302 39.36 -46.02 -37.74
N GLU B 303 38.53 -47.01 -37.42
CA GLU B 303 38.27 -48.09 -38.36
C GLU B 303 37.60 -47.57 -39.63
N ARG B 304 36.66 -46.63 -39.48
CA ARG B 304 35.93 -46.10 -40.62
C ARG B 304 36.71 -45.02 -41.37
N HIS B 305 38.02 -44.91 -41.14
CA HIS B 305 38.86 -43.93 -41.83
C HIS B 305 38.32 -42.52 -41.67
N LEU B 306 37.87 -42.20 -40.45
CA LEU B 306 37.38 -40.87 -40.12
C LEU B 306 38.40 -40.17 -39.23
N PRO B 307 39.18 -39.22 -39.74
CA PRO B 307 40.18 -38.58 -38.90
C PRO B 307 39.56 -37.84 -37.72
N LEU B 308 40.23 -37.90 -36.57
CA LEU B 308 39.82 -37.19 -35.38
C LEU B 308 41.05 -36.55 -34.75
N HIS B 309 40.87 -35.33 -34.23
CA HIS B 309 41.98 -34.55 -33.68
C HIS B 309 41.77 -34.14 -32.24
N VAL B 310 40.54 -33.84 -31.84
CA VAL B 310 40.25 -33.32 -30.50
C VAL B 310 39.14 -34.14 -29.88
N PHE B 311 39.28 -34.44 -28.59
CA PHE B 311 38.28 -35.13 -27.80
C PHE B 311 37.94 -34.30 -26.58
N HIS B 312 36.68 -34.38 -26.15
CA HIS B 312 36.16 -33.54 -25.07
C HIS B 312 35.40 -34.40 -24.07
N PHE B 313 35.55 -34.04 -22.79
CA PHE B 313 34.80 -34.66 -21.70
C PHE B 313 33.78 -33.66 -21.18
N ASP B 314 32.53 -34.09 -21.05
CA ASP B 314 31.45 -33.20 -20.67
C ASP B 314 31.36 -33.09 -19.15
N CYS B 315 30.26 -32.50 -18.65
CA CYS B 315 30.17 -32.17 -17.24
C CYS B 315 30.30 -33.39 -16.34
N PHE B 316 29.82 -34.54 -16.78
CA PHE B 316 29.73 -35.71 -15.91
C PHE B 316 31.06 -36.42 -15.71
N TRP B 317 32.18 -35.81 -16.11
CA TRP B 317 33.48 -36.37 -15.74
C TRP B 317 33.76 -36.20 -14.25
N MET B 318 33.02 -35.34 -13.57
CA MET B 318 33.07 -35.22 -12.12
C MET B 318 31.96 -36.06 -11.50
N LYS B 319 31.76 -35.95 -10.19
CA LYS B 319 30.69 -36.65 -9.51
C LYS B 319 29.41 -35.85 -9.57
N ALA B 320 28.28 -36.56 -9.53
CA ALA B 320 26.98 -35.91 -9.60
C ALA B 320 26.76 -35.01 -8.39
N PHE B 321 26.12 -33.86 -8.62
CA PHE B 321 25.83 -32.88 -7.58
C PHE B 321 27.11 -32.35 -6.94
N GLN B 322 28.25 -32.50 -7.62
CA GLN B 322 29.53 -32.10 -7.08
C GLN B 322 30.19 -30.95 -7.85
N TRP B 323 29.65 -30.59 -9.01
CA TRP B 323 30.33 -29.63 -9.87
C TRP B 323 30.32 -28.23 -9.23
N CYS B 324 31.45 -27.52 -9.28
CA CYS B 324 32.75 -27.96 -9.78
C CYS B 324 33.66 -28.31 -8.60
N ASP B 325 34.18 -29.54 -8.61
CA ASP B 325 35.05 -30.01 -7.54
C ASP B 325 36.44 -30.44 -8.03
N PHE B 326 36.63 -30.59 -9.33
CA PHE B 326 37.94 -30.85 -9.92
C PHE B 326 38.55 -32.14 -9.42
N GLU B 327 37.73 -33.17 -9.21
CA GLU B 327 38.20 -34.50 -8.86
C GLU B 327 37.49 -35.52 -9.74
N TRP B 328 38.26 -36.45 -10.30
CA TRP B 328 37.70 -37.47 -11.16
C TRP B 328 36.89 -38.47 -10.35
N ASP B 329 35.82 -38.97 -10.95
CA ASP B 329 34.97 -39.95 -10.28
C ASP B 329 35.70 -41.29 -10.24
N PRO B 330 35.97 -41.88 -9.06
CA PRO B 330 36.68 -43.16 -9.03
C PRO B 330 35.93 -44.29 -9.72
N LEU B 331 34.59 -44.28 -9.68
CA LEU B 331 33.82 -45.39 -10.20
C LEU B 331 33.79 -45.43 -11.73
N THR B 332 34.13 -44.33 -12.39
CA THR B 332 34.07 -44.24 -13.85
C THR B 332 35.43 -44.13 -14.51
N PHE B 333 36.36 -43.38 -13.92
CA PHE B 333 37.70 -43.19 -14.46
C PHE B 333 38.71 -43.46 -13.35
N PRO B 334 38.96 -44.73 -13.04
CA PRO B 334 39.90 -45.04 -11.95
C PRO B 334 41.29 -44.47 -12.16
N ASP B 335 41.77 -44.44 -13.41
CA ASP B 335 43.13 -44.00 -13.74
C ASP B 335 43.06 -42.95 -14.84
N PRO B 336 42.68 -41.71 -14.51
CA PRO B 336 42.66 -40.65 -15.54
C PRO B 336 43.99 -40.43 -16.21
N GLU B 337 45.09 -40.53 -15.45
CA GLU B 337 46.41 -40.27 -16.02
C GLU B 337 46.74 -41.27 -17.12
N GLY B 338 46.48 -42.55 -16.88
CA GLY B 338 46.75 -43.56 -17.89
C GLY B 338 45.91 -43.38 -19.14
N MET B 339 44.63 -43.05 -18.96
CA MET B 339 43.76 -42.82 -20.11
C MET B 339 44.24 -41.62 -20.92
N ILE B 340 44.62 -40.54 -20.24
CA ILE B 340 45.09 -39.35 -20.94
C ILE B 340 46.38 -39.66 -21.69
N LYS B 341 47.30 -40.39 -21.05
CA LYS B 341 48.54 -40.75 -21.71
C LYS B 341 48.28 -41.62 -22.94
N ARG B 342 47.38 -42.59 -22.84
CA ARG B 342 47.06 -43.43 -23.98
C ARG B 342 46.45 -42.63 -25.11
N LEU B 343 45.53 -41.71 -24.78
CA LEU B 343 44.92 -40.88 -25.81
C LEU B 343 45.96 -39.99 -26.50
N LYS B 344 46.88 -39.40 -25.72
CA LYS B 344 47.90 -38.54 -26.30
C LYS B 344 48.84 -39.35 -27.18
N ALA B 345 49.20 -40.57 -26.77
CA ALA B 345 50.05 -41.40 -27.60
C ALA B 345 49.38 -41.77 -28.91
N LYS B 346 48.04 -41.74 -28.96
CA LYS B 346 47.31 -42.07 -30.18
C LYS B 346 47.23 -40.91 -31.15
N GLY B 347 47.70 -39.72 -30.77
CA GLY B 347 47.67 -38.56 -31.62
C GLY B 347 46.50 -37.62 -31.40
N LEU B 348 45.71 -37.82 -30.34
CA LEU B 348 44.56 -36.99 -30.06
C LEU B 348 44.91 -35.95 -29.00
N LYS B 349 43.93 -35.11 -28.67
CA LYS B 349 44.07 -34.11 -27.62
C LYS B 349 42.95 -34.26 -26.60
N VAL B 350 43.26 -33.91 -25.36
CA VAL B 350 42.32 -34.01 -24.25
C VAL B 350 42.05 -32.61 -23.72
N CYS B 351 40.78 -32.32 -23.46
CA CYS B 351 40.36 -30.99 -23.04
C CYS B 351 38.97 -31.08 -22.42
N VAL B 352 38.75 -30.33 -21.33
CA VAL B 352 37.69 -30.67 -20.39
C VAL B 352 36.69 -29.55 -20.21
N TRP B 353 35.72 -29.76 -19.32
CA TRP B 353 34.63 -28.84 -19.06
C TRP B 353 34.73 -28.32 -17.64
N ILE B 354 34.56 -27.00 -17.48
CA ILE B 354 34.58 -26.36 -16.17
C ILE B 354 33.54 -25.25 -16.14
N ASN B 355 33.19 -24.83 -14.93
CA ASN B 355 32.24 -23.74 -14.74
C ASN B 355 32.56 -23.05 -13.42
N PRO B 356 32.15 -21.78 -13.26
CA PRO B 356 32.50 -21.04 -12.05
C PRO B 356 31.52 -21.23 -10.91
N TYR B 357 30.67 -22.25 -10.99
CA TYR B 357 29.67 -22.53 -9.97
C TYR B 357 30.01 -23.84 -9.26
N ILE B 358 29.84 -23.85 -7.93
CA ILE B 358 30.11 -25.02 -7.12
C ILE B 358 28.83 -25.44 -6.42
N GLY B 359 28.75 -26.74 -6.11
CA GLY B 359 27.58 -27.31 -5.48
C GLY B 359 27.77 -27.51 -3.99
N GLN B 360 26.66 -27.45 -3.25
CA GLN B 360 26.71 -27.65 -1.81
C GLN B 360 27.18 -29.06 -1.48
N ARG B 361 26.74 -30.05 -2.24
CA ARG B 361 27.13 -31.44 -2.03
C ARG B 361 28.57 -31.61 -2.52
N SER B 362 29.52 -31.31 -1.64
CA SER B 362 30.93 -31.45 -1.96
C SER B 362 31.77 -31.33 -0.69
N PRO B 363 32.75 -32.21 -0.49
CA PRO B 363 33.57 -32.10 0.73
C PRO B 363 34.31 -30.79 0.86
N VAL B 364 34.73 -30.18 -0.26
CA VAL B 364 35.51 -28.95 -0.22
C VAL B 364 34.64 -27.72 0.03
N PHE B 365 33.31 -27.87 0.03
CA PHE B 365 32.45 -26.71 0.24
C PHE B 365 32.67 -26.12 1.63
N LYS B 366 32.79 -26.97 2.66
CA LYS B 366 33.01 -26.47 4.01
C LYS B 366 34.32 -25.71 4.11
N GLU B 367 35.39 -26.25 3.53
CA GLU B 367 36.69 -25.57 3.56
C GLU B 367 36.62 -24.25 2.83
N LEU B 368 35.96 -24.22 1.66
CA LEU B 368 35.85 -22.98 0.91
C LEU B 368 35.06 -21.93 1.70
N LYS B 369 33.98 -22.35 2.35
CA LYS B 369 33.21 -21.42 3.17
C LYS B 369 34.04 -20.89 4.33
N GLU B 370 34.81 -21.76 4.97
CA GLU B 370 35.67 -21.32 6.06
C GLU B 370 36.71 -20.30 5.58
N LYS B 371 37.31 -20.56 4.41
CA LYS B 371 38.29 -19.64 3.87
C LYS B 371 37.67 -18.36 3.31
N GLY B 372 36.35 -18.30 3.18
CA GLY B 372 35.69 -17.11 2.70
C GLY B 372 35.99 -16.78 1.25
N TYR B 373 36.08 -17.78 0.39
CA TYR B 373 36.34 -17.58 -1.03
C TYR B 373 35.07 -17.52 -1.87
N LEU B 374 33.90 -17.60 -1.25
CA LEU B 374 32.63 -17.63 -1.96
C LEU B 374 31.92 -16.29 -1.86
N LEU B 375 30.98 -16.09 -2.78
CA LEU B 375 30.20 -14.85 -2.79
C LEU B 375 29.34 -14.77 -1.53
N LYS B 376 29.16 -13.56 -1.03
CA LYS B 376 28.46 -13.33 0.23
C LYS B 376 27.27 -12.42 0.01
N ARG B 377 26.15 -12.77 0.64
CA ARG B 377 25.01 -11.87 0.69
C ARG B 377 25.35 -10.65 1.54
N PRO B 378 24.59 -9.57 1.39
CA PRO B 378 25.03 -8.29 1.98
C PRO B 378 25.33 -8.35 3.47
N ASP B 379 24.53 -9.05 4.27
CA ASP B 379 24.69 -8.93 5.73
C ASP B 379 25.78 -9.86 6.26
N GLY B 380 25.53 -11.17 6.25
CA GLY B 380 26.51 -12.11 6.75
C GLY B 380 26.52 -13.48 6.09
N SER B 381 25.63 -13.69 5.13
CA SER B 381 25.32 -15.04 4.65
C SER B 381 25.94 -15.27 3.27
N LEU B 382 25.59 -16.41 2.68
CA LEU B 382 25.97 -16.76 1.32
C LEU B 382 24.75 -16.72 0.41
N TRP B 383 24.99 -16.66 -0.89
CA TRP B 383 23.93 -16.59 -1.88
C TRP B 383 23.76 -17.97 -2.53
N GLN B 384 22.56 -18.52 -2.43
CA GLN B 384 22.27 -19.84 -2.97
C GLN B 384 20.84 -19.86 -3.48
N TRP B 385 20.57 -20.76 -4.42
CA TRP B 385 19.23 -20.92 -4.97
C TRP B 385 19.10 -22.28 -5.61
N ASP B 386 17.85 -22.68 -5.88
CA ASP B 386 17.55 -23.96 -6.50
C ASP B 386 17.75 -23.83 -8.00
N LYS B 387 18.90 -24.28 -8.49
CA LYS B 387 19.27 -24.08 -9.88
C LYS B 387 20.18 -25.24 -10.31
N TRP B 388 20.96 -25.02 -11.37
CA TRP B 388 21.75 -26.05 -12.04
C TRP B 388 22.29 -27.09 -11.09
N GLN B 389 22.83 -26.66 -9.95
CA GLN B 389 23.26 -27.58 -8.91
C GLN B 389 22.64 -27.17 -7.57
N PRO B 390 22.35 -28.14 -6.70
CA PRO B 390 21.76 -27.79 -5.40
C PRO B 390 22.69 -26.89 -4.60
N GLY B 391 22.10 -25.90 -3.92
CA GLY B 391 22.88 -25.00 -3.09
C GLY B 391 23.97 -24.31 -3.86
N LEU B 392 23.63 -23.80 -5.05
CA LEU B 392 24.64 -23.22 -5.92
C LEU B 392 25.35 -22.06 -5.24
N ALA B 393 26.66 -21.98 -5.47
CA ALA B 393 27.47 -20.87 -4.97
C ALA B 393 28.37 -20.39 -6.10
N ILE B 394 28.80 -19.14 -6.01
CA ILE B 394 29.58 -18.48 -7.05
C ILE B 394 30.93 -18.10 -6.47
N TYR B 395 32.00 -18.50 -7.15
CA TYR B 395 33.34 -18.12 -6.73
C TYR B 395 33.48 -16.60 -6.77
N ASP B 396 34.11 -16.05 -5.72
CA ASP B 396 34.36 -14.62 -5.64
C ASP B 396 35.73 -14.34 -6.23
N PHE B 397 35.76 -14.10 -7.55
CA PHE B 397 37.02 -13.88 -8.24
C PHE B 397 37.66 -12.55 -7.89
N THR B 398 36.94 -11.65 -7.21
CA THR B 398 37.54 -10.40 -6.77
C THR B 398 38.55 -10.60 -5.64
N ASN B 399 38.50 -11.76 -4.97
CA ASN B 399 39.44 -12.05 -3.90
C ASN B 399 40.67 -12.75 -4.47
N PRO B 400 41.87 -12.20 -4.31
CA PRO B 400 43.05 -12.83 -4.93
C PRO B 400 43.31 -14.25 -4.46
N GLU B 401 42.99 -14.57 -3.21
CA GLU B 401 43.25 -15.92 -2.70
C GLU B 401 42.41 -16.96 -3.44
N ALA B 402 41.14 -16.65 -3.71
CA ALA B 402 40.30 -17.58 -4.46
C ALA B 402 40.84 -17.78 -5.86
N CYS B 403 41.30 -16.70 -6.51
CA CYS B 403 41.88 -16.83 -7.83
C CYS B 403 43.14 -17.68 -7.80
N GLN B 404 43.97 -17.51 -6.76
CA GLN B 404 45.17 -18.33 -6.63
C GLN B 404 44.81 -19.80 -6.47
N TRP B 405 43.80 -20.10 -5.66
CA TRP B 405 43.38 -21.49 -5.47
C TRP B 405 42.87 -22.08 -6.78
N TYR B 406 42.04 -21.32 -7.52
CA TYR B 406 41.55 -21.78 -8.80
C TYR B 406 42.68 -22.02 -9.77
N ALA B 407 43.66 -21.10 -9.81
CA ALA B 407 44.79 -21.26 -10.71
C ALA B 407 45.63 -22.47 -10.35
N SER B 408 45.82 -22.73 -9.05
CA SER B 408 46.57 -23.91 -8.64
C SER B 408 45.85 -25.19 -9.07
N LYS B 409 44.53 -25.24 -8.89
CA LYS B 409 43.78 -26.41 -9.32
C LYS B 409 43.87 -26.60 -10.83
N LEU B 410 43.75 -25.50 -11.58
CA LEU B 410 43.85 -25.59 -13.04
C LEU B 410 45.24 -26.02 -13.47
N LYS B 411 46.28 -25.54 -12.77
CA LYS B 411 47.64 -25.96 -13.08
C LYS B 411 47.82 -27.46 -12.83
N GLY B 412 47.27 -27.97 -11.72
CA GLY B 412 47.32 -29.39 -11.48
C GLY B 412 46.61 -30.18 -12.57
N LEU B 413 45.43 -29.71 -12.99
CA LEU B 413 44.71 -30.39 -14.06
C LEU B 413 45.51 -30.39 -15.35
N VAL B 414 46.13 -29.26 -15.69
CA VAL B 414 46.94 -29.18 -16.90
C VAL B 414 48.12 -30.13 -16.81
N ALA B 415 48.77 -30.18 -15.65
CA ALA B 415 49.87 -31.13 -15.46
C ALA B 415 49.38 -32.57 -15.61
N MET B 416 48.11 -32.81 -15.28
CA MET B 416 47.56 -34.15 -15.49
C MET B 416 47.56 -34.54 -16.96
N GLY B 417 47.47 -33.56 -17.86
CA GLY B 417 47.54 -33.82 -19.28
C GLY B 417 46.50 -33.09 -20.12
N VAL B 418 45.73 -32.21 -19.49
CA VAL B 418 44.68 -31.49 -20.19
C VAL B 418 45.28 -30.39 -21.06
N ASP B 419 44.54 -29.98 -22.09
CA ASP B 419 45.00 -28.98 -23.04
C ASP B 419 44.22 -27.68 -22.98
N CYS B 420 42.89 -27.72 -23.14
CA CYS B 420 42.05 -26.54 -23.02
C CYS B 420 40.93 -26.81 -22.02
N PHE B 421 40.07 -25.82 -21.86
CA PHE B 421 38.93 -25.92 -20.96
C PHE B 421 37.72 -25.31 -21.64
N LYS B 422 36.54 -25.75 -21.20
CA LYS B 422 35.27 -25.28 -21.76
C LYS B 422 34.55 -24.49 -20.67
N THR B 423 34.72 -23.17 -20.69
CA THR B 423 34.14 -22.29 -19.68
C THR B 423 32.67 -22.09 -20.00
N ASP B 424 31.83 -22.95 -19.44
CA ASP B 424 30.39 -22.86 -19.62
C ASP B 424 29.77 -21.97 -18.56
N PHE B 425 28.55 -21.51 -18.84
CA PHE B 425 27.81 -20.66 -17.92
C PHE B 425 28.60 -19.39 -17.62
N GLY B 426 28.14 -18.62 -16.63
CA GLY B 426 28.80 -17.38 -16.27
C GLY B 426 27.99 -16.16 -16.64
N GLU B 427 26.67 -16.30 -16.70
CA GLU B 427 25.78 -15.21 -17.05
C GLU B 427 24.65 -14.98 -16.05
N ARG B 428 24.26 -15.97 -15.27
CA ARG B 428 23.19 -15.82 -14.28
C ARG B 428 23.72 -15.30 -12.95
N ILE B 429 24.43 -14.18 -13.01
CA ILE B 429 25.02 -13.59 -11.80
C ILE B 429 23.98 -12.71 -11.12
N PRO B 430 23.80 -12.82 -9.80
CA PRO B 430 22.81 -11.98 -9.13
C PRO B 430 23.30 -10.54 -9.01
N THR B 431 22.42 -9.69 -8.47
CA THR B 431 22.72 -8.29 -8.25
C THR B 431 22.57 -7.85 -6.80
N ASP B 432 21.81 -8.56 -5.98
CA ASP B 432 21.64 -8.22 -4.57
C ASP B 432 22.68 -8.88 -3.69
N VAL B 433 23.96 -8.65 -4.02
CA VAL B 433 25.07 -9.26 -3.31
C VAL B 433 26.14 -8.20 -3.05
N GLN B 434 27.01 -8.48 -2.09
CA GLN B 434 28.12 -7.61 -1.74
C GLN B 434 29.42 -8.31 -2.10
N TRP B 435 30.14 -7.74 -3.06
CA TRP B 435 31.40 -8.32 -3.51
C TRP B 435 32.53 -7.96 -2.56
N PHE B 436 33.61 -8.76 -2.63
CA PHE B 436 34.75 -8.53 -1.75
C PHE B 436 35.39 -7.18 -2.01
N ASP B 437 35.52 -6.80 -3.28
CA ASP B 437 36.16 -5.53 -3.64
C ASP B 437 35.21 -4.34 -3.51
N GLY B 438 33.93 -4.57 -3.26
CA GLY B 438 32.99 -3.47 -3.14
C GLY B 438 32.55 -2.88 -4.46
N SER B 439 32.76 -3.58 -5.57
CA SER B 439 32.39 -3.06 -6.87
C SER B 439 30.86 -3.04 -7.02
N ASP B 440 30.40 -2.27 -7.99
CA ASP B 440 28.97 -2.15 -8.24
C ASP B 440 28.42 -3.46 -8.77
N PRO B 441 27.40 -4.06 -8.14
CA PRO B 441 26.88 -5.34 -8.65
C PRO B 441 26.39 -5.27 -10.09
N GLN B 442 25.80 -4.13 -10.49
CA GLN B 442 25.22 -4.05 -11.82
C GLN B 442 26.28 -4.24 -12.91
N LYS B 443 27.44 -3.60 -12.74
CA LYS B 443 28.51 -3.73 -13.72
C LYS B 443 29.24 -5.07 -13.59
N MET B 444 29.38 -5.59 -12.37
CA MET B 444 29.98 -6.90 -12.19
C MET B 444 29.16 -7.98 -12.85
N HIS B 445 27.84 -7.80 -12.92
CA HIS B 445 27.00 -8.79 -13.58
C HIS B 445 27.47 -9.08 -15.00
N ASN B 446 27.99 -8.06 -15.69
CA ASN B 446 28.52 -8.24 -17.03
C ASN B 446 30.02 -8.46 -17.07
N HIS B 447 30.76 -7.94 -16.09
CA HIS B 447 32.21 -8.07 -16.10
C HIS B 447 32.70 -9.39 -15.52
N TYR B 448 31.82 -10.18 -14.89
CA TYR B 448 32.25 -11.43 -14.29
C TYR B 448 32.74 -12.41 -15.34
N ALA B 449 32.04 -12.50 -16.47
CA ALA B 449 32.47 -13.41 -17.53
C ALA B 449 33.84 -13.02 -18.07
N PHE B 450 34.06 -11.71 -18.26
CA PHE B 450 35.37 -11.25 -18.72
C PHE B 450 36.45 -11.59 -17.71
N ILE B 451 36.17 -11.37 -16.42
CA ILE B 451 37.16 -11.66 -15.39
C ILE B 451 37.51 -13.15 -15.38
N TYR B 452 36.49 -13.99 -15.46
CA TYR B 452 36.71 -15.44 -15.44
C TYR B 452 37.52 -15.89 -16.66
N ASN B 453 37.16 -15.38 -17.84
CA ASN B 453 37.89 -15.74 -19.04
C ASN B 453 39.33 -15.26 -18.97
N GLU B 454 39.55 -14.05 -18.46
CA GLU B 454 40.91 -13.53 -18.34
C GLU B 454 41.73 -14.39 -17.39
N LEU B 455 41.15 -14.78 -16.26
CA LEU B 455 41.87 -15.63 -15.32
C LEU B 455 42.25 -16.96 -15.96
N VAL B 456 41.28 -17.59 -16.65
CA VAL B 456 41.56 -18.89 -17.27
C VAL B 456 42.63 -18.75 -18.34
N TRP B 457 42.54 -17.70 -19.16
CA TRP B 457 43.53 -17.50 -20.21
C TRP B 457 44.92 -17.24 -19.63
N LYS B 458 44.98 -16.47 -18.54
CA LYS B 458 46.27 -16.23 -17.89
C LYS B 458 46.87 -17.54 -17.38
N VAL B 459 46.05 -18.38 -16.75
CA VAL B 459 46.55 -19.66 -16.27
C VAL B 459 47.05 -20.50 -17.44
N LEU B 460 46.27 -20.55 -18.53
CA LEU B 460 46.64 -21.37 -19.67
C LEU B 460 47.94 -20.88 -20.30
N LYS B 461 48.12 -19.56 -20.42
CA LYS B 461 49.33 -19.03 -21.01
C LYS B 461 50.53 -19.22 -20.09
N GLU B 462 50.31 -19.19 -18.77
CA GLU B 462 51.40 -19.44 -17.84
C GLU B 462 51.83 -20.90 -17.85
N THR B 463 50.90 -21.82 -18.07
CA THR B 463 51.23 -23.24 -18.01
C THR B 463 51.79 -23.74 -19.35
N VAL B 464 51.01 -23.62 -20.42
CA VAL B 464 51.41 -24.16 -21.71
C VAL B 464 52.18 -23.13 -22.54
N GLY B 465 51.55 -22.00 -22.84
CA GLY B 465 52.16 -20.97 -23.65
C GLY B 465 51.12 -20.26 -24.49
N GLU B 466 51.51 -19.08 -25.01
CA GLU B 466 50.59 -18.28 -25.80
C GLU B 466 50.18 -19.00 -27.08
N GLN B 467 51.15 -19.66 -27.74
CA GLN B 467 50.86 -20.27 -29.04
C GLN B 467 49.80 -21.36 -28.92
N GLU B 468 49.89 -22.20 -27.90
CA GLU B 468 48.97 -23.31 -27.73
C GLU B 468 47.73 -22.95 -26.94
N ALA B 469 47.57 -21.69 -26.54
CA ALA B 469 46.42 -21.29 -25.74
C ALA B 469 45.15 -21.35 -26.60
N VAL B 470 44.09 -21.94 -26.03
CA VAL B 470 42.79 -22.02 -26.69
C VAL B 470 41.75 -22.33 -25.63
N LEU B 471 40.49 -21.98 -25.92
CA LEU B 471 39.42 -22.13 -24.96
C LEU B 471 38.13 -22.48 -25.69
N PHE B 472 37.04 -22.55 -24.93
CA PHE B 472 35.71 -22.78 -25.50
C PHE B 472 34.71 -22.14 -24.53
N ALA B 473 34.24 -20.94 -24.87
CA ALA B 473 33.44 -20.13 -23.97
C ALA B 473 32.04 -19.92 -24.53
N ARG B 474 31.08 -19.76 -23.61
CA ARG B 474 29.70 -19.48 -23.97
C ARG B 474 29.26 -18.07 -23.61
N SER B 475 29.90 -17.44 -22.64
CA SER B 475 29.59 -16.08 -22.23
C SER B 475 30.75 -15.15 -22.56
N ALA B 476 30.41 -13.91 -22.91
CA ALA B 476 31.42 -12.96 -23.32
C ALA B 476 30.93 -11.54 -23.03
N SER B 477 31.88 -10.61 -23.03
CA SER B 477 31.58 -9.19 -22.82
C SER B 477 32.59 -8.38 -23.61
N VAL B 478 32.65 -7.08 -23.34
CA VAL B 478 33.58 -6.21 -24.04
C VAL B 478 35.01 -6.60 -23.67
N GLY B 479 35.86 -6.77 -24.69
CA GLY B 479 37.24 -7.13 -24.48
C GLY B 479 37.51 -8.62 -24.45
N ALA B 480 36.48 -9.46 -24.57
CA ALA B 480 36.69 -10.90 -24.56
C ALA B 480 37.33 -11.40 -25.85
N GLN B 481 37.38 -10.58 -26.89
CA GLN B 481 37.94 -11.03 -28.16
C GLN B 481 39.39 -11.46 -28.02
N GLN B 482 40.08 -11.01 -26.97
CA GLN B 482 41.47 -11.39 -26.76
C GLN B 482 41.63 -12.88 -26.48
N PHE B 483 40.54 -13.58 -26.20
CA PHE B 483 40.56 -15.04 -26.02
C PHE B 483 39.48 -15.66 -26.90
N PRO B 484 39.59 -15.50 -28.23
CA PRO B 484 38.45 -15.81 -29.09
C PRO B 484 38.28 -17.29 -29.39
N VAL B 485 37.34 -17.92 -28.68
CA VAL B 485 36.72 -19.18 -29.09
C VAL B 485 35.34 -19.19 -28.46
N HIS B 486 34.30 -19.28 -29.28
CA HIS B 486 32.94 -19.13 -28.78
C HIS B 486 32.04 -20.20 -29.37
N TRP B 487 30.99 -20.53 -28.63
CA TRP B 487 30.04 -21.58 -29.00
C TRP B 487 28.64 -21.02 -28.88
N GLY B 488 27.81 -21.29 -29.88
CA GLY B 488 26.48 -20.69 -29.91
C GLY B 488 25.66 -21.02 -28.68
N GLY B 489 25.65 -22.30 -28.29
CA GLY B 489 24.92 -22.72 -27.11
C GLY B 489 24.02 -23.92 -27.37
N ASP B 490 22.80 -23.87 -26.83
CA ASP B 490 21.84 -24.96 -26.96
C ASP B 490 20.92 -24.65 -28.15
N CYS B 491 20.88 -25.57 -29.11
CA CYS B 491 20.06 -25.44 -30.30
C CYS B 491 19.25 -26.71 -30.51
N TYR B 492 18.23 -26.60 -31.36
CA TYR B 492 17.37 -27.72 -31.68
C TYR B 492 17.73 -28.30 -33.04
N ALA B 493 17.19 -29.49 -33.32
CA ALA B 493 17.49 -30.22 -34.56
C ALA B 493 16.42 -29.88 -35.59
N ASN B 494 16.53 -28.67 -36.15
CA ASN B 494 15.61 -28.22 -37.17
C ASN B 494 16.33 -27.26 -38.11
N TYR B 495 15.78 -27.10 -39.32
CA TYR B 495 16.35 -26.15 -40.26
C TYR B 495 16.27 -24.72 -39.71
N GLU B 496 15.16 -24.38 -39.06
CA GLU B 496 15.03 -23.05 -38.47
C GLU B 496 16.10 -22.81 -37.42
N SER B 497 16.41 -23.82 -36.61
CA SER B 497 17.48 -23.68 -35.63
C SER B 497 18.82 -23.44 -36.31
N MET B 498 19.08 -24.14 -37.41
CA MET B 498 20.31 -23.91 -38.15
C MET B 498 20.39 -22.49 -38.67
N ALA B 499 19.28 -21.99 -39.22
CA ALA B 499 19.26 -20.62 -39.73
C ALA B 499 19.50 -19.61 -38.61
N GLU B 500 18.86 -19.82 -37.46
CA GLU B 500 19.05 -18.90 -36.34
C GLU B 500 20.49 -18.94 -35.84
N SER B 501 21.08 -20.14 -35.79
CA SER B 501 22.48 -20.24 -35.36
C SER B 501 23.40 -19.53 -36.34
N LEU B 502 23.14 -19.68 -37.63
CA LEU B 502 23.94 -18.97 -38.63
C LEU B 502 23.80 -17.46 -38.47
N ARG B 503 22.57 -16.99 -38.23
CA ARG B 503 22.37 -15.56 -38.01
C ARG B 503 23.14 -15.08 -36.80
N GLY B 504 23.08 -15.83 -35.70
CA GLY B 504 23.82 -15.45 -34.51
C GLY B 504 25.32 -15.43 -34.73
N GLY B 505 25.83 -16.43 -35.46
CA GLY B 505 27.25 -16.45 -35.77
C GLY B 505 27.68 -15.26 -36.61
N LEU B 506 26.88 -14.92 -37.62
CA LEU B 506 27.20 -13.74 -38.43
C LEU B 506 27.17 -12.48 -37.58
N SER B 507 26.18 -12.36 -36.69
CA SER B 507 26.08 -11.17 -35.85
C SER B 507 27.27 -11.05 -34.93
N ILE B 508 27.67 -12.14 -34.27
CA ILE B 508 28.81 -12.09 -33.37
C ILE B 508 30.09 -11.82 -34.15
N GLY B 509 30.20 -12.36 -35.36
CA GLY B 509 31.34 -12.02 -36.20
C GLY B 509 31.41 -10.54 -36.51
N MET B 510 30.26 -9.93 -36.81
CA MET B 510 30.23 -8.51 -37.11
C MET B 510 30.39 -7.64 -35.86
N SER B 511 30.35 -8.23 -34.66
CA SER B 511 30.44 -7.48 -33.42
C SER B 511 31.86 -7.39 -32.88
N GLY B 512 32.85 -7.90 -33.61
CA GLY B 512 34.24 -7.82 -33.22
C GLY B 512 34.91 -9.14 -32.91
N PHE B 513 34.16 -10.23 -32.79
CA PHE B 513 34.74 -11.55 -32.56
C PHE B 513 35.10 -12.18 -33.90
N GLY B 514 36.30 -12.77 -33.97
CA GLY B 514 36.80 -13.30 -35.23
C GLY B 514 36.64 -14.79 -35.38
N PHE B 515 36.21 -15.48 -34.31
CA PHE B 515 36.05 -16.93 -34.34
C PHE B 515 34.75 -17.32 -33.66
N TRP B 516 34.07 -18.31 -34.22
CA TRP B 516 32.79 -18.76 -33.68
C TRP B 516 32.61 -20.23 -34.03
N SER B 517 31.78 -20.91 -33.24
CA SER B 517 31.53 -22.33 -33.43
C SER B 517 30.11 -22.64 -32.98
N HIS B 518 29.61 -23.81 -33.41
CA HIS B 518 28.26 -24.24 -33.09
C HIS B 518 28.23 -25.75 -32.98
N ASP B 519 27.20 -26.26 -32.31
CA ASP B 519 27.02 -27.69 -32.16
C ASP B 519 26.42 -28.27 -33.43
N ILE B 520 27.12 -29.24 -34.01
CA ILE B 520 26.68 -29.88 -35.24
C ILE B 520 25.66 -30.96 -34.91
N GLY B 521 24.56 -30.98 -35.67
CA GLY B 521 23.51 -31.95 -35.47
C GLY B 521 22.50 -31.58 -34.40
N GLY B 522 22.67 -30.45 -33.74
CA GLY B 522 21.74 -30.01 -32.71
C GLY B 522 22.11 -30.53 -31.33
N PHE B 523 21.64 -29.82 -30.32
CA PHE B 523 21.85 -30.20 -28.93
C PHE B 523 20.67 -30.96 -28.35
N GLU B 524 19.47 -30.40 -28.43
CA GLU B 524 18.26 -31.07 -27.95
C GLU B 524 17.64 -31.89 -29.07
N ASN B 525 16.92 -32.94 -28.68
CA ASN B 525 16.23 -33.81 -29.63
C ASN B 525 17.20 -34.51 -30.55
N THR B 526 16.73 -35.54 -31.25
CA THR B 526 17.55 -36.32 -32.16
C THR B 526 17.20 -35.97 -33.59
N ALA B 527 18.22 -35.67 -34.40
CA ALA B 527 17.98 -35.32 -35.79
C ALA B 527 17.56 -36.55 -36.58
N PRO B 528 16.60 -36.43 -37.51
CA PRO B 528 16.22 -37.58 -38.34
C PRO B 528 17.38 -38.17 -39.12
N ALA B 529 18.01 -37.36 -39.97
CA ALA B 529 19.12 -37.81 -40.80
C ALA B 529 19.58 -36.73 -41.77
N HIS B 530 18.71 -36.29 -42.67
CA HIS B 530 19.10 -35.32 -43.69
C HIS B 530 19.57 -34.02 -43.05
N VAL B 531 18.82 -33.52 -42.07
CA VAL B 531 19.22 -32.29 -41.39
C VAL B 531 20.59 -32.46 -40.75
N TYR B 532 20.86 -33.66 -40.21
CA TYR B 532 22.17 -33.93 -39.64
C TYR B 532 23.26 -33.80 -40.70
N LYS B 533 23.02 -34.34 -41.89
CA LYS B 533 24.02 -34.24 -42.96
C LYS B 533 24.25 -32.79 -43.35
N ARG B 534 23.17 -32.02 -43.51
CA ARG B 534 23.31 -30.62 -43.88
C ARG B 534 24.05 -29.84 -42.81
N TRP B 535 23.73 -30.11 -41.53
CA TRP B 535 24.41 -29.42 -40.44
C TRP B 535 25.89 -29.78 -40.39
N CYS B 536 26.22 -31.05 -40.65
CA CYS B 536 27.62 -31.45 -40.68
C CYS B 536 28.35 -30.72 -41.81
N ALA B 537 27.73 -30.67 -42.99
CA ALA B 537 28.35 -29.98 -44.11
C ALA B 537 28.58 -28.51 -43.80
N PHE B 538 27.58 -27.86 -43.18
CA PHE B 538 27.71 -26.44 -42.85
C PHE B 538 28.79 -26.21 -41.80
N GLY B 539 28.77 -27.00 -40.72
CA GLY B 539 29.72 -26.77 -39.63
C GLY B 539 31.15 -27.10 -40.02
N LEU B 540 31.34 -28.13 -40.83
CA LEU B 540 32.69 -28.52 -41.23
C LEU B 540 33.32 -27.51 -42.19
N LEU B 541 32.54 -26.58 -42.72
CA LEU B 541 33.05 -25.51 -43.57
C LEU B 541 33.32 -24.23 -42.78
N SER B 542 33.11 -24.25 -41.47
CA SER B 542 33.31 -23.08 -40.62
C SER B 542 34.69 -23.13 -39.98
N SER B 543 34.96 -22.17 -39.10
CA SER B 543 36.25 -22.11 -38.43
C SER B 543 36.50 -23.35 -37.57
N HIS B 544 35.49 -23.77 -36.81
CA HIS B 544 35.62 -24.91 -35.92
C HIS B 544 34.39 -25.79 -36.06
N SER B 545 34.60 -27.10 -35.88
CA SER B 545 33.54 -28.09 -35.99
C SER B 545 33.48 -28.92 -34.72
N ARG B 546 32.29 -28.98 -34.12
CA ARG B 546 32.07 -29.65 -32.85
C ARG B 546 30.93 -30.66 -32.97
N LEU B 547 31.10 -31.81 -32.32
CA LEU B 547 30.07 -32.86 -32.27
C LEU B 547 29.69 -33.05 -30.81
N HIS B 548 28.61 -32.40 -30.39
CA HIS B 548 28.12 -32.42 -29.02
C HIS B 548 26.63 -32.70 -29.01
N GLY B 549 26.19 -33.52 -28.05
CA GLY B 549 24.78 -33.87 -27.95
C GLY B 549 24.34 -33.86 -26.51
N SER B 550 23.01 -33.86 -26.33
CA SER B 550 22.38 -33.82 -25.02
C SER B 550 21.92 -35.19 -24.54
N LYS B 551 21.20 -35.93 -25.38
CA LYS B 551 20.67 -37.23 -25.00
C LYS B 551 21.18 -38.38 -25.86
N SER B 552 21.74 -38.10 -27.03
CA SER B 552 22.20 -39.14 -27.93
C SER B 552 23.60 -38.81 -28.43
N TYR B 553 24.38 -39.85 -28.70
CA TYR B 553 25.73 -39.68 -29.22
C TYR B 553 25.68 -39.07 -30.61
N ARG B 554 26.55 -38.09 -30.85
CA ARG B 554 26.64 -37.42 -32.15
C ARG B 554 27.77 -38.04 -32.98
N VAL B 555 27.58 -39.31 -33.32
CA VAL B 555 28.54 -40.09 -34.10
C VAL B 555 27.91 -40.40 -35.45
N PRO B 556 28.62 -40.21 -36.57
CA PRO B 556 27.96 -40.42 -37.88
C PRO B 556 27.43 -41.83 -38.08
N TRP B 557 28.14 -42.85 -37.59
CA TRP B 557 27.71 -44.22 -37.87
C TRP B 557 26.44 -44.60 -37.10
N ALA B 558 26.00 -43.77 -36.16
CA ALA B 558 24.77 -44.05 -35.43
C ALA B 558 23.53 -43.83 -36.28
N TYR B 559 23.66 -43.23 -37.46
CA TYR B 559 22.52 -42.96 -38.34
C TYR B 559 22.58 -43.79 -39.62
N ASP B 560 23.68 -43.70 -40.38
CA ASP B 560 23.81 -44.44 -41.62
C ASP B 560 25.22 -44.23 -42.16
N GLU B 561 25.54 -44.97 -43.22
CA GLU B 561 26.86 -44.88 -43.84
C GLU B 561 27.03 -43.61 -44.65
N GLU B 562 25.95 -43.07 -45.20
CA GLU B 562 26.05 -41.86 -46.01
C GLU B 562 26.55 -40.69 -45.17
N SER B 563 26.10 -40.60 -43.91
CA SER B 563 26.62 -39.55 -43.03
C SER B 563 28.11 -39.69 -42.83
N CYS B 564 28.59 -40.93 -42.61
CA CYS B 564 30.02 -41.15 -42.47
C CYS B 564 30.78 -40.73 -43.73
N ASP B 565 30.24 -41.09 -44.90
CA ASP B 565 30.92 -40.76 -46.15
C ASP B 565 31.01 -39.24 -46.34
N VAL B 566 29.91 -38.53 -46.10
CA VAL B 566 29.92 -37.08 -46.29
C VAL B 566 30.84 -36.43 -45.26
N VAL B 567 30.84 -36.93 -44.03
CA VAL B 567 31.72 -36.38 -43.01
C VAL B 567 33.17 -36.57 -43.41
N ARG B 568 33.53 -37.76 -43.90
CA ARG B 568 34.89 -38.00 -44.33
C ARG B 568 35.27 -37.07 -45.48
N HIS B 569 34.39 -36.92 -46.45
CA HIS B 569 34.69 -36.07 -47.60
C HIS B 569 34.91 -34.62 -47.17
N PHE B 570 34.01 -34.11 -46.31
CA PHE B 570 34.12 -32.71 -45.89
C PHE B 570 35.34 -32.49 -45.01
N THR B 571 35.68 -33.45 -44.14
CA THR B 571 36.87 -33.31 -43.32
C THR B 571 38.13 -33.33 -44.18
N GLN B 572 38.18 -34.21 -45.18
CA GLN B 572 39.32 -34.21 -46.09
C GLN B 572 39.43 -32.89 -46.84
N LEU B 573 38.28 -32.35 -47.28
CA LEU B 573 38.30 -31.05 -47.96
C LEU B 573 38.83 -29.95 -47.04
N LYS B 574 38.36 -29.93 -45.79
CA LYS B 574 38.82 -28.91 -44.85
C LYS B 574 40.31 -29.04 -44.59
N CYS B 575 40.81 -30.26 -44.42
CA CYS B 575 42.24 -30.46 -44.20
C CYS B 575 43.04 -30.00 -45.41
N ARG B 576 42.53 -30.28 -46.62
CA ARG B 576 43.21 -29.83 -47.82
C ARG B 576 43.17 -28.32 -47.99
N MET B 577 42.25 -27.64 -47.31
CA MET B 577 42.10 -26.19 -47.39
C MET B 577 42.68 -25.47 -46.19
N MET B 578 43.50 -26.14 -45.39
CA MET B 578 44.00 -25.54 -44.16
C MET B 578 44.78 -24.27 -44.38
N PRO B 579 45.76 -24.19 -45.29
CA PRO B 579 46.59 -22.98 -45.36
C PRO B 579 45.80 -21.70 -45.62
N TYR B 580 44.78 -21.76 -46.48
CA TYR B 580 43.98 -20.58 -46.74
C TYR B 580 43.22 -20.14 -45.50
N LEU B 581 42.66 -21.09 -44.77
CA LEU B 581 41.95 -20.76 -43.53
C LEU B 581 42.90 -20.15 -42.51
N TYR B 582 44.12 -20.69 -42.41
CA TYR B 582 45.07 -20.14 -41.45
C TYR B 582 45.52 -18.74 -41.85
N ARG B 583 45.68 -18.49 -43.15
CA ARG B 583 46.01 -17.14 -43.60
C ARG B 583 44.88 -16.18 -43.28
N GLN B 584 43.63 -16.60 -43.47
CA GLN B 584 42.49 -15.75 -43.11
C GLN B 584 42.46 -15.49 -41.61
N ALA B 585 42.79 -16.51 -40.81
CA ALA B 585 42.84 -16.32 -39.36
C ALA B 585 43.93 -15.33 -38.98
N ALA B 586 45.09 -15.40 -39.64
CA ALA B 586 46.15 -14.44 -39.38
C ALA B 586 45.71 -13.02 -39.75
N LEU B 587 45.00 -12.89 -40.87
CA LEU B 587 44.46 -11.58 -41.24
C LEU B 587 43.47 -11.09 -40.21
N ALA B 588 42.65 -11.99 -39.68
CA ALA B 588 41.69 -11.61 -38.63
C ALA B 588 42.43 -11.15 -37.38
N ASN B 589 43.51 -11.83 -37.01
CA ASN B 589 44.30 -11.41 -35.86
C ASN B 589 44.93 -10.04 -36.09
N GLU B 590 45.40 -9.79 -37.30
CA GLU B 590 46.11 -8.54 -37.58
C GLU B 590 45.13 -7.36 -37.66
N PHE B 591 44.23 -7.40 -38.64
CA PHE B 591 43.33 -6.28 -38.91
C PHE B 591 41.98 -6.40 -38.22
N GLY B 592 41.71 -7.52 -37.53
CA GLY B 592 40.46 -7.69 -36.82
C GLY B 592 39.29 -8.14 -37.66
N THR B 593 39.49 -8.46 -38.93
CA THR B 593 38.39 -8.86 -39.80
C THR B 593 38.01 -10.30 -39.50
N PRO B 594 36.75 -10.58 -39.14
CA PRO B 594 36.37 -11.96 -38.82
C PRO B 594 36.51 -12.87 -40.03
N MET B 595 36.80 -14.14 -39.76
CA MET B 595 36.89 -15.12 -40.84
C MET B 595 35.53 -15.43 -41.43
N LEU B 596 34.51 -15.55 -40.59
CA LEU B 596 33.16 -15.85 -41.04
C LEU B 596 32.44 -14.54 -41.39
N ARG B 597 32.91 -13.93 -42.48
CA ARG B 597 32.41 -12.64 -42.92
C ARG B 597 30.99 -12.77 -43.46
N ALA B 598 30.20 -11.72 -43.28
CA ALA B 598 28.89 -11.63 -43.89
C ALA B 598 29.01 -11.13 -45.33
N MET B 599 27.92 -11.27 -46.08
CA MET B 599 27.94 -10.85 -47.48
C MET B 599 28.18 -9.35 -47.60
N MET B 600 27.56 -8.55 -46.71
CA MET B 600 27.70 -7.11 -46.78
C MET B 600 29.15 -6.67 -46.59
N LEU B 601 29.85 -7.31 -45.64
CA LEU B 601 31.19 -6.84 -45.30
C LEU B 601 32.12 -6.89 -46.50
N GLU B 602 32.07 -7.97 -47.28
CA GLU B 602 32.95 -8.08 -48.44
C GLU B 602 32.55 -7.10 -49.54
N PHE B 603 31.26 -6.85 -49.72
CA PHE B 603 30.75 -5.97 -50.78
C PHE B 603 29.77 -4.98 -50.17
N PRO B 604 30.27 -4.02 -49.38
CA PRO B 604 29.36 -3.03 -48.79
C PRO B 604 28.67 -2.14 -49.80
N ASP B 605 29.21 -2.02 -51.02
CA ASP B 605 28.66 -1.13 -52.03
C ASP B 605 27.56 -1.78 -52.85
N ASP B 606 27.26 -3.06 -52.62
CA ASP B 606 26.22 -3.75 -53.37
C ASP B 606 24.93 -3.73 -52.56
N PRO B 607 23.88 -3.04 -53.00
CA PRO B 607 22.64 -3.02 -52.21
C PRO B 607 21.96 -4.37 -52.12
N ALA B 608 22.26 -5.30 -53.03
CA ALA B 608 21.57 -6.58 -53.06
C ALA B 608 21.90 -7.46 -51.87
N CYS B 609 23.03 -7.23 -51.20
CA CYS B 609 23.47 -8.07 -50.10
C CYS B 609 23.13 -7.48 -48.74
N ASP B 610 22.30 -6.42 -48.69
CA ASP B 610 21.97 -5.80 -47.41
C ASP B 610 21.18 -6.77 -46.53
N TYR B 611 20.26 -7.53 -47.11
CA TYR B 611 19.34 -8.37 -46.37
C TYR B 611 19.57 -9.85 -46.66
N LEU B 612 20.82 -10.27 -46.70
CA LEU B 612 21.18 -11.67 -46.96
C LEU B 612 21.69 -12.28 -45.66
N ASP B 613 21.07 -13.39 -45.25
CA ASP B 613 21.46 -14.09 -44.04
C ASP B 613 21.54 -15.60 -44.17
N ARG B 614 21.04 -16.20 -45.26
CA ARG B 614 21.08 -17.64 -45.43
C ARG B 614 22.37 -18.13 -46.07
N GLN B 615 23.24 -17.22 -46.53
CA GLN B 615 24.52 -17.57 -47.12
C GLN B 615 25.60 -16.68 -46.52
N TYR B 616 26.83 -17.18 -46.53
CA TYR B 616 27.93 -16.46 -45.91
C TYR B 616 29.16 -16.54 -46.79
N MET B 617 30.17 -15.76 -46.43
CA MET B 617 31.44 -15.70 -47.14
C MET B 617 32.55 -16.16 -46.19
N LEU B 618 33.28 -17.18 -46.61
CA LEU B 618 34.44 -17.68 -45.88
C LEU B 618 35.70 -17.08 -46.49
N GLY B 619 36.54 -16.51 -45.63
CA GLY B 619 37.71 -15.83 -46.11
C GLY B 619 37.33 -14.60 -46.91
N ASP B 620 38.24 -14.19 -47.79
CA ASP B 620 38.00 -13.09 -48.71
C ASP B 620 37.66 -13.55 -50.12
N SER B 621 37.56 -14.86 -50.35
CA SER B 621 37.33 -15.40 -51.68
C SER B 621 36.27 -16.49 -51.77
N VAL B 622 35.94 -17.19 -50.68
CA VAL B 622 35.04 -18.32 -50.73
C VAL B 622 33.65 -17.86 -50.34
N LEU B 623 32.64 -18.41 -51.02
CA LEU B 623 31.24 -18.14 -50.71
C LEU B 623 30.51 -19.47 -50.54
N VAL B 624 29.77 -19.61 -49.45
CA VAL B 624 29.08 -20.85 -49.12
C VAL B 624 27.62 -20.52 -48.86
N ALA B 625 26.72 -21.33 -49.43
CA ALA B 625 25.27 -21.14 -49.28
C ALA B 625 24.64 -22.44 -48.81
N PRO B 626 24.74 -22.76 -47.52
CA PRO B 626 24.20 -24.04 -47.05
C PRO B 626 22.71 -24.18 -47.33
N VAL B 627 22.30 -25.40 -47.64
CA VAL B 627 20.92 -25.68 -47.99
C VAL B 627 20.10 -25.87 -46.72
N PHE B 628 18.80 -25.56 -46.82
CA PHE B 628 17.88 -25.70 -45.70
C PHE B 628 16.59 -26.40 -46.10
N SER B 629 16.60 -27.13 -47.22
CA SER B 629 15.42 -27.77 -47.76
C SER B 629 15.62 -29.27 -47.86
N GLU B 630 14.53 -30.02 -47.64
CA GLU B 630 14.60 -31.47 -47.73
C GLU B 630 14.96 -31.92 -49.15
N ALA B 631 14.37 -31.29 -50.15
CA ALA B 631 14.63 -31.67 -51.54
C ALA B 631 15.98 -31.21 -52.05
N GLY B 632 16.68 -30.35 -51.29
CA GLY B 632 17.97 -29.84 -51.71
C GLY B 632 17.92 -28.58 -52.54
N GLU B 633 16.73 -28.08 -52.87
CA GLU B 633 16.62 -26.85 -53.62
C GLU B 633 17.12 -25.67 -52.79
N VAL B 634 17.89 -24.79 -53.41
CA VAL B 634 18.47 -23.65 -52.71
C VAL B 634 18.68 -22.52 -53.71
N GLN B 635 18.44 -21.30 -53.25
CA GLN B 635 18.62 -20.09 -54.05
C GLN B 635 19.66 -19.21 -53.39
N PHE B 636 20.61 -18.71 -54.18
CA PHE B 636 21.69 -17.88 -53.66
C PHE B 636 22.03 -16.79 -54.67
N TYR B 637 22.54 -15.68 -54.16
CA TYR B 637 22.87 -14.52 -54.97
C TYR B 637 24.39 -14.40 -55.12
N LEU B 638 24.84 -14.12 -56.35
CA LEU B 638 26.24 -13.93 -56.65
C LEU B 638 26.48 -12.47 -57.00
N PRO B 639 27.47 -11.80 -56.38
CA PRO B 639 27.85 -10.46 -56.83
C PRO B 639 28.58 -10.47 -58.16
N GLU B 640 29.00 -9.28 -58.62
CA GLU B 640 29.63 -9.17 -59.92
C GLU B 640 30.89 -10.02 -59.99
N GLY B 641 31.13 -10.63 -61.16
CA GLY B 641 32.29 -11.47 -61.36
C GLY B 641 31.93 -12.91 -61.68
N ARG B 642 32.84 -13.63 -62.30
CA ARG B 642 32.62 -15.04 -62.65
C ARG B 642 33.07 -15.92 -61.50
N TRP B 643 32.21 -16.85 -61.09
CA TRP B 643 32.46 -17.72 -59.96
C TRP B 643 32.59 -19.16 -60.42
N THR B 644 33.53 -19.89 -59.82
CA THR B 644 33.79 -21.29 -60.15
C THR B 644 33.69 -22.13 -58.88
N HIS B 645 33.04 -23.28 -58.99
CA HIS B 645 32.86 -24.16 -57.84
C HIS B 645 34.20 -24.71 -57.37
N LEU B 646 34.27 -25.03 -56.08
CA LEU B 646 35.52 -25.49 -55.49
C LEU B 646 35.97 -26.82 -56.09
N TRP B 647 35.03 -27.76 -56.28
CA TRP B 647 35.37 -29.09 -56.77
C TRP B 647 34.46 -29.56 -57.89
N HIS B 648 33.61 -28.69 -58.45
CA HIS B 648 32.80 -29.05 -59.60
C HIS B 648 33.24 -28.36 -60.88
N ASN B 649 33.97 -27.25 -60.79
CA ASN B 649 34.59 -26.56 -61.91
C ASN B 649 33.58 -25.93 -62.87
N ASP B 650 32.33 -25.80 -62.47
CA ASP B 650 31.34 -25.15 -63.32
C ASP B 650 31.42 -23.63 -63.16
N GLU B 651 31.01 -22.92 -64.20
CA GLU B 651 31.07 -21.47 -64.23
C GLU B 651 29.65 -20.90 -64.25
N LEU B 652 29.45 -19.80 -63.51
CA LEU B 652 28.15 -19.15 -63.42
C LEU B 652 28.37 -17.64 -63.47
N PRO B 653 27.60 -16.91 -64.29
CA PRO B 653 27.74 -15.45 -64.29
C PRO B 653 27.30 -14.85 -62.97
N GLY B 654 27.89 -13.69 -62.65
CA GLY B 654 27.65 -13.04 -61.38
C GLY B 654 26.64 -11.91 -61.49
N SER B 655 26.43 -11.25 -60.35
CA SER B 655 25.51 -10.11 -60.24
C SER B 655 24.08 -10.54 -60.53
N ARG B 656 23.64 -11.62 -59.88
CA ARG B 656 22.29 -12.13 -60.09
C ARG B 656 22.04 -13.30 -59.16
N TRP B 657 20.78 -13.72 -59.09
CA TRP B 657 20.38 -14.86 -58.30
C TRP B 657 20.47 -16.15 -59.12
N HIS B 658 20.52 -17.28 -58.41
CA HIS B 658 20.59 -18.58 -59.05
C HIS B 658 19.93 -19.60 -58.13
N LYS B 659 19.34 -20.62 -58.76
CA LYS B 659 18.65 -21.70 -58.06
C LYS B 659 19.27 -23.03 -58.47
N GLN B 660 19.49 -23.91 -57.50
CA GLN B 660 20.15 -25.18 -57.78
C GLN B 660 19.68 -26.23 -56.79
N ARG B 661 19.68 -27.48 -57.25
CA ARG B 661 19.36 -28.64 -56.41
C ARG B 661 20.60 -29.50 -56.29
N HIS B 662 20.99 -29.82 -55.07
CA HIS B 662 22.19 -30.59 -54.79
C HIS B 662 21.87 -31.75 -53.87
N ASP B 663 22.62 -32.84 -54.03
CA ASP B 663 22.47 -34.01 -53.19
C ASP B 663 23.21 -33.80 -51.88
N ALA B 664 23.16 -34.82 -51.01
CA ALA B 664 23.78 -34.71 -49.70
C ALA B 664 25.29 -34.56 -49.76
N LEU B 665 25.92 -34.97 -50.86
CA LEU B 665 27.37 -34.90 -51.00
C LEU B 665 27.85 -33.60 -51.64
N SER B 666 26.94 -32.70 -52.00
CA SER B 666 27.31 -31.46 -52.66
C SER B 666 26.49 -30.31 -52.09
N LEU B 667 27.06 -29.12 -52.15
CA LEU B 667 26.38 -27.89 -51.72
C LEU B 667 27.05 -26.72 -52.41
N PRO B 668 26.37 -25.58 -52.52
CA PRO B 668 26.95 -24.45 -53.26
C PRO B 668 28.10 -23.78 -52.53
N VAL B 669 29.31 -24.05 -53.01
CA VAL B 669 30.54 -23.40 -52.56
C VAL B 669 31.26 -22.90 -53.82
N TYR B 670 31.59 -21.62 -53.83
CA TYR B 670 32.14 -20.98 -55.02
C TYR B 670 33.28 -20.06 -54.65
N VAL B 671 34.09 -19.74 -55.67
CA VAL B 671 35.26 -18.88 -55.52
C VAL B 671 35.16 -17.77 -56.55
N ARG B 672 35.42 -16.53 -56.12
CA ARG B 672 35.34 -15.40 -57.01
C ARG B 672 36.44 -15.48 -58.08
N ASP B 673 36.33 -14.59 -59.07
CA ASP B 673 37.29 -14.56 -60.15
C ASP B 673 38.59 -13.90 -59.71
N ASN B 674 39.62 -14.04 -60.54
CA ASN B 674 40.93 -13.45 -60.28
C ASN B 674 41.48 -13.89 -58.93
N THR B 675 41.49 -15.20 -58.71
CA THR B 675 41.86 -15.77 -57.43
C THR B 675 43.02 -16.74 -57.58
N LEU B 676 43.88 -16.76 -56.56
CA LEU B 676 45.01 -17.68 -56.48
C LEU B 676 44.94 -18.37 -55.11
N LEU B 677 44.21 -19.47 -55.04
CA LEU B 677 44.06 -20.20 -53.80
C LEU B 677 45.24 -21.12 -53.57
N ALA B 678 45.36 -21.62 -52.34
CA ALA B 678 46.44 -22.53 -51.96
C ALA B 678 45.85 -23.73 -51.24
N LEU B 679 46.41 -24.91 -51.52
CA LEU B 679 45.97 -26.15 -50.88
C LEU B 679 47.18 -27.01 -50.58
N GLY B 680 47.01 -27.91 -49.61
CA GLY B 680 48.05 -28.83 -49.21
C GLY B 680 47.80 -30.25 -49.72
N ASN B 681 48.85 -31.06 -49.60
CA ASN B 681 48.79 -32.45 -50.06
C ASN B 681 48.39 -33.42 -48.95
N ASN B 682 48.07 -32.92 -47.76
CA ASN B 682 47.69 -33.75 -46.62
C ASN B 682 46.23 -33.51 -46.30
N ASP B 683 45.45 -34.60 -46.23
CA ASP B 683 44.02 -34.52 -45.97
C ASP B 683 43.63 -35.29 -44.71
N GLN B 684 44.58 -35.51 -43.79
CA GLN B 684 44.32 -36.22 -42.55
C GLN B 684 44.66 -35.44 -41.29
N LYS B 685 45.57 -34.46 -41.38
CA LYS B 685 45.98 -33.67 -40.24
C LYS B 685 46.02 -32.20 -40.63
N PRO B 686 45.66 -31.28 -39.72
CA PRO B 686 45.75 -29.85 -40.03
C PRO B 686 47.05 -29.18 -39.62
N ASP B 687 48.02 -29.92 -39.12
CA ASP B 687 49.28 -29.36 -38.62
C ASP B 687 50.47 -29.86 -39.44
N TYR B 688 50.30 -29.90 -40.76
CA TYR B 688 51.34 -30.36 -41.66
C TYR B 688 52.08 -29.16 -42.28
N ALA B 689 53.17 -29.47 -42.98
CA ALA B 689 53.98 -28.45 -43.63
C ALA B 689 53.20 -27.89 -44.82
N TRP B 690 52.64 -26.69 -44.65
CA TRP B 690 51.83 -26.10 -45.70
C TRP B 690 52.68 -25.65 -46.89
N HIS B 691 53.94 -25.30 -46.65
CA HIS B 691 54.80 -24.78 -47.71
C HIS B 691 55.57 -25.88 -48.44
N GLU B 692 55.31 -27.15 -48.14
CA GLU B 692 55.96 -28.28 -48.79
C GLU B 692 54.94 -28.96 -49.70
N GLY B 693 55.27 -29.06 -50.98
CA GLY B 693 54.39 -29.73 -51.93
C GLY B 693 53.03 -29.07 -52.05
N THR B 694 52.98 -27.74 -51.95
CA THR B 694 51.70 -27.04 -52.03
C THR B 694 51.20 -27.00 -53.46
N ALA B 695 49.88 -26.86 -53.60
CA ALA B 695 49.21 -26.76 -54.89
C ALA B 695 48.43 -25.46 -54.91
N PHE B 696 48.90 -24.49 -55.69
CA PHE B 696 48.13 -23.28 -55.93
C PHE B 696 47.12 -23.53 -57.03
N GLN B 697 46.00 -22.81 -56.96
CA GLN B 697 44.91 -22.95 -57.91
C GLN B 697 44.57 -21.58 -58.47
N LEU B 698 44.60 -21.46 -59.80
CA LEU B 698 44.37 -20.20 -60.49
C LEU B 698 42.96 -20.19 -61.08
N PHE B 699 42.18 -19.18 -60.68
CA PHE B 699 40.78 -19.04 -61.07
C PHE B 699 40.60 -17.70 -61.80
N GLN B 700 40.33 -17.78 -63.10
CA GLN B 700 39.85 -16.65 -63.88
C GLN B 700 40.75 -15.43 -63.74
N LEU B 701 42.00 -15.57 -64.20
CA LEU B 701 42.94 -14.46 -64.21
C LEU B 701 42.67 -13.62 -65.46
N GLY B 702 42.03 -12.48 -65.28
CA GLY B 702 41.74 -11.61 -66.39
C GLY B 702 42.96 -10.86 -66.88
N ASP B 703 42.87 -10.39 -68.13
CA ASP B 703 43.98 -9.68 -68.74
C ASP B 703 44.24 -8.37 -68.01
N GLY B 704 45.51 -8.07 -67.77
CA GLY B 704 45.91 -6.83 -67.13
C GLY B 704 45.77 -6.81 -65.63
N ASN B 705 45.41 -7.92 -65.00
CA ASN B 705 45.22 -8.01 -63.57
C ASN B 705 46.38 -8.74 -62.90
N GLU B 706 46.57 -8.45 -61.61
CA GLU B 706 47.62 -9.06 -60.82
C GLU B 706 47.02 -9.65 -59.54
N THR B 707 47.52 -10.81 -59.14
CA THR B 707 47.04 -11.51 -57.96
C THR B 707 48.24 -11.92 -57.10
N VAL B 708 48.00 -11.99 -55.79
CA VAL B 708 49.03 -12.35 -54.83
C VAL B 708 48.47 -13.40 -53.87
N CYS B 709 49.36 -14.19 -53.29
CA CYS B 709 49.00 -15.20 -52.32
C CYS B 709 50.16 -15.41 -51.36
N GLN B 710 49.87 -15.42 -50.07
CA GLN B 710 50.87 -15.56 -49.02
C GLN B 710 50.54 -16.76 -48.15
N VAL B 711 51.32 -17.82 -48.28
CA VAL B 711 51.14 -19.00 -47.41
C VAL B 711 51.73 -18.67 -46.04
N PRO B 712 50.99 -18.89 -44.95
CA PRO B 712 51.51 -18.56 -43.62
C PRO B 712 52.38 -19.66 -43.04
N ALA B 713 53.05 -19.31 -41.95
CA ALA B 713 53.88 -20.24 -41.20
C ALA B 713 53.13 -20.66 -39.92
N ALA B 714 53.82 -21.39 -39.06
CA ALA B 714 53.20 -21.81 -37.80
C ALA B 714 52.83 -20.60 -36.94
N ASP B 715 53.70 -19.60 -36.89
CA ASP B 715 53.42 -18.39 -36.12
C ASP B 715 52.42 -17.47 -36.80
N GLY B 716 52.07 -17.74 -38.06
CA GLY B 716 51.12 -16.94 -38.80
C GLY B 716 51.74 -15.96 -39.77
N SER B 717 53.04 -15.69 -39.65
CA SER B 717 53.70 -14.79 -40.58
C SER B 717 53.92 -15.48 -41.92
N ALA B 718 53.73 -14.73 -43.01
CA ALA B 718 53.89 -15.29 -44.34
C ALA B 718 55.30 -15.85 -44.52
N ILE B 719 55.40 -17.05 -45.08
CA ILE B 719 56.68 -17.69 -45.33
C ILE B 719 57.06 -17.69 -46.81
N PHE B 720 56.09 -17.62 -47.71
CA PHE B 720 56.36 -17.64 -49.15
C PHE B 720 55.24 -16.89 -49.85
N THR B 721 55.61 -16.05 -50.83
CA THR B 721 54.65 -15.21 -51.55
C THR B 721 54.80 -15.46 -53.05
N LEU B 722 53.66 -15.56 -53.72
CA LEU B 722 53.60 -15.82 -55.16
C LEU B 722 52.75 -14.76 -55.82
N LYS B 723 53.26 -14.18 -56.92
CA LYS B 723 52.56 -13.14 -57.65
C LYS B 723 52.44 -13.55 -59.11
N ALA B 724 51.23 -13.42 -59.67
CA ALA B 724 50.95 -13.78 -61.05
C ALA B 724 50.46 -12.53 -61.79
N LYS B 725 51.05 -12.28 -62.96
CA LYS B 725 50.69 -11.15 -63.79
C LYS B 725 50.37 -11.64 -65.19
N ARG B 726 49.22 -11.24 -65.72
CA ARG B 726 48.76 -11.65 -67.03
C ARG B 726 48.82 -10.45 -67.99
N GLN B 727 49.39 -10.67 -69.17
CA GLN B 727 49.45 -9.65 -70.20
C GLN B 727 49.18 -10.33 -71.54
N GLY B 728 48.15 -9.87 -72.24
CA GLY B 728 47.77 -10.49 -73.49
C GLY B 728 47.40 -11.95 -73.30
N ASN B 729 48.27 -12.85 -73.77
CA ASN B 729 48.07 -14.28 -73.62
C ASN B 729 49.23 -14.94 -72.87
N THR B 730 50.01 -14.16 -72.12
CA THR B 730 51.17 -14.68 -71.39
C THR B 730 51.01 -14.35 -69.91
N ILE B 731 51.20 -15.36 -69.07
CA ILE B 731 51.09 -15.22 -67.61
C ILE B 731 52.45 -15.54 -67.01
N THR B 732 52.97 -14.61 -66.22
CA THR B 732 54.25 -14.76 -65.54
C THR B 732 54.01 -14.86 -64.04
N VAL B 733 54.57 -15.90 -63.42
CA VAL B 733 54.43 -16.15 -62.00
C VAL B 733 55.81 -16.10 -61.36
N SER B 734 55.94 -15.31 -60.28
CA SER B 734 57.19 -15.16 -59.56
C SER B 734 56.94 -15.41 -58.08
N GLY B 735 57.78 -16.26 -57.48
CA GLY B 735 57.64 -16.60 -56.08
C GLY B 735 58.93 -16.32 -55.33
N GLU B 736 58.77 -15.90 -54.07
CA GLU B 736 59.90 -15.61 -53.20
C GLU B 736 59.57 -16.01 -51.78
N GLY B 737 60.55 -16.61 -51.10
CA GLY B 737 60.37 -17.06 -49.74
C GLY B 737 61.05 -18.38 -49.46
N GLU B 738 60.34 -19.32 -48.84
CA GLU B 738 60.88 -20.62 -48.50
C GLU B 738 59.89 -21.69 -48.95
N ALA B 739 60.33 -22.57 -49.84
CA ALA B 739 59.49 -23.66 -50.32
C ALA B 739 60.37 -24.67 -51.03
N ARG B 740 59.86 -25.90 -51.14
CA ARG B 740 60.59 -26.99 -51.81
C ARG B 740 59.57 -27.83 -52.58
N GLY B 741 59.37 -27.49 -53.85
CA GLY B 741 58.47 -28.24 -54.70
C GLY B 741 57.03 -27.77 -54.57
N TRP B 742 56.40 -27.42 -55.69
CA TRP B 742 55.01 -26.97 -55.67
C TRP B 742 54.43 -27.11 -57.06
N THR B 743 53.10 -27.00 -57.13
CA THR B 743 52.38 -27.11 -58.38
C THR B 743 51.39 -25.95 -58.50
N LEU B 744 51.08 -25.59 -59.75
CA LEU B 744 50.08 -24.57 -60.04
C LEU B 744 49.07 -25.15 -61.02
N CYS B 745 47.80 -25.17 -60.61
CA CYS B 745 46.73 -25.73 -61.42
C CYS B 745 45.87 -24.58 -61.94
N LEU B 746 45.99 -24.29 -63.22
CA LEU B 746 45.10 -23.33 -63.87
C LEU B 746 43.78 -24.03 -64.16
N ARG B 747 42.68 -23.46 -63.69
CA ARG B 747 41.37 -24.08 -63.82
C ARG B 747 40.70 -23.69 -65.13
N ASN B 748 39.92 -24.63 -65.68
CA ASN B 748 39.16 -24.42 -66.90
C ASN B 748 40.08 -24.11 -68.09
N ILE B 749 41.30 -24.63 -68.06
CA ILE B 749 42.26 -24.48 -69.14
C ILE B 749 42.65 -25.88 -69.61
N PRO B 750 42.03 -26.38 -70.68
CA PRO B 750 42.36 -27.75 -71.13
C PRO B 750 43.82 -27.96 -71.44
N GLN B 751 44.49 -26.97 -72.03
CA GLN B 751 45.88 -27.12 -72.43
C GLN B 751 46.52 -25.75 -72.58
N ILE B 752 47.85 -25.74 -72.68
CA ILE B 752 48.62 -24.52 -72.83
C ILE B 752 49.50 -24.65 -74.06
N ALA B 753 49.93 -23.52 -74.62
CA ALA B 753 50.74 -23.49 -75.84
C ALA B 753 52.17 -23.08 -75.57
N GLY B 754 52.69 -23.41 -74.38
CA GLY B 754 54.07 -23.08 -74.06
C GLY B 754 54.31 -22.87 -72.57
N VAL B 755 55.42 -23.40 -72.07
CA VAL B 755 55.81 -23.25 -70.67
C VAL B 755 57.30 -22.94 -70.62
N GLU B 756 57.72 -22.34 -69.51
CA GLU B 756 59.12 -21.96 -69.30
C GLU B 756 59.54 -22.41 -67.90
N GLY B 757 60.25 -23.53 -67.83
CA GLY B 757 60.79 -24.02 -66.58
C GLY B 757 59.85 -24.86 -65.74
N GLY B 758 58.63 -25.11 -66.22
CA GLY B 758 57.67 -25.90 -65.48
C GLY B 758 57.19 -27.11 -66.26
N THR B 759 57.03 -28.24 -65.58
CA THR B 759 56.56 -29.47 -66.24
C THR B 759 55.05 -29.50 -66.22
N GLN B 760 54.44 -29.50 -67.41
CA GLN B 760 52.99 -29.36 -67.54
C GLN B 760 52.33 -30.72 -67.74
N ALA B 761 51.09 -30.83 -67.26
CA ALA B 761 50.29 -32.02 -67.45
C ALA B 761 48.82 -31.63 -67.36
N GLY B 762 47.96 -32.52 -67.88
CA GLY B 762 46.53 -32.27 -67.86
C GLY B 762 45.83 -32.96 -66.71
N SER B 763 44.65 -32.42 -66.37
CA SER B 763 43.83 -33.00 -65.31
C SER B 763 42.39 -32.58 -65.54
N GLU B 764 41.48 -33.33 -64.91
CA GLU B 764 40.05 -33.06 -65.10
C GLU B 764 39.67 -31.65 -64.67
N LEU B 765 40.47 -31.01 -63.80
CA LEU B 765 40.19 -29.67 -63.32
C LEU B 765 40.98 -28.60 -64.08
N GLY B 766 41.78 -28.97 -65.07
CA GLY B 766 42.54 -27.99 -65.82
C GLY B 766 43.94 -28.45 -66.18
N VAL B 767 44.93 -27.58 -65.99
CA VAL B 767 46.31 -27.89 -66.32
C VAL B 767 47.18 -27.67 -65.09
N VAL B 768 47.94 -28.69 -64.70
CA VAL B 768 48.80 -28.65 -63.54
C VAL B 768 50.24 -28.57 -64.01
N VAL B 769 50.96 -27.54 -63.56
CA VAL B 769 52.36 -27.34 -63.87
C VAL B 769 53.15 -27.46 -62.58
N SER B 770 54.03 -28.45 -62.52
CA SER B 770 54.95 -28.58 -61.40
C SER B 770 56.16 -27.68 -61.62
N ALA B 771 56.51 -26.91 -60.61
CA ALA B 771 57.56 -25.90 -60.71
C ALA B 771 58.85 -26.41 -60.09
N GLN B 772 59.93 -26.39 -60.86
CA GLN B 772 61.26 -26.73 -60.38
C GLN B 772 62.06 -25.50 -59.99
N GLY B 773 61.47 -24.30 -60.07
CA GLY B 773 62.15 -23.08 -59.70
C GLY B 773 61.23 -22.10 -59.01
N ASN B 774 61.58 -20.81 -59.05
CA ASN B 774 60.81 -19.76 -58.41
C ASN B 774 60.36 -18.69 -59.41
N ALA B 775 60.25 -19.06 -60.69
CA ALA B 775 59.80 -18.13 -61.71
C ALA B 775 59.41 -18.91 -62.96
N LEU B 776 58.20 -18.68 -63.45
CA LEU B 776 57.72 -19.38 -64.64
C LEU B 776 56.96 -18.40 -65.52
N THR B 777 56.90 -18.74 -66.81
CA THR B 777 56.14 -17.97 -67.79
C THR B 777 55.43 -18.96 -68.71
N ILE B 778 54.12 -18.75 -68.89
CA ILE B 778 53.29 -19.65 -69.69
C ILE B 778 52.55 -18.82 -70.73
N SER B 779 52.68 -19.22 -72.00
CA SER B 779 52.01 -18.52 -73.09
C SER B 779 50.73 -19.24 -73.49
N MET C 9 -1.19 17.28 12.95
CA MET C 9 -0.64 18.05 14.06
C MET C 9 -1.75 18.42 15.05
N LYS C 10 -2.99 18.44 14.58
CA LYS C 10 -4.11 18.77 15.44
C LYS C 10 -4.23 17.74 16.56
N ILE C 11 -4.52 18.22 17.77
CA ILE C 11 -4.61 17.40 18.96
C ILE C 11 -6.06 17.22 19.40
N SER C 12 -6.79 18.32 19.53
CA SER C 12 -8.16 18.32 20.02
C SER C 12 -9.12 18.62 18.88
N ASP C 13 -10.10 17.73 18.68
CA ASP C 13 -11.13 17.92 17.66
C ASP C 13 -12.35 18.58 18.29
N GLY C 14 -12.14 19.81 18.77
CA GLY C 14 -13.18 20.53 19.46
C GLY C 14 -12.87 20.72 20.92
N ASN C 15 -13.86 20.46 21.78
CA ASN C 15 -13.70 20.59 23.23
C ASN C 15 -14.09 19.36 24.01
N TRP C 16 -14.68 18.34 23.37
CA TRP C 16 -15.11 17.13 24.04
C TRP C 16 -14.42 15.87 23.56
N LEU C 17 -13.99 15.82 22.30
CA LEU C 17 -13.36 14.64 21.73
C LEU C 17 -12.03 15.03 21.09
N ILE C 18 -11.27 14.00 20.69
CA ILE C 18 -9.96 14.17 20.08
C ILE C 18 -9.90 13.35 18.81
N GLN C 19 -8.90 13.65 17.98
CA GLN C 19 -8.76 12.96 16.71
C GLN C 19 -8.46 11.48 16.93
N PRO C 20 -8.91 10.62 16.02
CA PRO C 20 -8.64 9.18 16.18
C PRO C 20 -7.16 8.87 16.13
N GLY C 21 -6.77 7.79 16.81
CA GLY C 21 -5.40 7.32 16.78
C GLY C 21 -4.40 8.27 17.42
N LEU C 22 -4.77 8.88 18.55
CA LEU C 22 -3.89 9.78 19.29
C LEU C 22 -4.02 9.46 20.77
N ASN C 23 -3.06 8.70 21.31
CA ASN C 23 -3.07 8.37 22.73
C ASN C 23 -2.53 9.54 23.53
N LEU C 24 -3.28 9.96 24.54
CA LEU C 24 -2.93 11.12 25.36
C LEU C 24 -2.63 10.67 26.78
N ILE C 25 -1.48 11.09 27.31
CA ILE C 25 -1.10 10.80 28.69
C ILE C 25 -0.79 12.14 29.34
N GLN C 26 -1.60 12.53 30.33
CA GLN C 26 -1.48 13.83 30.95
C GLN C 26 -1.32 13.72 32.46
N PRO C 27 -0.53 14.60 33.09
CA PRO C 27 -0.44 14.58 34.55
C PRO C 27 -1.74 15.06 35.19
N VAL C 28 -2.15 14.37 36.26
CA VAL C 28 -3.41 14.68 36.93
C VAL C 28 -3.15 14.93 38.42
N GLN C 29 -2.07 14.36 38.95
CA GLN C 29 -1.80 14.44 40.37
C GLN C 29 -0.30 14.52 40.59
N VAL C 30 0.08 15.11 41.73
CA VAL C 30 1.47 15.23 42.13
C VAL C 30 1.79 14.09 43.09
N TYR C 31 2.80 13.30 42.76
CA TYR C 31 3.20 12.16 43.59
C TYR C 31 4.32 12.50 44.55
N GLU C 32 5.43 13.07 44.06
CA GLU C 32 6.58 13.33 44.92
C GLU C 32 7.27 14.61 44.51
N VAL C 33 7.94 15.23 45.47
CA VAL C 33 8.72 16.44 45.27
C VAL C 33 10.07 16.27 45.96
N GLU C 34 11.14 16.68 45.29
CA GLU C 34 12.50 16.57 45.81
C GLU C 34 13.26 17.85 45.51
N GLN C 35 14.26 18.14 46.35
CA GLN C 35 15.13 19.29 46.20
C GLN C 35 16.54 18.81 45.94
N GLN C 36 17.07 19.11 44.75
CA GLN C 36 18.43 18.74 44.37
C GLN C 36 19.24 20.02 44.25
N GLY C 37 19.94 20.37 45.32
CA GLY C 37 20.73 21.58 45.33
C GLY C 37 19.88 22.82 45.15
N ASN C 38 20.03 23.47 44.00
CA ASN C 38 19.27 24.68 43.67
C ASN C 38 18.12 24.39 42.70
N GLU C 39 17.80 23.12 42.46
CA GLU C 39 16.76 22.74 41.54
C GLU C 39 15.67 21.95 42.25
N MET C 40 14.47 21.98 41.69
CA MET C 40 13.32 21.26 42.22
C MET C 40 12.88 20.21 41.22
N VAL C 41 12.53 19.02 41.72
CA VAL C 41 12.09 17.91 40.88
C VAL C 41 10.71 17.48 41.36
N VAL C 42 9.78 17.31 40.42
CA VAL C 42 8.42 16.88 40.71
C VAL C 42 8.12 15.65 39.87
N TYR C 43 7.77 14.56 40.54
CA TYR C 43 7.35 13.33 39.89
C TYR C 43 5.84 13.22 40.00
N ALA C 44 5.16 13.19 38.85
CA ALA C 44 3.72 13.20 38.78
C ALA C 44 3.21 12.01 37.99
N ALA C 45 1.95 11.64 38.24
CA ALA C 45 1.32 10.51 37.59
C ALA C 45 -0.02 10.92 37.01
N PRO C 46 -0.52 10.18 36.01
CA PRO C 46 -1.80 10.55 35.37
C PRO C 46 -3.03 10.15 36.17
N ARG C 47 -2.88 9.41 37.26
CA ARG C 47 -4.02 8.91 38.01
C ARG C 47 -3.71 8.99 39.50
N ASP C 48 -4.74 8.78 40.31
CA ASP C 48 -4.57 8.75 41.75
C ASP C 48 -3.60 7.64 42.14
N VAL C 49 -2.62 7.99 42.98
CA VAL C 49 -1.59 7.04 43.39
C VAL C 49 -1.43 7.08 44.90
N ARG C 50 -2.37 7.72 45.60
CA ARG C 50 -2.31 7.75 47.06
C ARG C 50 -2.39 6.34 47.64
N GLU C 51 -3.10 5.44 46.99
CA GLU C 51 -3.22 4.06 47.44
C GLU C 51 -2.11 3.20 46.84
N ARG C 52 -1.72 2.17 47.58
CA ARG C 52 -0.63 1.31 47.15
C ARG C 52 -0.98 0.46 45.93
N ALA C 53 -2.26 0.26 45.65
CA ALA C 53 -2.66 -0.61 44.56
C ALA C 53 -2.29 -0.02 43.20
N TRP C 54 -2.39 1.31 43.06
CA TRP C 54 -2.17 1.97 41.78
C TRP C 54 -0.77 2.53 41.64
N GLN C 55 0.15 2.18 42.54
CA GLN C 55 1.53 2.64 42.46
C GLN C 55 2.37 1.71 41.59
N LEU C 56 1.89 1.44 40.37
CA LEU C 56 2.60 0.58 39.43
C LEU C 56 1.82 0.55 38.12
N ASP C 57 2.50 0.10 37.07
CA ASP C 57 1.88 -0.08 35.75
C ASP C 57 1.33 1.24 35.21
N THR C 58 1.96 2.36 35.55
CA THR C 58 1.54 3.66 35.08
C THR C 58 2.79 4.49 34.74
N PRO C 59 2.66 5.45 33.82
CA PRO C 59 3.80 6.33 33.52
C PRO C 59 4.08 7.30 34.65
N LEU C 60 5.09 8.15 34.46
CA LEU C 60 5.45 9.13 35.49
C LEU C 60 6.20 10.27 34.82
N PHE C 61 5.60 11.45 34.79
CA PHE C 61 6.25 12.63 34.23
C PHE C 61 7.18 13.26 35.26
N THR C 62 8.35 13.70 34.78
CA THR C 62 9.35 14.33 35.63
C THR C 62 9.49 15.79 35.20
N LEU C 63 9.24 16.70 36.13
CA LEU C 63 9.34 18.13 35.88
C LEU C 63 10.47 18.71 36.72
N ARG C 64 11.44 19.34 36.05
CA ARG C 64 12.58 19.95 36.71
C ARG C 64 12.46 21.47 36.57
N PHE C 65 12.49 22.16 37.71
CA PHE C 65 12.42 23.61 37.77
C PHE C 65 13.76 24.15 38.27
N PHE C 66 14.34 25.06 37.51
CA PHE C 66 15.63 25.65 37.87
C PHE C 66 15.62 27.12 37.48
N SER C 67 16.69 27.83 37.87
CA SER C 67 16.81 29.27 37.63
C SER C 67 18.19 29.55 37.05
N PRO C 68 18.35 29.46 35.72
CA PRO C 68 19.66 29.76 35.13
C PRO C 68 20.10 31.20 35.34
N GLN C 69 19.17 32.13 35.52
CA GLN C 69 19.51 33.53 35.71
C GLN C 69 18.42 34.17 36.58
N GLU C 70 18.79 35.27 37.23
CA GLU C 70 17.84 35.99 38.06
C GLU C 70 16.68 36.49 37.22
N GLY C 71 15.46 36.24 37.72
CA GLY C 71 14.26 36.65 37.01
C GLY C 71 13.82 35.72 35.90
N ILE C 72 14.53 34.60 35.69
CA ILE C 72 14.21 33.64 34.64
C ILE C 72 14.05 32.28 35.29
N ILE C 73 12.98 31.56 34.92
CA ILE C 73 12.70 30.23 35.45
C ILE C 73 12.61 29.26 34.28
N GLY C 74 13.37 28.17 34.35
CA GLY C 74 13.41 27.16 33.32
C GLY C 74 12.72 25.89 33.80
N VAL C 75 11.86 25.35 32.94
CA VAL C 75 11.06 24.16 33.23
C VAL C 75 11.39 23.12 32.17
N ARG C 76 11.70 21.89 32.63
CA ARG C 76 12.04 20.77 31.76
C ARG C 76 11.13 19.61 32.11
N MET C 77 10.24 19.24 31.19
CA MET C 77 9.31 18.13 31.38
C MET C 77 9.79 16.95 30.56
N GLU C 78 9.89 15.79 31.19
CA GLU C 78 10.46 14.60 30.58
C GLU C 78 9.59 13.38 30.87
N HIS C 79 9.60 12.45 29.91
CA HIS C 79 8.95 11.16 30.01
C HIS C 79 9.95 10.02 29.99
N PHE C 80 10.80 9.96 28.98
CA PHE C 80 11.86 8.96 28.87
C PHE C 80 13.21 9.66 28.83
N GLN C 81 14.13 9.19 29.68
CA GLN C 81 15.49 9.73 29.71
C GLN C 81 16.47 8.92 28.87
N GLY C 82 16.01 7.85 28.22
CA GLY C 82 16.88 7.03 27.41
C GLY C 82 17.13 7.52 26.01
N ALA C 83 16.48 8.61 25.59
CA ALA C 83 16.67 9.13 24.25
C ALA C 83 18.02 9.81 24.13
N LEU C 84 18.44 10.03 22.88
CA LEU C 84 19.72 10.67 22.59
C LEU C 84 19.54 12.17 22.43
N ASP C 85 20.48 12.94 22.97
CA ASP C 85 20.50 14.39 22.87
C ASP C 85 21.83 14.78 22.24
N ASN C 86 21.82 15.01 20.93
CA ASN C 86 23.03 15.31 20.17
C ASN C 86 23.19 16.82 19.99
N SER C 87 24.36 17.21 19.53
CA SER C 87 24.65 18.60 19.25
C SER C 87 23.86 19.06 18.04
N PRO C 88 23.67 20.38 17.88
CA PRO C 88 24.11 21.49 18.73
C PRO C 88 23.06 21.93 19.74
N HIS C 89 23.38 22.95 20.53
CA HIS C 89 22.45 23.55 21.48
C HIS C 89 22.55 25.06 21.41
N TYR C 90 21.48 25.73 21.79
CA TYR C 90 21.47 27.18 21.73
C TYR C 90 22.54 27.74 22.66
N PRO C 91 23.24 28.82 22.25
CA PRO C 91 24.29 29.40 23.12
C PRO C 91 23.72 30.25 24.25
N LEU C 92 23.32 29.58 25.32
CA LEU C 92 22.72 30.22 26.48
C LEU C 92 23.76 30.42 27.57
N ASN C 93 23.81 31.62 28.13
CA ASN C 93 24.73 31.93 29.23
C ASN C 93 24.03 31.57 30.54
N VAL C 94 24.63 30.64 31.29
CA VAL C 94 24.05 30.14 32.53
C VAL C 94 25.00 30.46 33.67
N GLN C 95 24.46 31.00 34.76
CA GLN C 95 25.22 31.36 35.94
C GLN C 95 24.89 30.38 37.05
N LYS C 96 25.93 29.86 37.71
CA LYS C 96 25.78 28.89 38.79
C LYS C 96 25.88 29.54 40.17
N ASP C 97 25.87 30.87 40.23
CA ASP C 97 25.96 31.61 41.48
C ASP C 97 24.73 32.48 41.70
N VAL C 98 23.55 31.90 41.44
CA VAL C 98 22.28 32.60 41.56
C VAL C 98 21.62 32.22 42.88
N HIS C 99 21.16 33.21 43.62
CA HIS C 99 20.47 32.96 44.89
C HIS C 99 19.01 32.61 44.61
N VAL C 100 18.59 31.44 45.08
CA VAL C 100 17.23 30.95 44.88
C VAL C 100 16.67 30.45 46.20
N GLU C 101 15.34 30.43 46.29
CA GLU C 101 14.64 29.98 47.48
C GLU C 101 13.66 28.88 47.13
N ILE C 102 13.56 27.87 48.00
CA ILE C 102 12.66 26.75 47.81
C ILE C 102 11.84 26.57 49.09
N GLU C 103 10.53 26.43 48.93
CA GLU C 103 9.61 26.19 50.05
C GLU C 103 8.80 24.96 49.72
N ASN C 104 9.00 23.89 50.49
CA ASN C 104 8.33 22.61 50.28
C ASN C 104 7.50 22.28 51.52
N THR C 105 6.27 22.76 51.54
CA THR C 105 5.33 22.46 52.62
C THR C 105 4.33 21.40 52.17
N ALA C 106 3.53 20.94 53.12
CA ALA C 106 2.58 19.86 52.85
C ALA C 106 1.46 20.26 51.91
N GLU C 107 1.31 21.55 51.62
CA GLU C 107 0.22 22.04 50.77
C GLU C 107 0.66 22.37 49.35
N PHE C 108 1.84 22.96 49.18
CA PHE C 108 2.29 23.39 47.86
C PHE C 108 3.81 23.45 47.84
N ALA C 109 4.35 23.52 46.63
CA ALA C 109 5.79 23.65 46.40
C ALA C 109 6.05 24.94 45.66
N GLU C 110 6.95 25.76 46.20
CA GLU C 110 7.24 27.08 45.64
C GLU C 110 8.73 27.21 45.37
N LEU C 111 9.07 27.66 44.17
CA LEU C 111 10.45 27.98 43.79
C LEU C 111 10.50 29.46 43.44
N LYS C 112 11.20 30.25 44.25
CA LYS C 112 11.24 31.69 44.10
C LYS C 112 12.64 32.14 43.70
N SER C 113 12.73 32.89 42.61
CA SER C 113 13.96 33.52 42.18
C SER C 113 13.68 34.99 41.92
N GLY C 114 14.46 35.86 42.57
CA GLY C 114 14.24 37.29 42.40
C GLY C 114 12.81 37.65 42.80
N SER C 115 12.14 38.37 41.91
CA SER C 115 10.75 38.77 42.12
C SER C 115 9.76 37.76 41.55
N LEU C 116 10.23 36.73 40.86
CA LEU C 116 9.36 35.74 40.24
C LEU C 116 9.32 34.47 41.09
N SER C 117 8.23 33.72 40.95
CA SER C 117 8.11 32.45 41.65
C SER C 117 7.20 31.51 40.85
N VAL C 118 7.40 30.22 41.09
CA VAL C 118 6.59 29.17 40.47
C VAL C 118 5.98 28.34 41.60
N ARG C 119 4.66 28.14 41.54
CA ARG C 119 3.92 27.44 42.58
C ARG C 119 3.21 26.24 41.97
N VAL C 120 3.32 25.09 42.63
CA VAL C 120 2.63 23.87 42.25
C VAL C 120 1.80 23.40 43.43
N THR C 121 0.52 23.14 43.19
CA THR C 121 -0.40 22.74 44.24
C THR C 121 -0.50 21.22 44.30
N LYS C 122 -0.32 20.66 45.49
CA LYS C 122 -0.41 19.22 45.70
C LYS C 122 -1.84 18.82 46.03
N GLY C 123 -2.08 17.51 46.04
CA GLY C 123 -3.38 16.97 46.34
C GLY C 123 -4.09 16.44 45.11
N GLU C 124 -5.43 16.43 45.15
CA GLU C 124 -6.19 15.91 44.01
C GLU C 124 -6.19 16.89 42.84
N PHE C 125 -6.06 18.18 43.11
CA PHE C 125 -6.12 19.20 42.07
C PHE C 125 -4.69 19.56 41.65
N TRP C 126 -4.38 19.32 40.38
CA TRP C 126 -3.08 19.66 39.83
C TRP C 126 -3.16 21.02 39.14
N ALA C 127 -2.24 21.92 39.47
CA ALA C 127 -2.23 23.26 38.90
C ALA C 127 -0.83 23.83 39.01
N LEU C 128 -0.42 24.59 38.00
CA LEU C 128 0.87 25.26 37.97
C LEU C 128 0.64 26.75 37.77
N ASP C 129 1.29 27.58 38.58
CA ASP C 129 1.09 29.02 38.51
C ASP C 129 2.43 29.73 38.55
N PHE C 130 2.50 30.87 37.87
CA PHE C 130 3.65 31.76 37.91
C PHE C 130 3.22 33.06 38.59
N LEU C 131 3.93 33.43 39.64
CA LEU C 131 3.56 34.57 40.48
C LEU C 131 4.64 35.63 40.44
N ARG C 132 4.24 36.87 40.17
CA ARG C 132 5.13 38.03 40.20
C ARG C 132 4.85 38.77 41.50
N ASP C 133 5.59 38.40 42.56
CA ASP C 133 5.42 38.99 43.89
C ASP C 133 4.14 38.52 44.57
N GLY C 134 3.67 37.31 44.23
CA GLY C 134 2.54 36.71 44.88
C GLY C 134 1.23 36.80 44.13
N VAL C 135 1.22 37.37 42.93
CA VAL C 135 0.02 37.51 42.12
C VAL C 135 0.22 36.73 40.83
N ARG C 136 -0.74 35.87 40.50
CA ARG C 136 -0.63 35.06 39.30
C ARG C 136 -0.68 35.92 38.04
N ILE C 137 0.13 35.56 37.06
CA ILE C 137 0.13 36.23 35.77
C ILE C 137 -0.20 35.23 34.68
N THR C 138 0.12 33.96 34.92
CA THR C 138 -0.13 32.90 33.95
C THR C 138 0.16 31.56 34.62
N GLY C 139 -0.04 30.48 33.88
CA GLY C 139 0.21 29.16 34.39
C GLY C 139 -0.45 28.11 33.52
N SER C 140 -0.39 26.87 34.02
CA SER C 140 -0.97 25.71 33.35
C SER C 140 -2.05 25.11 34.24
N GLN C 141 -3.22 24.87 33.66
CA GLN C 141 -4.35 24.29 34.37
C GLN C 141 -4.30 22.78 34.27
N LEU C 142 -5.37 22.12 34.68
CA LEU C 142 -5.43 20.65 34.67
C LEU C 142 -5.60 20.14 33.25
N LYS C 143 -4.94 19.01 32.97
CA LYS C 143 -5.07 18.32 31.68
C LYS C 143 -4.73 19.26 30.52
N ASN C 144 -3.62 19.98 30.66
CA ASN C 144 -3.14 20.87 29.61
C ASN C 144 -1.64 20.70 29.35
N ASN C 145 -1.02 19.68 29.93
CA ASN C 145 0.42 19.41 29.79
C ASN C 145 0.64 17.99 29.30
N GLY C 146 -0.09 17.59 28.26
CA GLY C 146 -0.14 16.21 27.87
C GLY C 146 1.01 15.77 26.98
N TYR C 147 1.07 14.45 26.78
CA TYR C 147 2.02 13.81 25.89
C TYR C 147 1.24 12.95 24.91
N VAL C 148 1.55 13.09 23.62
CA VAL C 148 0.74 12.52 22.54
C VAL C 148 1.55 11.45 21.82
N GLN C 149 0.93 10.29 21.63
CA GLN C 149 1.48 9.21 20.82
C GLN C 149 0.59 9.03 19.60
N ASP C 150 1.20 9.12 18.41
CA ASP C 150 0.47 8.98 17.15
C ASP C 150 0.84 7.63 16.54
N SER C 151 -0.14 6.74 16.43
CA SER C 151 0.11 5.41 15.86
C SER C 151 0.24 5.45 14.35
N LYS C 152 -0.43 6.37 13.67
CA LYS C 152 -0.36 6.45 12.22
C LYS C 152 1.08 6.62 11.76
N THR C 153 1.78 7.61 12.30
CA THR C 153 3.18 7.86 12.00
C THR C 153 4.12 7.26 13.04
N GLN C 154 3.58 6.59 14.06
CA GLN C 154 4.41 6.03 15.12
C GLN C 154 5.33 7.09 15.72
N ARG C 155 4.78 8.28 15.94
CA ARG C 155 5.53 9.43 16.42
C ARG C 155 5.10 9.81 17.83
N ASN C 156 5.89 10.67 18.45
CA ASN C 156 5.63 11.17 19.79
C ASN C 156 5.80 12.67 19.83
N TYR C 157 4.89 13.35 20.53
CA TYR C 157 4.88 14.79 20.63
C TYR C 157 4.66 15.22 22.08
N MET C 158 5.25 16.36 22.44
CA MET C 158 5.06 16.98 23.74
C MET C 158 4.54 18.39 23.53
N PHE C 159 3.41 18.70 24.14
CA PHE C 159 2.77 20.00 23.97
C PHE C 159 2.48 20.61 25.33
N GLU C 160 2.51 21.94 25.38
CA GLU C 160 2.26 22.69 26.59
C GLU C 160 1.39 23.89 26.27
N ARG C 161 0.46 24.18 27.18
CA ARG C 161 -0.48 25.29 27.03
C ARG C 161 -0.31 26.25 28.21
N LEU C 162 -0.32 27.54 27.90
CA LEU C 162 -0.20 28.59 28.89
C LEU C 162 -1.43 29.50 28.83
N ASP C 163 -1.99 29.81 29.99
CA ASP C 163 -3.23 30.57 30.04
C ASP C 163 -3.03 32.01 29.60
N LEU C 164 -4.10 32.62 29.12
CA LEU C 164 -4.12 34.02 28.71
C LEU C 164 -5.31 34.70 29.38
N GLY C 165 -5.07 35.87 29.97
CA GLY C 165 -6.13 36.65 30.56
C GLY C 165 -6.83 37.52 29.55
N VAL C 166 -7.59 38.49 30.05
CA VAL C 166 -8.32 39.41 29.19
C VAL C 166 -7.39 40.53 28.75
N GLY C 167 -7.39 40.84 27.46
CA GLY C 167 -6.56 41.89 26.91
C GLY C 167 -5.15 41.48 26.56
N GLU C 168 -4.80 40.20 26.71
CA GLU C 168 -3.44 39.76 26.39
C GLU C 168 -3.18 39.91 24.90
N THR C 169 -1.97 40.36 24.58
CA THR C 169 -1.52 40.48 23.19
C THR C 169 -0.13 39.88 23.07
N VAL C 170 0.08 39.09 22.03
CA VAL C 170 1.32 38.35 21.83
C VAL C 170 2.10 39.01 20.71
N TYR C 171 3.41 39.20 20.92
CA TYR C 171 4.26 39.82 19.93
C TYR C 171 5.57 39.03 19.82
N GLY C 172 6.23 39.20 18.68
CA GLY C 172 7.52 38.59 18.45
C GLY C 172 7.50 37.44 17.46
N LEU C 173 8.12 36.32 17.85
CA LEU C 173 8.18 35.12 17.01
C LEU C 173 8.95 35.38 15.71
N GLY C 174 9.88 36.32 15.74
CA GLY C 174 10.77 36.54 14.61
C GLY C 174 10.21 37.50 13.59
N GLU C 175 10.83 37.46 12.41
CA GLU C 175 10.46 38.33 11.30
C GLU C 175 9.20 37.77 10.64
N ARG C 176 8.06 38.33 10.98
CA ARG C 176 6.78 37.98 10.36
C ARG C 176 6.17 39.22 9.74
N PHE C 177 5.69 39.08 8.50
CA PHE C 177 5.07 40.17 7.78
C PHE C 177 3.55 40.16 7.90
N THR C 178 2.99 39.29 8.73
CA THR C 178 1.57 39.24 8.98
C THR C 178 1.19 40.36 9.95
N ALA C 179 -0.03 40.30 10.48
CA ALA C 179 -0.46 41.31 11.44
C ALA C 179 0.46 41.32 12.65
N LEU C 180 0.69 42.52 13.20
CA LEU C 180 1.61 42.66 14.31
C LEU C 180 1.18 41.80 15.50
N VAL C 181 -0.11 41.80 15.80
CA VAL C 181 -0.64 40.97 16.88
C VAL C 181 -0.72 39.53 16.38
N ARG C 182 -0.14 38.60 17.13
CA ARG C 182 -0.06 37.20 16.74
C ARG C 182 -1.30 36.41 17.10
N ASN C 183 -2.28 37.03 17.75
CA ASN C 183 -3.49 36.32 18.10
C ASN C 183 -4.19 35.81 16.84
N GLY C 184 -4.58 34.54 16.87
CA GLY C 184 -5.26 33.92 15.75
C GLY C 184 -4.36 33.36 14.67
N GLN C 185 -3.06 33.26 14.92
CA GLN C 185 -2.09 32.80 13.94
C GLN C 185 -1.48 31.48 14.38
N THR C 186 -1.41 30.52 13.46
CA THR C 186 -0.76 29.24 13.72
C THR C 186 0.67 29.25 13.18
N VAL C 187 1.48 30.11 13.79
CA VAL C 187 2.86 30.28 13.34
C VAL C 187 3.66 29.00 13.58
N GLU C 188 4.64 28.77 12.72
CA GLU C 188 5.56 27.64 12.85
C GLU C 188 6.98 28.14 12.61
N THR C 189 7.92 27.64 13.42
CA THR C 189 9.32 28.06 13.34
C THR C 189 10.07 27.11 12.42
N TRP C 190 10.29 27.55 11.17
CA TRP C 190 11.07 26.76 10.22
C TRP C 190 11.57 27.72 9.14
N ASN C 191 12.89 27.94 9.11
CA ASN C 191 13.47 28.86 8.15
C ASN C 191 13.15 28.40 6.73
N GLU C 192 12.70 29.34 5.90
CA GLU C 192 12.36 29.04 4.52
C GLU C 192 12.46 30.32 3.70
N ASP C 193 12.89 30.18 2.46
CA ASP C 193 13.03 31.33 1.54
C ASP C 193 11.78 31.39 0.67
N GLY C 194 10.74 32.03 1.20
CA GLY C 194 9.47 32.13 0.48
C GLY C 194 9.03 33.56 0.27
N GLY C 195 9.98 34.48 0.22
CA GLY C 195 9.66 35.88 0.01
C GLY C 195 9.14 36.53 1.28
N THR C 196 8.59 37.73 1.09
CA THR C 196 8.01 38.51 2.18
C THR C 196 6.49 38.50 2.20
N SER C 197 5.84 38.39 1.04
CA SER C 197 4.39 38.36 1.01
C SER C 197 3.85 37.12 1.74
N THR C 198 4.49 35.98 1.55
CA THR C 198 4.03 34.75 2.17
C THR C 198 4.34 34.75 3.67
N GLU C 199 3.58 33.94 4.41
CA GLU C 199 3.78 33.84 5.85
C GLU C 199 5.16 33.28 6.21
N GLN C 200 5.81 32.60 5.26
CA GLN C 200 7.14 32.05 5.54
C GLN C 200 8.12 33.17 5.85
N SER C 201 9.03 32.89 6.78
CA SER C 201 9.99 33.87 7.27
C SER C 201 11.41 33.37 7.06
N TYR C 202 12.29 34.29 6.65
CA TYR C 202 13.69 33.93 6.47
C TYR C 202 14.33 33.55 7.80
N LYS C 203 14.03 34.30 8.86
CA LYS C 203 14.61 34.09 10.19
C LYS C 203 13.51 33.79 11.18
N ASN C 204 13.65 32.67 11.90
CA ASN C 204 12.67 32.24 12.88
C ASN C 204 13.38 31.98 14.20
N ILE C 205 12.81 32.50 15.28
CA ILE C 205 13.35 32.30 16.62
C ILE C 205 12.19 32.06 17.58
N PRO C 206 12.13 30.92 18.27
CA PRO C 206 10.98 30.66 19.14
C PRO C 206 11.04 31.47 20.43
N PHE C 207 10.26 32.56 20.48
CA PHE C 207 10.17 33.40 21.65
C PHE C 207 9.04 34.39 21.43
N TYR C 208 8.22 34.60 22.47
CA TYR C 208 7.12 35.53 22.37
C TYR C 208 7.04 36.37 23.64
N LEU C 209 6.43 37.54 23.50
CA LEU C 209 6.31 38.52 24.57
C LEU C 209 4.85 38.95 24.70
N THR C 210 4.48 39.36 25.92
CA THR C 210 3.12 39.78 26.23
C THR C 210 3.14 41.16 26.85
N ASN C 211 2.05 41.90 26.65
CA ASN C 211 1.97 43.27 27.14
C ASN C 211 1.99 43.35 28.66
N ARG C 212 1.74 42.24 29.36
CA ARG C 212 1.69 42.24 30.81
C ARG C 212 3.08 42.24 31.45
N GLY C 213 4.14 42.06 30.68
CA GLY C 213 5.48 42.12 31.19
C GLY C 213 6.19 40.79 31.33
N TYR C 214 5.66 39.71 30.77
CA TYR C 214 6.29 38.40 30.87
C TYR C 214 6.49 37.84 29.46
N GLY C 215 7.63 37.15 29.28
CA GLY C 215 7.95 36.57 27.99
C GLY C 215 8.31 35.10 28.15
N VAL C 216 8.16 34.37 27.05
CA VAL C 216 8.36 32.93 27.02
C VAL C 216 9.34 32.60 25.89
N LEU C 217 10.26 31.68 26.19
CA LEU C 217 11.25 31.20 25.23
C LEU C 217 11.22 29.68 25.23
N VAL C 218 11.41 29.09 24.05
CA VAL C 218 11.45 27.65 23.88
C VAL C 218 12.85 27.28 23.41
N ASN C 219 13.52 26.40 24.18
CA ASN C 219 14.87 25.96 23.85
C ASN C 219 14.79 24.67 23.04
N HIS C 220 14.51 24.84 21.74
CA HIS C 220 14.40 23.71 20.82
C HIS C 220 14.74 24.21 19.43
N PRO C 221 15.99 24.05 18.99
CA PRO C 221 16.35 24.48 17.63
C PRO C 221 15.52 23.80 16.55
N GLN C 222 15.06 22.58 16.80
CA GLN C 222 14.26 21.87 15.81
C GLN C 222 12.91 22.57 15.62
N ARG C 223 12.11 22.04 14.71
CA ARG C 223 10.82 22.65 14.40
C ARG C 223 9.94 22.69 15.64
N VAL C 224 9.29 23.84 15.86
CA VAL C 224 8.38 24.03 16.97
C VAL C 224 7.05 24.52 16.41
N SER C 225 5.96 23.87 16.82
CA SER C 225 4.63 24.21 16.36
C SER C 225 3.97 25.14 17.38
N PHE C 226 3.57 26.33 16.93
CA PHE C 226 2.95 27.32 17.79
C PHE C 226 1.51 27.54 17.38
N GLU C 227 0.64 27.74 18.37
CA GLU C 227 -0.78 28.02 18.16
C GLU C 227 -1.16 29.12 19.14
N VAL C 228 -1.36 30.33 18.61
CA VAL C 228 -1.79 31.48 19.38
C VAL C 228 -3.16 31.90 18.87
N GLY C 229 -4.15 31.89 19.76
CA GLY C 229 -5.51 32.22 19.38
C GLY C 229 -6.22 31.14 18.59
N SER C 230 -5.55 30.02 18.30
CA SER C 230 -6.17 28.89 17.62
C SER C 230 -6.97 28.07 18.62
N GLU C 231 -7.31 26.83 18.25
CA GLU C 231 -7.97 25.92 19.17
C GLU C 231 -7.42 26.09 20.58
N LYS C 232 -8.33 26.12 21.57
CA LYS C 232 -8.01 26.61 22.90
C LYS C 232 -7.61 28.09 22.84
N VAL C 233 -8.60 28.90 22.43
CA VAL C 233 -8.36 30.32 22.18
C VAL C 233 -7.79 31.01 23.41
N SER C 234 -8.33 30.69 24.59
CA SER C 234 -7.89 31.33 25.83
C SER C 234 -6.52 30.86 26.29
N LYS C 235 -5.79 30.09 25.46
CA LYS C 235 -4.47 29.58 25.83
C LYS C 235 -3.56 29.62 24.62
N VAL C 236 -2.26 29.68 24.88
CA VAL C 236 -1.22 29.62 23.86
C VAL C 236 -0.57 28.26 23.95
N GLN C 237 -0.53 27.54 22.84
CA GLN C 237 -0.02 26.19 22.80
C GLN C 237 1.28 26.13 22.01
N PHE C 238 2.25 25.37 22.52
CA PHE C 238 3.46 25.08 21.76
C PHE C 238 3.79 23.61 21.92
N SER C 239 4.08 22.95 20.80
CA SER C 239 4.33 21.52 20.76
C SER C 239 5.59 21.24 19.97
N VAL C 240 6.27 20.15 20.32
CA VAL C 240 7.52 19.77 19.69
C VAL C 240 7.62 18.26 19.66
N GLU C 241 8.25 17.74 18.61
CA GLU C 241 8.49 16.31 18.49
C GLU C 241 9.64 15.89 19.39
N GLY C 242 9.54 14.69 19.94
CA GLY C 242 10.56 14.16 20.81
C GLY C 242 10.00 13.59 22.10
N GLU C 243 10.79 13.66 23.18
CA GLU C 243 10.37 13.13 24.47
C GLU C 243 10.53 14.12 25.61
N TYR C 244 11.22 15.24 25.42
CA TYR C 244 11.43 16.23 26.46
C TYR C 244 11.09 17.61 25.94
N LEU C 245 10.51 18.44 26.81
CA LEU C 245 10.14 19.81 26.46
C LEU C 245 10.74 20.75 27.49
N GLU C 246 11.54 21.70 27.02
CA GLU C 246 12.21 22.67 27.88
C GLU C 246 11.79 24.07 27.46
N TYR C 247 11.40 24.90 28.43
CA TYR C 247 11.03 26.28 28.13
C TYR C 247 11.33 27.17 29.32
N PHE C 248 11.62 28.43 29.02
CA PHE C 248 11.99 29.42 30.03
C PHE C 248 10.97 30.55 30.04
N VAL C 249 10.73 31.09 31.24
CA VAL C 249 9.82 32.21 31.45
C VAL C 249 10.61 33.35 32.09
N ILE C 250 10.49 34.54 31.53
CA ILE C 250 11.19 35.72 31.99
C ILE C 250 10.17 36.76 32.44
N ASP C 251 10.36 37.30 33.64
CA ASP C 251 9.46 38.27 34.21
C ASP C 251 9.97 39.69 33.90
N GLY C 252 9.30 40.69 34.47
CA GLY C 252 9.67 42.07 34.28
C GLY C 252 8.47 42.98 34.35
N PRO C 253 8.58 44.11 35.07
CA PRO C 253 7.44 45.04 35.13
C PRO C 253 7.01 45.55 33.76
N THR C 254 7.93 45.75 32.85
CA THR C 254 7.65 46.29 31.52
C THR C 254 8.33 45.43 30.47
N PRO C 255 7.85 45.47 29.23
CA PRO C 255 8.50 44.69 28.17
C PRO C 255 9.97 45.04 27.98
N LYS C 256 10.35 46.28 28.27
CA LYS C 256 11.75 46.67 28.11
C LYS C 256 12.65 45.86 29.03
N ALA C 257 12.22 45.64 30.28
CA ALA C 257 13.00 44.82 31.19
C ALA C 257 13.10 43.38 30.70
N VAL C 258 12.00 42.86 30.14
CA VAL C 258 12.02 41.51 29.59
C VAL C 258 13.03 41.43 28.46
N LEU C 259 13.04 42.41 27.57
CA LEU C 259 14.01 42.42 26.47
C LEU C 259 15.43 42.52 27.01
N ASN C 260 15.64 43.33 28.04
CA ASN C 260 16.97 43.43 28.65
C ASN C 260 17.43 42.09 29.18
N ARG C 261 16.55 41.40 29.91
CA ARG C 261 16.90 40.09 30.45
C ARG C 261 17.19 39.09 29.34
N TYR C 262 16.36 39.10 28.29
CA TYR C 262 16.58 38.17 27.18
C TYR C 262 17.90 38.44 26.48
N THR C 263 18.23 39.71 26.26
CA THR C 263 19.50 40.05 25.61
C THR C 263 20.68 39.68 26.49
N GLN C 264 20.56 39.84 27.81
CA GLN C 264 21.62 39.39 28.70
C GLN C 264 21.76 37.88 28.66
N PHE C 265 20.64 37.16 28.51
CA PHE C 265 20.68 35.70 28.55
C PHE C 265 21.27 35.12 27.26
N THR C 266 20.89 35.66 26.11
CA THR C 266 21.27 35.07 24.83
C THR C 266 22.42 35.80 24.14
N GLY C 267 22.79 36.98 24.59
CA GLY C 267 23.87 37.74 23.97
C GLY C 267 23.50 39.17 23.65
N ARG C 268 24.32 40.11 24.10
CA ARG C 268 24.06 41.52 23.87
C ARG C 268 24.35 41.89 22.41
N PRO C 269 23.50 42.69 21.77
CA PRO C 269 23.81 43.14 20.41
C PRO C 269 25.08 43.98 20.38
N ALA C 270 25.84 43.85 19.29
CA ALA C 270 27.05 44.61 19.12
C ALA C 270 26.73 46.04 18.68
N LEU C 271 27.77 46.88 18.71
CA LEU C 271 27.63 48.28 18.33
C LEU C 271 28.18 48.49 16.93
N PRO C 272 27.35 48.74 15.92
CA PRO C 272 27.89 48.96 14.58
C PRO C 272 28.71 50.24 14.53
N PRO C 273 29.66 50.34 13.61
CA PRO C 273 30.48 51.55 13.50
C PRO C 273 29.65 52.75 13.05
N ALA C 274 30.17 53.94 13.35
CA ALA C 274 29.45 55.17 13.03
C ALA C 274 29.24 55.31 11.52
N TRP C 275 30.26 55.01 10.73
CA TRP C 275 30.15 55.17 9.28
C TRP C 275 29.11 54.25 8.68
N SER C 276 28.77 53.14 9.36
CA SER C 276 27.75 52.24 8.84
C SER C 276 26.38 52.91 8.82
N PHE C 277 26.14 53.89 9.70
CA PHE C 277 24.88 54.61 9.75
C PHE C 277 24.89 55.68 8.66
N GLY C 278 24.66 55.25 7.43
CA GLY C 278 24.65 56.15 6.31
C GLY C 278 23.88 55.56 5.14
N LEU C 279 23.90 56.29 4.03
CA LEU C 279 23.24 55.86 2.81
C LEU C 279 24.08 54.81 2.09
N TRP C 280 23.45 53.72 1.69
CA TRP C 280 24.10 52.66 0.94
C TRP C 280 23.49 52.58 -0.45
N LEU C 281 24.33 52.39 -1.46
CA LEU C 281 23.89 52.24 -2.84
C LEU C 281 24.44 50.94 -3.41
N THR C 282 23.65 50.27 -4.24
CA THR C 282 24.09 49.03 -4.89
C THR C 282 23.95 49.17 -6.40
N THR C 283 24.58 48.23 -7.11
CA THR C 283 24.55 48.18 -8.55
C THR C 283 23.42 47.29 -9.07
N SER C 284 22.36 47.11 -8.29
CA SER C 284 21.23 46.27 -8.70
C SER C 284 21.70 44.84 -8.92
N PHE C 285 20.76 43.94 -9.28
CA PHE C 285 21.05 42.52 -9.41
C PHE C 285 21.24 42.10 -10.87
N THR C 286 20.25 42.34 -11.71
CA THR C 286 20.27 41.89 -13.10
C THR C 286 20.82 42.94 -14.06
N THR C 287 21.02 44.16 -13.61
CA THR C 287 21.51 45.22 -14.48
C THR C 287 22.95 44.94 -14.92
N ASN C 288 23.31 45.46 -16.08
CA ASN C 288 24.66 45.33 -16.61
C ASN C 288 25.49 46.52 -16.10
N TYR C 289 26.48 46.24 -15.27
CA TYR C 289 27.32 47.27 -14.69
C TYR C 289 28.78 46.85 -14.76
N ASP C 290 29.66 47.84 -14.80
CA ASP C 290 31.10 47.61 -14.84
C ASP C 290 31.78 48.78 -14.13
N GLU C 291 33.10 48.90 -14.31
CA GLU C 291 33.84 49.99 -13.69
C GLU C 291 33.34 51.34 -14.17
N ALA C 292 33.11 51.47 -15.48
CA ALA C 292 32.65 52.74 -16.02
C ALA C 292 31.28 53.11 -15.47
N THR C 293 30.38 52.13 -15.35
CA THR C 293 29.06 52.41 -14.80
C THR C 293 29.14 52.90 -13.36
N VAL C 294 29.98 52.26 -12.54
CA VAL C 294 30.13 52.69 -11.15
C VAL C 294 30.71 54.10 -11.10
N ASN C 295 31.72 54.38 -11.92
CA ASN C 295 32.33 55.70 -11.93
C ASN C 295 31.31 56.75 -12.34
N SER C 296 30.51 56.47 -13.37
CA SER C 296 29.51 57.43 -13.82
C SER C 296 28.45 57.65 -12.76
N PHE C 297 28.00 56.58 -12.09
CA PHE C 297 27.03 56.74 -11.02
C PHE C 297 27.57 57.61 -9.90
N ILE C 298 28.81 57.36 -9.49
CA ILE C 298 29.41 58.14 -8.41
C ILE C 298 29.55 59.60 -8.82
N ASP C 299 30.01 59.84 -10.05
CA ASP C 299 30.17 61.21 -10.53
C ASP C 299 28.83 61.94 -10.58
N GLY C 300 27.79 61.27 -11.06
CA GLY C 300 26.47 61.89 -11.10
C GLY C 300 25.94 62.17 -9.71
N MET C 301 26.14 61.25 -8.77
CA MET C 301 25.70 61.48 -7.40
C MET C 301 26.44 62.67 -6.79
N ALA C 302 27.74 62.76 -7.03
CA ALA C 302 28.51 63.89 -6.49
C ALA C 302 28.08 65.21 -7.11
N GLU C 303 27.80 65.20 -8.42
CA GLU C 303 27.43 66.44 -9.10
C GLU C 303 26.13 67.02 -8.54
N ARG C 304 25.15 66.17 -8.25
CA ARG C 304 23.87 66.61 -7.74
C ARG C 304 23.88 66.91 -6.24
N HIS C 305 25.07 67.03 -5.64
CA HIS C 305 25.20 67.37 -4.22
C HIS C 305 24.43 66.36 -3.36
N LEU C 306 24.53 65.08 -3.71
CA LEU C 306 23.91 64.01 -2.95
C LEU C 306 25.00 63.22 -2.23
N PRO C 307 25.15 63.39 -0.91
CA PRO C 307 26.23 62.67 -0.21
C PRO C 307 26.05 61.16 -0.30
N LEU C 308 27.17 60.46 -0.43
CA LEU C 308 27.19 59.00 -0.45
C LEU C 308 28.34 58.52 0.41
N HIS C 309 28.11 57.44 1.16
CA HIS C 309 29.09 56.93 2.11
C HIS C 309 29.47 55.49 1.86
N VAL C 310 28.54 54.64 1.42
CA VAL C 310 28.78 53.22 1.25
C VAL C 310 28.35 52.79 -0.15
N PHE C 311 29.15 51.93 -0.77
CA PHE C 311 28.84 51.35 -2.06
C PHE C 311 28.90 49.83 -1.95
N HIS C 312 28.06 49.16 -2.73
CA HIS C 312 27.90 47.72 -2.64
C HIS C 312 27.96 47.09 -4.03
N PHE C 313 28.57 45.92 -4.12
CA PHE C 313 28.61 45.12 -5.34
C PHE C 313 27.73 43.90 -5.15
N ASP C 314 26.86 43.64 -6.12
CA ASP C 314 25.88 42.57 -6.00
C ASP C 314 26.48 41.26 -6.48
N CYS C 315 25.62 40.25 -6.66
CA CYS C 315 26.10 38.89 -6.92
C CYS C 315 26.96 38.81 -8.17
N PHE C 316 26.66 39.61 -9.20
CA PHE C 316 27.30 39.45 -10.49
C PHE C 316 28.72 40.03 -10.53
N TRP C 317 29.31 40.38 -9.40
CA TRP C 317 30.73 40.73 -9.40
C TRP C 317 31.61 39.50 -9.64
N MET C 318 31.07 38.30 -9.51
CA MET C 318 31.76 37.08 -9.88
C MET C 318 31.33 36.68 -11.29
N LYS C 319 31.74 35.49 -11.73
CA LYS C 319 31.34 34.97 -13.03
C LYS C 319 30.01 34.24 -12.93
N ALA C 320 29.27 34.24 -14.04
CA ALA C 320 27.96 33.61 -14.06
C ALA C 320 28.10 32.10 -13.85
N PHE C 321 27.15 31.53 -13.10
CA PHE C 321 27.12 30.10 -12.79
C PHE C 321 28.35 29.69 -11.98
N GLN C 322 29.04 30.65 -11.36
CA GLN C 322 30.27 30.38 -10.63
C GLN C 322 30.15 30.62 -9.13
N TRP C 323 29.06 31.24 -8.68
CA TRP C 323 28.98 31.65 -7.28
C TRP C 323 28.89 30.43 -6.37
N CYS C 324 29.63 30.44 -5.25
CA CYS C 324 30.61 31.45 -4.85
C CYS C 324 32.02 30.92 -5.14
N ASP C 325 32.79 31.69 -5.92
CA ASP C 325 34.16 31.31 -6.26
C ASP C 325 35.20 32.32 -5.83
N PHE C 326 34.80 33.52 -5.41
CA PHE C 326 35.71 34.50 -4.83
C PHE C 326 36.80 34.92 -5.80
N GLU C 327 36.48 35.03 -7.09
CA GLU C 327 37.40 35.55 -8.10
C GLU C 327 36.67 36.56 -8.96
N TRP C 328 37.32 37.71 -9.17
CA TRP C 328 36.71 38.76 -9.97
C TRP C 328 36.67 38.36 -11.45
N ASP C 329 35.62 38.79 -12.13
CA ASP C 329 35.49 38.50 -13.55
C ASP C 329 36.48 39.35 -14.34
N PRO C 330 37.41 38.75 -15.10
CA PRO C 330 38.36 39.57 -15.85
C PRO C 330 37.73 40.47 -16.88
N LEU C 331 36.61 40.06 -17.48
CA LEU C 331 36.01 40.81 -18.58
C LEU C 331 35.28 42.06 -18.09
N THR C 332 34.97 42.15 -16.80
CA THR C 332 34.22 43.29 -16.26
C THR C 332 35.04 44.17 -15.33
N PHE C 333 35.89 43.57 -14.49
CA PHE C 333 36.73 44.31 -13.53
C PHE C 333 38.16 43.83 -13.69
N PRO C 334 38.86 44.29 -14.74
CA PRO C 334 40.25 43.83 -14.94
C PRO C 334 41.17 44.12 -13.77
N ASP C 335 40.97 45.26 -13.09
CA ASP C 335 41.86 45.70 -12.01
C ASP C 335 41.00 46.06 -10.79
N PRO C 336 40.51 45.05 -10.06
CA PRO C 336 39.72 45.37 -8.86
C PRO C 336 40.48 46.18 -7.83
N GLU C 337 41.78 45.94 -7.67
CA GLU C 337 42.56 46.66 -6.67
C GLU C 337 42.59 48.15 -6.96
N GLY C 338 42.83 48.51 -8.22
CA GLY C 338 42.87 49.91 -8.58
C GLY C 338 41.53 50.59 -8.37
N MET C 339 40.44 49.92 -8.76
CA MET C 339 39.11 50.49 -8.56
C MET C 339 38.83 50.70 -7.08
N ILE C 340 39.17 49.71 -6.25
CA ILE C 340 38.92 49.83 -4.81
C ILE C 340 39.74 50.96 -4.22
N LYS C 341 41.01 51.08 -4.64
CA LYS C 341 41.85 52.16 -4.14
C LYS C 341 41.28 53.52 -4.55
N ARG C 342 40.84 53.65 -5.80
CA ARG C 342 40.27 54.92 -6.25
C ARG C 342 39.01 55.26 -5.47
N LEU C 343 38.14 54.27 -5.23
CA LEU C 343 36.93 54.53 -4.47
C LEU C 343 37.25 54.94 -3.04
N LYS C 344 38.22 54.26 -2.41
CA LYS C 344 38.58 54.60 -1.04
C LYS C 344 39.19 56.00 -0.96
N ALA C 345 40.01 56.37 -1.95
CA ALA C 345 40.56 57.72 -1.98
C ALA C 345 39.48 58.78 -2.13
N LYS C 346 38.32 58.42 -2.70
CA LYS C 346 37.23 59.37 -2.87
C LYS C 346 36.40 59.55 -1.62
N GLY C 347 36.65 58.78 -0.57
CA GLY C 347 35.91 58.90 0.67
C GLY C 347 34.78 57.90 0.84
N LEU C 348 34.67 56.92 -0.04
CA LEU C 348 33.60 55.93 0.02
C LEU C 348 34.11 54.65 0.67
N LYS C 349 33.22 53.68 0.80
CA LYS C 349 33.55 52.37 1.34
C LYS C 349 33.12 51.28 0.36
N VAL C 350 33.85 50.17 0.36
CA VAL C 350 33.61 49.04 -0.54
C VAL C 350 33.25 47.84 0.31
N CYS C 351 32.21 47.11 -0.11
CA CYS C 351 31.70 45.99 0.65
C CYS C 351 30.84 45.12 -0.27
N VAL C 352 30.97 43.80 -0.13
CA VAL C 352 30.60 42.89 -1.20
C VAL C 352 29.53 41.89 -0.79
N TRP C 353 29.17 41.00 -1.72
CA TRP C 353 28.13 40.00 -1.54
C TRP C 353 28.74 38.61 -1.55
N ILE C 354 28.32 37.77 -0.60
CA ILE C 354 28.77 36.40 -0.50
C ILE C 354 27.60 35.51 -0.08
N ASN C 355 27.75 34.22 -0.31
CA ASN C 355 26.75 33.23 0.09
C ASN C 355 27.45 31.91 0.36
N PRO C 356 26.83 31.03 1.16
CA PRO C 356 27.49 29.77 1.52
C PRO C 356 27.25 28.65 0.53
N TYR C 357 26.76 28.99 -0.67
CA TYR C 357 26.48 28.00 -1.71
C TYR C 357 27.44 28.18 -2.88
N ILE C 358 27.91 27.05 -3.42
CA ILE C 358 28.83 27.04 -4.53
C ILE C 358 28.19 26.32 -5.70
N GLY C 359 28.61 26.68 -6.92
CA GLY C 359 28.07 26.11 -8.13
C GLY C 359 28.98 25.06 -8.72
N GLN C 360 28.37 24.11 -9.42
CA GLN C 360 29.13 23.03 -10.07
C GLN C 360 30.06 23.61 -11.13
N ARG C 361 29.60 24.61 -11.87
CA ARG C 361 30.41 25.24 -12.92
C ARG C 361 31.44 26.14 -12.25
N SER C 362 32.56 25.55 -11.87
CA SER C 362 33.65 26.28 -11.23
C SER C 362 34.91 25.43 -11.20
N PRO C 363 36.07 25.99 -11.55
CA PRO C 363 37.30 25.17 -11.51
C PRO C 363 37.63 24.63 -10.13
N VAL C 364 37.30 25.36 -9.07
CA VAL C 364 37.65 24.94 -7.71
C VAL C 364 36.70 23.86 -7.18
N PHE C 365 35.62 23.56 -7.89
CA PHE C 365 34.68 22.55 -7.41
C PHE C 365 35.35 21.18 -7.30
N LYS C 366 36.15 20.81 -8.29
CA LYS C 366 36.83 19.51 -8.24
C LYS C 366 37.79 19.44 -7.06
N GLU C 367 38.56 20.49 -6.83
CA GLU C 367 39.49 20.50 -5.70
C GLU C 367 38.73 20.42 -4.38
N LEU C 368 37.63 21.17 -4.26
CA LEU C 368 36.85 21.13 -3.03
C LEU C 368 36.27 19.73 -2.79
N LYS C 369 35.77 19.09 -3.85
CA LYS C 369 35.25 17.74 -3.70
C LYS C 369 36.35 16.77 -3.30
N GLU C 370 37.54 16.91 -3.89
CA GLU C 370 38.65 16.04 -3.51
C GLU C 370 39.03 16.23 -2.05
N LYS C 371 39.06 17.48 -1.58
CA LYS C 371 39.38 17.75 -0.18
C LYS C 371 38.26 17.38 0.76
N GLY C 372 37.07 17.08 0.26
CA GLY C 372 35.97 16.69 1.12
C GLY C 372 35.46 17.79 2.03
N TYR C 373 35.41 19.03 1.53
CA TYR C 373 34.91 20.16 2.31
C TYR C 373 33.44 20.45 2.07
N LEU C 374 32.76 19.64 1.26
CA LEU C 374 31.37 19.88 0.91
C LEU C 374 30.45 18.91 1.66
N LEU C 375 29.17 19.29 1.72
CA LEU C 375 28.18 18.46 2.38
C LEU C 375 28.02 17.14 1.63
N LYS C 376 27.77 16.06 2.37
CA LYS C 376 27.71 14.72 1.81
C LYS C 376 26.36 14.09 2.10
N ARG C 377 25.80 13.43 1.09
CA ARG C 377 24.62 12.62 1.29
C ARG C 377 24.97 11.42 2.16
N PRO C 378 23.97 10.77 2.77
CA PRO C 378 24.26 9.78 3.81
C PRO C 378 25.23 8.68 3.38
N ASP C 379 25.11 8.14 2.17
CA ASP C 379 25.89 6.94 1.84
C ASP C 379 27.31 7.28 1.38
N GLY C 380 27.44 7.87 0.19
CA GLY C 380 28.76 8.22 -0.31
C GLY C 380 28.83 9.44 -1.20
N SER C 381 27.69 10.09 -1.45
CA SER C 381 27.56 11.05 -2.52
C SER C 381 27.51 12.48 -1.97
N LEU C 382 27.25 13.43 -2.86
CA LEU C 382 27.04 14.83 -2.52
C LEU C 382 25.57 15.19 -2.72
N TRP C 383 25.16 16.29 -2.11
CA TRP C 383 23.78 16.77 -2.19
C TRP C 383 23.71 17.93 -3.17
N GLN C 384 22.89 17.78 -4.22
CA GLN C 384 22.75 18.80 -5.25
C GLN C 384 21.31 18.80 -5.74
N TRP C 385 20.89 19.95 -6.27
CA TRP C 385 19.54 20.09 -6.81
C TRP C 385 19.51 21.26 -7.78
N ASP C 386 18.43 21.31 -8.57
CA ASP C 386 18.23 22.37 -9.55
C ASP C 386 17.67 23.58 -8.83
N LYS C 387 18.54 24.55 -8.52
CA LYS C 387 18.15 25.69 -7.71
C LYS C 387 19.03 26.87 -8.11
N TRP C 388 19.13 27.86 -7.21
CA TRP C 388 19.77 29.15 -7.46
C TRP C 388 20.95 29.05 -8.42
N GLN C 389 21.83 28.06 -8.21
CA GLN C 389 22.92 27.79 -9.13
C GLN C 389 22.90 26.32 -9.53
N PRO C 390 23.32 26.01 -10.76
CA PRO C 390 23.33 24.60 -11.18
C PRO C 390 24.24 23.77 -10.29
N GLY C 391 23.80 22.55 -9.98
CA GLY C 391 24.59 21.64 -9.18
C GLY C 391 24.97 22.25 -7.85
N LEU C 392 24.00 22.87 -7.18
CA LEU C 392 24.29 23.59 -5.94
C LEU C 392 24.89 22.66 -4.89
N ALA C 393 25.86 23.17 -4.16
CA ALA C 393 26.48 22.46 -3.05
C ALA C 393 26.59 23.40 -1.87
N ILE C 394 26.65 22.82 -0.67
CA ILE C 394 26.66 23.57 0.58
C ILE C 394 27.96 23.29 1.30
N TYR C 395 28.66 24.36 1.69
CA TYR C 395 29.88 24.21 2.47
C TYR C 395 29.57 23.52 3.79
N ASP C 396 30.45 22.58 4.17
CA ASP C 396 30.31 21.85 5.43
C ASP C 396 31.11 22.61 6.49
N PHE C 397 30.47 23.57 7.14
CA PHE C 397 31.14 24.39 8.14
C PHE C 397 31.50 23.62 9.41
N THR C 398 30.96 22.41 9.57
CA THR C 398 31.33 21.61 10.73
C THR C 398 32.76 21.07 10.62
N ASN C 399 33.35 21.09 9.43
CA ASN C 399 34.71 20.63 9.24
C ASN C 399 35.67 21.80 9.42
N PRO C 400 36.61 21.75 10.36
CA PRO C 400 37.49 22.90 10.59
C PRO C 400 38.30 23.31 9.37
N GLU C 401 38.70 22.35 8.53
CA GLU C 401 39.52 22.69 7.37
C GLU C 401 38.75 23.57 6.38
N ALA C 402 37.48 23.27 6.16
CA ALA C 402 36.66 24.11 5.27
C ALA C 402 36.52 25.51 5.83
N CYS C 403 36.32 25.62 7.15
CA CYS C 403 36.23 26.94 7.77
C CYS C 403 37.54 27.70 7.63
N GLN C 404 38.67 27.01 7.77
CA GLN C 404 39.96 27.66 7.60
C GLN C 404 40.14 28.16 6.17
N TRP C 405 39.74 27.35 5.19
CA TRP C 405 39.84 27.77 3.80
C TRP C 405 38.96 28.99 3.53
N TYR C 406 37.73 28.96 4.04
CA TYR C 406 36.83 30.10 3.86
C TYR C 406 37.40 31.35 4.52
N ALA C 407 37.96 31.20 5.72
CA ALA C 407 38.54 32.34 6.43
C ALA C 407 39.74 32.89 5.68
N SER C 408 40.58 32.02 5.10
CA SER C 408 41.71 32.51 4.33
C SER C 408 41.26 33.28 3.11
N LYS C 409 40.24 32.77 2.41
CA LYS C 409 39.73 33.49 1.25
C LYS C 409 39.14 34.84 1.65
N LEU C 410 38.40 34.88 2.75
CA LEU C 410 37.84 36.14 3.23
C LEU C 410 38.93 37.11 3.66
N LYS C 411 39.99 36.59 4.27
CA LYS C 411 41.11 37.44 4.65
C LYS C 411 41.78 38.04 3.42
N GLY C 412 41.97 37.24 2.37
CA GLY C 412 42.51 37.77 1.13
C GLY C 412 41.62 38.85 0.53
N LEU C 413 40.31 38.61 0.53
CA LEU C 413 39.38 39.62 0.02
C LEU C 413 39.45 40.90 0.83
N VAL C 414 39.52 40.78 2.15
CA VAL C 414 39.61 41.98 3.00
C VAL C 414 40.91 42.72 2.72
N ALA C 415 42.02 41.99 2.58
CA ALA C 415 43.27 42.63 2.23
C ALA C 415 43.18 43.33 0.88
N MET C 416 42.34 42.81 -0.02
CA MET C 416 42.13 43.49 -1.30
C MET C 416 41.56 44.88 -1.10
N GLY C 417 40.79 45.11 -0.03
CA GLY C 417 40.27 46.42 0.27
C GLY C 417 38.81 46.43 0.70
N VAL C 418 38.21 45.26 0.85
CA VAL C 418 36.80 45.16 1.21
C VAL C 418 36.62 45.50 2.69
N ASP C 419 35.40 45.92 3.04
CA ASP C 419 35.07 46.33 4.41
C ASP C 419 34.10 45.39 5.10
N CYS C 420 32.91 45.18 4.52
CA CYS C 420 31.94 44.24 5.07
C CYS C 420 31.54 43.24 4.00
N PHE C 421 30.61 42.35 4.36
CA PHE C 421 30.10 41.34 3.46
C PHE C 421 28.59 41.24 3.65
N LYS C 422 27.91 40.76 2.61
CA LYS C 422 26.46 40.61 2.62
C LYS C 422 26.15 39.12 2.57
N THR C 423 25.92 38.53 3.73
CA THR C 423 25.67 37.09 3.85
C THR C 423 24.23 36.83 3.47
N ASP C 424 24.01 36.56 2.18
CA ASP C 424 22.68 36.25 1.67
C ASP C 424 22.42 34.75 1.76
N PHE C 425 21.13 34.41 1.67
CA PHE C 425 20.71 33.01 1.72
C PHE C 425 21.17 32.36 3.03
N GLY C 426 21.03 31.04 3.11
CA GLY C 426 21.42 30.31 4.31
C GLY C 426 20.24 29.77 5.08
N GLU C 427 19.14 29.50 4.38
CA GLU C 427 17.93 28.98 5.00
C GLU C 427 17.38 27.72 4.34
N ARG C 428 17.68 27.47 3.07
CA ARG C 428 17.19 26.29 2.37
C ARG C 428 18.12 25.10 2.59
N ILE C 429 18.39 24.79 3.84
CA ILE C 429 19.30 23.68 4.18
C ILE C 429 18.49 22.38 4.20
N PRO C 430 18.97 21.31 3.57
CA PRO C 430 18.23 20.04 3.59
C PRO C 430 18.31 19.38 4.96
N THR C 431 17.59 18.25 5.07
CA THR C 431 17.57 17.46 6.28
C THR C 431 18.00 16.01 6.09
N ASP C 432 17.94 15.49 4.87
CA ASP C 432 18.34 14.10 4.60
C ASP C 432 19.81 14.02 4.21
N VAL C 433 20.68 14.55 5.08
CA VAL C 433 22.11 14.60 4.85
C VAL C 433 22.84 14.16 6.12
N GLN C 434 24.10 13.76 5.95
CA GLN C 434 24.96 13.36 7.04
C GLN C 434 26.08 14.39 7.19
N TRP C 435 26.09 15.09 8.30
CA TRP C 435 27.10 16.12 8.55
C TRP C 435 28.41 15.50 9.03
N PHE C 436 29.49 16.26 8.89
CA PHE C 436 30.81 15.77 9.28
C PHE C 436 30.86 15.48 10.77
N ASP C 437 30.28 16.36 11.59
CA ASP C 437 30.32 16.20 13.03
C ASP C 437 29.26 15.24 13.55
N GLY C 438 28.35 14.77 12.70
CA GLY C 438 27.31 13.86 13.13
C GLY C 438 26.17 14.51 13.88
N SER C 439 26.02 15.83 13.77
CA SER C 439 24.96 16.51 14.48
C SER C 439 23.60 16.19 13.86
N ASP C 440 22.55 16.46 14.62
CA ASP C 440 21.19 16.19 14.16
C ASP C 440 20.84 17.12 13.01
N PRO C 441 20.43 16.61 11.85
CA PRO C 441 20.10 17.53 10.73
C PRO C 441 19.00 18.51 11.06
N GLN C 442 18.01 18.11 11.86
CA GLN C 442 16.88 18.98 12.14
C GLN C 442 17.32 20.27 12.84
N LYS C 443 18.21 20.15 13.82
CA LYS C 443 18.70 21.32 14.54
C LYS C 443 19.72 22.10 13.72
N MET C 444 20.55 21.39 12.94
CA MET C 444 21.50 22.09 12.08
C MET C 444 20.78 22.94 11.03
N HIS C 445 19.59 22.52 10.61
CA HIS C 445 18.83 23.30 9.64
C HIS C 445 18.66 24.74 10.10
N ASN C 446 18.51 24.95 11.40
CA ASN C 446 18.37 26.28 11.96
C ASN C 446 19.69 26.86 12.48
N HIS C 447 20.62 26.01 12.91
CA HIS C 447 21.88 26.50 13.46
C HIS C 447 22.91 26.84 12.39
N TYR C 448 22.68 26.45 11.13
CA TYR C 448 23.66 26.72 10.08
C TYR C 448 23.85 28.21 9.85
N ALA C 449 22.75 28.98 9.86
CA ALA C 449 22.87 30.42 9.67
C ALA C 449 23.67 31.05 10.80
N PHE C 450 23.41 30.63 12.03
CA PHE C 450 24.18 31.16 13.17
C PHE C 450 25.65 30.80 13.03
N ILE C 451 25.95 29.57 12.63
CA ILE C 451 27.36 29.15 12.49
C ILE C 451 28.04 30.00 11.42
N TYR C 452 27.37 30.19 10.28
CA TYR C 452 27.97 30.96 9.19
C TYR C 452 28.21 32.40 9.61
N ASN C 453 27.21 33.01 10.26
CA ASN C 453 27.36 34.40 10.71
C ASN C 453 28.48 34.51 11.74
N GLU C 454 28.58 33.55 12.66
CA GLU C 454 29.64 33.59 13.66
C GLU C 454 31.01 33.47 13.00
N LEU C 455 31.16 32.58 12.01
CA LEU C 455 32.43 32.45 11.32
C LEU C 455 32.80 33.75 10.62
N VAL C 456 31.85 34.34 9.90
CA VAL C 456 32.13 35.57 9.17
C VAL C 456 32.50 36.70 10.14
N TRP C 457 31.77 36.81 11.25
CA TRP C 457 32.06 37.85 12.22
C TRP C 457 33.43 37.65 12.86
N LYS C 458 33.79 36.39 13.14
CA LYS C 458 35.10 36.11 13.70
C LYS C 458 36.20 36.52 12.72
N VAL C 459 36.02 36.19 11.43
CA VAL C 459 37.01 36.59 10.44
C VAL C 459 37.12 38.11 10.38
N LEU C 460 35.97 38.80 10.37
CA LEU C 460 35.98 40.25 10.26
C LEU C 460 36.65 40.90 11.46
N LYS C 461 36.38 40.38 12.66
CA LYS C 461 37.00 40.95 13.86
C LYS C 461 38.49 40.64 13.92
N GLU C 462 38.90 39.48 13.39
CA GLU C 462 40.33 39.17 13.36
C GLU C 462 41.08 40.03 12.35
N THR C 463 40.43 40.39 11.24
CA THR C 463 41.12 41.16 10.21
C THR C 463 41.11 42.66 10.51
N VAL C 464 39.93 43.25 10.63
CA VAL C 464 39.80 44.69 10.81
C VAL C 464 39.78 45.07 12.28
N GLY C 465 38.82 44.57 13.03
CA GLY C 465 38.68 44.88 14.43
C GLY C 465 37.22 44.92 14.85
N GLU C 466 37.00 44.87 16.16
CA GLU C 466 35.63 44.85 16.69
C GLU C 466 34.89 46.14 16.34
N GLN C 467 35.58 47.29 16.46
CA GLN C 467 34.89 48.56 16.28
C GLN C 467 34.34 48.72 14.87
N GLU C 468 35.12 48.32 13.86
CA GLU C 468 34.73 48.48 12.47
C GLU C 468 33.95 47.28 11.94
N ALA C 469 33.66 46.28 12.77
CA ALA C 469 32.94 45.10 12.30
C ALA C 469 31.50 45.46 11.97
N VAL C 470 31.03 44.97 10.82
CA VAL C 470 29.65 45.19 10.39
C VAL C 470 29.34 44.17 9.30
N LEU C 471 28.06 43.88 9.12
CA LEU C 471 27.63 42.85 8.18
C LEU C 471 26.30 43.25 7.56
N PHE C 472 25.75 42.35 6.75
CA PHE C 472 24.42 42.55 6.15
C PHE C 472 23.86 41.15 5.90
N ALA C 473 22.99 40.68 6.80
CA ALA C 473 22.51 39.31 6.78
C ALA C 473 21.01 39.27 6.52
N ARG C 474 20.58 38.16 5.90
CA ARG C 474 19.17 37.91 5.64
C ARG C 474 18.58 36.79 6.47
N SER C 475 19.41 35.85 6.94
CA SER C 475 18.97 34.75 7.78
C SER C 475 19.55 34.90 9.18
N ALA C 476 18.78 34.46 10.17
CA ALA C 476 19.18 34.62 11.56
C ALA C 476 18.51 33.52 12.40
N SER C 477 19.06 33.34 13.60
CA SER C 477 18.54 32.37 14.55
C SER C 477 18.80 32.90 15.95
N VAL C 478 18.62 32.05 16.96
CA VAL C 478 18.85 32.45 18.34
C VAL C 478 20.33 32.77 18.53
N GLY C 479 20.62 33.92 19.13
CA GLY C 479 21.98 34.34 19.38
C GLY C 479 22.62 35.13 18.26
N ALA C 480 21.92 35.35 17.15
CA ALA C 480 22.49 36.12 16.06
C ALA C 480 22.58 37.61 16.38
N GLN C 481 21.91 38.07 17.43
CA GLN C 481 21.91 39.49 17.76
C GLN C 481 23.32 40.00 18.00
N GLN C 482 24.27 39.12 18.33
CA GLN C 482 25.64 39.55 18.57
C GLN C 482 26.29 40.11 17.32
N PHE C 483 25.70 39.92 16.14
CA PHE C 483 26.19 40.51 14.90
C PHE C 483 25.03 41.23 14.20
N PRO C 484 24.47 42.26 14.84
CA PRO C 484 23.19 42.79 14.37
C PRO C 484 23.31 43.72 13.17
N VAL C 485 23.02 43.19 11.99
CA VAL C 485 22.64 43.97 10.81
C VAL C 485 21.77 43.05 9.97
N HIS C 486 20.53 43.47 9.70
CA HIS C 486 19.58 42.59 9.04
C HIS C 486 18.83 43.36 7.95
N TRP C 487 18.38 42.62 6.95
CA TRP C 487 17.70 43.16 5.79
C TRP C 487 16.42 42.38 5.57
N GLY C 488 15.32 43.09 5.31
CA GLY C 488 14.02 42.43 5.23
C GLY C 488 14.00 41.35 4.15
N GLY C 489 14.50 41.67 2.96
CA GLY C 489 14.55 40.72 1.88
C GLY C 489 14.01 41.26 0.59
N ASP C 490 13.22 40.44 -0.11
CA ASP C 490 12.64 40.82 -1.40
C ASP C 490 11.23 41.36 -1.16
N CYS C 491 10.99 42.59 -1.60
CA CYS C 491 9.71 43.26 -1.44
C CYS C 491 9.26 43.84 -2.79
N TYR C 492 7.99 44.18 -2.87
CA TYR C 492 7.40 44.75 -4.08
C TYR C 492 7.23 46.25 -3.92
N ALA C 493 6.97 46.93 -5.04
CA ALA C 493 6.85 48.38 -5.08
C ALA C 493 5.38 48.75 -4.93
N ASN C 494 4.89 48.63 -3.70
CA ASN C 494 3.51 48.98 -3.38
C ASN C 494 3.43 49.47 -1.95
N TYR C 495 2.36 50.21 -1.64
CA TYR C 495 2.13 50.66 -0.28
C TYR C 495 1.94 49.49 0.67
N GLU C 496 1.23 48.46 0.22
CA GLU C 496 1.03 47.28 1.05
C GLU C 496 2.36 46.61 1.38
N SER C 497 3.26 46.54 0.40
CA SER C 497 4.58 45.98 0.67
C SER C 497 5.33 46.81 1.71
N MET C 498 5.23 48.14 1.62
CA MET C 498 5.87 48.98 2.62
C MET C 498 5.30 48.72 4.01
N ALA C 499 3.97 48.59 4.10
CA ALA C 499 3.35 48.32 5.40
C ALA C 499 3.81 46.97 5.95
N GLU C 500 3.87 45.95 5.10
CA GLU C 500 4.29 44.64 5.56
C GLU C 500 5.75 44.65 5.99
N SER C 501 6.60 45.38 5.27
CA SER C 501 8.00 45.49 5.66
C SER C 501 8.14 46.21 6.99
N LEU C 502 7.35 47.26 7.21
CA LEU C 502 7.37 47.96 8.49
C LEU C 502 6.92 47.03 9.62
N ARG C 503 5.87 46.24 9.38
CA ARG C 503 5.42 45.29 10.38
C ARG C 503 6.51 44.27 10.71
N GLY C 504 7.17 43.74 9.68
CA GLY C 504 8.24 42.79 9.92
C GLY C 504 9.40 43.41 10.68
N GLY C 505 9.75 44.64 10.35
CA GLY C 505 10.82 45.31 11.08
C GLY C 505 10.47 45.53 12.54
N LEU C 506 9.23 45.96 12.81
CA LEU C 506 8.80 46.11 14.19
C LEU C 506 8.85 44.78 14.93
N SER C 507 8.38 43.71 14.28
CA SER C 507 8.36 42.40 14.92
C SER C 507 9.78 41.93 15.25
N ILE C 508 10.70 42.06 14.29
CA ILE C 508 12.08 41.62 14.55
C ILE C 508 12.72 42.50 15.62
N GLY C 509 12.39 43.79 15.65
CA GLY C 509 12.88 44.64 16.71
C GLY C 509 12.40 44.17 18.07
N MET C 510 11.12 43.78 18.16
CA MET C 510 10.57 43.29 19.42
C MET C 510 11.05 41.90 19.78
N SER C 511 11.74 41.20 18.87
CA SER C 511 12.19 39.84 19.10
C SER C 511 13.61 39.77 19.63
N GLY C 512 14.24 40.90 19.90
CA GLY C 512 15.58 40.94 20.46
C GLY C 512 16.64 41.54 19.57
N PHE C 513 16.36 41.77 18.29
CA PHE C 513 17.31 42.42 17.39
C PHE C 513 17.16 43.92 17.49
N GLY C 514 18.29 44.62 17.57
CA GLY C 514 18.28 46.06 17.80
C GLY C 514 18.47 46.88 16.55
N PHE C 515 18.78 46.24 15.43
CA PHE C 515 19.03 46.93 14.17
C PHE C 515 18.36 46.18 13.03
N TRP C 516 17.79 46.95 12.09
CA TRP C 516 17.08 46.38 10.96
C TRP C 516 17.16 47.34 9.79
N SER C 517 17.02 46.79 8.58
CA SER C 517 17.10 47.58 7.36
C SER C 517 16.19 46.96 6.31
N HIS C 518 15.89 47.75 5.28
CA HIS C 518 15.01 47.31 4.21
C HIS C 518 15.44 47.98 2.91
N ASP C 519 15.01 47.38 1.80
CA ASP C 519 15.32 47.92 0.47
C ASP C 519 14.39 49.08 0.17
N ILE C 520 14.97 50.24 -0.12
CA ILE C 520 14.20 51.43 -0.42
C ILE C 520 13.77 51.41 -1.88
N GLY C 521 12.51 51.71 -2.13
CA GLY C 521 11.96 51.73 -3.47
C GLY C 521 11.51 50.39 -3.99
N GLY C 522 11.66 49.32 -3.21
CA GLY C 522 11.23 48.01 -3.64
C GLY C 522 12.33 47.25 -4.36
N PHE C 523 12.21 45.92 -4.34
CA PHE C 523 13.13 45.03 -5.03
C PHE C 523 12.61 44.60 -6.39
N GLU C 524 11.41 44.04 -6.45
CA GLU C 524 10.79 43.64 -7.70
C GLU C 524 9.97 44.78 -8.28
N ASN C 525 9.82 44.78 -9.60
CA ASN C 525 9.03 45.78 -10.30
C ASN C 525 9.61 47.17 -10.12
N THR C 526 9.18 48.12 -10.94
CA THR C 526 9.66 49.49 -10.89
C THR C 526 8.59 50.39 -10.27
N ALA C 527 8.99 51.19 -9.30
CA ALA C 527 8.06 52.08 -8.63
C ALA C 527 7.67 53.22 -9.57
N PRO C 528 6.40 53.64 -9.58
CA PRO C 528 6.00 54.78 -10.42
C PRO C 528 6.78 56.04 -10.10
N ALA C 529 6.69 56.52 -8.86
CA ALA C 529 7.37 57.74 -8.45
C ALA C 529 7.02 58.12 -7.02
N HIS C 530 5.74 58.39 -6.74
CA HIS C 530 5.34 58.85 -5.42
C HIS C 530 5.67 57.82 -4.35
N VAL C 531 5.37 56.55 -4.62
CA VAL C 531 5.69 55.50 -3.65
C VAL C 531 7.19 55.45 -3.41
N TYR C 532 7.98 55.69 -4.45
CA TYR C 532 9.43 55.74 -4.27
C TYR C 532 9.84 56.85 -3.31
N LYS C 533 9.22 58.04 -3.45
CA LYS C 533 9.54 59.14 -2.55
C LYS C 533 9.15 58.80 -1.12
N ARG C 534 7.97 58.24 -0.92
CA ARG C 534 7.54 57.89 0.43
C ARG C 534 8.45 56.82 1.03
N TRP C 535 8.85 55.83 0.23
CA TRP C 535 9.75 54.78 0.72
C TRP C 535 11.10 55.36 1.07
N CYS C 536 11.61 56.29 0.27
CA CYS C 536 12.88 56.94 0.58
C CYS C 536 12.78 57.70 1.90
N ALA C 537 11.70 58.46 2.08
CA ALA C 537 11.51 59.21 3.31
C ALA C 537 11.45 58.28 4.51
N PHE C 538 10.73 57.16 4.38
CA PHE C 538 10.61 56.22 5.49
C PHE C 538 11.95 55.57 5.80
N GLY C 539 12.64 55.06 4.78
CA GLY C 539 13.89 54.35 5.02
C GLY C 539 14.99 55.24 5.54
N LEU C 540 15.07 56.47 5.04
CA LEU C 540 16.12 57.38 5.48
C LEU C 540 15.94 57.85 6.92
N LEU C 541 14.77 57.59 7.52
CA LEU C 541 14.53 57.89 8.93
C LEU C 541 14.77 56.69 9.83
N SER C 542 15.22 55.56 9.27
CA SER C 542 15.46 54.35 10.02
C SER C 542 16.94 54.25 10.38
N SER C 543 17.31 53.12 10.99
CA SER C 543 18.71 52.93 11.40
C SER C 543 19.64 52.91 10.20
N HIS C 544 19.26 52.21 9.14
CA HIS C 544 20.08 52.09 7.94
C HIS C 544 19.22 52.29 6.71
N SER C 545 19.83 52.85 5.66
CA SER C 545 19.15 53.14 4.41
C SER C 545 19.91 52.49 3.26
N ARG C 546 19.20 51.69 2.47
CA ARG C 546 19.80 50.92 1.38
C ARG C 546 19.05 51.20 0.08
N LEU C 547 19.79 51.29 -1.02
CA LEU C 547 19.23 51.48 -2.36
C LEU C 547 19.64 50.27 -3.20
N HIS C 548 18.74 49.29 -3.30
CA HIS C 548 18.98 48.05 -4.00
C HIS C 548 17.79 47.74 -4.90
N GLY C 549 18.09 47.23 -6.10
CA GLY C 549 17.06 46.93 -7.07
C GLY C 549 17.34 45.61 -7.76
N SER C 550 16.30 45.09 -8.42
CA SER C 550 16.37 43.81 -9.11
C SER C 550 16.57 43.97 -10.61
N LYS C 551 15.77 44.82 -11.27
CA LYS C 551 15.85 45.01 -12.71
C LYS C 551 16.19 46.43 -13.13
N SER C 552 16.05 47.41 -12.24
CA SER C 552 16.29 48.80 -12.58
C SER C 552 17.15 49.45 -11.50
N TYR C 553 17.97 50.41 -11.92
CA TYR C 553 18.82 51.13 -10.99
C TYR C 553 17.97 51.96 -10.02
N ARG C 554 18.33 51.91 -8.74
CA ARG C 554 17.62 52.66 -7.71
C ARG C 554 18.35 53.98 -7.42
N VAL C 555 18.38 54.84 -8.43
CA VAL C 555 19.04 56.14 -8.37
C VAL C 555 17.96 57.21 -8.46
N PRO C 556 17.98 58.23 -7.59
CA PRO C 556 16.89 59.22 -7.61
C PRO C 556 16.73 59.94 -8.94
N TRP C 557 17.82 60.26 -9.63
CA TRP C 557 17.70 61.04 -10.86
C TRP C 557 17.09 60.24 -12.00
N ALA C 558 16.94 58.92 -11.85
CA ALA C 558 16.30 58.11 -12.88
C ALA C 558 14.80 58.34 -12.97
N TYR C 559 14.20 59.05 -12.01
CA TYR C 559 12.77 59.30 -12.00
C TYR C 559 12.45 60.77 -12.22
N ASP C 560 13.00 61.66 -11.38
CA ASP C 560 12.73 63.09 -11.50
C ASP C 560 13.60 63.83 -10.51
N GLU C 561 13.58 65.16 -10.61
CA GLU C 561 14.40 66.00 -9.73
C GLU C 561 13.82 66.08 -8.32
N GLU C 562 12.50 65.95 -8.19
CA GLU C 562 11.89 66.02 -6.87
C GLU C 562 12.39 64.91 -5.96
N SER C 563 12.57 63.70 -6.52
CA SER C 563 13.12 62.61 -5.72
C SER C 563 14.53 62.95 -5.24
N CYS C 564 15.36 63.53 -6.11
CA CYS C 564 16.69 63.93 -5.70
C CYS C 564 16.63 64.97 -4.58
N ASP C 565 15.73 65.95 -4.71
CA ASP C 565 15.63 67.00 -3.71
C ASP C 565 15.22 66.43 -2.36
N VAL C 566 14.21 65.56 -2.34
CA VAL C 566 13.74 64.99 -1.08
C VAL C 566 14.81 64.09 -0.49
N VAL C 567 15.52 63.33 -1.32
CA VAL C 567 16.59 62.48 -0.82
C VAL C 567 17.68 63.33 -0.18
N ARG C 568 18.07 64.42 -0.83
CA ARG C 568 19.09 65.29 -0.27
C ARG C 568 18.63 65.87 1.07
N HIS C 569 17.39 66.34 1.12
CA HIS C 569 16.88 66.93 2.35
C HIS C 569 16.87 65.91 3.49
N PHE C 570 16.38 64.71 3.22
CA PHE C 570 16.29 63.70 4.28
C PHE C 570 17.67 63.22 4.71
N THR C 571 18.61 63.08 3.77
CA THR C 571 19.96 62.69 4.14
C THR C 571 20.64 63.77 4.99
N GLN C 572 20.45 65.04 4.63
CA GLN C 572 20.99 66.11 5.45
C GLN C 572 20.38 66.09 6.85
N LEU C 573 19.06 65.86 6.93
CA LEU C 573 18.41 65.77 8.24
C LEU C 573 18.99 64.62 9.07
N LYS C 574 19.17 63.45 8.44
CA LYS C 574 19.72 62.31 9.17
C LYS C 574 21.13 62.59 9.65
N CYS C 575 21.95 63.20 8.80
CA CYS C 575 23.32 63.54 9.21
C CYS C 575 23.31 64.53 10.37
N ARG C 576 22.40 65.50 10.33
CA ARG C 576 22.29 66.47 11.42
C ARG C 576 21.78 65.83 12.70
N MET C 577 21.13 64.67 12.61
CA MET C 577 20.57 63.98 13.76
C MET C 577 21.42 62.80 14.21
N MET C 578 22.67 62.72 13.75
CA MET C 578 23.51 61.55 14.04
C MET C 578 23.72 61.32 15.53
N PRO C 579 24.10 62.32 16.34
CA PRO C 579 24.44 62.01 17.75
C PRO C 579 23.31 61.36 18.52
N TYR C 580 22.07 61.79 18.31
CA TYR C 580 20.95 61.18 19.01
C TYR C 580 20.77 59.73 18.61
N LEU C 581 20.90 59.44 17.31
CA LEU C 581 20.78 58.06 16.84
C LEU C 581 21.89 57.20 17.42
N TYR C 582 23.11 57.73 17.48
CA TYR C 582 24.22 56.96 18.04
C TYR C 582 24.03 56.72 19.54
N ARG C 583 23.50 57.70 20.26
CA ARG C 583 23.20 57.49 21.68
C ARG C 583 22.13 56.41 21.85
N GLN C 584 21.10 56.42 21.00
CA GLN C 584 20.08 55.38 21.06
C GLN C 584 20.69 54.02 20.74
N ALA C 585 21.61 53.97 19.78
CA ALA C 585 22.28 52.70 19.46
C ALA C 585 23.10 52.20 20.64
N ALA C 586 23.79 53.11 21.33
CA ALA C 586 24.55 52.72 22.51
C ALA C 586 23.63 52.20 23.60
N LEU C 587 22.47 52.84 23.79
CA LEU C 587 21.49 52.34 24.75
C LEU C 587 21.00 50.95 24.35
N ALA C 588 20.79 50.73 23.04
CA ALA C 588 20.38 49.42 22.57
C ALA C 588 21.45 48.37 22.85
N ASN C 589 22.72 48.73 22.66
CA ASN C 589 23.81 47.80 22.95
C ASN C 589 23.86 47.49 24.45
N GLU C 590 23.63 48.50 25.29
CA GLU C 590 23.76 48.29 26.73
C GLU C 590 22.59 47.50 27.29
N PHE C 591 21.37 48.05 27.19
CA PHE C 591 20.20 47.45 27.79
C PHE C 591 19.41 46.55 26.85
N GLY C 592 19.79 46.48 25.57
CA GLY C 592 19.12 45.62 24.62
C GLY C 592 17.86 46.19 24.01
N THR C 593 17.53 47.45 24.28
CA THR C 593 16.31 48.03 23.74
C THR C 593 16.51 48.40 22.28
N PRO C 594 15.69 47.89 21.36
CA PRO C 594 15.89 48.20 19.94
C PRO C 594 15.69 49.68 19.66
N MET C 595 16.40 50.19 18.66
CA MET C 595 16.25 51.59 18.27
C MET C 595 14.90 51.83 17.60
N LEU C 596 14.46 50.90 16.76
CA LEU C 596 13.18 51.02 16.05
C LEU C 596 12.07 50.46 16.93
N ARG C 597 11.80 51.18 18.02
CA ARG C 597 10.82 50.74 18.99
C ARG C 597 9.41 50.84 18.44
N ALA C 598 8.55 49.94 18.89
CA ALA C 598 7.13 50.02 18.58
C ALA C 598 6.43 50.97 19.54
N MET C 599 5.20 51.34 19.20
CA MET C 599 4.45 52.27 20.03
C MET C 599 4.19 51.69 21.41
N MET C 600 3.88 50.39 21.48
CA MET C 600 3.56 49.77 22.76
C MET C 600 4.76 49.81 23.70
N LEU C 601 5.97 49.55 23.18
CA LEU C 601 7.13 49.43 24.04
C LEU C 601 7.38 50.71 24.84
N GLU C 602 7.26 51.87 24.19
CA GLU C 602 7.49 53.13 24.90
C GLU C 602 6.38 53.42 25.90
N PHE C 603 5.14 53.06 25.59
CA PHE C 603 3.99 53.34 26.44
C PHE C 603 3.17 52.06 26.62
N PRO C 604 3.70 51.08 27.36
CA PRO C 604 2.94 49.84 27.56
C PRO C 604 1.65 50.03 28.33
N ASP C 605 1.51 51.11 29.09
CA ASP C 605 0.34 51.34 29.92
C ASP C 605 -0.80 52.02 29.17
N ASP C 606 -0.60 52.38 27.91
CA ASP C 606 -1.64 53.04 27.13
C ASP C 606 -2.35 51.99 26.27
N PRO C 607 -3.63 51.69 26.53
CA PRO C 607 -4.31 50.69 25.70
C PRO C 607 -4.49 51.10 24.26
N ALA C 608 -4.40 52.39 23.94
CA ALA C 608 -4.66 52.85 22.58
C ALA C 608 -3.58 52.41 21.60
N CYS C 609 -2.39 52.08 22.08
CA CYS C 609 -1.28 51.73 21.20
C CYS C 609 -1.09 50.22 21.07
N ASP C 610 -2.05 49.42 21.54
CA ASP C 610 -1.91 47.97 21.46
C ASP C 610 -1.91 47.49 20.02
N TYR C 611 -2.75 48.09 19.17
CA TYR C 611 -2.95 47.63 17.80
C TYR C 611 -2.51 48.69 16.79
N LEU C 612 -1.34 49.30 17.02
CA LEU C 612 -0.78 50.30 16.13
C LEU C 612 0.41 49.69 15.40
N ASP C 613 0.37 49.74 14.06
CA ASP C 613 1.46 49.21 13.25
C ASP C 613 1.87 50.10 12.09
N ARG C 614 1.11 51.14 11.74
CA ARG C 614 1.45 52.02 10.63
C ARG C 614 2.37 53.15 11.04
N GLN C 615 2.64 53.32 12.33
CA GLN C 615 3.54 54.35 12.83
C GLN C 615 4.49 53.73 13.84
N TYR C 616 5.66 54.33 13.99
CA TYR C 616 6.69 53.79 14.87
C TYR C 616 7.34 54.91 15.65
N MET C 617 8.15 54.51 16.63
CA MET C 617 8.87 55.44 17.50
C MET C 617 10.37 55.22 17.30
N LEU C 618 11.07 56.28 16.92
CA LEU C 618 12.51 56.26 16.78
C LEU C 618 13.13 56.82 18.06
N GLY C 619 14.10 56.09 18.62
CA GLY C 619 14.68 56.47 19.88
C GLY C 619 13.65 56.41 20.99
N ASP C 620 13.90 57.19 22.05
CA ASP C 620 12.98 57.31 23.15
C ASP C 620 12.16 58.59 23.10
N SER C 621 12.32 59.40 22.05
CA SER C 621 11.65 60.69 21.97
C SER C 621 11.01 61.00 20.62
N VAL C 622 11.44 60.37 19.53
CA VAL C 622 10.95 60.72 18.20
C VAL C 622 9.83 59.77 17.81
N LEU C 623 8.81 60.31 17.15
CA LEU C 623 7.70 59.51 16.63
C LEU C 623 7.53 59.83 15.15
N VAL C 624 7.46 58.79 14.32
CA VAL C 624 7.35 58.94 12.87
C VAL C 624 6.14 58.15 12.40
N ALA C 625 5.34 58.76 11.52
CA ALA C 625 4.14 58.11 10.97
C ALA C 625 4.18 58.20 9.46
N PRO C 626 4.94 57.33 8.79
CA PRO C 626 5.06 57.44 7.33
C PRO C 626 3.70 57.30 6.65
N VAL C 627 3.54 58.06 5.56
CA VAL C 627 2.28 58.07 4.83
C VAL C 627 2.23 56.89 3.87
N PHE C 628 1.01 56.44 3.56
CA PHE C 628 0.79 55.33 2.65
C PHE C 628 -0.30 55.64 1.63
N SER C 629 -0.61 56.92 1.42
CA SER C 629 -1.69 57.33 0.54
C SER C 629 -1.15 58.22 -0.57
N GLU C 630 -1.77 58.10 -1.76
CA GLU C 630 -1.37 58.92 -2.89
C GLU C 630 -1.60 60.41 -2.60
N ALA C 631 -2.74 60.75 -2.01
CA ALA C 631 -3.06 62.14 -1.73
C ALA C 631 -2.28 62.71 -0.56
N GLY C 632 -1.57 61.87 0.20
CA GLY C 632 -0.81 62.33 1.35
C GLY C 632 -1.58 62.36 2.65
N GLU C 633 -2.87 62.04 2.63
CA GLU C 633 -3.65 62.01 3.86
C GLU C 633 -3.15 60.88 4.76
N VAL C 634 -3.03 61.18 6.05
CA VAL C 634 -2.52 60.20 7.01
C VAL C 634 -3.10 60.51 8.38
N GLN C 635 -3.43 59.45 9.12
CA GLN C 635 -3.98 59.57 10.47
C GLN C 635 -3.02 58.88 11.44
N PHE C 636 -2.72 59.55 12.55
CA PHE C 636 -1.80 59.03 13.55
C PHE C 636 -2.27 59.40 14.94
N TYR C 637 -1.91 58.58 15.92
CA TYR C 637 -2.31 58.75 17.30
C TYR C 637 -1.14 59.26 18.14
N LEU C 638 -1.40 60.25 18.98
CA LEU C 638 -0.41 60.80 19.88
C LEU C 638 -0.76 60.44 21.32
N PRO C 639 0.18 59.88 22.09
CA PRO C 639 -0.07 59.67 23.53
C PRO C 639 -0.06 60.99 24.31
N GLU C 640 -0.24 60.89 25.63
CA GLU C 640 -0.34 62.09 26.46
C GLU C 640 0.92 62.93 26.34
N GLY C 641 0.75 64.25 26.36
CA GLY C 641 1.85 65.18 26.26
C GLY C 641 1.78 66.04 25.02
N ARG C 642 2.46 67.19 25.05
CA ARG C 642 2.49 68.10 23.91
C ARG C 642 3.64 67.73 22.99
N TRP C 643 3.35 67.62 21.70
CA TRP C 643 4.34 67.20 20.71
C TRP C 643 4.61 68.34 19.73
N THR C 644 5.88 68.49 19.35
CA THR C 644 6.32 69.52 18.43
C THR C 644 7.05 68.88 17.27
N HIS C 645 6.76 69.36 16.06
CA HIS C 645 7.38 68.80 14.86
C HIS C 645 8.88 69.09 14.85
N LEU C 646 9.62 68.21 14.17
CA LEU C 646 11.07 68.34 14.16
C LEU C 646 11.53 69.61 13.47
N TRP C 647 10.91 69.97 12.34
CA TRP C 647 11.32 71.12 11.57
C TRP C 647 10.16 72.02 11.14
N HIS C 648 8.96 71.79 11.67
CA HIS C 648 7.83 72.68 11.41
C HIS C 648 7.43 73.51 12.62
N ASN C 649 7.78 73.08 13.83
CA ASN C 649 7.60 73.83 15.07
C ASN C 649 6.14 74.01 15.45
N ASP C 650 5.22 73.25 14.85
CA ASP C 650 3.82 73.33 15.24
C ASP C 650 3.57 72.47 16.47
N GLU C 651 2.53 72.85 17.23
CA GLU C 651 2.17 72.16 18.46
C GLU C 651 0.82 71.48 18.30
N LEU C 652 0.70 70.27 18.85
CA LEU C 652 -0.53 69.50 18.78
C LEU C 652 -0.78 68.85 20.13
N PRO C 653 -2.00 68.92 20.66
CA PRO C 653 -2.28 68.24 21.93
C PRO C 653 -2.20 66.73 21.78
N GLY C 654 -1.87 66.06 22.88
CA GLY C 654 -1.66 64.63 22.89
C GLY C 654 -2.86 63.86 23.39
N SER C 655 -2.68 62.54 23.44
CA SER C 655 -3.71 61.62 23.92
C SER C 655 -4.94 61.66 23.02
N ARG C 656 -4.72 61.54 21.72
CA ARG C 656 -5.82 61.57 20.76
C ARG C 656 -5.28 61.32 19.36
N TRP C 657 -6.20 61.12 18.42
CA TRP C 657 -5.86 60.92 17.03
C TRP C 657 -5.83 62.26 16.30
N HIS C 658 -5.15 62.26 15.15
CA HIS C 658 -5.03 63.45 14.33
C HIS C 658 -4.89 63.03 12.87
N LYS C 659 -5.40 63.87 11.98
CA LYS C 659 -5.37 63.64 10.54
C LYS C 659 -4.69 64.83 9.87
N GLN C 660 -3.81 64.54 8.91
CA GLN C 660 -3.05 65.59 8.26
C GLN C 660 -2.70 65.17 6.84
N ARG C 661 -2.58 66.17 5.96
CA ARG C 661 -2.15 65.98 4.58
C ARG C 661 -0.81 66.67 4.39
N HIS C 662 0.18 65.94 3.88
CA HIS C 662 1.52 66.44 3.70
C HIS C 662 2.00 66.18 2.28
N ASP C 663 2.84 67.07 1.78
CA ASP C 663 3.42 66.93 0.45
C ASP C 663 4.60 65.97 0.51
N ALA C 664 5.24 65.76 -0.65
CA ALA C 664 6.34 64.80 -0.73
C ALA C 664 7.54 65.22 0.11
N LEU C 665 7.68 66.50 0.42
CA LEU C 665 8.81 67.01 1.18
C LEU C 665 8.57 67.02 2.68
N SER C 666 7.40 66.60 3.14
CA SER C 666 7.07 66.62 4.56
C SER C 666 6.33 65.34 4.93
N LEU C 667 6.46 64.96 6.20
CA LEU C 667 5.76 63.81 6.76
C LEU C 667 5.69 63.97 8.26
N PRO C 668 4.75 63.30 8.93
CA PRO C 668 4.59 63.51 10.38
C PRO C 668 5.73 62.91 11.20
N VAL C 669 6.60 63.79 11.69
CA VAL C 669 7.66 63.46 12.62
C VAL C 669 7.57 64.43 13.78
N TYR C 670 7.48 63.90 15.00
CA TYR C 670 7.22 64.71 16.17
C TYR C 670 8.12 64.28 17.33
N VAL C 671 8.25 65.18 18.31
CA VAL C 671 9.07 64.97 19.49
C VAL C 671 8.20 65.22 20.72
N ARG C 672 8.29 64.33 21.69
CA ARG C 672 7.50 64.47 22.91
C ARG C 672 7.95 65.69 23.70
N ASP C 673 7.17 66.03 24.72
CA ASP C 673 7.46 67.18 25.56
C ASP C 673 8.59 66.86 26.54
N ASN C 674 9.12 67.92 27.17
CA ASN C 674 10.17 67.78 28.16
C ASN C 674 11.38 67.06 27.58
N THR C 675 11.84 67.55 26.42
CA THR C 675 12.91 66.89 25.68
C THR C 675 14.08 67.83 25.46
N LEU C 676 15.29 67.25 25.48
CA LEU C 676 16.52 67.98 25.21
C LEU C 676 17.28 67.18 24.15
N LEU C 677 16.99 67.47 22.88
CA LEU C 677 17.64 66.78 21.78
C LEU C 677 18.99 67.39 21.48
N ALA C 678 19.80 66.67 20.70
CA ALA C 678 21.13 67.13 20.31
C ALA C 678 21.29 66.97 18.80
N LEU C 679 21.95 67.95 18.17
CA LEU C 679 22.21 67.92 16.75
C LEU C 679 23.61 68.45 16.49
N GLY C 680 24.15 68.07 15.32
CA GLY C 680 25.47 68.50 14.91
C GLY C 680 25.40 69.55 13.80
N ASN C 681 26.55 70.17 13.56
CA ASN C 681 26.68 71.21 12.55
C ASN C 681 27.10 70.68 11.19
N ASN C 682 27.26 69.37 11.05
CA ASN C 682 27.69 68.74 9.80
C ASN C 682 26.54 67.93 9.22
N ASP C 683 26.20 68.20 7.96
CA ASP C 683 25.10 67.52 7.28
C ASP C 683 25.56 66.77 6.04
N GLN C 684 26.84 66.41 5.97
CA GLN C 684 27.39 65.68 4.84
C GLN C 684 28.06 64.36 5.22
N LYS C 685 28.52 64.21 6.46
CA LYS C 685 29.18 62.99 6.91
C LYS C 685 28.64 62.58 8.27
N PRO C 686 28.51 61.30 8.55
CA PRO C 686 28.05 60.85 9.87
C PRO C 686 29.15 60.55 10.87
N ASP C 687 30.42 60.79 10.53
CA ASP C 687 31.55 60.47 11.38
C ASP C 687 32.31 61.74 11.78
N TYR C 688 31.57 62.78 12.14
CA TYR C 688 32.16 64.05 12.54
C TYR C 688 32.18 64.17 14.06
N ALA C 689 32.85 65.21 14.55
CA ALA C 689 32.95 65.47 15.98
C ALA C 689 31.60 65.93 16.50
N TRP C 690 30.88 65.03 17.17
CA TRP C 690 29.55 65.37 17.65
C TRP C 690 29.59 66.35 18.81
N HIS C 691 30.66 66.35 19.59
CA HIS C 691 30.77 67.20 20.77
C HIS C 691 31.38 68.57 20.46
N GLU C 692 31.64 68.88 19.20
CA GLU C 692 32.18 70.17 18.78
C GLU C 692 31.09 70.96 18.08
N GLY C 693 30.79 72.15 18.58
CA GLY C 693 29.79 73.00 17.97
C GLY C 693 28.42 72.38 17.93
N THR C 694 28.06 71.62 18.96
CA THR C 694 26.76 70.96 19.00
C THR C 694 25.65 71.96 19.30
N ALA C 695 24.44 71.62 18.86
CA ALA C 695 23.26 72.43 19.09
C ALA C 695 22.23 71.57 19.80
N PHE C 696 22.00 71.87 21.08
CA PHE C 696 20.92 71.24 21.82
C PHE C 696 19.61 71.96 21.54
N GLN C 697 18.52 71.22 21.60
CA GLN C 697 17.19 71.75 21.31
C GLN C 697 16.28 71.42 22.49
N LEU C 698 15.65 72.45 23.05
CA LEU C 698 14.80 72.33 24.23
C LEU C 698 13.34 72.40 23.80
N PHE C 699 12.58 71.34 24.14
CA PHE C 699 11.18 71.18 23.76
C PHE C 699 10.35 71.06 25.03
N GLN C 700 9.52 72.07 25.29
CA GLN C 700 8.45 72.01 26.28
C GLN C 700 8.96 71.55 27.64
N LEU C 701 9.83 72.35 28.24
CA LEU C 701 10.32 72.08 29.58
C LEU C 701 9.29 72.61 30.58
N GLY C 702 8.52 71.69 31.18
CA GLY C 702 7.53 72.09 32.14
C GLY C 702 8.13 72.46 33.48
N ASP C 703 7.36 73.22 34.25
CA ASP C 703 7.82 73.68 35.55
C ASP C 703 8.01 72.51 36.50
N GLY C 704 9.12 72.53 37.24
CA GLY C 704 9.41 71.50 38.21
C GLY C 704 10.00 70.23 37.64
N ASN C 705 10.29 70.18 36.35
CA ASN C 705 10.80 68.99 35.71
C ASN C 705 12.29 69.15 35.40
N GLU C 706 12.97 68.01 35.27
CA GLU C 706 14.39 67.96 34.98
C GLU C 706 14.63 67.04 33.79
N THR C 707 15.56 67.45 32.92
CA THR C 707 15.90 66.69 31.72
C THR C 707 17.40 66.54 31.62
N VAL C 708 17.83 65.44 31.01
CA VAL C 708 19.25 65.13 30.84
C VAL C 708 19.50 64.70 29.41
N CYS C 709 20.74 64.89 28.96
CA CYS C 709 21.15 64.50 27.61
C CYS C 709 22.63 64.15 27.64
N GLN C 710 22.99 63.02 27.06
CA GLN C 710 24.36 62.53 27.04
C GLN C 710 24.80 62.32 25.60
N VAL C 711 25.69 63.18 25.12
CA VAL C 711 26.25 63.01 23.78
C VAL C 711 27.31 61.90 23.83
N PRO C 712 27.25 60.91 22.94
CA PRO C 712 28.20 59.81 23.00
C PRO C 712 29.51 60.13 22.28
N ALA C 713 30.49 59.26 22.49
CA ALA C 713 31.79 59.35 21.85
C ALA C 713 31.86 58.31 20.73
N ALA C 714 33.04 58.16 20.14
CA ALA C 714 33.22 57.16 19.08
C ALA C 714 32.98 55.76 19.61
N ASP C 715 33.47 55.46 20.82
CA ASP C 715 33.26 54.15 21.42
C ASP C 715 31.85 53.95 21.96
N GLY C 716 31.04 55.01 22.02
CA GLY C 716 29.69 54.94 22.50
C GLY C 716 29.49 55.43 23.92
N SER C 717 30.57 55.58 24.69
CA SER C 717 30.45 56.07 26.06
C SER C 717 30.20 57.58 26.04
N ALA C 718 29.34 58.03 26.94
CA ALA C 718 29.01 59.45 27.01
C ALA C 718 30.27 60.28 27.25
N ILE C 719 30.41 61.37 26.51
CA ILE C 719 31.55 62.26 26.64
C ILE C 719 31.18 63.57 27.31
N PHE C 720 29.92 64.00 27.25
CA PHE C 720 29.49 65.26 27.85
C PHE C 720 28.01 65.15 28.20
N THR C 721 27.66 65.61 29.39
CA THR C 721 26.29 65.51 29.89
C THR C 721 25.78 66.90 30.28
N LEU C 722 24.53 67.18 29.91
CA LEU C 722 23.90 68.46 30.17
C LEU C 722 22.57 68.23 30.89
N LYS C 723 22.34 68.97 31.97
CA LYS C 723 21.13 68.86 32.76
C LYS C 723 20.46 70.22 32.87
N ALA C 724 19.16 70.26 32.62
CA ALA C 724 18.37 71.48 32.67
C ALA C 724 17.28 71.32 33.73
N LYS C 725 17.17 72.31 34.61
CA LYS C 725 16.16 72.33 35.66
C LYS C 725 15.38 73.62 35.60
N ARG C 726 14.06 73.52 35.58
CA ARG C 726 13.16 74.67 35.51
C ARG C 726 12.46 74.86 36.83
N GLN C 727 12.45 76.10 37.33
CA GLN C 727 11.74 76.45 38.55
C GLN C 727 11.07 77.80 38.32
N GLY C 728 9.75 77.85 38.49
CA GLY C 728 9.02 79.07 38.22
C GLY C 728 9.20 79.53 36.80
N ASN C 729 9.95 80.62 36.61
CA ASN C 729 10.24 81.16 35.28
C ASN C 729 11.74 81.21 35.01
N THR C 730 12.54 80.45 35.75
CA THR C 730 13.99 80.43 35.59
C THR C 730 14.45 79.02 35.28
N ILE C 731 15.27 78.88 34.24
CA ILE C 731 15.82 77.60 33.82
C ILE C 731 17.33 77.66 33.96
N THR C 732 17.89 76.69 34.68
CA THR C 732 19.32 76.58 34.90
C THR C 732 19.85 75.34 34.19
N VAL C 733 20.89 75.52 33.39
CA VAL C 733 21.50 74.44 32.62
C VAL C 733 22.94 74.29 33.07
N SER C 734 23.34 73.06 33.39
CA SER C 734 24.69 72.75 33.85
C SER C 734 25.24 71.60 33.02
N GLY C 735 26.46 71.78 32.50
CA GLY C 735 27.08 70.77 31.68
C GLY C 735 28.44 70.39 32.22
N GLU C 736 28.77 69.11 32.06
CA GLU C 736 30.06 68.58 32.51
C GLU C 736 30.54 67.52 31.54
N GLY C 737 31.84 67.55 31.26
CA GLY C 737 32.44 66.61 30.34
C GLY C 737 33.50 67.25 29.47
N GLU C 738 33.44 66.99 28.16
CA GLU C 738 34.42 67.53 27.21
C GLU C 738 33.65 68.14 26.04
N ALA C 739 33.85 69.44 25.82
CA ALA C 739 33.21 70.13 24.71
C ALA C 739 33.90 71.48 24.52
N ARG C 740 33.75 72.03 23.31
CA ARG C 740 34.34 73.33 22.97
C ARG C 740 33.35 74.07 22.09
N GLY C 741 32.50 74.89 22.71
CA GLY C 741 31.54 75.69 21.98
C GLY C 741 30.27 74.94 21.67
N TRP C 742 29.13 75.50 22.06
CA TRP C 742 27.85 74.86 21.80
C TRP C 742 26.74 75.90 21.90
N THR C 743 25.55 75.51 21.42
CA THR C 743 24.39 76.38 21.44
C THR C 743 23.20 75.61 21.98
N LEU C 744 22.26 76.35 22.56
CA LEU C 744 21.00 75.80 23.06
C LEU C 744 19.86 76.59 22.45
N CYS C 745 18.98 75.91 21.72
CA CYS C 745 17.84 76.53 21.06
C CYS C 745 16.58 76.12 21.80
N LEU C 746 15.99 77.07 22.53
CA LEU C 746 14.69 76.87 23.14
C LEU C 746 13.63 77.07 22.06
N ARG C 747 12.76 76.07 21.88
CA ARG C 747 11.78 76.12 20.82
C ARG C 747 10.48 76.79 21.28
N ASN C 748 9.83 77.48 20.36
CA ASN C 748 8.57 78.16 20.62
C ASN C 748 8.71 79.24 21.69
N ILE C 749 9.88 79.83 21.79
CA ILE C 749 10.16 80.91 22.73
C ILE C 749 10.65 82.11 21.92
N PRO C 750 9.76 83.05 21.59
CA PRO C 750 10.19 84.20 20.76
C PRO C 750 11.35 84.99 21.36
N GLN C 751 11.37 85.16 22.68
CA GLN C 751 12.39 85.97 23.31
C GLN C 751 12.50 85.58 24.78
N ILE C 752 13.57 86.06 25.42
CA ILE C 752 13.83 85.79 26.83
C ILE C 752 14.02 87.12 27.55
N ALA C 753 13.83 87.13 28.87
CA ALA C 753 13.93 88.35 29.66
C ALA C 753 15.16 88.33 30.57
N GLY C 754 16.24 87.68 30.12
CA GLY C 754 17.47 87.65 30.90
C GLY C 754 18.29 86.40 30.67
N VAL C 755 19.61 86.57 30.56
CA VAL C 755 20.54 85.47 30.38
C VAL C 755 21.74 85.71 31.29
N GLU C 756 22.46 84.62 31.59
CA GLU C 756 23.63 84.66 32.47
C GLU C 756 24.75 83.87 31.81
N GLY C 757 25.69 84.58 31.18
CA GLY C 757 26.85 83.96 30.59
C GLY C 757 26.67 83.43 29.18
N GLY C 758 25.49 83.59 28.60
CA GLY C 758 25.24 83.10 27.24
C GLY C 758 24.80 84.20 26.31
N THR C 759 25.28 84.17 25.06
CA THR C 759 24.92 85.18 24.09
C THR C 759 23.65 84.74 23.36
N GLN C 760 22.58 85.53 23.49
CA GLN C 760 21.27 85.16 23.01
C GLN C 760 20.98 85.80 21.65
N ALA C 761 20.19 85.11 20.84
CA ALA C 761 19.74 85.62 19.56
C ALA C 761 18.44 84.94 19.18
N GLY C 762 17.72 85.55 18.25
CA GLY C 762 16.45 85.00 17.80
C GLY C 762 16.57 84.19 16.53
N SER C 763 15.59 83.31 16.31
CA SER C 763 15.56 82.50 15.11
C SER C 763 14.12 82.07 14.87
N GLU C 764 13.84 81.66 13.62
CA GLU C 764 12.48 81.26 13.27
C GLU C 764 11.98 80.10 14.11
N LEU C 765 12.88 79.31 14.70
CA LEU C 765 12.50 78.17 15.51
C LEU C 765 12.54 78.47 17.01
N GLY C 766 12.85 79.70 17.40
CA GLY C 766 12.87 80.04 18.81
C GLY C 766 14.01 80.97 19.20
N VAL C 767 14.70 80.66 20.29
CA VAL C 767 15.81 81.49 20.78
C VAL C 767 17.04 80.63 20.93
N VAL C 768 18.14 81.05 20.30
CA VAL C 768 19.40 80.31 20.31
C VAL C 768 20.38 81.08 21.20
N VAL C 769 20.91 80.40 22.21
CA VAL C 769 21.89 80.97 23.13
C VAL C 769 23.19 80.20 22.94
N SER C 770 24.23 80.90 22.51
CA SER C 770 25.56 80.32 22.42
C SER C 770 26.23 80.41 23.78
N ALA C 771 26.80 79.29 24.23
CA ALA C 771 27.36 79.17 25.56
C ALA C 771 28.87 79.29 25.51
N GLN C 772 29.42 80.22 26.29
CA GLN C 772 30.86 80.39 26.43
C GLN C 772 31.39 79.69 27.68
N GLY C 773 30.53 78.98 28.42
CA GLY C 773 30.95 78.27 29.62
C GLY C 773 30.23 76.95 29.77
N ASN C 774 30.15 76.44 31.00
CA ASN C 774 29.51 75.17 31.30
C ASN C 774 28.38 75.33 32.32
N ALA C 775 27.80 76.52 32.40
CA ALA C 775 26.69 76.75 33.33
C ALA C 775 26.01 78.05 32.94
N LEU C 776 24.69 77.99 32.74
CA LEU C 776 23.91 79.16 32.35
C LEU C 776 22.60 79.18 33.11
N THR C 777 22.04 80.38 33.26
CA THR C 777 20.74 80.58 33.88
C THR C 777 19.97 81.61 33.08
N ILE C 778 18.74 81.28 32.71
CA ILE C 778 17.90 82.14 31.88
C ILE C 778 16.58 82.37 32.59
N SER C 779 16.20 83.63 32.74
CA SER C 779 14.94 83.98 33.39
C SER C 779 13.88 84.30 32.36
N MET D 9 -8.43 -12.84 15.19
CA MET D 9 -9.61 -13.31 15.92
C MET D 9 -9.36 -13.30 17.42
N LYS D 10 -8.09 -13.32 17.82
CA LYS D 10 -7.75 -13.29 19.24
C LYS D 10 -8.23 -11.99 19.87
N ILE D 11 -8.77 -12.09 21.08
CA ILE D 11 -9.33 -10.96 21.80
C ILE D 11 -8.42 -10.55 22.95
N SER D 12 -8.03 -11.49 23.79
CA SER D 12 -7.23 -11.22 24.99
C SER D 12 -5.81 -11.73 24.77
N ASP D 13 -4.83 -10.85 24.97
CA ASP D 13 -3.42 -11.22 24.87
C ASP D 13 -2.89 -11.55 26.26
N GLY D 14 -3.44 -12.61 26.83
CA GLY D 14 -3.10 -13.03 28.17
C GLY D 14 -4.24 -12.83 29.15
N ASN D 15 -3.95 -12.26 30.31
CA ASN D 15 -4.96 -12.00 31.33
C ASN D 15 -4.99 -10.56 31.82
N TRP D 16 -4.05 -9.71 31.40
CA TRP D 16 -4.00 -8.32 31.84
C TRP D 16 -4.14 -7.32 30.72
N LEU D 17 -3.72 -7.65 29.49
CA LEU D 17 -3.77 -6.75 28.36
C LEU D 17 -4.48 -7.41 27.19
N ILE D 18 -4.75 -6.62 26.16
CA ILE D 18 -5.45 -7.07 24.97
C ILE D 18 -4.65 -6.64 23.74
N GLN D 19 -4.98 -7.25 22.61
CA GLN D 19 -4.27 -6.96 21.38
C GLN D 19 -4.49 -5.50 20.95
N PRO D 20 -3.51 -4.89 20.29
CA PRO D 20 -3.70 -3.49 19.87
C PRO D 20 -4.82 -3.34 18.85
N GLY D 21 -5.43 -2.16 18.84
CA GLY D 21 -6.46 -1.86 17.86
C GLY D 21 -7.73 -2.68 18.01
N LEU D 22 -8.16 -2.91 19.25
CA LEU D 22 -9.40 -3.66 19.52
C LEU D 22 -10.14 -2.94 20.62
N ASN D 23 -11.15 -2.15 20.25
CA ASN D 23 -11.96 -1.44 21.23
C ASN D 23 -12.98 -2.40 21.83
N LEU D 24 -13.03 -2.45 23.16
CA LEU D 24 -13.91 -3.36 23.88
C LEU D 24 -14.96 -2.57 24.65
N ILE D 25 -16.22 -2.93 24.46
CA ILE D 25 -17.33 -2.31 25.20
C ILE D 25 -18.09 -3.45 25.88
N GLN D 26 -18.08 -3.47 27.21
CA GLN D 26 -18.67 -4.56 27.96
C GLN D 26 -19.69 -4.04 28.97
N PRO D 27 -20.77 -4.79 29.21
CA PRO D 27 -21.71 -4.38 30.25
C PRO D 27 -21.12 -4.54 31.64
N VAL D 28 -21.36 -3.56 32.50
CA VAL D 28 -20.80 -3.55 33.85
C VAL D 28 -21.91 -3.38 34.88
N GLN D 29 -23.04 -2.80 34.47
CA GLN D 29 -24.12 -2.52 35.40
C GLN D 29 -25.45 -2.68 34.69
N VAL D 30 -26.49 -2.97 35.48
CA VAL D 30 -27.85 -3.10 34.98
C VAL D 30 -28.57 -1.77 35.20
N TYR D 31 -29.09 -1.20 34.13
CA TYR D 31 -29.80 0.08 34.20
C TYR D 31 -31.31 -0.09 34.34
N GLU D 32 -31.94 -0.88 33.46
CA GLU D 32 -33.39 -0.99 33.50
C GLU D 32 -33.82 -2.40 33.12
N VAL D 33 -34.99 -2.79 33.62
CA VAL D 33 -35.60 -4.08 33.33
C VAL D 33 -37.08 -3.85 33.00
N GLU D 34 -37.55 -4.54 31.97
CA GLU D 34 -38.93 -4.42 31.52
C GLU D 34 -39.48 -5.80 31.18
N GLN D 35 -40.81 -5.93 31.30
CA GLN D 35 -41.52 -7.16 30.99
C GLN D 35 -42.45 -6.89 29.80
N GLN D 36 -42.18 -7.56 28.69
CA GLN D 36 -43.00 -7.43 27.48
C GLN D 36 -43.68 -8.78 27.26
N GLY D 37 -44.93 -8.88 27.73
CA GLY D 37 -45.67 -10.12 27.61
C GLY D 37 -45.01 -11.27 28.32
N ASN D 38 -44.49 -12.22 27.55
CA ASN D 38 -43.80 -13.39 28.09
C ASN D 38 -42.28 -13.27 27.97
N GLU D 39 -41.76 -12.10 27.63
CA GLU D 39 -40.34 -11.89 27.45
C GLU D 39 -39.84 -10.83 28.43
N MET D 40 -38.54 -10.91 28.73
CA MET D 40 -37.89 -9.96 29.61
C MET D 40 -36.83 -9.19 28.83
N VAL D 41 -36.74 -7.89 29.10
CA VAL D 41 -35.79 -7.02 28.42
C VAL D 41 -34.93 -6.35 29.49
N VAL D 42 -33.62 -6.35 29.29
CA VAL D 42 -32.68 -5.72 30.21
C VAL D 42 -31.82 -4.75 29.42
N TYR D 43 -31.84 -3.48 29.84
CA TYR D 43 -31.00 -2.45 29.25
C TYR D 43 -29.85 -2.18 30.21
N ALA D 44 -28.62 -2.39 29.74
CA ALA D 44 -27.43 -2.29 30.57
C ALA D 44 -26.44 -1.32 29.94
N ALA D 45 -25.56 -0.78 30.78
CA ALA D 45 -24.55 0.19 30.36
C ALA D 45 -23.18 -0.24 30.84
N PRO D 46 -22.12 0.24 30.19
CA PRO D 46 -20.76 -0.17 30.58
C PRO D 46 -20.22 0.55 31.80
N ARG D 47 -20.92 1.54 32.32
CA ARG D 47 -20.42 2.34 33.44
C ARG D 47 -21.56 2.64 34.39
N ASP D 48 -21.20 3.16 35.56
CA ASP D 48 -22.21 3.56 36.54
C ASP D 48 -23.11 4.64 35.95
N VAL D 49 -24.42 4.44 36.08
CA VAL D 49 -25.40 5.37 35.51
C VAL D 49 -26.44 5.73 36.56
N ARG D 50 -26.17 5.40 37.83
CA ARG D 50 -27.09 5.78 38.89
C ARG D 50 -27.24 7.28 38.99
N GLU D 51 -26.20 8.04 38.67
CA GLU D 51 -26.25 9.49 38.71
C GLU D 51 -26.69 10.04 37.36
N ARG D 52 -27.34 11.20 37.40
CA ARG D 52 -27.88 11.81 36.18
C ARG D 52 -26.78 12.31 35.24
N ALA D 53 -25.58 12.54 35.75
CA ALA D 53 -24.53 13.12 34.92
C ALA D 53 -24.06 12.13 33.85
N TRP D 54 -24.02 10.85 34.17
CA TRP D 54 -23.49 9.84 33.26
C TRP D 54 -24.58 9.13 32.46
N GLN D 55 -25.81 9.62 32.50
CA GLN D 55 -26.91 9.03 31.73
C GLN D 55 -26.97 9.60 30.32
N LEU D 56 -25.84 9.57 29.61
CA LEU D 56 -25.76 10.07 28.24
C LEU D 56 -24.35 9.82 27.72
N ASP D 57 -24.22 9.90 26.39
CA ASP D 57 -22.92 9.75 25.73
C ASP D 57 -22.27 8.40 26.02
N THR D 58 -23.09 7.36 26.20
CA THR D 58 -22.60 6.02 26.45
C THR D 58 -23.45 5.02 25.68
N PRO D 59 -22.89 3.86 25.33
CA PRO D 59 -23.70 2.83 24.66
C PRO D 59 -24.69 2.18 25.61
N LEU D 60 -25.46 1.23 25.10
CA LEU D 60 -26.46 0.53 25.92
C LEU D 60 -26.76 -0.81 25.29
N PHE D 61 -26.37 -1.90 25.96
CA PHE D 61 -26.65 -3.24 25.47
C PHE D 61 -28.07 -3.64 25.85
N THR D 62 -28.77 -4.30 24.91
CA THR D 62 -30.13 -4.77 25.13
C THR D 62 -30.13 -6.29 25.13
N LEU D 63 -30.57 -6.89 26.23
CA LEU D 63 -30.62 -8.34 26.38
C LEU D 63 -32.08 -8.77 26.48
N ARG D 64 -32.51 -9.65 25.58
CA ARG D 64 -33.87 -10.16 25.55
C ARG D 64 -33.84 -11.63 25.95
N PHE D 65 -34.61 -11.98 26.97
CA PHE D 65 -34.72 -13.35 27.45
C PHE D 65 -36.13 -13.85 27.18
N PHE D 66 -36.23 -15.00 26.51
CA PHE D 66 -37.52 -15.58 26.17
C PHE D 66 -37.42 -17.10 26.29
N SER D 67 -38.57 -17.76 26.14
CA SER D 67 -38.66 -19.21 26.27
C SER D 67 -39.43 -19.78 25.09
N PRO D 68 -38.76 -20.07 23.98
CA PRO D 68 -39.47 -20.65 22.83
C PRO D 68 -40.07 -22.01 23.11
N GLN D 69 -39.54 -22.76 24.07
CA GLN D 69 -40.05 -24.08 24.40
C GLN D 69 -39.77 -24.34 25.87
N GLU D 70 -40.56 -25.26 26.45
CA GLU D 70 -40.37 -25.62 27.84
C GLU D 70 -38.98 -26.22 28.04
N GLY D 71 -38.28 -25.74 29.07
CA GLY D 71 -36.94 -26.21 29.37
C GLY D 71 -35.85 -25.58 28.54
N ILE D 72 -36.18 -24.63 27.66
CA ILE D 72 -35.21 -23.98 26.80
C ILE D 72 -35.34 -22.47 27.00
N ILE D 73 -34.21 -21.80 27.16
CA ILE D 73 -34.17 -20.35 27.37
C ILE D 73 -33.31 -19.73 26.28
N GLY D 74 -33.87 -18.74 25.58
CA GLY D 74 -33.17 -18.06 24.50
C GLY D 74 -32.80 -16.65 24.92
N VAL D 75 -31.54 -16.29 24.65
CA VAL D 75 -30.97 -15.00 25.01
C VAL D 75 -30.51 -14.32 23.73
N ARG D 76 -30.90 -13.06 23.56
CA ARG D 76 -30.55 -12.25 22.39
C ARG D 76 -29.93 -10.95 22.88
N MET D 77 -28.64 -10.77 22.61
CA MET D 77 -27.91 -9.58 23.01
C MET D 77 -27.69 -8.71 21.78
N GLU D 78 -28.04 -7.43 21.88
CA GLU D 78 -28.01 -6.52 20.74
C GLU D 78 -27.38 -5.19 21.14
N HIS D 79 -26.72 -4.58 20.16
CA HIS D 79 -26.15 -3.24 20.28
C HIS D 79 -26.82 -2.24 19.34
N PHE D 80 -26.90 -2.56 18.05
CA PHE D 80 -27.57 -1.72 17.06
C PHE D 80 -28.69 -2.53 16.42
N GLN D 81 -29.88 -1.94 16.38
CA GLN D 81 -31.03 -2.57 15.74
C GLN D 81 -31.23 -2.13 14.29
N GLY D 82 -30.38 -1.25 13.78
CA GLY D 82 -30.52 -0.75 12.42
C GLY D 82 -29.92 -1.63 11.36
N ALA D 83 -29.26 -2.73 11.74
CA ALA D 83 -28.65 -3.61 10.76
C ALA D 83 -29.72 -4.44 10.04
N LEU D 84 -29.32 -5.03 8.92
CA LEU D 84 -30.22 -5.84 8.11
C LEU D 84 -30.12 -7.30 8.51
N ASP D 85 -31.26 -7.97 8.57
CA ASP D 85 -31.36 -9.39 8.88
C ASP D 85 -32.07 -10.07 7.71
N ASN D 86 -31.30 -10.64 6.80
CA ASN D 86 -31.84 -11.25 5.60
C ASN D 86 -32.00 -12.76 5.77
N SER D 87 -32.69 -13.37 4.82
CA SER D 87 -32.88 -14.81 4.83
C SER D 87 -31.57 -15.51 4.52
N PRO D 88 -31.44 -16.79 4.88
CA PRO D 88 -32.41 -17.66 5.56
C PRO D 88 -32.22 -17.71 7.07
N HIS D 89 -33.05 -18.51 7.75
CA HIS D 89 -32.92 -18.72 9.19
C HIS D 89 -33.12 -20.19 9.48
N TYR D 90 -32.56 -20.63 10.60
CA TYR D 90 -32.64 -22.04 10.96
C TYR D 90 -34.10 -22.42 11.18
N PRO D 91 -34.52 -23.62 10.74
CA PRO D 91 -35.92 -24.04 10.92
C PRO D 91 -36.23 -24.49 12.36
N LEU D 92 -36.50 -23.51 13.21
CA LEU D 92 -36.77 -23.76 14.62
C LEU D 92 -38.27 -23.74 14.87
N ASN D 93 -38.76 -24.74 15.59
CA ASN D 93 -40.17 -24.82 15.95
C ASN D 93 -40.37 -24.05 17.27
N VAL D 94 -41.21 -23.02 17.22
CA VAL D 94 -41.44 -22.13 18.35
C VAL D 94 -42.91 -22.22 18.73
N GLN D 95 -43.18 -22.39 20.02
CA GLN D 95 -44.53 -22.47 20.55
C GLN D 95 -44.84 -21.19 21.31
N LYS D 96 -46.02 -20.62 21.05
CA LYS D 96 -46.45 -19.39 21.68
C LYS D 96 -47.41 -19.64 22.83
N ASP D 97 -47.57 -20.89 23.26
CA ASP D 97 -48.47 -21.27 24.35
C ASP D 97 -47.69 -21.92 25.48
N VAL D 98 -46.56 -21.32 25.84
CA VAL D 98 -45.68 -21.85 26.89
C VAL D 98 -45.90 -21.05 28.15
N HIS D 99 -46.08 -21.75 29.28
CA HIS D 99 -46.26 -21.10 30.56
C HIS D 99 -44.91 -20.71 31.13
N VAL D 100 -44.74 -19.41 31.43
CA VAL D 100 -43.49 -18.88 31.94
C VAL D 100 -43.79 -17.98 33.13
N GLU D 101 -42.79 -17.80 33.98
CA GLU D 101 -42.90 -16.98 35.18
C GLU D 101 -41.81 -15.93 35.20
N ILE D 102 -42.15 -14.72 35.64
CA ILE D 102 -41.22 -13.61 35.73
C ILE D 102 -41.32 -13.01 37.12
N GLU D 103 -40.16 -12.80 37.75
CA GLU D 103 -40.08 -12.18 39.07
C GLU D 103 -39.12 -11.00 38.98
N ASN D 104 -39.64 -9.79 39.15
CA ASN D 104 -38.86 -8.56 39.04
C ASN D 104 -38.92 -7.83 40.37
N THR D 105 -38.00 -8.16 41.26
CA THR D 105 -37.87 -7.50 42.55
C THR D 105 -36.71 -6.51 42.52
N ALA D 106 -36.60 -5.74 43.60
CA ALA D 106 -35.58 -4.68 43.66
C ALA D 106 -34.16 -5.22 43.73
N GLU D 107 -33.99 -6.52 43.96
CA GLU D 107 -32.66 -7.11 44.11
C GLU D 107 -32.19 -7.87 42.87
N PHE D 108 -33.08 -8.59 42.19
CA PHE D 108 -32.69 -9.41 41.06
C PHE D 108 -33.89 -9.61 40.14
N ALA D 109 -33.60 -10.06 38.92
CA ALA D 109 -34.62 -10.38 37.93
C ALA D 109 -34.50 -11.85 37.57
N GLU D 110 -35.62 -12.57 37.67
CA GLU D 110 -35.65 -14.01 37.43
C GLU D 110 -36.68 -14.35 36.37
N LEU D 111 -36.27 -15.16 35.40
CA LEU D 111 -37.18 -15.68 34.37
C LEU D 111 -37.14 -17.21 34.48
N LYS D 112 -38.26 -17.80 34.89
CA LYS D 112 -38.34 -19.23 35.16
C LYS D 112 -39.25 -19.90 34.14
N SER D 113 -38.73 -20.93 33.47
CA SER D 113 -39.52 -21.77 32.57
C SER D 113 -39.28 -23.22 32.97
N GLY D 114 -40.36 -23.95 33.22
CA GLY D 114 -40.23 -25.33 33.62
C GLY D 114 -39.36 -25.44 34.87
N SER D 115 -38.36 -26.31 34.81
CA SER D 115 -37.42 -26.49 35.90
C SER D 115 -36.19 -25.60 35.80
N LEU D 116 -36.06 -24.84 34.71
CA LEU D 116 -34.90 -23.98 34.49
C LEU D 116 -35.25 -22.53 34.80
N SER D 117 -34.24 -21.75 35.14
CA SER D 117 -34.45 -20.33 35.39
C SER D 117 -33.16 -19.57 35.08
N VAL D 118 -33.32 -18.29 34.78
CA VAL D 118 -32.23 -17.37 34.51
C VAL D 118 -32.34 -16.22 35.50
N ARG D 119 -31.23 -15.91 36.19
CA ARG D 119 -31.20 -14.88 37.21
C ARG D 119 -30.16 -13.83 36.86
N VAL D 120 -30.53 -12.57 36.97
CA VAL D 120 -29.65 -11.44 36.76
C VAL D 120 -29.65 -10.59 38.02
N THR D 121 -28.46 -10.29 38.53
CA THR D 121 -28.32 -9.53 39.77
C THR D 121 -28.14 -8.04 39.45
N LYS D 122 -28.94 -7.21 40.09
CA LYS D 122 -28.85 -5.76 39.89
C LYS D 122 -27.88 -5.14 40.88
N GLY D 123 -27.58 -3.87 40.67
CA GLY D 123 -26.67 -3.15 41.53
C GLY D 123 -25.32 -2.90 40.89
N GLU D 124 -24.28 -2.76 41.71
CA GLU D 124 -22.94 -2.51 41.18
C GLU D 124 -22.34 -3.76 40.56
N PHE D 125 -22.71 -4.94 41.03
CA PHE D 125 -22.14 -6.21 40.58
C PHE D 125 -23.05 -6.79 39.51
N TRP D 126 -22.53 -6.93 38.30
CA TRP D 126 -23.26 -7.55 37.19
C TRP D 126 -22.91 -9.02 37.11
N ALA D 127 -23.92 -9.88 37.05
CA ALA D 127 -23.72 -11.31 36.98
C ALA D 127 -24.95 -11.97 36.39
N LEU D 128 -24.73 -13.01 35.59
CA LEU D 128 -25.81 -13.78 34.98
C LEU D 128 -25.65 -15.24 35.37
N ASP D 129 -26.73 -15.87 35.83
CA ASP D 129 -26.66 -17.25 36.29
C ASP D 129 -27.82 -18.05 35.71
N PHE D 130 -27.57 -19.33 35.47
CA PHE D 130 -28.60 -20.28 35.06
C PHE D 130 -28.78 -21.30 36.19
N LEU D 131 -30.02 -21.44 36.66
CA LEU D 131 -30.33 -22.26 37.82
C LEU D 131 -31.26 -23.38 37.43
N ARG D 132 -30.90 -24.60 37.81
CA ARG D 132 -31.73 -25.79 37.63
C ARG D 132 -32.36 -26.11 38.98
N ASP D 133 -33.54 -25.54 39.22
CA ASP D 133 -34.26 -25.71 40.48
C ASP D 133 -33.60 -24.96 41.62
N GLY D 134 -32.91 -23.86 41.33
CA GLY D 134 -32.34 -22.99 42.33
C GLY D 134 -30.86 -23.17 42.58
N VAL D 135 -30.19 -24.04 41.84
CA VAL D 135 -28.76 -24.28 41.99
C VAL D 135 -28.08 -23.92 40.68
N ARG D 136 -27.04 -23.09 40.77
CA ARG D 136 -26.34 -22.65 39.58
C ARG D 136 -25.62 -23.82 38.90
N ILE D 137 -25.64 -23.82 37.57
CA ILE D 137 -24.93 -24.82 36.78
C ILE D 137 -23.92 -24.12 35.88
N THR D 138 -24.20 -22.88 35.52
CA THR D 138 -23.32 -22.10 34.66
C THR D 138 -23.83 -20.66 34.63
N GLY D 139 -23.13 -19.82 33.88
CA GLY D 139 -23.51 -18.43 33.76
C GLY D 139 -22.36 -17.60 33.20
N SER D 140 -22.59 -16.29 33.21
CA SER D 140 -21.62 -15.32 32.74
C SER D 140 -21.24 -14.39 33.89
N GLN D 141 -19.93 -14.21 34.08
CA GLN D 141 -19.41 -13.36 35.13
C GLN D 141 -19.25 -11.93 34.61
N LEU D 142 -18.58 -11.09 35.39
CA LEU D 142 -18.39 -9.69 35.01
C LEU D 142 -17.36 -9.57 33.90
N LYS D 143 -17.60 -8.62 32.98
CA LYS D 143 -16.67 -8.31 31.89
C LYS D 143 -16.34 -9.56 31.08
N ASN D 144 -17.37 -10.32 30.71
CA ASN D 144 -17.21 -11.50 29.88
C ASN D 144 -18.23 -11.55 28.75
N ASN D 145 -18.98 -10.48 28.53
CA ASN D 145 -20.00 -10.40 27.49
C ASN D 145 -19.75 -9.19 26.60
N GLY D 146 -18.50 -9.02 26.15
CA GLY D 146 -18.11 -7.80 25.50
C GLY D 146 -18.45 -7.74 24.02
N TYR D 147 -18.25 -6.55 23.46
CA TYR D 147 -18.42 -6.26 22.05
C TYR D 147 -17.13 -5.63 21.54
N VAL D 148 -16.62 -6.15 20.42
CA VAL D 148 -15.27 -5.83 19.95
C VAL D 148 -15.38 -5.08 18.63
N GLN D 149 -14.67 -3.96 18.53
CA GLN D 149 -14.53 -3.20 17.29
C GLN D 149 -13.07 -3.28 16.86
N ASP D 150 -12.84 -3.75 15.64
CA ASP D 150 -11.50 -3.89 15.08
C ASP D 150 -11.30 -2.81 14.03
N SER D 151 -10.36 -1.89 14.28
CA SER D 151 -10.10 -0.81 13.35
C SER D 151 -9.31 -1.27 12.14
N LYS D 152 -8.45 -2.27 12.30
CA LYS D 152 -7.65 -2.74 11.17
C LYS D 152 -8.54 -3.18 10.01
N THR D 153 -9.50 -4.05 10.28
CA THR D 153 -10.45 -4.50 9.28
C THR D 153 -11.78 -3.73 9.33
N GLN D 154 -11.90 -2.76 10.23
CA GLN D 154 -13.14 -2.00 10.39
C GLN D 154 -14.33 -2.95 10.57
N ARG D 155 -14.14 -3.97 11.40
CA ARG D 155 -15.13 -5.00 11.62
C ARG D 155 -15.66 -4.94 13.04
N ASN D 156 -16.75 -5.68 13.28
CA ASN D 156 -17.40 -5.75 14.58
C ASN D 156 -17.68 -7.20 14.92
N TYR D 157 -17.44 -7.56 16.18
CA TYR D 157 -17.64 -8.92 16.66
C TYR D 157 -18.37 -8.91 18.00
N MET D 158 -19.16 -9.95 18.23
CA MET D 158 -19.85 -10.17 19.49
C MET D 158 -19.44 -11.52 20.03
N PHE D 159 -18.93 -11.55 21.25
CA PHE D 159 -18.43 -12.77 21.88
C PHE D 159 -19.09 -12.97 23.23
N GLU D 160 -19.27 -14.23 23.61
CA GLU D 160 -19.87 -14.59 24.88
C GLU D 160 -19.10 -15.74 25.49
N ARG D 161 -18.91 -15.68 26.82
CA ARG D 161 -18.19 -16.68 27.57
C ARG D 161 -19.11 -17.30 28.61
N LEU D 162 -19.04 -18.62 28.75
CA LEU D 162 -19.84 -19.37 29.72
C LEU D 162 -18.90 -20.13 30.64
N ASP D 163 -19.19 -20.07 31.94
CA ASP D 163 -18.30 -20.66 32.94
C ASP D 163 -18.33 -22.18 32.88
N LEU D 164 -17.24 -22.79 33.32
CA LEU D 164 -17.12 -24.24 33.42
C LEU D 164 -16.64 -24.59 34.82
N GLY D 165 -17.29 -25.57 35.44
CA GLY D 165 -16.88 -26.06 36.74
C GLY D 165 -15.79 -27.10 36.63
N VAL D 166 -15.58 -27.82 37.74
CA VAL D 166 -14.56 -28.87 37.78
C VAL D 166 -15.15 -30.15 37.21
N GLY D 167 -14.40 -30.79 36.31
CA GLY D 167 -14.83 -32.03 35.70
C GLY D 167 -15.71 -31.87 34.47
N GLU D 168 -15.96 -30.64 34.03
CA GLU D 168 -16.80 -30.44 32.86
C GLU D 168 -16.14 -31.01 31.61
N THR D 169 -16.94 -31.64 30.76
CA THR D 169 -16.48 -32.18 29.50
C THR D 169 -17.46 -31.77 28.40
N VAL D 170 -16.93 -31.32 27.28
CA VAL D 170 -17.72 -30.79 26.18
C VAL D 170 -17.74 -31.80 25.05
N TYR D 171 -18.92 -32.04 24.48
CA TYR D 171 -19.07 -33.00 23.39
C TYR D 171 -19.96 -32.39 22.31
N GLY D 172 -19.82 -32.93 21.09
CA GLY D 172 -20.66 -32.54 19.99
C GLY D 172 -19.94 -31.71 18.94
N LEU D 173 -20.56 -30.58 18.56
CA LEU D 173 -19.99 -29.68 17.56
C LEU D 173 -19.85 -30.35 16.19
N GLY D 174 -20.70 -31.33 15.92
CA GLY D 174 -20.75 -31.93 14.59
C GLY D 174 -19.79 -33.09 14.43
N GLU D 175 -19.56 -33.43 13.15
CA GLU D 175 -18.68 -34.53 12.78
C GLU D 175 -17.24 -34.06 12.87
N ARG D 176 -16.58 -34.40 13.99
CA ARG D 176 -15.17 -34.10 14.18
C ARG D 176 -14.42 -35.41 14.43
N PHE D 177 -13.29 -35.57 13.74
CA PHE D 177 -12.46 -36.75 13.87
C PHE D 177 -11.32 -36.56 14.86
N THR D 178 -11.30 -35.44 15.58
CA THR D 178 -10.31 -35.20 16.61
C THR D 178 -10.69 -35.96 17.88
N ALA D 179 -10.04 -35.65 18.99
CA ALA D 179 -10.36 -36.31 20.25
C ALA D 179 -11.82 -36.08 20.60
N LEU D 180 -12.44 -37.09 21.21
CA LEU D 180 -13.86 -37.01 21.54
C LEU D 180 -14.14 -35.82 22.46
N VAL D 181 -13.31 -35.60 23.46
CA VAL D 181 -13.45 -34.47 24.34
C VAL D 181 -12.94 -33.22 23.64
N ARG D 182 -13.78 -32.19 23.58
CA ARG D 182 -13.48 -30.97 22.86
C ARG D 182 -12.64 -29.97 23.66
N ASN D 183 -12.30 -30.30 24.91
CA ASN D 183 -11.48 -29.41 25.70
C ASN D 183 -10.12 -29.21 25.04
N GLY D 184 -9.71 -27.95 24.94
CA GLY D 184 -8.43 -27.60 24.33
C GLY D 184 -8.45 -27.45 22.83
N GLN D 185 -9.63 -27.40 22.20
CA GLN D 185 -9.76 -27.33 20.75
C GLN D 185 -10.39 -26.00 20.36
N THR D 186 -9.80 -25.35 19.37
CA THR D 186 -10.36 -24.10 18.82
C THR D 186 -11.17 -24.40 17.56
N VAL D 187 -12.27 -25.13 17.77
CA VAL D 187 -13.10 -25.55 16.65
C VAL D 187 -13.77 -24.34 16.01
N GLU D 188 -14.01 -24.44 14.71
CA GLU D 188 -14.72 -23.42 13.94
C GLU D 188 -15.75 -24.09 13.05
N THR D 189 -16.93 -23.47 12.95
CA THR D 189 -18.03 -24.04 12.17
C THR D 189 -17.99 -23.45 10.76
N TRP D 190 -17.47 -24.23 9.82
CA TRP D 190 -17.44 -23.82 8.42
C TRP D 190 -17.29 -25.08 7.57
N ASN D 191 -18.33 -25.42 6.82
CA ASN D 191 -18.30 -26.62 6.00
C ASN D 191 -17.16 -26.55 5.00
N GLU D 192 -16.39 -27.63 4.90
CA GLU D 192 -15.27 -27.68 3.99
C GLU D 192 -14.98 -29.15 3.67
N ASP D 193 -14.55 -29.41 2.43
CA ASP D 193 -14.23 -30.76 1.98
C ASP D 193 -12.72 -30.94 2.09
N GLY D 194 -12.26 -31.31 3.28
CA GLY D 194 -10.85 -31.48 3.54
C GLY D 194 -10.50 -32.86 4.03
N GLY D 195 -11.31 -33.85 3.68
CA GLY D 195 -11.06 -35.21 4.10
C GLY D 195 -11.46 -35.44 5.55
N THR D 196 -11.02 -36.59 6.06
CA THR D 196 -11.30 -36.98 7.44
C THR D 196 -10.11 -36.82 8.37
N SER D 197 -8.88 -36.97 7.85
CA SER D 197 -7.70 -36.80 8.69
C SER D 197 -7.59 -35.38 9.22
N THR D 198 -7.88 -34.39 8.37
CA THR D 198 -7.76 -33.00 8.78
C THR D 198 -8.91 -32.63 9.72
N GLU D 199 -8.68 -31.58 10.51
CA GLU D 199 -9.70 -31.11 11.44
C GLU D 199 -10.94 -30.61 10.73
N GLN D 200 -10.84 -30.27 9.45
CA GLN D 200 -12.00 -29.80 8.71
C GLN D 200 -13.08 -30.87 8.67
N SER D 201 -14.33 -30.43 8.73
CA SER D 201 -15.48 -31.32 8.81
C SER D 201 -16.44 -31.03 7.66
N TYR D 202 -16.97 -32.11 7.07
CA TYR D 202 -17.95 -31.95 6.01
C TYR D 202 -19.22 -31.29 6.52
N LYS D 203 -19.68 -31.68 7.71
CA LYS D 203 -20.92 -31.18 8.29
C LYS D 203 -20.62 -30.51 9.61
N ASN D 204 -21.05 -29.25 9.76
CA ASN D 204 -20.82 -28.48 10.98
C ASN D 204 -22.15 -27.93 11.47
N ILE D 205 -22.40 -28.08 12.77
CA ILE D 205 -23.62 -27.57 13.39
C ILE D 205 -23.25 -26.97 14.75
N PRO D 206 -23.49 -25.68 14.98
CA PRO D 206 -23.07 -25.08 16.26
C PRO D 206 -23.97 -25.52 17.41
N PHE D 207 -23.48 -26.46 18.21
CA PHE D 207 -24.20 -26.95 19.38
C PHE D 207 -23.25 -27.83 20.17
N TYR D 208 -23.25 -27.67 21.49
CA TYR D 208 -22.40 -28.50 22.34
C TYR D 208 -23.18 -28.94 23.56
N LEU D 209 -22.71 -30.04 24.15
CA LEU D 209 -23.35 -30.67 25.29
C LEU D 209 -22.32 -30.90 26.39
N THR D 210 -22.78 -30.93 27.63
CA THR D 210 -21.93 -31.11 28.80
C THR D 210 -22.45 -32.27 29.63
N ASN D 211 -21.52 -32.92 30.34
CA ASN D 211 -21.88 -34.10 31.14
C ASN D 211 -22.83 -33.75 32.29
N ARG D 212 -22.93 -32.47 32.65
CA ARG D 212 -23.77 -32.08 33.78
C ARG D 212 -25.25 -32.03 33.44
N GLY D 213 -25.61 -32.17 32.17
CA GLY D 213 -26.99 -32.22 31.76
C GLY D 213 -27.53 -30.97 31.08
N TYR D 214 -26.67 -30.04 30.68
CA TYR D 214 -27.10 -28.82 30.01
C TYR D 214 -26.37 -28.69 28.68
N GLY D 215 -27.10 -28.18 27.67
CA GLY D 215 -26.53 -28.01 26.35
C GLY D 215 -26.76 -26.60 25.85
N VAL D 216 -25.92 -26.20 24.91
CA VAL D 216 -25.92 -24.85 24.36
C VAL D 216 -26.00 -24.92 22.86
N LEU D 217 -26.82 -24.05 22.27
CA LEU D 217 -26.99 -23.95 20.82
C LEU D 217 -26.82 -22.49 20.42
N VAL D 218 -26.21 -22.27 19.26
CA VAL D 218 -26.01 -20.94 18.70
C VAL D 218 -26.80 -20.84 17.41
N ASN D 219 -27.71 -19.87 17.35
CA ASN D 219 -28.56 -19.66 16.17
C ASN D 219 -27.88 -18.64 15.26
N HIS D 220 -26.90 -19.13 14.49
CA HIS D 220 -26.15 -18.30 13.55
C HIS D 220 -25.64 -19.19 12.44
N PRO D 221 -26.35 -19.27 11.32
CA PRO D 221 -25.86 -20.10 10.20
C PRO D 221 -24.50 -19.66 9.69
N GLN D 222 -24.16 -18.38 9.82
CA GLN D 222 -22.87 -17.90 9.37
C GLN D 222 -21.75 -18.51 10.22
N ARG D 223 -20.51 -18.16 9.87
CA ARG D 223 -19.36 -18.70 10.58
C ARG D 223 -19.41 -18.32 12.05
N VAL D 224 -19.13 -19.30 12.91
CA VAL D 224 -19.09 -19.10 14.36
C VAL D 224 -17.75 -19.59 14.87
N SER D 225 -17.07 -18.76 15.65
CA SER D 225 -15.75 -19.08 16.19
C SER D 225 -15.92 -19.62 17.61
N PHE D 226 -15.46 -20.84 17.84
CA PHE D 226 -15.58 -21.51 19.13
C PHE D 226 -14.20 -21.69 19.75
N GLU D 227 -14.12 -21.51 21.06
CA GLU D 227 -12.90 -21.72 21.82
C GLU D 227 -13.27 -22.47 23.10
N VAL D 228 -12.91 -23.75 23.15
CA VAL D 228 -13.14 -24.60 24.32
C VAL D 228 -11.78 -25.00 24.86
N GLY D 229 -11.53 -24.66 26.12
CA GLY D 229 -10.25 -24.95 26.74
C GLY D 229 -9.11 -24.07 26.26
N SER D 230 -9.37 -23.14 25.35
CA SER D 230 -8.37 -22.19 24.89
C SER D 230 -8.25 -21.05 25.90
N GLU D 231 -7.65 -19.93 25.48
CA GLU D 231 -7.58 -18.75 26.32
C GLU D 231 -8.88 -18.58 27.10
N LYS D 232 -8.75 -18.25 28.38
CA LYS D 232 -9.85 -18.38 29.35
C LYS D 232 -10.26 -19.86 29.46
N VAL D 233 -9.32 -20.65 29.97
CA VAL D 233 -9.49 -22.09 30.02
C VAL D 233 -10.74 -22.46 30.80
N SER D 234 -10.99 -21.79 31.92
CA SER D 234 -12.14 -22.11 32.76
C SER D 234 -13.47 -21.65 32.15
N LYS D 235 -13.48 -21.21 30.90
CA LYS D 235 -14.70 -20.76 30.25
C LYS D 235 -14.70 -21.21 28.80
N VAL D 236 -15.90 -21.31 28.24
CA VAL D 236 -16.10 -21.64 26.83
C VAL D 236 -16.56 -20.38 26.13
N GLN D 237 -15.84 -20.00 25.07
CA GLN D 237 -16.11 -18.75 24.36
C GLN D 237 -16.67 -19.04 22.97
N PHE D 238 -17.67 -18.26 22.57
CA PHE D 238 -18.14 -18.32 21.19
C PHE D 238 -18.37 -16.90 20.70
N SER D 239 -17.86 -16.60 19.51
CA SER D 239 -17.91 -15.27 18.94
C SER D 239 -18.40 -15.35 17.51
N VAL D 240 -19.06 -14.26 17.07
CA VAL D 240 -19.64 -14.19 15.74
C VAL D 240 -19.55 -12.76 15.24
N GLU D 241 -19.37 -12.60 13.93
CA GLU D 241 -19.36 -11.30 13.31
C GLU D 241 -20.79 -10.76 13.18
N GLY D 242 -20.91 -9.45 13.32
CA GLY D 242 -22.21 -8.79 13.22
C GLY D 242 -22.47 -7.85 14.36
N GLU D 243 -23.75 -7.68 14.72
CA GLU D 243 -24.14 -6.79 15.79
C GLU D 243 -25.05 -7.44 16.84
N TYR D 244 -25.58 -8.62 16.58
CA TYR D 244 -26.47 -9.31 17.51
C TYR D 244 -26.01 -10.75 17.70
N LEU D 245 -26.15 -11.24 18.93
CA LEU D 245 -25.78 -12.61 19.27
C LEU D 245 -26.96 -13.28 19.94
N GLU D 246 -27.41 -14.40 19.37
CA GLU D 246 -28.54 -15.15 19.90
C GLU D 246 -28.10 -16.58 20.21
N TYR D 247 -28.44 -17.06 21.40
CA TYR D 247 -28.09 -18.42 21.77
C TYR D 247 -29.12 -18.98 22.75
N PHE D 248 -29.29 -20.29 22.69
CA PHE D 248 -30.28 -21.00 23.49
C PHE D 248 -29.59 -21.99 24.43
N VAL D 249 -30.16 -22.15 25.62
CA VAL D 249 -29.67 -23.08 26.63
C VAL D 249 -30.79 -24.05 26.95
N ILE D 250 -30.46 -25.34 26.93
CA ILE D 250 -31.42 -26.42 27.18
C ILE D 250 -30.96 -27.17 28.42
N ASP D 251 -31.89 -27.39 29.35
CA ASP D 251 -31.61 -28.09 30.59
C ASP D 251 -31.95 -29.57 30.44
N GLY D 252 -31.86 -30.30 31.55
CA GLY D 252 -32.17 -31.70 31.57
C GLY D 252 -31.34 -32.46 32.59
N PRO D 253 -31.98 -33.35 33.37
CA PRO D 253 -31.20 -34.11 34.35
C PRO D 253 -30.07 -34.93 33.74
N THR D 254 -30.28 -35.48 32.54
CA THR D 254 -29.31 -36.32 31.87
C THR D 254 -29.14 -35.85 30.43
N PRO D 255 -28.01 -36.18 29.80
CA PRO D 255 -27.83 -35.78 28.39
C PRO D 255 -28.91 -36.31 27.47
N LYS D 256 -29.52 -37.46 27.80
CA LYS D 256 -30.56 -38.01 26.94
C LYS D 256 -31.76 -37.07 26.88
N ALA D 257 -32.14 -36.48 28.01
CA ALA D 257 -33.24 -35.52 28.01
C ALA D 257 -32.88 -34.28 27.19
N VAL D 258 -31.62 -33.83 27.27
CA VAL D 258 -31.19 -32.69 26.48
C VAL D 258 -31.30 -33.01 24.99
N LEU D 259 -30.87 -34.21 24.59
CA LEU D 259 -30.98 -34.60 23.19
C LEU D 259 -32.44 -34.68 22.77
N ASN D 260 -33.31 -35.20 23.65
CA ASN D 260 -34.73 -35.26 23.33
C ASN D 260 -35.29 -33.86 23.09
N ARG D 261 -34.96 -32.92 23.97
CA ARG D 261 -35.45 -31.55 23.81
C ARG D 261 -34.91 -30.93 22.53
N TYR D 262 -33.63 -31.15 22.24
CA TYR D 262 -33.05 -30.59 21.02
C TYR D 262 -33.71 -31.16 19.77
N THR D 263 -33.96 -32.47 19.76
CA THR D 263 -34.61 -33.09 18.61
C THR D 263 -36.04 -32.60 18.45
N GLN D 264 -36.75 -32.39 19.56
CA GLN D 264 -38.07 -31.81 19.48
C GLN D 264 -38.03 -30.39 18.94
N PHE D 265 -36.98 -29.64 19.30
CA PHE D 265 -36.90 -28.23 18.91
C PHE D 265 -36.55 -28.10 17.43
N THR D 266 -35.60 -28.89 16.94
CA THR D 266 -35.08 -28.71 15.59
C THR D 266 -35.65 -29.70 14.57
N GLY D 267 -36.33 -30.75 15.02
CA GLY D 267 -36.88 -31.75 14.11
C GLY D 267 -36.53 -33.17 14.49
N ARG D 268 -37.54 -34.03 14.59
CA ARG D 268 -37.33 -35.41 14.96
C ARG D 268 -36.73 -36.20 13.79
N PRO D 269 -35.73 -37.05 14.05
CA PRO D 269 -35.21 -37.89 12.96
C PRO D 269 -36.29 -38.82 12.41
N ALA D 270 -36.22 -39.06 11.10
CA ALA D 270 -37.15 -39.95 10.45
C ALA D 270 -36.78 -41.41 10.71
N LEU D 271 -37.69 -42.31 10.34
CA LEU D 271 -37.48 -43.74 10.54
C LEU D 271 -37.11 -44.38 9.20
N PRO D 272 -35.86 -44.82 9.00
CA PRO D 272 -35.51 -45.45 7.74
C PRO D 272 -36.25 -46.77 7.56
N PRO D 273 -36.46 -47.20 6.32
CA PRO D 273 -37.16 -48.47 6.10
C PRO D 273 -36.34 -49.66 6.58
N ALA D 274 -37.05 -50.77 6.82
CA ALA D 274 -36.40 -51.96 7.34
C ALA D 274 -35.35 -52.49 6.38
N TRP D 275 -35.66 -52.51 5.08
CA TRP D 275 -34.71 -53.06 4.11
C TRP D 275 -33.43 -52.24 4.03
N SER D 276 -33.48 -50.98 4.44
CA SER D 276 -32.26 -50.15 4.41
C SER D 276 -31.22 -50.66 5.40
N PHE D 277 -31.66 -51.35 6.46
CA PHE D 277 -30.74 -51.90 7.46
C PHE D 277 -30.20 -53.23 6.94
N GLY D 278 -29.25 -53.12 6.03
CA GLY D 278 -28.64 -54.29 5.43
C GLY D 278 -27.29 -53.98 4.85
N LEU D 279 -26.70 -54.98 4.21
CA LEU D 279 -25.40 -54.84 3.58
C LEU D 279 -25.54 -54.12 2.25
N TRP D 280 -24.70 -53.12 2.01
CA TRP D 280 -24.66 -52.38 0.77
C TRP D 280 -23.33 -52.62 0.07
N LEU D 281 -23.39 -52.80 -1.25
CA LEU D 281 -22.20 -53.00 -2.06
C LEU D 281 -22.18 -51.96 -3.18
N THR D 282 -20.99 -51.47 -3.52
CA THR D 282 -20.83 -50.51 -4.60
C THR D 282 -19.83 -51.04 -5.62
N THR D 283 -19.83 -50.40 -6.79
CA THR D 283 -18.92 -50.74 -7.88
C THR D 283 -17.62 -49.93 -7.84
N SER D 284 -17.23 -49.44 -6.66
CA SER D 284 -16.01 -48.64 -6.52
C SER D 284 -16.12 -47.38 -7.37
N PHE D 285 -15.08 -46.54 -7.32
CA PHE D 285 -15.10 -45.24 -7.99
C PHE D 285 -14.34 -45.25 -9.31
N THR D 286 -13.06 -45.62 -9.28
CA THR D 286 -12.21 -45.58 -10.46
C THR D 286 -12.16 -46.89 -11.23
N THR D 287 -12.72 -47.97 -10.66
CA THR D 287 -12.67 -49.26 -11.33
C THR D 287 -13.53 -49.25 -12.58
N ASN D 288 -13.17 -50.10 -13.54
CA ASN D 288 -13.91 -50.25 -14.78
C ASN D 288 -14.98 -51.32 -14.57
N TYR D 289 -16.25 -50.92 -14.61
CA TYR D 289 -17.36 -51.83 -14.39
C TYR D 289 -18.43 -51.58 -15.45
N ASP D 290 -19.22 -52.63 -15.72
CA ASP D 290 -20.31 -52.56 -16.69
C ASP D 290 -21.38 -53.54 -16.23
N GLU D 291 -22.33 -53.83 -17.12
CA GLU D 291 -23.40 -54.77 -16.79
C GLU D 291 -22.84 -56.15 -16.49
N ALA D 292 -21.89 -56.61 -17.30
CA ALA D 292 -21.31 -57.93 -17.08
C ALA D 292 -20.58 -58.00 -15.75
N THR D 293 -19.86 -56.94 -15.39
CA THR D 293 -19.15 -56.93 -14.11
C THR D 293 -20.13 -57.02 -12.94
N VAL D 294 -21.23 -56.26 -13.00
CA VAL D 294 -22.23 -56.31 -11.93
C VAL D 294 -22.84 -57.70 -11.85
N ASN D 295 -23.19 -58.28 -13.00
CA ASN D 295 -23.79 -59.61 -12.99
C ASN D 295 -22.83 -60.63 -12.41
N SER D 296 -21.55 -60.57 -12.79
CA SER D 296 -20.57 -61.52 -12.26
C SER D 296 -20.39 -61.33 -10.75
N PHE D 297 -20.34 -60.09 -10.28
CA PHE D 297 -20.21 -59.85 -8.86
C PHE D 297 -21.40 -60.42 -8.10
N ILE D 298 -22.61 -60.19 -8.60
CA ILE D 298 -23.80 -60.70 -7.93
C ILE D 298 -23.81 -62.22 -7.93
N ASP D 299 -23.45 -62.84 -9.07
CA ASP D 299 -23.42 -64.29 -9.13
C ASP D 299 -22.40 -64.87 -8.17
N GLY D 300 -21.21 -64.26 -8.09
CA GLY D 300 -20.20 -64.74 -7.16
C GLY D 300 -20.63 -64.59 -5.72
N MET D 301 -21.27 -63.46 -5.39
CA MET D 301 -21.77 -63.27 -4.03
C MET D 301 -22.83 -64.31 -3.69
N ALA D 302 -23.74 -64.59 -4.62
CA ALA D 302 -24.77 -65.59 -4.37
C ALA D 302 -24.18 -66.98 -4.22
N GLU D 303 -23.17 -67.31 -5.03
CA GLU D 303 -22.59 -68.65 -4.97
C GLU D 303 -21.95 -68.92 -3.62
N ARG D 304 -21.27 -67.93 -3.05
CA ARG D 304 -20.59 -68.09 -1.78
C ARG D 304 -21.53 -67.97 -0.58
N HIS D 305 -22.84 -68.04 -0.80
CA HIS D 305 -23.82 -67.98 0.28
C HIS D 305 -23.64 -66.71 1.11
N LEU D 306 -23.39 -65.59 0.42
CA LEU D 306 -23.25 -64.29 1.08
C LEU D 306 -24.48 -63.45 0.76
N PRO D 307 -25.41 -63.26 1.69
CA PRO D 307 -26.61 -62.48 1.38
C PRO D 307 -26.27 -61.04 1.01
N LEU D 308 -27.02 -60.51 0.04
CA LEU D 308 -26.89 -59.12 -0.38
C LEU D 308 -28.27 -58.53 -0.56
N HIS D 309 -28.44 -57.28 -0.15
CA HIS D 309 -29.73 -56.62 -0.16
C HIS D 309 -29.76 -55.34 -0.98
N VAL D 310 -28.66 -54.57 -0.98
CA VAL D 310 -28.62 -53.27 -1.64
C VAL D 310 -27.40 -53.21 -2.55
N PHE D 311 -27.59 -52.64 -3.74
CA PHE D 311 -26.52 -52.39 -4.69
C PHE D 311 -26.49 -50.92 -5.06
N HIS D 312 -25.29 -50.41 -5.33
CA HIS D 312 -25.08 -48.99 -5.57
C HIS D 312 -24.24 -48.79 -6.81
N PHE D 313 -24.57 -47.74 -7.58
CA PHE D 313 -23.80 -47.32 -8.73
C PHE D 313 -23.08 -46.01 -8.40
N ASP D 314 -21.79 -45.96 -8.68
CA ASP D 314 -20.98 -44.81 -8.29
C ASP D 314 -21.05 -43.73 -9.38
N CYS D 315 -20.16 -42.74 -9.28
CA CYS D 315 -20.27 -41.56 -10.13
C CYS D 315 -20.19 -41.90 -11.61
N PHE D 316 -19.42 -42.92 -11.98
CA PHE D 316 -19.14 -43.19 -13.38
C PHE D 316 -20.28 -43.88 -14.10
N TRP D 317 -21.47 -43.97 -13.51
CA TRP D 317 -22.63 -44.43 -14.26
C TRP D 317 -23.06 -43.42 -15.31
N MET D 318 -22.61 -42.18 -15.22
CA MET D 318 -22.82 -41.18 -16.25
C MET D 318 -21.60 -41.13 -17.16
N LYS D 319 -21.55 -40.16 -18.07
CA LYS D 319 -20.40 -39.99 -18.95
C LYS D 319 -19.34 -39.14 -18.27
N ALA D 320 -18.08 -39.37 -18.67
CA ALA D 320 -16.97 -38.64 -18.08
C ALA D 320 -17.07 -37.15 -18.41
N PHE D 321 -16.70 -36.32 -17.43
CA PHE D 321 -16.75 -34.87 -17.58
C PHE D 321 -18.16 -34.36 -17.82
N GLN D 322 -19.17 -35.17 -17.50
CA GLN D 322 -20.56 -34.83 -17.77
C GLN D 322 -21.38 -34.64 -16.50
N TRP D 323 -20.85 -35.00 -15.34
CA TRP D 323 -21.65 -35.00 -14.13
C TRP D 323 -22.02 -33.58 -13.72
N CYS D 324 -23.28 -33.34 -13.32
CA CYS D 324 -24.39 -34.30 -13.33
C CYS D 324 -25.29 -34.01 -14.54
N ASP D 325 -25.52 -35.02 -15.37
CA ASP D 325 -26.35 -34.89 -16.56
C ASP D 325 -27.54 -35.83 -16.57
N PHE D 326 -27.58 -36.83 -15.69
CA PHE D 326 -28.75 -37.70 -15.53
C PHE D 326 -29.07 -38.48 -16.80
N GLU D 327 -28.05 -38.89 -17.54
CA GLU D 327 -28.23 -39.75 -18.70
C GLU D 327 -27.23 -40.90 -18.64
N TRP D 328 -27.71 -42.11 -18.87
CA TRP D 328 -26.86 -43.28 -18.81
C TRP D 328 -25.91 -43.29 -20.00
N ASP D 329 -24.71 -43.80 -19.78
CA ASP D 329 -23.72 -43.90 -20.86
C ASP D 329 -24.11 -45.01 -21.81
N PRO D 330 -24.33 -44.74 -23.09
CA PRO D 330 -24.73 -45.83 -24.01
C PRO D 330 -23.69 -46.92 -24.15
N LEU D 331 -22.40 -46.57 -24.05
CA LEU D 331 -21.34 -47.55 -24.30
C LEU D 331 -21.17 -48.54 -23.16
N THR D 332 -21.70 -48.24 -21.98
CA THR D 332 -21.54 -49.10 -20.81
C THR D 332 -22.83 -49.76 -20.36
N PHE D 333 -23.95 -49.05 -20.40
CA PHE D 333 -25.25 -49.57 -19.97
C PHE D 333 -26.26 -49.29 -21.08
N PRO D 334 -26.23 -50.08 -22.17
CA PRO D 334 -27.17 -49.83 -23.27
C PRO D 334 -28.63 -49.88 -22.86
N ASP D 335 -28.99 -50.75 -21.92
CA ASP D 335 -30.38 -50.97 -21.51
C ASP D 335 -30.46 -50.89 -20.00
N PRO D 336 -30.41 -49.69 -19.42
CA PRO D 336 -30.53 -49.58 -17.96
C PRO D 336 -31.83 -50.15 -17.42
N GLU D 337 -32.94 -49.99 -18.15
CA GLU D 337 -34.23 -50.47 -17.66
C GLU D 337 -34.21 -51.99 -17.49
N GLY D 338 -33.69 -52.70 -18.49
CA GLY D 338 -33.63 -54.15 -18.39
C GLY D 338 -32.76 -54.63 -17.24
N MET D 339 -31.60 -53.97 -17.06
CA MET D 339 -30.71 -54.34 -15.96
C MET D 339 -31.39 -54.10 -14.62
N ILE D 340 -32.07 -52.96 -14.47
CA ILE D 340 -32.74 -52.66 -13.21
C ILE D 340 -33.86 -53.66 -12.95
N LYS D 341 -34.62 -54.00 -13.98
CA LYS D 341 -35.69 -54.98 -13.83
C LYS D 341 -35.13 -56.33 -13.41
N ARG D 342 -34.04 -56.76 -14.05
CA ARG D 342 -33.43 -58.04 -13.70
C ARG D 342 -32.93 -58.04 -12.26
N LEU D 343 -32.29 -56.94 -11.85
CA LEU D 343 -31.81 -56.86 -10.46
C LEU D 343 -32.96 -56.89 -9.47
N LYS D 344 -34.04 -56.16 -9.77
CA LYS D 344 -35.18 -56.15 -8.86
C LYS D 344 -35.83 -57.53 -8.78
N ALA D 345 -35.93 -58.23 -9.90
CA ALA D 345 -36.48 -59.58 -9.89
C ALA D 345 -35.64 -60.54 -9.07
N LYS D 346 -34.34 -60.23 -8.90
CA LYS D 346 -33.45 -61.08 -8.12
C LYS D 346 -33.56 -60.84 -6.62
N GLY D 347 -34.33 -59.84 -6.20
CA GLY D 347 -34.49 -59.54 -4.79
C GLY D 347 -33.59 -58.44 -4.26
N LEU D 348 -32.89 -57.72 -5.13
CA LEU D 348 -31.98 -56.67 -4.71
C LEU D 348 -32.66 -55.30 -4.88
N LYS D 349 -31.93 -54.24 -4.51
CA LYS D 349 -32.40 -52.88 -4.67
C LYS D 349 -31.36 -52.08 -5.45
N VAL D 350 -31.84 -51.09 -6.19
CA VAL D 350 -31.01 -50.23 -7.03
C VAL D 350 -31.11 -48.80 -6.51
N CYS D 351 -29.97 -48.13 -6.41
CA CYS D 351 -29.91 -46.79 -5.84
C CYS D 351 -28.60 -46.14 -6.25
N VAL D 352 -28.66 -44.84 -6.58
CA VAL D 352 -27.64 -44.24 -7.42
C VAL D 352 -26.94 -43.06 -6.75
N TRP D 353 -26.02 -42.43 -7.48
CA TRP D 353 -25.20 -41.33 -6.99
C TRP D 353 -25.55 -40.06 -7.75
N ILE D 354 -25.70 -38.96 -7.01
CA ILE D 354 -25.99 -37.65 -7.59
C ILE D 354 -25.24 -36.59 -6.82
N ASN D 355 -25.10 -35.42 -7.44
CA ASN D 355 -24.45 -34.28 -6.81
C ASN D 355 -25.04 -33.01 -7.39
N PRO D 356 -24.95 -31.89 -6.65
CA PRO D 356 -25.57 -30.64 -7.13
C PRO D 356 -24.67 -29.82 -8.04
N TYR D 357 -23.60 -30.42 -8.56
CA TYR D 357 -22.66 -29.74 -9.44
C TYR D 357 -22.75 -30.32 -10.85
N ILE D 358 -22.68 -29.43 -11.84
CA ILE D 358 -22.75 -29.82 -13.24
C ILE D 358 -21.47 -29.39 -13.93
N GLY D 359 -21.13 -30.11 -15.00
CA GLY D 359 -19.91 -29.85 -15.75
C GLY D 359 -20.18 -29.09 -17.02
N GLN D 360 -19.18 -28.31 -17.44
CA GLN D 360 -19.30 -27.54 -18.68
C GLN D 360 -19.46 -28.46 -19.88
N ARG D 361 -18.74 -29.58 -19.89
CA ARG D 361 -18.82 -30.55 -20.98
C ARG D 361 -20.12 -31.33 -20.85
N SER D 362 -21.19 -30.76 -21.40
CA SER D 362 -22.50 -31.39 -21.37
C SER D 362 -23.44 -30.69 -22.34
N PRO D 363 -24.22 -31.43 -23.13
CA PRO D 363 -25.14 -30.76 -24.07
C PRO D 363 -26.17 -29.89 -23.38
N VAL D 364 -26.62 -30.27 -22.19
CA VAL D 364 -27.66 -29.51 -21.48
C VAL D 364 -27.13 -28.25 -20.82
N PHE D 365 -25.81 -28.06 -20.79
CA PHE D 365 -25.26 -26.86 -20.14
C PHE D 365 -25.72 -25.60 -20.83
N LYS D 366 -25.74 -25.59 -22.17
CA LYS D 366 -26.18 -24.40 -22.89
C LYS D 366 -27.65 -24.09 -22.59
N GLU D 367 -28.51 -25.11 -22.60
CA GLU D 367 -29.92 -24.89 -22.30
C GLU D 367 -30.10 -24.39 -20.88
N LEU D 368 -29.37 -24.95 -19.92
CA LEU D 368 -29.47 -24.50 -18.54
C LEU D 368 -29.03 -23.05 -18.40
N LYS D 369 -27.93 -22.68 -19.07
CA LYS D 369 -27.48 -21.30 -19.02
C LYS D 369 -28.51 -20.36 -19.64
N GLU D 370 -29.12 -20.77 -20.75
CA GLU D 370 -30.14 -19.95 -21.38
C GLU D 370 -31.34 -19.76 -20.45
N LYS D 371 -31.76 -20.83 -19.78
CA LYS D 371 -32.88 -20.74 -18.85
C LYS D 371 -32.52 -20.01 -17.56
N GLY D 372 -31.25 -19.76 -17.31
CA GLY D 372 -30.84 -19.04 -16.11
C GLY D 372 -31.09 -19.80 -14.82
N TYR D 373 -30.86 -21.11 -14.82
CA TYR D 373 -31.05 -21.93 -13.63
C TYR D 373 -29.76 -22.13 -12.85
N LEU D 374 -28.66 -21.51 -13.27
CA LEU D 374 -27.36 -21.70 -12.64
C LEU D 374 -26.98 -20.49 -11.79
N LEU D 375 -26.05 -20.71 -10.88
CA LEU D 375 -25.57 -19.65 -10.01
C LEU D 375 -24.86 -18.58 -10.84
N LYS D 376 -25.02 -17.33 -10.43
CA LYS D 376 -24.51 -16.18 -11.18
C LYS D 376 -23.54 -15.38 -10.33
N ARG D 377 -22.43 -14.97 -10.94
CA ARG D 377 -21.54 -14.02 -10.30
C ARG D 377 -22.23 -12.67 -10.19
N PRO D 378 -21.74 -11.79 -9.32
CA PRO D 378 -22.50 -10.58 -8.99
C PRO D 378 -22.91 -9.73 -10.18
N ASP D 379 -22.04 -9.55 -11.17
CA ASP D 379 -22.36 -8.56 -12.22
C ASP D 379 -23.23 -9.14 -13.32
N GLY D 380 -22.69 -10.05 -14.12
CA GLY D 380 -23.47 -10.65 -15.20
C GLY D 380 -23.10 -12.07 -15.57
N SER D 381 -22.11 -12.65 -14.90
CA SER D 381 -21.45 -13.86 -15.37
C SER D 381 -21.87 -15.06 -14.52
N LEU D 382 -21.22 -16.19 -14.78
CA LEU D 382 -21.39 -17.42 -14.01
C LEU D 382 -20.14 -17.67 -13.18
N TRP D 383 -20.28 -18.52 -12.18
CA TRP D 383 -19.17 -18.88 -11.28
C TRP D 383 -18.64 -20.25 -11.66
N GLN D 384 -17.36 -20.31 -11.99
CA GLN D 384 -16.71 -21.55 -12.39
C GLN D 384 -15.27 -21.56 -11.90
N TRP D 385 -14.73 -22.77 -11.74
CA TRP D 385 -13.35 -22.92 -11.29
C TRP D 385 -12.86 -24.31 -11.68
N ASP D 386 -11.53 -24.47 -11.63
CA ASP D 386 -10.89 -25.74 -11.95
C ASP D 386 -10.98 -26.65 -10.74
N LYS D 387 -11.94 -27.56 -10.75
CA LYS D 387 -12.24 -28.39 -9.60
C LYS D 387 -12.80 -29.73 -10.09
N TRP D 388 -13.51 -30.43 -9.21
CA TRP D 388 -13.99 -31.79 -9.43
C TRP D 388 -14.36 -32.07 -10.88
N GLN D 389 -15.08 -31.15 -11.52
CA GLN D 389 -15.36 -31.24 -12.94
C GLN D 389 -14.97 -29.95 -13.63
N PRO D 390 -14.54 -30.03 -14.89
CA PRO D 390 -14.17 -28.80 -15.61
C PRO D 390 -15.34 -27.84 -15.72
N GLY D 391 -15.06 -26.55 -15.55
CA GLY D 391 -16.09 -25.54 -15.68
C GLY D 391 -17.25 -25.78 -14.74
N LEU D 392 -16.94 -26.10 -13.48
CA LEU D 392 -17.97 -26.48 -12.53
C LEU D 392 -18.99 -25.35 -12.35
N ALA D 393 -20.26 -25.73 -12.25
CA ALA D 393 -21.34 -24.80 -11.98
C ALA D 393 -22.24 -25.39 -10.89
N ILE D 394 -22.93 -24.51 -10.20
CA ILE D 394 -23.76 -24.89 -9.05
C ILE D 394 -25.20 -24.55 -9.36
N TYR D 395 -26.09 -25.53 -9.20
CA TYR D 395 -27.52 -25.29 -9.38
C TYR D 395 -28.01 -24.24 -8.39
N ASP D 396 -28.83 -23.32 -8.88
CA ASP D 396 -29.41 -22.26 -8.05
C ASP D 396 -30.75 -22.77 -7.54
N PHE D 397 -30.72 -23.44 -6.39
CA PHE D 397 -31.93 -24.03 -5.82
C PHE D 397 -32.90 -22.97 -5.29
N THR D 398 -32.46 -21.71 -5.17
CA THR D 398 -33.38 -20.66 -4.75
C THR D 398 -34.39 -20.32 -5.83
N ASN D 399 -34.15 -20.72 -7.08
CA ASN D 399 -35.08 -20.46 -8.17
C ASN D 399 -36.06 -21.62 -8.28
N PRO D 400 -37.37 -21.39 -8.15
CA PRO D 400 -38.31 -22.53 -8.19
C PRO D 400 -38.26 -23.32 -9.48
N GLU D 401 -37.99 -22.67 -10.62
CA GLU D 401 -37.97 -23.39 -11.89
C GLU D 401 -36.86 -24.44 -11.92
N ALA D 402 -35.68 -24.09 -11.41
CA ALA D 402 -34.59 -25.06 -11.37
C ALA D 402 -34.93 -26.24 -10.47
N CYS D 403 -35.57 -25.96 -9.33
CA CYS D 403 -36.00 -27.04 -8.45
C CYS D 403 -37.03 -27.94 -9.13
N GLN D 404 -37.95 -27.33 -9.89
CA GLN D 404 -38.93 -28.13 -10.61
C GLN D 404 -38.26 -29.02 -11.65
N TRP D 405 -37.28 -28.47 -12.38
CA TRP D 405 -36.57 -29.27 -13.37
C TRP D 405 -35.82 -30.43 -12.70
N TYR D 406 -35.15 -30.15 -11.59
CA TYR D 406 -34.43 -31.20 -10.87
C TYR D 406 -35.40 -32.27 -10.37
N ALA D 407 -36.55 -31.84 -9.85
CA ALA D 407 -37.54 -32.79 -9.35
C ALA D 407 -38.09 -33.65 -10.48
N SER D 408 -38.34 -33.05 -11.65
CA SER D 408 -38.82 -33.82 -12.78
C SER D 408 -37.79 -34.86 -13.21
N LYS D 409 -36.52 -34.47 -13.27
CA LYS D 409 -35.48 -35.44 -13.64
C LYS D 409 -35.39 -36.56 -12.61
N LEU D 410 -35.46 -36.22 -11.33
CA LEU D 410 -35.41 -37.24 -10.29
C LEU D 410 -36.62 -38.16 -10.36
N LYS D 411 -37.80 -37.60 -10.67
CA LYS D 411 -39.00 -38.42 -10.83
C LYS D 411 -38.85 -39.38 -11.99
N GLY D 412 -38.29 -38.92 -13.11
CA GLY D 412 -38.03 -39.82 -14.21
C GLY D 412 -37.07 -40.93 -13.83
N LEU D 413 -35.99 -40.59 -13.11
CA LEU D 413 -35.05 -41.60 -12.67
C LEU D 413 -35.70 -42.62 -11.75
N VAL D 414 -36.54 -42.15 -10.83
CA VAL D 414 -37.24 -43.06 -9.91
C VAL D 414 -38.17 -43.97 -10.70
N ALA D 415 -38.90 -43.41 -11.66
CA ALA D 415 -39.75 -44.24 -12.52
C ALA D 415 -38.92 -45.27 -13.28
N MET D 416 -37.67 -44.94 -13.59
CA MET D 416 -36.81 -45.93 -14.24
C MET D 416 -36.60 -47.15 -13.37
N GLY D 417 -36.66 -47.00 -12.05
CA GLY D 417 -36.53 -48.12 -11.14
C GLY D 417 -35.64 -47.87 -9.94
N VAL D 418 -35.15 -46.65 -9.79
CA VAL D 418 -34.22 -46.33 -8.70
C VAL D 418 -35.00 -46.23 -7.38
N ASP D 419 -34.28 -46.42 -6.27
CA ASP D 419 -34.88 -46.41 -4.94
C ASP D 419 -34.43 -45.23 -4.09
N CYS D 420 -33.12 -45.07 -3.88
CA CYS D 420 -32.59 -43.94 -3.14
C CYS D 420 -31.53 -43.22 -3.98
N PHE D 421 -30.93 -42.19 -3.39
CA PHE D 421 -29.89 -41.42 -4.04
C PHE D 421 -28.80 -41.14 -3.04
N LYS D 422 -27.59 -40.90 -3.54
CA LYS D 422 -26.42 -40.61 -2.71
C LYS D 422 -26.00 -39.17 -2.96
N THR D 423 -26.47 -38.27 -2.12
CA THR D 423 -26.20 -36.84 -2.28
C THR D 423 -24.79 -36.55 -1.77
N ASP D 424 -23.83 -36.63 -2.68
CA ASP D 424 -22.44 -36.35 -2.36
C ASP D 424 -22.14 -34.86 -2.54
N PHE D 425 -21.03 -34.43 -1.94
CA PHE D 425 -20.60 -33.04 -2.02
C PHE D 425 -21.69 -32.10 -1.50
N GLY D 426 -21.51 -30.80 -1.71
CA GLY D 426 -22.47 -29.81 -1.25
C GLY D 426 -21.93 -28.98 -0.10
N GLU D 427 -20.62 -28.81 -0.06
CA GLU D 427 -19.97 -28.03 0.99
C GLU D 427 -19.02 -26.96 0.49
N ARG D 428 -18.48 -27.09 -0.73
CA ARG D 428 -17.56 -26.10 -1.28
C ARG D 428 -18.31 -24.98 -2.01
N ILE D 429 -19.27 -24.37 -1.31
CA ILE D 429 -20.08 -23.31 -1.89
C ILE D 429 -19.32 -21.98 -1.75
N PRO D 430 -19.23 -21.18 -2.82
CA PRO D 430 -18.54 -19.89 -2.70
C PRO D 430 -19.35 -18.89 -1.91
N THR D 431 -18.74 -17.71 -1.72
CA THR D 431 -19.38 -16.61 -1.00
C THR D 431 -19.47 -15.32 -1.80
N ASP D 432 -18.64 -15.15 -2.83
CA ASP D 432 -18.66 -13.94 -3.65
C ASP D 432 -19.61 -14.10 -4.84
N VAL D 433 -20.86 -14.45 -4.55
CA VAL D 433 -21.87 -14.69 -5.58
C VAL D 433 -23.16 -14.00 -5.18
N GLN D 434 -24.02 -13.79 -6.18
CA GLN D 434 -25.33 -13.19 -5.98
C GLN D 434 -26.39 -14.24 -6.26
N TRP D 435 -27.15 -14.61 -5.23
CA TRP D 435 -28.18 -15.61 -5.38
C TRP D 435 -29.46 -15.01 -5.96
N PHE D 436 -30.30 -15.88 -6.51
CA PHE D 436 -31.54 -15.42 -7.13
C PHE D 436 -32.46 -14.74 -6.12
N ASP D 437 -32.57 -15.31 -4.92
CA ASP D 437 -33.44 -14.76 -3.89
C ASP D 437 -32.82 -13.59 -3.15
N GLY D 438 -31.54 -13.30 -3.37
CA GLY D 438 -30.89 -12.21 -2.68
C GLY D 438 -30.49 -12.51 -1.25
N SER D 439 -30.44 -13.79 -0.88
CA SER D 439 -30.08 -14.15 0.48
C SER D 439 -28.59 -13.88 0.74
N ASP D 440 -28.24 -13.84 2.02
CA ASP D 440 -26.86 -13.57 2.40
C ASP D 440 -25.97 -14.75 2.01
N PRO D 441 -24.91 -14.55 1.23
CA PRO D 441 -24.06 -15.69 0.85
C PRO D 441 -23.48 -16.45 2.03
N GLN D 442 -23.13 -15.74 3.11
CA GLN D 442 -22.47 -16.40 4.24
C GLN D 442 -23.37 -17.47 4.85
N LYS D 443 -24.65 -17.17 5.03
CA LYS D 443 -25.59 -18.14 5.60
C LYS D 443 -25.98 -19.21 4.58
N MET D 444 -26.10 -18.83 3.31
CA MET D 444 -26.41 -19.82 2.28
C MET D 444 -25.29 -20.85 2.16
N HIS D 445 -24.05 -20.45 2.44
CA HIS D 445 -22.94 -21.40 2.38
C HIS D 445 -23.21 -22.63 3.23
N ASN D 446 -23.89 -22.46 4.36
CA ASN D 446 -24.25 -23.57 5.23
C ASN D 446 -25.65 -24.10 4.98
N HIS D 447 -26.57 -23.27 4.51
CA HIS D 447 -27.95 -23.70 4.31
C HIS D 447 -28.16 -24.41 2.98
N TYR D 448 -27.19 -24.37 2.06
CA TYR D 448 -27.36 -25.00 0.76
C TYR D 448 -27.51 -26.52 0.89
N ALA D 449 -26.72 -27.14 1.76
CA ALA D 449 -26.83 -28.59 1.95
C ALA D 449 -28.20 -28.95 2.48
N PHE D 450 -28.71 -28.19 3.46
CA PHE D 450 -30.04 -28.45 3.99
C PHE D 450 -31.10 -28.29 2.91
N ILE D 451 -30.99 -27.25 2.09
CA ILE D 451 -31.97 -27.02 1.03
C ILE D 451 -31.96 -28.19 0.05
N TYR D 452 -30.76 -28.62 -0.36
CA TYR D 452 -30.66 -29.72 -1.33
C TYR D 452 -31.23 -31.00 -0.75
N ASN D 453 -30.89 -31.32 0.51
CA ASN D 453 -31.41 -32.52 1.12
C ASN D 453 -32.93 -32.46 1.26
N GLU D 454 -33.46 -31.29 1.63
CA GLU D 454 -34.90 -31.16 1.76
C GLU D 454 -35.59 -31.36 0.41
N LEU D 455 -35.03 -30.79 -0.66
CA LEU D 455 -35.63 -30.97 -1.98
C LEU D 455 -35.62 -32.45 -2.37
N VAL D 456 -34.48 -33.12 -2.17
CA VAL D 456 -34.39 -34.53 -2.56
C VAL D 456 -35.37 -35.37 -1.75
N TRP D 457 -35.46 -35.10 -0.43
CA TRP D 457 -36.37 -35.86 0.40
C TRP D 457 -37.82 -35.62 0.01
N LYS D 458 -38.16 -34.38 -0.33
CA LYS D 458 -39.52 -34.08 -0.78
C LYS D 458 -39.84 -34.84 -2.07
N VAL D 459 -38.90 -34.87 -3.01
CA VAL D 459 -39.13 -35.61 -4.24
C VAL D 459 -39.32 -37.10 -3.94
N LEU D 460 -38.46 -37.64 -3.07
CA LEU D 460 -38.53 -39.06 -2.76
C LEU D 460 -39.85 -39.41 -2.08
N LYS D 461 -40.31 -38.57 -1.15
CA LYS D 461 -41.56 -38.84 -0.47
C LYS D 461 -42.76 -38.67 -1.39
N GLU D 462 -42.67 -37.75 -2.36
CA GLU D 462 -43.75 -37.59 -3.32
C GLU D 462 -43.82 -38.76 -4.29
N THR D 463 -42.68 -39.36 -4.64
CA THR D 463 -42.68 -40.43 -5.62
C THR D 463 -42.99 -41.78 -4.98
N VAL D 464 -42.18 -42.21 -4.02
CA VAL D 464 -42.32 -43.53 -3.41
C VAL D 464 -43.23 -43.48 -2.19
N GLY D 465 -42.85 -42.70 -1.18
CA GLY D 465 -43.63 -42.61 0.05
C GLY D 465 -42.71 -42.39 1.24
N GLU D 466 -43.31 -41.96 2.35
CA GLU D 466 -42.54 -41.67 3.55
C GLU D 466 -41.87 -42.92 4.09
N GLN D 467 -42.58 -44.05 4.09
CA GLN D 467 -42.06 -45.27 4.71
C GLN D 467 -40.79 -45.74 4.02
N GLU D 468 -40.77 -45.71 2.69
CA GLU D 468 -39.63 -46.21 1.93
C GLU D 468 -38.57 -45.15 1.66
N ALA D 469 -38.76 -43.93 2.18
CA ALA D 469 -37.80 -42.86 1.93
C ALA D 469 -36.49 -43.15 2.65
N VAL D 470 -35.38 -42.97 1.93
CA VAL D 470 -34.05 -43.16 2.49
C VAL D 470 -33.05 -42.46 1.58
N LEU D 471 -31.89 -42.11 2.13
CA LEU D 471 -30.90 -41.33 1.40
C LEU D 471 -29.50 -41.77 1.83
N PHE D 472 -28.49 -41.08 1.31
CA PHE D 472 -27.10 -41.29 1.71
C PHE D 472 -26.37 -39.98 1.47
N ALA D 473 -26.17 -39.21 2.54
CA ALA D 473 -25.66 -37.85 2.44
C ALA D 473 -24.30 -37.74 3.12
N ARG D 474 -23.49 -36.81 2.62
CA ARG D 474 -22.19 -36.51 3.19
C ARG D 474 -22.12 -35.15 3.86
N SER D 475 -22.96 -34.21 3.46
CA SER D 475 -23.01 -32.87 4.05
C SER D 475 -24.33 -32.69 4.80
N ALA D 476 -24.26 -31.93 5.90
CA ALA D 476 -25.43 -31.73 6.74
C ALA D 476 -25.30 -30.40 7.46
N SER D 477 -26.43 -29.93 7.98
CA SER D 477 -26.50 -28.69 8.75
C SER D 477 -27.59 -28.85 9.80
N VAL D 478 -27.98 -27.73 10.42
CA VAL D 478 -29.02 -27.77 11.43
C VAL D 478 -30.34 -28.15 10.77
N GLY D 479 -31.04 -29.12 11.37
CA GLY D 479 -32.31 -29.58 10.86
C GLY D 479 -32.23 -30.70 9.85
N ALA D 480 -31.02 -31.16 9.50
CA ALA D 480 -30.90 -32.25 8.54
C ALA D 480 -31.29 -33.59 9.14
N GLN D 481 -31.44 -33.68 10.47
CA GLN D 481 -31.77 -34.95 11.10
C GLN D 481 -33.08 -35.50 10.58
N GLN D 482 -33.95 -34.66 10.02
CA GLN D 482 -35.22 -35.13 9.49
C GLN D 482 -35.05 -36.08 8.32
N PHE D 483 -33.86 -36.16 7.73
CA PHE D 483 -33.55 -37.12 6.67
C PHE D 483 -32.29 -37.88 7.03
N PRO D 484 -32.31 -38.63 8.13
CA PRO D 484 -31.07 -39.16 8.69
C PRO D 484 -30.53 -40.39 7.98
N VAL D 485 -29.54 -40.18 7.12
CA VAL D 485 -28.61 -41.21 6.67
C VAL D 485 -27.33 -40.49 6.31
N HIS D 486 -26.22 -40.84 6.97
CA HIS D 486 -24.98 -40.09 6.79
C HIS D 486 -23.81 -41.05 6.64
N TRP D 487 -22.78 -40.58 5.95
CA TRP D 487 -21.60 -41.35 5.63
C TRP D 487 -20.37 -40.54 6.01
N GLY D 488 -19.41 -41.20 6.68
CA GLY D 488 -18.26 -40.46 7.20
C GLY D 488 -17.50 -39.73 6.12
N GLY D 489 -17.22 -40.40 5.02
CA GLY D 489 -16.53 -39.79 3.90
C GLY D 489 -15.36 -40.61 3.41
N ASP D 490 -14.24 -39.95 3.13
CA ASP D 490 -13.04 -40.61 2.62
C ASP D 490 -12.12 -40.93 3.79
N CYS D 491 -11.78 -42.21 3.94
CA CYS D 491 -10.91 -42.69 5.01
C CYS D 491 -9.81 -43.56 4.42
N TYR D 492 -8.78 -43.79 5.22
CA TYR D 492 -7.65 -44.61 4.82
C TYR D 492 -7.75 -46.00 5.45
N ALA D 493 -6.93 -46.92 4.95
CA ALA D 493 -6.95 -48.31 5.40
C ALA D 493 -5.89 -48.49 6.50
N ASN D 494 -6.24 -47.99 7.68
CA ASN D 494 -5.35 -48.10 8.84
C ASN D 494 -6.20 -48.17 10.10
N TYR D 495 -5.60 -48.69 11.17
CA TYR D 495 -6.28 -48.74 12.46
C TYR D 495 -6.59 -47.34 12.96
N GLU D 496 -5.65 -46.40 12.77
CA GLU D 496 -5.89 -45.02 13.19
C GLU D 496 -7.07 -44.41 12.46
N SER D 497 -7.20 -44.71 11.16
CA SER D 497 -8.36 -44.22 10.41
C SER D 497 -9.66 -44.80 10.97
N MET D 498 -9.64 -46.08 11.34
CA MET D 498 -10.83 -46.68 11.93
C MET D 498 -11.18 -45.99 13.25
N ALA D 499 -10.18 -45.72 14.08
CA ALA D 499 -10.44 -45.04 15.35
C ALA D 499 -11.00 -43.64 15.12
N GLU D 500 -10.43 -42.91 14.17
CA GLU D 500 -10.93 -41.56 13.89
C GLU D 500 -12.35 -41.60 13.36
N SER D 501 -12.66 -42.58 12.50
CA SER D 501 -14.02 -42.70 11.98
C SER D 501 -15.00 -43.03 13.11
N LEU D 502 -14.59 -43.91 14.03
CA LEU D 502 -15.45 -44.22 15.17
C LEU D 502 -15.68 -42.98 16.03
N ARG D 503 -14.62 -42.19 16.25
CA ARG D 503 -14.77 -40.96 17.03
C ARG D 503 -15.75 -40.01 16.34
N GLY D 504 -15.61 -39.84 15.02
CA GLY D 504 -16.52 -38.97 14.30
C GLY D 504 -17.95 -39.45 14.35
N GLY D 505 -18.15 -40.77 14.22
CA GLY D 505 -19.50 -41.31 14.32
C GLY D 505 -20.11 -41.09 15.69
N LEU D 506 -19.33 -41.30 16.75
CA LEU D 506 -19.83 -41.03 18.09
C LEU D 506 -20.18 -39.55 18.25
N SER D 507 -19.32 -38.67 17.75
CA SER D 507 -19.57 -37.23 17.88
C SER D 507 -20.84 -36.82 17.15
N ILE D 508 -21.02 -37.30 15.92
CA ILE D 508 -22.23 -36.94 15.16
C ILE D 508 -23.46 -37.55 15.82
N GLY D 509 -23.33 -38.74 16.39
CA GLY D 509 -24.45 -39.30 17.14
C GLY D 509 -24.83 -38.44 18.33
N MET D 510 -23.84 -37.92 19.04
CA MET D 510 -24.10 -37.05 20.19
C MET D 510 -24.57 -35.67 19.79
N SER D 511 -24.51 -35.31 18.50
CA SER D 511 -24.87 -33.99 18.03
C SER D 511 -26.32 -33.90 17.55
N GLY D 512 -27.09 -34.98 17.69
CA GLY D 512 -28.49 -34.99 17.33
C GLY D 512 -28.86 -35.91 16.18
N PHE D 513 -27.89 -36.46 15.45
CA PHE D 513 -28.16 -37.41 14.39
C PHE D 513 -28.25 -38.82 14.97
N GLY D 514 -29.27 -39.57 14.55
CA GLY D 514 -29.51 -40.87 15.11
C GLY D 514 -29.01 -42.03 14.28
N PHE D 515 -28.52 -41.75 13.08
CA PHE D 515 -28.02 -42.78 12.18
C PHE D 515 -26.73 -42.32 11.52
N TRP D 516 -25.79 -43.25 11.36
CA TRP D 516 -24.50 -42.94 10.78
C TRP D 516 -23.96 -44.21 10.11
N SER D 517 -23.07 -43.99 9.14
CA SER D 517 -22.47 -45.09 8.39
C SER D 517 -21.06 -44.70 7.97
N HIS D 518 -20.28 -45.72 7.60
CA HIS D 518 -18.90 -45.51 7.20
C HIS D 518 -18.52 -46.54 6.14
N ASP D 519 -17.46 -46.24 5.40
CA ASP D 519 -16.96 -47.14 4.37
C ASP D 519 -16.14 -48.25 5.01
N ILE D 520 -16.55 -49.49 4.78
CA ILE D 520 -15.86 -50.65 5.35
C ILE D 520 -14.64 -50.98 4.49
N GLY D 521 -13.52 -51.23 5.15
CA GLY D 521 -12.29 -51.56 4.46
C GLY D 521 -11.48 -50.38 3.97
N GLY D 522 -11.98 -49.15 4.18
CA GLY D 522 -11.27 -47.97 3.75
C GLY D 522 -11.62 -47.55 2.33
N PHE D 523 -11.41 -46.26 2.06
CA PHE D 523 -11.66 -45.69 0.75
C PHE D 523 -10.38 -45.61 -0.08
N GLU D 524 -9.34 -44.97 0.44
CA GLU D 524 -8.07 -44.87 -0.25
C GLU D 524 -7.17 -46.04 0.13
N ASN D 525 -6.27 -46.39 -0.79
CA ASN D 525 -5.30 -47.47 -0.56
C ASN D 525 -6.01 -48.81 -0.38
N THR D 526 -5.26 -49.90 -0.48
CA THR D 526 -5.80 -51.24 -0.36
C THR D 526 -5.41 -51.83 0.99
N ALA D 527 -6.39 -52.36 1.71
CA ALA D 527 -6.12 -52.94 3.02
C ALA D 527 -5.36 -54.26 2.86
N PRO D 528 -4.38 -54.54 3.73
CA PRO D 528 -3.67 -55.82 3.65
C PRO D 528 -4.59 -57.02 3.77
N ALA D 529 -5.32 -57.12 4.89
CA ALA D 529 -6.21 -58.25 5.13
C ALA D 529 -6.84 -58.19 6.52
N HIS D 530 -6.00 -58.25 7.56
CA HIS D 530 -6.52 -58.29 8.93
C HIS D 530 -7.33 -57.03 9.24
N VAL D 531 -6.82 -55.85 8.87
CA VAL D 531 -7.54 -54.61 9.12
C VAL D 531 -8.88 -54.65 8.40
N TYR D 532 -8.91 -55.24 7.20
CA TYR D 532 -10.18 -55.38 6.48
C TYR D 532 -11.17 -56.21 7.27
N LYS D 533 -10.71 -57.32 7.85
CA LYS D 533 -11.60 -58.17 8.64
C LYS D 533 -12.13 -57.41 9.86
N ARG D 534 -11.24 -56.70 10.57
CA ARG D 534 -11.68 -55.95 11.74
C ARG D 534 -12.67 -54.86 11.35
N TRP D 535 -12.41 -54.16 10.24
CA TRP D 535 -13.32 -53.12 9.79
C TRP D 535 -14.67 -53.70 9.40
N CYS D 536 -14.67 -54.86 8.74
CA CYS D 536 -15.93 -55.50 8.40
C CYS D 536 -16.71 -55.87 9.66
N ALA D 537 -16.03 -56.44 10.65
CA ALA D 537 -16.70 -56.80 11.89
C ALA D 537 -17.28 -55.58 12.58
N PHE D 538 -16.53 -54.47 12.60
CA PHE D 538 -17.00 -53.26 13.26
C PHE D 538 -18.20 -52.67 12.51
N GLY D 539 -18.09 -52.53 11.19
CA GLY D 539 -19.14 -51.91 10.42
C GLY D 539 -20.43 -52.72 10.39
N LEU D 540 -20.30 -54.05 10.31
CA LEU D 540 -21.49 -54.90 10.26
C LEU D 540 -22.24 -54.93 11.58
N LEU D 541 -21.66 -54.40 12.66
CA LEU D 541 -22.33 -54.29 13.94
C LEU D 541 -22.95 -52.90 14.15
N SER D 542 -22.86 -52.03 13.16
CA SER D 542 -23.40 -50.68 13.24
C SER D 542 -24.78 -50.62 12.59
N SER D 543 -25.34 -49.41 12.52
CA SER D 543 -26.67 -49.25 11.95
C SER D 543 -26.69 -49.66 10.47
N HIS D 544 -25.68 -49.24 9.71
CA HIS D 544 -25.62 -49.52 8.28
C HIS D 544 -24.21 -49.97 7.92
N SER D 545 -24.12 -50.86 6.93
CA SER D 545 -22.85 -51.41 6.48
C SER D 545 -22.71 -51.18 4.98
N ARG D 546 -21.60 -50.57 4.58
CA ARG D 546 -21.34 -50.19 3.20
C ARG D 546 -20.00 -50.74 2.75
N LEU D 547 -19.94 -51.20 1.50
CA LEU D 547 -18.71 -51.70 0.88
C LEU D 547 -18.42 -50.81 -0.33
N HIS D 548 -17.56 -49.81 -0.13
CA HIS D 548 -17.21 -48.85 -1.16
C HIS D 548 -15.69 -48.69 -1.21
N GLY D 549 -15.16 -48.56 -2.43
CA GLY D 549 -13.74 -48.43 -2.61
C GLY D 549 -13.42 -47.39 -3.66
N SER D 550 -12.16 -46.98 -3.68
CA SER D 550 -11.67 -45.95 -4.60
C SER D 550 -10.95 -46.53 -5.81
N LYS D 551 -10.01 -47.45 -5.58
CA LYS D 551 -9.22 -48.03 -6.66
C LYS D 551 -9.37 -49.53 -6.79
N SER D 552 -9.88 -50.22 -5.77
CA SER D 552 -10.01 -51.67 -5.79
C SER D 552 -11.39 -52.07 -5.32
N TYR D 553 -11.88 -53.19 -5.85
CA TYR D 553 -13.18 -53.71 -5.46
C TYR D 553 -13.16 -54.15 -4.00
N ARG D 554 -14.21 -53.78 -3.27
CA ARG D 554 -14.34 -54.15 -1.86
C ARG D 554 -15.21 -55.40 -1.71
N VAL D 555 -14.70 -56.51 -2.25
CA VAL D 555 -15.39 -57.80 -2.25
C VAL D 555 -14.59 -58.74 -1.37
N PRO D 556 -15.22 -59.49 -0.45
CA PRO D 556 -14.43 -60.33 0.46
C PRO D 556 -13.57 -61.37 -0.23
N TRP D 557 -14.06 -61.97 -1.33
CA TRP D 557 -13.29 -63.04 -1.96
C TRP D 557 -12.05 -62.53 -2.67
N ALA D 558 -11.90 -61.21 -2.82
CA ALA D 558 -10.70 -60.67 -3.45
C ALA D 558 -9.47 -60.76 -2.56
N TYR D 559 -9.64 -61.12 -1.28
CA TYR D 559 -8.53 -61.22 -0.35
C TYR D 559 -8.28 -62.66 0.09
N ASP D 560 -9.29 -63.33 0.63
CA ASP D 560 -9.15 -64.70 1.09
C ASP D 560 -10.51 -65.23 1.52
N GLU D 561 -10.56 -66.52 1.82
CA GLU D 561 -11.81 -67.15 2.23
C GLU D 561 -12.20 -66.80 3.65
N GLU D 562 -11.22 -66.51 4.52
CA GLU D 562 -11.53 -66.16 5.90
C GLU D 562 -12.37 -64.88 5.97
N SER D 563 -12.07 -63.90 5.11
CA SER D 563 -12.88 -62.70 5.07
C SER D 563 -14.31 -63.02 4.68
N CYS D 564 -14.51 -63.89 3.70
CA CYS D 564 -15.85 -64.29 3.31
C CYS D 564 -16.57 -64.97 4.48
N ASP D 565 -15.88 -65.87 5.18
CA ASP D 565 -16.50 -66.58 6.30
C ASP D 565 -16.93 -65.62 7.40
N VAL D 566 -16.04 -64.70 7.78
CA VAL D 566 -16.37 -63.76 8.85
C VAL D 566 -17.51 -62.83 8.40
N VAL D 567 -17.49 -62.40 7.14
CA VAL D 567 -18.57 -61.55 6.65
C VAL D 567 -19.89 -62.28 6.71
N ARG D 568 -19.91 -63.55 6.28
CA ARG D 568 -21.15 -64.33 6.33
C ARG D 568 -21.63 -64.47 7.77
N HIS D 569 -20.72 -64.78 8.69
CA HIS D 569 -21.10 -64.96 10.09
C HIS D 569 -21.69 -63.68 10.67
N PHE D 570 -21.03 -62.55 10.42
CA PHE D 570 -21.50 -61.29 11.00
C PHE D 570 -22.81 -60.84 10.37
N THR D 571 -22.98 -61.06 9.05
CA THR D 571 -24.23 -60.71 8.41
C THR D 571 -25.38 -61.56 8.95
N GLN D 572 -25.14 -62.87 9.14
CA GLN D 572 -26.16 -63.72 9.73
C GLN D 572 -26.51 -63.25 11.14
N LEU D 573 -25.49 -62.87 11.93
CA LEU D 573 -25.75 -62.38 13.28
C LEU D 573 -26.59 -61.10 13.24
N LYS D 574 -26.25 -60.17 12.34
CA LYS D 574 -27.02 -58.94 12.24
C LYS D 574 -28.45 -59.21 11.83
N CYS D 575 -28.66 -60.10 10.87
CA CYS D 575 -30.02 -60.44 10.46
C CYS D 575 -30.79 -61.06 11.61
N ARG D 576 -30.14 -61.93 12.39
CA ARG D 576 -30.79 -62.54 13.54
C ARG D 576 -31.10 -61.53 14.64
N MET D 577 -30.42 -60.38 14.64
CA MET D 577 -30.61 -59.35 15.64
C MET D 577 -31.44 -58.18 15.14
N MET D 578 -32.15 -58.34 14.03
CA MET D 578 -32.88 -57.22 13.42
C MET D 578 -33.92 -56.62 14.35
N PRO D 579 -34.80 -57.39 15.01
CA PRO D 579 -35.88 -56.73 15.77
C PRO D 579 -35.39 -55.79 16.85
N TYR D 580 -34.31 -56.15 17.55
CA TYR D 580 -33.79 -55.26 18.60
C TYR D 580 -33.26 -53.96 17.99
N LEU D 581 -32.56 -54.06 16.87
CA LEU D 581 -32.06 -52.86 16.21
C LEU D 581 -33.21 -51.99 15.73
N TYR D 582 -34.27 -52.59 15.20
CA TYR D 582 -35.41 -51.80 14.75
C TYR D 582 -36.13 -51.14 15.91
N ARG D 583 -36.24 -51.82 17.05
CA ARG D 583 -36.83 -51.21 18.24
C ARG D 583 -35.98 -50.03 18.70
N GLN D 584 -34.65 -50.18 18.69
CA GLN D 584 -33.79 -49.06 19.05
C GLN D 584 -33.94 -47.90 18.08
N ALA D 585 -34.10 -48.21 16.79
CA ALA D 585 -34.31 -47.15 15.80
C ALA D 585 -35.64 -46.43 16.05
N ALA D 586 -36.69 -47.18 16.40
CA ALA D 586 -37.96 -46.55 16.75
C ALA D 586 -37.82 -45.65 17.96
N LEU D 587 -37.07 -46.11 18.97
CA LEU D 587 -36.82 -45.28 20.14
C LEU D 587 -36.06 -44.02 19.75
N ALA D 588 -35.10 -44.13 18.84
CA ALA D 588 -34.36 -42.97 18.36
C ALA D 588 -35.28 -42.00 17.66
N ASN D 589 -36.21 -42.52 16.85
CA ASN D 589 -37.16 -41.66 16.17
C ASN D 589 -38.08 -40.95 17.16
N GLU D 590 -38.50 -41.65 18.22
CA GLU D 590 -39.44 -41.08 19.16
C GLU D 590 -38.76 -40.05 20.07
N PHE D 591 -37.79 -40.50 20.87
CA PHE D 591 -37.16 -39.63 21.86
C PHE D 591 -35.88 -38.96 21.38
N GLY D 592 -35.42 -39.29 20.17
CA GLY D 592 -34.23 -38.66 19.62
C GLY D 592 -32.92 -39.25 20.06
N THR D 593 -32.94 -40.35 20.82
CA THR D 593 -31.70 -40.94 21.31
C THR D 593 -31.01 -41.71 20.19
N PRO D 594 -29.76 -41.40 19.85
CA PRO D 594 -29.10 -42.11 18.75
C PRO D 594 -28.92 -43.59 19.07
N MET D 595 -28.93 -44.42 18.02
CA MET D 595 -28.71 -45.84 18.21
C MET D 595 -27.26 -46.13 18.58
N LEU D 596 -26.31 -45.43 17.95
CA LEU D 596 -24.89 -45.62 18.22
C LEU D 596 -24.47 -44.74 19.39
N ARG D 597 -24.98 -45.10 20.56
CA ARG D 597 -24.75 -44.32 21.77
C ARG D 597 -23.30 -44.44 22.23
N ALA D 598 -22.80 -43.36 22.83
CA ALA D 598 -21.49 -43.39 23.46
C ALA D 598 -21.60 -43.98 24.87
N MET D 599 -20.45 -44.31 25.46
CA MET D 599 -20.44 -44.90 26.79
C MET D 599 -21.01 -43.93 27.81
N MET D 600 -20.68 -42.65 27.70
CA MET D 600 -21.14 -41.67 28.68
C MET D 600 -22.67 -41.57 28.68
N LEU D 601 -23.28 -41.58 27.49
CA LEU D 601 -24.72 -41.34 27.41
C LEU D 601 -25.50 -42.36 28.22
N GLU D 602 -25.13 -43.63 28.12
CA GLU D 602 -25.85 -44.66 28.86
C GLU D 602 -25.60 -44.56 30.36
N PHE D 603 -24.39 -44.19 30.76
CA PHE D 603 -24.02 -44.11 32.18
C PHE D 603 -23.35 -42.77 32.45
N PRO D 604 -24.12 -41.68 32.41
CA PRO D 604 -23.52 -40.35 32.68
C PRO D 604 -22.98 -40.21 34.08
N ASP D 605 -23.42 -41.01 35.04
CA ASP D 605 -23.01 -40.90 36.43
C ASP D 605 -21.73 -41.65 36.74
N ASP D 606 -21.16 -42.36 35.77
CA ASP D 606 -19.93 -43.10 35.98
C ASP D 606 -18.75 -42.28 35.48
N PRO D 607 -17.85 -41.80 36.35
CA PRO D 607 -16.72 -40.99 35.86
C PRO D 607 -15.75 -41.76 34.99
N ALA D 608 -15.76 -43.10 35.06
CA ALA D 608 -14.78 -43.89 34.32
C ALA D 608 -15.00 -43.85 32.81
N CYS D 609 -16.21 -43.50 32.36
CA CYS D 609 -16.54 -43.51 30.94
C CYS D 609 -16.47 -42.12 30.32
N ASP D 610 -15.92 -41.15 31.03
CA ASP D 610 -15.84 -39.79 30.48
C ASP D 610 -14.93 -39.74 29.26
N TYR D 611 -13.81 -40.45 29.29
CA TYR D 611 -12.78 -40.38 28.26
C TYR D 611 -12.64 -41.70 27.52
N LEU D 612 -13.75 -42.33 27.18
CA LEU D 612 -13.75 -43.59 26.45
C LEU D 612 -14.21 -43.33 25.01
N ASP D 613 -13.39 -43.73 24.04
CA ASP D 613 -13.72 -43.56 22.63
C ASP D 613 -13.43 -44.76 21.76
N ARG D 614 -12.72 -45.78 22.24
CA ARG D 614 -12.40 -46.95 21.45
C ARG D 614 -13.49 -48.03 21.51
N GLN D 615 -14.49 -47.85 22.37
CA GLN D 615 -15.60 -48.78 22.48
C GLN D 615 -16.90 -48.00 22.50
N TYR D 616 -17.98 -48.65 22.08
CA TYR D 616 -19.27 -47.99 21.99
C TYR D 616 -20.37 -48.90 22.50
N MET D 617 -21.56 -48.33 22.63
CA MET D 617 -22.74 -49.03 23.11
C MET D 617 -23.79 -49.03 21.99
N LEU D 618 -24.22 -50.21 21.59
CA LEU D 618 -25.29 -50.37 20.61
C LEU D 618 -26.60 -50.62 21.36
N GLY D 619 -27.63 -49.85 21.00
CA GLY D 619 -28.88 -49.93 21.70
C GLY D 619 -28.72 -49.46 23.13
N ASP D 620 -29.62 -49.95 23.99
CA ASP D 620 -29.56 -49.66 25.42
C ASP D 620 -29.00 -50.83 26.22
N SER D 621 -28.57 -51.91 25.56
CA SER D 621 -28.12 -53.10 26.25
C SER D 621 -26.83 -53.70 25.71
N VAL D 622 -26.45 -53.44 24.46
CA VAL D 622 -25.31 -54.10 23.84
C VAL D 622 -24.09 -53.20 23.97
N LEU D 623 -22.94 -53.79 24.23
CA LEU D 623 -21.67 -53.07 24.28
C LEU D 623 -20.67 -53.77 23.36
N VAL D 624 -20.02 -52.99 22.48
CA VAL D 624 -19.08 -53.53 21.51
C VAL D 624 -17.77 -52.78 21.65
N ALA D 625 -16.66 -53.52 21.64
CA ALA D 625 -15.32 -52.94 21.77
C ALA D 625 -14.44 -53.46 20.63
N PRO D 626 -14.57 -52.88 19.44
CA PRO D 626 -13.80 -53.39 18.29
C PRO D 626 -12.31 -53.33 18.55
N VAL D 627 -11.59 -54.32 18.04
CA VAL D 627 -10.16 -54.42 18.25
C VAL D 627 -9.43 -53.56 17.23
N PHE D 628 -8.24 -53.10 17.61
CA PHE D 628 -7.40 -52.26 16.75
C PHE D 628 -5.96 -52.74 16.72
N SER D 629 -5.70 -53.99 17.10
CA SER D 629 -4.36 -54.52 17.19
C SER D 629 -4.20 -55.73 16.29
N GLU D 630 -3.00 -55.88 15.74
CA GLU D 630 -2.71 -57.02 14.86
C GLU D 630 -2.83 -58.33 15.63
N ALA D 631 -2.31 -58.39 16.86
CA ALA D 631 -2.36 -59.62 17.63
C ALA D 631 -3.73 -59.92 18.20
N GLY D 632 -4.67 -58.97 18.12
CA GLY D 632 -6.00 -59.17 18.66
C GLY D 632 -6.18 -58.77 20.10
N GLU D 633 -5.12 -58.34 20.78
CA GLU D 633 -5.23 -57.90 22.15
C GLU D 633 -6.06 -56.62 22.22
N VAL D 634 -6.95 -56.55 23.21
CA VAL D 634 -7.84 -55.40 23.35
C VAL D 634 -8.23 -55.27 24.82
N GLN D 635 -8.31 -54.03 25.28
CA GLN D 635 -8.70 -53.71 26.65
C GLN D 635 -9.97 -52.88 26.62
N PHE D 636 -10.94 -53.24 27.46
CA PHE D 636 -12.22 -52.56 27.51
C PHE D 636 -12.72 -52.50 28.94
N TYR D 637 -13.51 -51.46 29.23
CA TYR D 637 -14.03 -51.21 30.57
C TYR D 637 -15.52 -51.57 30.63
N LEU D 638 -15.91 -52.27 31.70
CA LEU D 638 -17.29 -52.64 31.93
C LEU D 638 -17.83 -51.87 33.12
N PRO D 639 -19.00 -51.21 32.99
CA PRO D 639 -19.64 -50.60 34.17
C PRO D 639 -20.23 -51.63 35.10
N GLU D 640 -20.87 -51.16 36.18
CA GLU D 640 -21.40 -52.07 37.19
C GLU D 640 -22.42 -53.03 36.58
N GLY D 641 -22.40 -54.26 37.06
CA GLY D 641 -23.32 -55.28 36.57
C GLY D 641 -22.59 -56.45 35.93
N ARG D 642 -23.26 -57.60 35.86
CA ARG D 642 -22.69 -58.79 35.24
C ARG D 642 -23.03 -58.80 33.75
N TRP D 643 -22.01 -59.02 32.92
CA TRP D 643 -22.16 -58.99 31.48
C TRP D 643 -21.90 -60.37 30.89
N THR D 644 -22.70 -60.73 29.89
CA THR D 644 -22.59 -62.02 29.21
C THR D 644 -22.42 -61.79 27.72
N HIS D 645 -21.50 -62.57 27.12
CA HIS D 645 -21.23 -62.42 25.70
C HIS D 645 -22.43 -62.84 24.87
N LEU D 646 -22.54 -62.25 23.68
CA LEU D 646 -23.70 -62.51 22.83
C LEU D 646 -23.76 -63.96 22.39
N TRP D 647 -22.63 -64.54 22.01
CA TRP D 647 -22.61 -65.92 21.49
C TRP D 647 -21.51 -66.78 22.13
N HIS D 648 -20.84 -66.30 23.17
CA HIS D 648 -19.87 -67.11 23.90
C HIS D 648 -20.36 -67.54 25.27
N ASN D 649 -21.33 -66.83 25.86
CA ASN D 649 -22.00 -67.19 27.10
C ASN D 649 -21.08 -67.12 28.32
N ASP D 650 -19.92 -66.47 28.21
CA ASP D 650 -19.04 -66.31 29.36
C ASP D 650 -19.50 -65.12 30.20
N GLU D 651 -19.17 -65.17 31.50
CA GLU D 651 -19.55 -64.14 32.45
C GLU D 651 -18.31 -63.41 32.95
N LEU D 652 -18.44 -62.09 33.11
CA LEU D 652 -17.35 -61.25 33.57
C LEU D 652 -17.90 -60.24 34.56
N PRO D 653 -17.26 -60.04 35.70
CA PRO D 653 -17.72 -59.02 36.64
C PRO D 653 -17.56 -57.63 36.07
N GLY D 654 -18.43 -56.71 36.51
CA GLY D 654 -18.45 -55.37 35.99
C GLY D 654 -17.72 -54.37 36.88
N SER D 655 -17.77 -53.11 36.45
CA SER D 655 -17.16 -52.00 37.18
C SER D 655 -15.64 -52.16 37.25
N ARG D 656 -15.03 -52.44 36.10
CA ARG D 656 -13.59 -52.62 36.05
C ARG D 656 -13.15 -52.82 34.60
N TRP D 657 -11.83 -52.80 34.40
CA TRP D 657 -11.25 -53.02 33.08
C TRP D 657 -10.97 -54.51 32.88
N HIS D 658 -10.82 -54.89 31.61
CA HIS D 658 -10.53 -56.27 31.25
C HIS D 658 -9.73 -56.28 29.96
N LYS D 659 -8.87 -57.28 29.83
CA LYS D 659 -8.01 -57.46 28.67
C LYS D 659 -8.27 -58.83 28.08
N GLN D 660 -8.36 -58.90 26.75
CA GLN D 660 -8.68 -60.17 26.09
C GLN D 660 -8.06 -60.20 24.70
N ARG D 661 -7.73 -61.40 24.24
CA ARG D 661 -7.23 -61.63 22.89
C ARG D 661 -8.24 -62.49 22.14
N HIS D 662 -8.65 -62.01 20.96
CA HIS D 662 -9.66 -62.67 20.16
C HIS D 662 -9.15 -62.86 18.74
N ASP D 663 -9.62 -63.94 18.11
CA ASP D 663 -9.27 -64.21 16.72
C ASP D 663 -10.15 -63.39 15.78
N ALA D 664 -9.94 -63.57 14.48
CA ALA D 664 -10.68 -62.78 13.49
C ALA D 664 -12.18 -63.06 13.52
N LEU D 665 -12.60 -64.22 14.02
CA LEU D 665 -14.00 -64.60 14.06
C LEU D 665 -14.71 -64.17 15.33
N SER D 666 -14.01 -63.53 16.26
CA SER D 666 -14.60 -63.13 17.53
C SER D 666 -14.12 -61.74 17.91
N LEU D 667 -14.94 -61.03 18.67
CA LEU D 667 -14.61 -59.71 19.19
C LEU D 667 -15.48 -59.46 20.42
N PRO D 668 -15.06 -58.53 21.29
CA PRO D 668 -15.82 -58.31 22.52
C PRO D 668 -17.16 -57.62 22.30
N VAL D 669 -18.23 -58.42 22.40
CA VAL D 669 -19.61 -57.94 22.36
C VAL D 669 -20.31 -58.54 23.57
N TYR D 670 -20.93 -57.70 24.38
CA TYR D 670 -21.50 -58.13 25.66
C TYR D 670 -22.86 -57.49 25.86
N VAL D 671 -23.63 -58.08 26.77
CA VAL D 671 -24.98 -57.63 27.11
C VAL D 671 -25.05 -57.46 28.62
N ARG D 672 -25.62 -56.34 29.06
CA ARG D 672 -25.73 -56.07 30.49
C ARG D 672 -26.68 -57.07 31.15
N ASP D 673 -26.70 -57.03 32.47
CA ASP D 673 -27.54 -57.93 33.25
C ASP D 673 -28.99 -57.46 33.22
N ASN D 674 -29.89 -58.34 33.67
CA ASN D 674 -31.31 -58.04 33.75
C ASN D 674 -31.85 -57.63 32.37
N THR D 675 -31.58 -58.45 31.37
CA THR D 675 -31.93 -58.12 30.00
C THR D 675 -32.82 -59.20 29.39
N LEU D 676 -33.72 -58.77 28.52
CA LEU D 676 -34.62 -59.64 27.77
C LEU D 676 -34.51 -59.25 26.30
N LEU D 677 -33.54 -59.84 25.61
CA LEU D 677 -33.33 -59.54 24.20
C LEU D 677 -34.30 -60.34 23.33
N ALA D 678 -34.41 -59.94 22.06
CA ALA D 678 -35.26 -60.61 21.10
C ALA D 678 -34.47 -60.89 19.83
N LEU D 679 -34.73 -62.06 19.23
CA LEU D 679 -34.07 -62.45 18.00
C LEU D 679 -35.07 -63.16 17.10
N GLY D 680 -34.77 -63.17 15.80
CA GLY D 680 -35.60 -63.82 14.81
C GLY D 680 -34.99 -65.12 14.31
N ASN D 681 -35.81 -65.90 13.62
CA ASN D 681 -35.41 -67.18 13.07
C ASN D 681 -34.89 -67.08 11.64
N ASN D 682 -34.80 -65.88 11.08
CA ASN D 682 -34.34 -65.67 9.71
C ASN D 682 -33.00 -64.95 9.74
N ASP D 683 -32.00 -65.51 9.06
CA ASP D 683 -30.65 -64.95 9.03
C ASP D 683 -30.20 -64.61 7.61
N GLN D 684 -31.15 -64.41 6.70
CA GLN D 684 -30.84 -64.08 5.31
C GLN D 684 -31.47 -62.77 4.83
N LYS D 685 -32.57 -62.33 5.45
CA LYS D 685 -33.25 -61.10 5.06
C LYS D 685 -33.60 -60.30 6.30
N PRO D 686 -33.55 -58.96 6.22
CA PRO D 686 -33.92 -58.14 7.37
C PRO D 686 -35.38 -57.68 7.38
N ASP D 687 -36.19 -58.13 6.44
CA ASP D 687 -37.58 -57.69 6.31
C ASP D 687 -38.54 -58.86 6.51
N TYR D 688 -38.27 -59.70 7.50
CA TYR D 688 -39.09 -60.85 7.81
C TYR D 688 -40.03 -60.55 8.97
N ALA D 689 -40.94 -61.47 9.22
CA ALA D 689 -41.91 -61.33 10.30
C ALA D 689 -41.19 -61.51 11.63
N TRP D 690 -40.94 -60.40 12.32
CA TRP D 690 -40.20 -60.45 13.57
C TRP D 690 -41.02 -61.08 14.70
N HIS D 691 -42.35 -60.97 14.63
CA HIS D 691 -43.21 -61.48 15.69
C HIS D 691 -43.63 -62.93 15.48
N GLU D 692 -43.12 -63.59 14.44
CA GLU D 692 -43.43 -64.99 14.17
C GLU D 692 -42.21 -65.84 14.51
N GLY D 693 -42.39 -66.81 15.40
CA GLY D 693 -41.30 -67.70 15.77
C GLY D 693 -40.12 -66.98 16.40
N THR D 694 -40.39 -65.93 17.17
CA THR D 694 -39.31 -65.17 17.79
C THR D 694 -38.71 -65.95 18.96
N ALA D 695 -37.45 -65.63 19.26
CA ALA D 695 -36.72 -66.22 20.37
C ALA D 695 -36.26 -65.11 21.29
N PHE D 696 -36.86 -65.02 22.46
CA PHE D 696 -36.39 -64.11 23.49
C PHE D 696 -35.25 -64.75 24.26
N GLN D 697 -34.34 -63.92 24.76
CA GLN D 697 -33.16 -64.38 25.49
C GLN D 697 -33.12 -63.67 26.82
N LEU D 698 -33.06 -64.44 27.91
CA LEU D 698 -33.07 -63.91 29.26
C LEU D 698 -31.66 -63.95 29.84
N PHE D 699 -31.15 -62.79 30.25
CA PHE D 699 -29.81 -62.60 30.76
C PHE D 699 -29.88 -62.05 32.18
N GLN D 700 -29.49 -62.88 33.15
CA GLN D 700 -29.21 -62.45 34.52
C GLN D 700 -30.39 -61.67 35.12
N LEU D 701 -31.51 -62.37 35.26
CA LEU D 701 -32.69 -61.77 35.91
C LEU D 701 -32.52 -61.91 37.42
N GLY D 702 -32.18 -60.81 38.07
CA GLY D 702 -32.00 -60.82 39.51
C GLY D 702 -33.32 -60.87 40.26
N ASP D 703 -33.24 -61.31 41.51
CA ASP D 703 -34.43 -61.44 42.34
C ASP D 703 -35.04 -60.06 42.60
N GLY D 704 -36.37 -59.99 42.51
CA GLY D 704 -37.08 -58.77 42.78
C GLY D 704 -37.09 -57.76 41.66
N ASN D 705 -36.54 -58.09 40.50
CA ASN D 705 -36.45 -57.17 39.38
C ASN D 705 -37.46 -57.56 38.29
N GLU D 706 -37.82 -56.56 37.48
CA GLU D 706 -38.78 -56.74 36.39
C GLU D 706 -38.17 -56.21 35.10
N THR D 707 -38.42 -56.92 34.00
CA THR D 707 -37.90 -56.56 32.69
C THR D 707 -39.03 -56.58 31.67
N VAL D 708 -38.90 -55.74 30.65
CA VAL D 708 -39.89 -55.63 29.59
C VAL D 708 -39.19 -55.64 28.25
N CYS D 709 -39.92 -56.06 27.21
CA CYS D 709 -39.42 -56.08 25.86
C CYS D 709 -40.58 -55.89 24.90
N GLN D 710 -40.40 -55.00 23.92
CA GLN D 710 -41.44 -54.66 22.96
C GLN D 710 -40.91 -54.91 21.55
N VAL D 711 -41.40 -55.94 20.90
CA VAL D 711 -41.04 -56.20 19.51
C VAL D 711 -41.79 -55.22 18.61
N PRO D 712 -41.13 -54.51 17.71
CA PRO D 712 -41.82 -53.54 16.86
C PRO D 712 -42.45 -54.17 15.63
N ALA D 713 -43.28 -53.37 14.97
CA ALA D 713 -43.93 -53.76 13.73
C ALA D 713 -43.22 -53.07 12.56
N ALA D 714 -43.80 -53.20 11.36
CA ALA D 714 -43.21 -52.56 10.19
C ALA D 714 -43.20 -51.04 10.35
N ASP D 715 -44.28 -50.47 10.87
CA ASP D 715 -44.36 -49.04 11.09
C ASP D 715 -43.54 -48.57 12.29
N GLY D 716 -43.03 -49.49 13.10
CA GLY D 716 -42.24 -49.16 14.26
C GLY D 716 -42.98 -49.22 15.59
N SER D 717 -44.31 -49.24 15.55
CA SER D 717 -45.08 -49.34 16.78
C SER D 717 -45.02 -50.76 17.33
N ALA D 718 -44.92 -50.87 18.66
CA ALA D 718 -44.83 -52.17 19.30
C ALA D 718 -46.05 -53.01 18.97
N ILE D 719 -45.81 -54.27 18.61
CA ILE D 719 -46.89 -55.20 18.28
C ILE D 719 -47.12 -56.23 19.37
N PHE D 720 -46.12 -56.55 20.18
CA PHE D 720 -46.26 -57.53 21.25
C PHE D 720 -45.29 -57.19 22.37
N THR D 721 -45.75 -57.28 23.60
CA THR D 721 -44.96 -56.92 24.77
C THR D 721 -44.91 -58.09 25.74
N LEU D 722 -43.72 -58.34 26.30
CA LEU D 722 -43.49 -59.44 27.22
C LEU D 722 -42.85 -58.88 28.49
N LYS D 723 -43.38 -59.29 29.65
CA LYS D 723 -42.88 -58.85 30.94
C LYS D 723 -42.55 -60.05 31.79
N ALA D 724 -41.36 -60.03 32.39
CA ALA D 724 -40.88 -61.11 33.25
C ALA D 724 -40.64 -60.57 34.65
N LYS D 725 -41.16 -61.27 35.65
CA LYS D 725 -41.00 -60.89 37.06
C LYS D 725 -40.46 -62.08 37.83
N ARG D 726 -39.39 -61.85 38.59
CA ARG D 726 -38.74 -62.89 39.37
C ARG D 726 -38.98 -62.65 40.85
N GLN D 727 -39.40 -63.69 41.56
CA GLN D 727 -39.59 -63.63 43.01
C GLN D 727 -39.06 -64.92 43.60
N GLY D 728 -38.11 -64.80 44.54
CA GLY D 728 -37.48 -65.96 45.11
C GLY D 728 -36.81 -66.82 44.06
N ASN D 729 -37.40 -67.98 43.77
CA ASN D 729 -36.89 -68.88 42.74
C ASN D 729 -37.92 -69.15 41.65
N THR D 730 -38.92 -68.29 41.51
CA THR D 730 -39.99 -68.46 40.53
C THR D 730 -40.04 -67.24 39.63
N ILE D 731 -40.06 -67.47 38.32
CA ILE D 731 -40.12 -66.42 37.32
C ILE D 731 -41.41 -66.58 36.53
N THR D 732 -42.19 -65.50 36.48
CA THR D 732 -43.46 -65.48 35.76
C THR D 732 -43.33 -64.54 34.57
N VAL D 733 -43.69 -65.02 33.39
CA VAL D 733 -43.62 -64.25 32.15
C VAL D 733 -45.03 -64.13 31.59
N SER D 734 -45.42 -62.90 31.25
CA SER D 734 -46.73 -62.60 30.69
C SER D 734 -46.57 -61.79 29.42
N GLY D 735 -47.24 -62.21 28.36
CA GLY D 735 -47.15 -61.53 27.09
C GLY D 735 -48.52 -61.14 26.57
N GLU D 736 -48.56 -60.00 25.90
CA GLU D 736 -49.81 -59.50 25.33
C GLU D 736 -49.51 -58.79 24.01
N GLY D 737 -50.38 -59.01 23.04
CA GLY D 737 -50.21 -58.43 21.72
C GLY D 737 -50.61 -59.38 20.60
N GLU D 738 -49.75 -59.50 19.59
CA GLU D 738 -50.00 -60.36 18.43
C GLU D 738 -48.75 -61.19 18.19
N ALA D 739 -48.90 -62.51 18.26
CA ALA D 739 -47.79 -63.43 18.00
C ALA D 739 -48.35 -64.83 17.82
N ARG D 740 -47.56 -65.67 17.15
CA ARG D 740 -47.94 -67.06 16.90
C ARG D 740 -46.69 -67.92 17.03
N GLY D 741 -46.47 -68.45 18.23
CA GLY D 741 -45.35 -69.33 18.47
C GLY D 741 -44.08 -68.57 18.81
N TRP D 742 -43.46 -68.89 19.93
CA TRP D 742 -42.22 -68.23 20.32
C TRP D 742 -41.50 -69.09 21.35
N THR D 743 -40.24 -68.74 21.59
CA THR D 743 -39.40 -69.46 22.54
C THR D 743 -38.70 -68.47 23.44
N LEU D 744 -38.37 -68.92 24.66
CA LEU D 744 -37.62 -68.14 25.63
C LEU D 744 -36.42 -68.95 26.08
N CYS D 745 -35.23 -68.42 25.87
CA CYS D 745 -33.98 -69.09 26.21
C CYS D 745 -33.38 -68.38 27.42
N LEU D 746 -33.44 -69.03 28.58
CA LEU D 746 -32.75 -68.54 29.76
C LEU D 746 -31.28 -68.93 29.65
N ARG D 747 -30.39 -67.95 29.76
CA ARG D 747 -28.97 -68.19 29.55
C ARG D 747 -28.29 -68.58 30.87
N ASN D 748 -27.28 -69.44 30.74
CA ASN D 748 -26.49 -69.89 31.89
C ASN D 748 -27.34 -70.65 32.91
N ILE D 749 -28.40 -71.29 32.45
CA ILE D 749 -29.28 -72.10 33.27
C ILE D 749 -29.30 -73.51 32.71
N PRO D 750 -28.48 -74.43 33.25
CA PRO D 750 -28.44 -75.78 32.68
C PRO D 750 -29.79 -76.48 32.66
N GLN D 751 -30.61 -76.29 33.69
CA GLN D 751 -31.89 -76.99 33.78
C GLN D 751 -32.81 -76.22 34.72
N ILE D 752 -34.09 -76.59 34.68
CA ILE D 752 -35.11 -75.97 35.52
C ILE D 752 -35.82 -77.08 36.30
N ALA D 753 -36.46 -76.71 37.42
CA ALA D 753 -37.14 -77.66 38.29
C ALA D 753 -38.65 -77.51 38.23
N GLY D 754 -39.18 -77.11 37.07
CA GLY D 754 -40.61 -76.98 36.90
C GLY D 754 -41.03 -75.93 35.89
N VAL D 755 -42.02 -76.25 35.07
CA VAL D 755 -42.56 -75.34 34.07
C VAL D 755 -44.07 -75.43 34.10
N GLU D 756 -44.72 -74.37 33.61
CA GLU D 756 -46.18 -74.28 33.58
C GLU D 756 -46.60 -73.81 32.18
N GLY D 757 -47.04 -74.75 31.35
CA GLY D 757 -47.56 -74.43 30.03
C GLY D 757 -46.52 -74.28 28.95
N GLY D 758 -45.24 -74.49 29.24
CA GLY D 758 -44.19 -74.38 28.25
C GLY D 758 -43.37 -75.64 28.11
N THR D 759 -43.02 -76.00 26.88
CA THR D 759 -42.23 -77.20 26.63
C THR D 759 -40.75 -76.86 26.74
N GLN D 760 -40.06 -77.48 27.69
CA GLN D 760 -38.68 -77.14 28.01
C GLN D 760 -37.71 -78.10 27.35
N ALA D 761 -36.52 -77.58 27.01
CA ALA D 761 -35.45 -78.39 26.46
C ALA D 761 -34.12 -77.71 26.77
N GLY D 762 -33.03 -78.48 26.67
CA GLY D 762 -31.72 -77.95 26.94
C GLY D 762 -30.97 -77.55 25.69
N SER D 763 -29.98 -76.68 25.86
CA SER D 763 -29.16 -76.23 24.76
C SER D 763 -27.83 -75.74 25.32
N GLU D 764 -26.83 -75.67 24.44
CA GLU D 764 -25.50 -75.25 24.88
C GLU D 764 -25.50 -73.86 25.50
N LEU D 765 -26.48 -73.03 25.17
CA LEU D 765 -26.57 -71.68 25.70
C LEU D 765 -27.52 -71.56 26.89
N GLY D 766 -28.12 -72.65 27.34
CA GLY D 766 -29.02 -72.60 28.48
C GLY D 766 -30.24 -73.49 28.34
N VAL D 767 -31.41 -72.96 28.66
CA VAL D 767 -32.66 -73.72 28.60
C VAL D 767 -33.65 -72.97 27.73
N VAL D 768 -34.19 -73.65 26.72
CA VAL D 768 -35.13 -73.07 25.77
C VAL D 768 -36.51 -73.64 26.06
N VAL D 769 -37.47 -72.77 26.31
CA VAL D 769 -38.85 -73.15 26.58
C VAL D 769 -39.71 -72.59 25.44
N SER D 770 -40.33 -73.48 24.69
CA SER D 770 -41.29 -73.07 23.66
C SER D 770 -42.65 -72.85 24.31
N ALA D 771 -43.26 -71.70 24.00
CA ALA D 771 -44.49 -71.28 24.64
C ALA D 771 -45.68 -71.55 23.72
N GLN D 772 -46.66 -72.29 24.24
CA GLN D 772 -47.91 -72.52 23.54
C GLN D 772 -49.01 -71.56 23.95
N GLY D 773 -48.71 -70.61 24.84
CA GLY D 773 -49.69 -69.65 25.28
C GLY D 773 -49.09 -68.26 25.46
N ASN D 774 -49.72 -67.44 26.30
CA ASN D 774 -49.27 -66.08 26.55
C ASN D 774 -48.99 -65.83 28.04
N ALA D 775 -48.69 -66.89 28.78
CA ALA D 775 -48.38 -66.76 30.21
C ALA D 775 -47.73 -68.05 30.68
N LEU D 776 -46.56 -67.92 31.30
CA LEU D 776 -45.82 -69.08 31.80
C LEU D 776 -45.24 -68.76 33.17
N THR D 777 -44.99 -69.82 33.94
CA THR D 777 -44.35 -69.72 35.24
C THR D 777 -43.35 -70.85 35.38
N ILE D 778 -42.12 -70.51 35.75
CA ILE D 778 -41.04 -71.49 35.86
C ILE D 778 -40.43 -71.39 37.25
N SER D 779 -40.35 -72.52 37.95
CA SER D 779 -39.77 -72.56 39.28
C SER D 779 -38.32 -73.04 39.23
N MET E 9 -3.97 21.20 1.34
CA MET E 9 -4.77 22.35 0.94
C MET E 9 -3.88 23.51 0.52
N LYS E 10 -2.64 23.51 1.00
CA LYS E 10 -1.70 24.57 0.65
C LYS E 10 -1.43 24.57 -0.85
N ILE E 11 -1.38 25.76 -1.43
CA ILE E 11 -1.19 25.94 -2.87
C ILE E 11 0.21 26.43 -3.19
N SER E 12 0.65 27.50 -2.51
CA SER E 12 1.94 28.12 -2.77
C SER E 12 2.89 27.82 -1.63
N ASP E 13 4.07 27.28 -1.96
CA ASP E 13 5.11 27.00 -0.97
C ASP E 13 6.09 28.17 -0.93
N GLY E 14 5.56 29.32 -0.52
CA GLY E 14 6.34 30.54 -0.47
C GLY E 14 5.87 31.55 -1.51
N ASN E 15 6.82 32.14 -2.24
CA ASN E 15 6.50 33.12 -3.27
C ASN E 15 7.11 32.81 -4.63
N TRP E 16 7.96 31.80 -4.74
CA TRP E 16 8.61 31.45 -5.99
C TRP E 16 8.26 30.05 -6.49
N LEU E 17 7.97 29.11 -5.61
CA LEU E 17 7.68 27.73 -5.97
C LEU E 17 6.36 27.30 -5.36
N ILE E 18 5.89 26.12 -5.78
CA ILE E 18 4.64 25.56 -5.32
C ILE E 18 4.88 24.11 -4.89
N GLN E 19 3.91 23.57 -4.15
CA GLN E 19 4.04 22.22 -3.63
C GLN E 19 4.08 21.21 -4.78
N PRO E 20 4.79 20.09 -4.60
CA PRO E 20 4.85 19.09 -5.68
C PRO E 20 3.49 18.49 -5.97
N GLY E 21 3.31 18.05 -7.20
CA GLY E 21 2.08 17.37 -7.60
C GLY E 21 0.85 18.24 -7.58
N LEU E 22 0.97 19.49 -8.01
CA LEU E 22 -0.17 20.42 -8.07
C LEU E 22 -0.08 21.18 -9.39
N ASN E 23 -0.88 20.74 -10.37
CA ASN E 23 -0.91 21.41 -11.66
C ASN E 23 -1.77 22.66 -11.56
N LEU E 24 -1.24 23.79 -12.01
CA LEU E 24 -1.91 25.08 -11.92
C LEU E 24 -2.22 25.59 -13.32
N ILE E 25 -3.48 25.97 -13.54
CA ILE E 25 -3.90 26.56 -14.81
C ILE E 25 -4.57 27.88 -14.48
N GLN E 26 -3.97 28.99 -14.91
CA GLN E 26 -4.44 30.32 -14.55
C GLN E 26 -4.69 31.16 -15.80
N PRO E 27 -5.70 32.03 -15.78
CA PRO E 27 -5.91 32.94 -16.91
C PRO E 27 -4.82 33.99 -16.98
N VAL E 28 -4.36 34.26 -18.19
CA VAL E 28 -3.27 35.22 -18.39
C VAL E 28 -3.70 36.29 -19.40
N GLN E 29 -4.66 35.96 -20.25
CA GLN E 29 -5.07 36.88 -21.31
C GLN E 29 -6.56 36.74 -21.55
N VAL E 30 -7.16 37.80 -22.08
CA VAL E 30 -8.57 37.84 -22.43
C VAL E 30 -8.69 37.55 -23.92
N TYR E 31 -9.46 36.51 -24.26
CA TYR E 31 -9.66 36.13 -25.65
C TYR E 31 -10.91 36.73 -26.27
N GLU E 32 -12.07 36.57 -25.63
CA GLU E 32 -13.31 37.04 -26.22
C GLU E 32 -14.25 37.56 -25.14
N VAL E 33 -15.12 38.48 -25.54
CA VAL E 33 -16.14 39.06 -24.67
C VAL E 33 -17.46 39.06 -25.42
N GLU E 34 -18.54 38.69 -24.74
CA GLU E 34 -19.87 38.62 -25.32
C GLU E 34 -20.88 39.19 -24.34
N GLN E 35 -21.99 39.70 -24.89
CA GLN E 35 -23.09 40.25 -24.10
C GLN E 35 -24.33 39.40 -24.35
N GLN E 36 -24.81 38.73 -23.29
CA GLN E 36 -26.00 37.90 -23.35
C GLN E 36 -27.07 38.57 -22.51
N GLY E 37 -27.93 39.35 -23.17
CA GLY E 37 -28.98 40.07 -22.46
C GLY E 37 -28.42 41.05 -21.45
N ASN E 38 -28.62 40.76 -20.16
CA ASN E 38 -28.13 41.60 -19.09
C ASN E 38 -26.87 41.04 -18.43
N GLU E 39 -26.25 40.03 -19.03
CA GLU E 39 -25.07 39.39 -18.48
C GLU E 39 -23.90 39.53 -19.44
N MET E 40 -22.69 39.46 -18.88
CA MET E 40 -21.46 39.55 -19.66
C MET E 40 -20.69 38.24 -19.52
N VAL E 41 -20.13 37.78 -20.63
CA VAL E 41 -19.37 36.53 -20.67
C VAL E 41 -17.98 36.84 -21.19
N VAL E 42 -16.96 36.33 -20.50
CA VAL E 42 -15.56 36.52 -20.88
C VAL E 42 -14.92 35.15 -21.02
N TYR E 43 -14.37 34.86 -22.20
CA TYR E 43 -13.63 33.64 -22.46
C TYR E 43 -12.15 33.99 -22.47
N ALA E 44 -11.39 33.37 -21.56
CA ALA E 44 -9.98 33.68 -21.37
C ALA E 44 -9.15 32.42 -21.49
N ALA E 45 -7.87 32.60 -21.81
CA ALA E 45 -6.93 31.50 -21.99
C ALA E 45 -5.68 31.74 -21.16
N PRO E 46 -4.94 30.68 -20.84
CA PRO E 46 -3.74 30.84 -20.00
C PRO E 46 -2.51 31.33 -20.76
N ARG E 47 -2.59 31.46 -22.08
CA ARG E 47 -1.43 31.84 -22.87
C ARG E 47 -1.88 32.79 -23.98
N ASP E 48 -0.89 33.38 -24.64
CA ASP E 48 -1.18 34.26 -25.78
C ASP E 48 -1.89 33.48 -26.87
N VAL E 49 -2.99 34.04 -27.37
CA VAL E 49 -3.80 33.38 -28.38
C VAL E 49 -4.11 34.32 -29.52
N ARG E 50 -3.40 35.46 -29.56
CA ARG E 50 -3.59 36.40 -30.66
C ARG E 50 -3.23 35.77 -32.01
N GLU E 51 -2.28 34.85 -32.02
CA GLU E 51 -1.88 34.17 -33.23
C GLU E 51 -2.71 32.90 -33.42
N ARG E 52 -2.90 32.53 -34.69
CA ARG E 52 -3.73 31.36 -35.01
C ARG E 52 -3.09 30.05 -34.59
N ALA E 53 -1.77 30.02 -34.40
CA ALA E 53 -1.09 28.77 -34.09
C ALA E 53 -1.47 28.25 -32.71
N TRP E 54 -1.66 29.15 -31.75
CA TRP E 54 -1.92 28.76 -30.36
C TRP E 54 -3.40 28.76 -30.02
N GLN E 55 -4.28 28.87 -31.00
CA GLN E 55 -5.73 28.83 -30.76
C GLN E 55 -6.25 27.39 -30.77
N LEU E 56 -5.63 26.53 -29.98
CA LEU E 56 -6.03 25.13 -29.88
C LEU E 56 -5.16 24.45 -28.83
N ASP E 57 -5.62 23.29 -28.38
CA ASP E 57 -4.87 22.46 -27.44
C ASP E 57 -4.59 23.20 -26.13
N THR E 58 -5.49 24.08 -25.73
CA THR E 58 -5.35 24.84 -24.49
C THR E 58 -6.71 24.93 -23.81
N PRO E 59 -6.73 25.07 -22.48
CA PRO E 59 -8.02 25.25 -21.79
C PRO E 59 -8.63 26.62 -22.05
N LEU E 60 -9.77 26.90 -21.45
CA LEU E 60 -10.44 28.19 -21.63
C LEU E 60 -11.37 28.41 -20.45
N PHE E 61 -11.06 29.40 -19.62
CA PHE E 61 -11.91 29.75 -18.49
C PHE E 61 -13.05 30.65 -18.95
N THR E 62 -14.24 30.39 -18.42
CA THR E 62 -15.43 31.17 -18.73
C THR E 62 -15.87 31.93 -17.49
N LEU E 63 -15.93 33.26 -17.59
CA LEU E 63 -16.33 34.11 -16.49
C LEU E 63 -17.63 34.82 -16.86
N ARG E 64 -18.65 34.63 -16.02
CA ARG E 64 -19.96 35.23 -16.23
C ARG E 64 -20.19 36.27 -15.14
N PHE E 65 -20.47 37.50 -15.57
CA PHE E 65 -20.75 38.62 -14.67
C PHE E 65 -22.21 39.02 -14.83
N PHE E 66 -22.93 39.07 -13.71
CA PHE E 66 -24.34 39.43 -13.72
C PHE E 66 -24.65 40.26 -12.48
N SER E 67 -25.87 40.77 -12.41
CA SER E 67 -26.30 41.64 -11.32
C SER E 67 -27.66 41.16 -10.80
N PRO E 68 -27.67 40.20 -9.87
CA PRO E 68 -28.96 39.74 -9.34
C PRO E 68 -29.74 40.81 -8.61
N GLN E 69 -29.06 41.83 -8.08
CA GLN E 69 -29.73 42.91 -7.35
C GLN E 69 -28.92 44.17 -7.51
N GLU E 70 -29.58 45.31 -7.33
CA GLU E 70 -28.90 46.60 -7.42
C GLU E 70 -27.81 46.69 -6.36
N GLY E 71 -26.62 47.11 -6.78
CA GLY E 71 -25.49 47.22 -5.89
C GLY E 71 -24.76 45.93 -5.60
N ILE E 72 -25.16 44.83 -6.22
CA ILE E 72 -24.53 43.53 -6.01
C ILE E 72 -24.12 42.97 -7.36
N ILE E 73 -22.89 42.47 -7.45
CA ILE E 73 -22.35 41.91 -8.68
C ILE E 73 -21.95 40.46 -8.41
N GLY E 74 -22.44 39.54 -9.24
CA GLY E 74 -22.14 38.13 -9.09
C GLY E 74 -21.23 37.66 -10.22
N VAL E 75 -20.19 36.92 -9.83
CA VAL E 75 -19.17 36.41 -10.74
C VAL E 75 -19.16 34.90 -10.64
N ARG E 76 -19.20 34.23 -11.80
CA ARG E 76 -19.20 32.77 -11.89
C ARG E 76 -18.08 32.36 -12.82
N MET E 77 -17.06 31.71 -12.29
CA MET E 77 -15.92 31.23 -13.06
C MET E 77 -16.04 29.73 -13.23
N GLU E 78 -15.92 29.26 -14.47
CA GLU E 78 -16.14 27.87 -14.81
C GLU E 78 -15.05 27.36 -15.74
N HIS E 79 -14.75 26.07 -15.60
CA HIS E 79 -13.83 25.34 -16.46
C HIS E 79 -14.53 24.26 -17.27
N PHE E 80 -15.26 23.37 -16.60
CA PHE E 80 -16.04 22.32 -17.26
C PHE E 80 -17.51 22.50 -16.90
N GLN E 81 -18.37 22.49 -17.91
CA GLN E 81 -19.81 22.60 -17.72
C GLN E 81 -20.50 21.23 -17.68
N GLY E 82 -19.76 20.14 -17.83
CA GLY E 82 -20.34 18.81 -17.82
C GLY E 82 -20.57 18.21 -16.46
N ALA E 83 -20.15 18.90 -15.39
CA ALA E 83 -20.34 18.37 -14.05
C ALA E 83 -21.81 18.48 -13.63
N LEU E 84 -22.16 17.74 -12.57
CA LEU E 84 -23.52 17.73 -12.06
C LEU E 84 -23.67 18.76 -10.95
N ASP E 85 -24.82 19.46 -10.96
CA ASP E 85 -25.16 20.44 -9.94
C ASP E 85 -26.49 20.01 -9.33
N ASN E 86 -26.42 19.34 -8.19
CA ASN E 86 -27.60 18.79 -7.53
C ASN E 86 -28.09 19.74 -6.43
N SER E 87 -29.28 19.46 -5.93
CA SER E 87 -29.85 20.23 -4.84
C SER E 87 -29.09 19.97 -3.55
N PRO E 88 -29.19 20.87 -2.57
CA PRO E 88 -29.95 22.13 -2.56
C PRO E 88 -29.12 23.35 -2.94
N HIS E 89 -29.74 24.53 -2.92
CA HIS E 89 -29.05 25.78 -3.18
C HIS E 89 -29.51 26.82 -2.16
N TYR E 90 -28.66 27.80 -1.93
CA TYR E 90 -28.98 28.82 -0.95
C TYR E 90 -30.22 29.60 -1.39
N PRO E 91 -31.12 29.95 -0.45
CA PRO E 91 -32.34 30.69 -0.82
C PRO E 91 -32.08 32.17 -1.10
N LEU E 92 -31.64 32.46 -2.31
CA LEU E 92 -31.30 33.81 -2.72
C LEU E 92 -32.44 34.40 -3.52
N ASN E 93 -32.82 35.64 -3.18
CA ASN E 93 -33.87 36.36 -3.91
C ASN E 93 -33.22 37.10 -5.07
N VAL E 94 -33.65 36.77 -6.29
CA VAL E 94 -33.08 37.33 -7.51
C VAL E 94 -34.18 38.07 -8.25
N GLN E 95 -33.87 39.30 -8.68
CA GLN E 95 -34.80 40.14 -9.42
C GLN E 95 -34.34 40.21 -10.88
N LYS E 96 -35.29 40.01 -11.79
CA LYS E 96 -35.01 40.04 -13.22
C LYS E 96 -35.36 41.38 -13.86
N ASP E 97 -35.68 42.39 -13.05
CA ASP E 97 -36.05 43.71 -13.54
C ASP E 97 -35.07 44.76 -13.04
N VAL E 98 -33.77 44.46 -13.12
CA VAL E 98 -32.71 45.34 -12.64
C VAL E 98 -32.09 46.05 -13.83
N HIS E 99 -31.94 47.37 -13.73
CA HIS E 99 -31.33 48.15 -14.79
C HIS E 99 -29.81 48.06 -14.69
N VAL E 100 -29.16 47.61 -15.76
CA VAL E 100 -27.72 47.43 -15.80
C VAL E 100 -27.18 48.04 -17.07
N GLU E 101 -25.89 48.38 -17.04
CA GLU E 101 -25.21 48.99 -18.18
C GLU E 101 -23.97 48.19 -18.53
N ILE E 102 -23.72 48.04 -19.83
CA ILE E 102 -22.56 47.30 -20.34
C ILE E 102 -21.84 48.17 -21.34
N GLU E 103 -20.52 48.28 -21.21
CA GLU E 103 -19.67 49.04 -22.13
C GLU E 103 -18.56 48.12 -22.61
N ASN E 104 -18.58 47.78 -23.89
CA ASN E 104 -17.62 46.86 -24.49
C ASN E 104 -16.85 47.62 -25.58
N THR E 105 -15.77 48.26 -25.18
CA THR E 105 -14.88 48.96 -26.11
C THR E 105 -13.63 48.13 -26.36
N ALA E 106 -12.81 48.59 -27.31
CA ALA E 106 -11.63 47.85 -27.72
C ALA E 106 -10.56 47.79 -26.64
N GLU E 107 -10.68 48.59 -25.57
CA GLU E 107 -9.67 48.65 -24.53
C GLU E 107 -10.05 47.88 -23.27
N PHE E 108 -11.32 47.93 -22.87
CA PHE E 108 -11.74 47.29 -21.62
C PHE E 108 -13.22 46.96 -21.70
N ALA E 109 -13.67 46.10 -20.78
CA ALA E 109 -15.06 45.73 -20.65
C ALA E 109 -15.55 46.14 -19.27
N GLU E 110 -16.66 46.88 -19.24
CA GLU E 110 -17.20 47.41 -18.00
C GLU E 110 -18.66 46.98 -17.84
N LEU E 111 -19.00 46.47 -16.65
CA LEU E 111 -20.37 46.14 -16.30
C LEU E 111 -20.73 46.97 -15.07
N LYS E 112 -21.66 47.91 -15.25
CA LYS E 112 -22.02 48.87 -14.21
C LYS E 112 -23.45 48.61 -13.74
N SER E 113 -23.61 48.45 -12.43
CA SER E 113 -24.92 48.33 -11.80
C SER E 113 -24.96 49.32 -10.64
N GLY E 114 -25.98 50.17 -10.63
CA GLY E 114 -26.08 51.17 -9.58
C GLY E 114 -24.82 52.01 -9.52
N SER E 115 -24.25 52.13 -8.32
CA SER E 115 -23.02 52.87 -8.13
C SER E 115 -21.77 52.00 -8.23
N LEU E 116 -21.93 50.69 -8.42
CA LEU E 116 -20.80 49.77 -8.51
C LEU E 116 -20.55 49.40 -9.96
N SER E 117 -19.31 49.02 -10.25
CA SER E 117 -18.95 48.57 -11.59
C SER E 117 -17.79 47.58 -11.49
N VAL E 118 -17.69 46.74 -12.52
CA VAL E 118 -16.61 45.77 -12.66
C VAL E 118 -15.93 46.02 -13.99
N ARG E 119 -14.61 46.14 -13.96
CA ARG E 119 -13.82 46.46 -15.14
C ARG E 119 -12.79 45.37 -15.38
N VAL E 120 -12.69 44.93 -16.64
CA VAL E 120 -11.70 43.95 -17.07
C VAL E 120 -10.90 44.57 -18.20
N THR E 121 -9.57 44.51 -18.08
CA THR E 121 -8.68 45.11 -19.05
C THR E 121 -8.23 44.06 -20.07
N LYS E 122 -8.38 44.37 -21.34
CA LYS E 122 -7.98 43.48 -22.41
C LYS E 122 -6.52 43.73 -22.80
N GLY E 123 -6.00 42.83 -23.64
CA GLY E 123 -4.63 42.93 -24.10
C GLY E 123 -3.71 41.92 -23.44
N GLU E 124 -2.42 42.25 -23.35
CA GLU E 124 -1.46 41.32 -22.76
C GLU E 124 -1.59 41.27 -21.24
N PHE E 125 -2.04 42.36 -20.62
CA PHE E 125 -2.13 42.46 -19.17
C PHE E 125 -3.55 42.12 -18.74
N TRP E 126 -3.70 41.05 -17.97
CA TRP E 126 -4.99 40.65 -17.43
C TRP E 126 -5.16 41.22 -16.03
N ALA E 127 -6.30 41.86 -15.79
CA ALA E 127 -6.57 42.47 -14.49
C ALA E 127 -8.07 42.65 -14.33
N LEU E 128 -8.55 42.45 -13.11
CA LEU E 128 -9.96 42.63 -12.77
C LEU E 128 -10.06 43.63 -11.63
N ASP E 129 -10.94 44.61 -11.78
CA ASP E 129 -11.09 45.67 -10.79
C ASP E 129 -12.56 45.91 -10.47
N PHE E 130 -12.83 46.28 -9.23
CA PHE E 130 -14.16 46.70 -8.79
C PHE E 130 -14.10 48.18 -8.44
N LEU E 131 -14.97 48.97 -9.06
CA LEU E 131 -14.94 50.42 -8.94
C LEU E 131 -16.23 50.91 -8.31
N ARG E 132 -16.10 51.75 -7.28
CA ARG E 132 -17.24 52.40 -6.63
C ARG E 132 -17.25 53.84 -7.13
N ASP E 133 -17.96 54.08 -8.23
CA ASP E 133 -18.06 55.39 -8.85
C ASP E 133 -16.76 55.79 -9.56
N GLY E 134 -16.00 54.80 -10.03
CA GLY E 134 -14.81 55.05 -10.83
C GLY E 134 -13.50 54.94 -10.08
N VAL E 135 -13.53 54.58 -8.80
CA VAL E 135 -12.32 54.45 -7.99
C VAL E 135 -12.23 53.00 -7.52
N ARG E 136 -11.07 52.38 -7.73
CA ARG E 136 -10.89 50.99 -7.36
C ARG E 136 -10.93 50.82 -5.85
N ILE E 137 -11.55 49.74 -5.39
CA ILE E 137 -11.60 49.40 -3.98
C ILE E 137 -10.95 48.04 -3.77
N THR E 138 -11.00 47.19 -4.79
CA THR E 138 -10.41 45.85 -4.71
C THR E 138 -10.44 45.24 -6.12
N GLY E 139 -9.94 44.02 -6.22
CA GLY E 139 -9.92 43.33 -7.48
C GLY E 139 -8.96 42.15 -7.44
N SER E 140 -8.76 41.56 -8.62
CA SER E 140 -7.88 40.42 -8.80
C SER E 140 -6.77 40.80 -9.77
N GLN E 141 -5.53 40.52 -9.38
CA GLN E 141 -4.37 40.82 -10.18
C GLN E 141 -4.06 39.63 -11.10
N LEU E 142 -2.90 39.67 -11.75
CA LEU E 142 -2.50 38.61 -12.67
C LEU E 142 -2.10 37.35 -11.90
N LYS E 143 -2.44 36.20 -12.47
CA LYS E 143 -2.06 34.90 -11.92
C LYS E 143 -2.49 34.75 -10.46
N ASN E 144 -3.76 35.12 -10.19
CA ASN E 144 -4.35 34.98 -8.88
C ASN E 144 -5.73 34.35 -8.92
N ASN E 145 -6.15 33.82 -10.07
CA ASN E 145 -7.46 33.21 -10.25
C ASN E 145 -7.31 31.80 -10.82
N GLY E 146 -6.40 31.02 -10.22
CA GLY E 146 -6.01 29.75 -10.80
C GLY E 146 -6.95 28.60 -10.50
N TYR E 147 -6.69 27.50 -11.20
CA TYR E 147 -7.38 26.23 -11.02
C TYR E 147 -6.35 25.15 -10.76
N VAL E 148 -6.57 24.35 -9.71
CA VAL E 148 -5.56 23.44 -9.18
C VAL E 148 -6.03 22.01 -9.39
N GLN E 149 -5.15 21.18 -9.94
CA GLN E 149 -5.36 19.74 -10.07
C GLN E 149 -4.35 19.03 -9.18
N ASP E 150 -4.85 18.19 -8.27
CA ASP E 150 -4.01 17.45 -7.33
C ASP E 150 -4.01 15.99 -7.76
N SER E 151 -2.84 15.49 -8.16
CA SER E 151 -2.72 14.11 -8.61
C SER E 151 -2.73 13.12 -7.45
N LYS E 152 -2.23 13.53 -6.27
CA LYS E 152 -2.20 12.62 -5.12
C LYS E 152 -3.60 12.12 -4.79
N THR E 153 -4.55 13.05 -4.63
CA THR E 153 -5.94 12.69 -4.35
C THR E 153 -6.80 12.71 -5.61
N GLN E 154 -6.21 13.00 -6.78
CA GLN E 154 -6.97 13.08 -8.03
C GLN E 154 -8.16 14.03 -7.87
N ARG E 155 -7.92 15.17 -7.23
CA ARG E 155 -8.97 16.13 -6.92
C ARG E 155 -8.75 17.42 -7.71
N ASN E 156 -9.78 18.27 -7.70
CA ASN E 156 -9.75 19.55 -8.39
C ASN E 156 -10.26 20.64 -7.46
N TYR E 157 -9.59 21.79 -7.49
CA TYR E 157 -9.93 22.92 -6.63
C TYR E 157 -9.94 24.20 -7.44
N MET E 158 -10.81 25.13 -7.03
CA MET E 158 -10.88 26.46 -7.61
C MET E 158 -10.69 27.48 -6.50
N PHE E 159 -9.71 28.37 -6.67
CA PHE E 159 -9.38 29.36 -5.65
C PHE E 159 -9.36 30.74 -6.27
N GLU E 160 -9.70 31.73 -5.45
CA GLU E 160 -9.74 33.12 -5.88
C GLU E 160 -9.15 34.00 -4.79
N ARG E 161 -8.38 35.00 -5.20
CA ARG E 161 -7.72 35.94 -4.30
C ARG E 161 -8.20 37.35 -4.59
N LEU E 162 -8.48 38.10 -3.53
CA LEU E 162 -8.92 39.48 -3.62
C LEU E 162 -7.93 40.38 -2.89
N ASP E 163 -7.57 41.50 -3.51
CA ASP E 163 -6.54 42.36 -2.96
C ASP E 163 -7.04 43.08 -1.72
N LEU E 164 -6.09 43.47 -0.86
CA LEU E 164 -6.37 44.24 0.34
C LEU E 164 -5.43 45.44 0.38
N GLY E 165 -5.98 46.61 0.66
CA GLY E 165 -5.19 47.82 0.80
C GLY E 165 -4.62 47.96 2.19
N VAL E 166 -4.16 49.17 2.50
CA VAL E 166 -3.58 49.46 3.80
C VAL E 166 -4.71 49.78 4.78
N GLY E 167 -4.67 49.17 5.95
CA GLY E 167 -5.66 49.40 6.97
C GLY E 167 -6.92 48.55 6.86
N GLU E 168 -6.97 47.63 5.89
CA GLU E 168 -8.15 46.79 5.74
C GLU E 168 -8.32 45.87 6.94
N THR E 169 -9.57 45.71 7.38
CA THR E 169 -9.91 44.82 8.47
C THR E 169 -11.11 43.97 8.05
N VAL E 170 -11.04 42.68 8.32
CA VAL E 170 -12.05 41.72 7.89
C VAL E 170 -12.87 41.30 9.11
N TYR E 171 -14.19 41.28 8.95
CA TYR E 171 -15.09 40.89 10.02
C TYR E 171 -16.15 39.94 9.50
N GLY E 172 -16.73 39.17 10.42
CA GLY E 172 -17.84 38.29 10.08
C GLY E 172 -17.46 36.83 10.09
N LEU E 173 -17.82 36.10 9.03
CA LEU E 173 -17.54 34.68 8.90
C LEU E 173 -18.23 33.85 9.98
N GLY E 174 -19.36 34.35 10.48
CA GLY E 174 -20.18 33.57 11.40
C GLY E 174 -19.77 33.75 12.85
N GLU E 175 -20.26 32.82 13.67
CA GLU E 175 -20.01 32.82 15.11
C GLU E 175 -18.61 32.29 15.36
N ARG E 176 -17.65 33.18 15.57
CA ARG E 176 -16.28 32.82 15.92
C ARG E 176 -15.92 33.47 17.24
N PHE E 177 -15.32 32.69 18.13
CA PHE E 177 -14.90 33.16 19.44
C PHE E 177 -13.44 33.57 19.48
N THR E 178 -12.78 33.60 18.32
CA THR E 178 -11.40 34.06 18.23
C THR E 178 -11.38 35.58 18.24
N ALA E 179 -10.23 36.17 17.91
CA ALA E 179 -10.12 37.63 17.87
C ALA E 179 -11.13 38.20 16.87
N LEU E 180 -11.66 39.37 17.20
CA LEU E 180 -12.69 39.97 16.36
C LEU E 180 -12.18 40.21 14.94
N VAL E 181 -10.94 40.70 14.82
CA VAL E 181 -10.34 40.90 13.51
C VAL E 181 -9.88 39.55 12.98
N ARG E 182 -10.31 39.23 11.76
CA ARG E 182 -10.02 37.93 11.15
C ARG E 182 -8.67 37.88 10.47
N ASN E 183 -7.91 38.97 10.46
CA ASN E 183 -6.60 38.96 9.84
C ASN E 183 -5.69 37.94 10.54
N GLY E 184 -5.02 37.12 9.73
CA GLY E 184 -4.13 36.10 10.26
C GLY E 184 -4.78 34.80 10.63
N GLN E 185 -6.04 34.58 10.27
CA GLN E 185 -6.78 33.39 10.64
C GLN E 185 -7.11 32.57 9.40
N THR E 186 -6.87 31.26 9.48
CA THR E 186 -7.22 30.34 8.40
C THR E 186 -8.56 29.67 8.70
N VAL E 187 -9.61 30.50 8.71
CA VAL E 187 -10.94 30.01 9.04
C VAL E 187 -11.45 29.06 7.97
N GLU E 188 -12.27 28.10 8.39
CA GLU E 188 -12.91 27.15 7.50
C GLU E 188 -14.38 27.02 7.87
N THR E 189 -15.24 26.95 6.85
CA THR E 189 -16.69 26.90 7.06
C THR E 189 -17.12 25.43 7.09
N TRP E 190 -17.33 24.91 8.29
CA TRP E 190 -17.82 23.54 8.45
C TRP E 190 -18.44 23.42 9.83
N ASN E 191 -19.76 23.26 9.89
CA ASN E 191 -20.45 23.18 11.17
C ASN E 191 -19.93 22.01 11.98
N GLU E 192 -19.63 22.28 13.25
CA GLU E 192 -19.11 21.24 14.14
C GLU E 192 -19.44 21.63 15.58
N ASP E 193 -19.71 20.63 16.41
CA ASP E 193 -20.04 20.84 17.82
C ASP E 193 -18.77 20.63 18.63
N GLY E 194 -17.94 21.66 18.73
CA GLY E 194 -16.69 21.58 19.44
C GLY E 194 -16.57 22.59 20.57
N GLY E 195 -17.70 23.01 21.12
CA GLY E 195 -17.69 23.97 22.19
C GLY E 195 -17.45 25.38 21.70
N THR E 196 -17.17 26.26 22.66
CA THR E 196 -16.90 27.66 22.38
C THR E 196 -15.43 28.03 22.49
N SER E 197 -14.67 27.34 23.35
CA SER E 197 -13.25 27.64 23.49
C SER E 197 -12.51 27.33 22.19
N THR E 198 -12.84 26.22 21.54
CA THR E 198 -12.17 25.83 20.31
C THR E 198 -12.59 26.73 19.16
N GLU E 199 -11.74 26.79 18.13
CA GLU E 199 -12.04 27.60 16.96
C GLU E 199 -13.26 27.09 16.21
N GLN E 200 -13.66 25.84 16.42
CA GLN E 200 -14.84 25.31 15.76
C GLN E 200 -16.07 26.10 16.15
N SER E 201 -16.97 26.27 15.18
CA SER E 201 -18.16 27.09 15.35
C SER E 201 -19.41 26.26 15.06
N TYR E 202 -20.44 26.45 15.89
CA TYR E 202 -21.71 25.76 15.68
C TYR E 202 -22.34 26.19 14.37
N LYS E 203 -22.31 27.49 14.06
CA LYS E 203 -22.95 28.05 12.88
C LYS E 203 -21.89 28.73 12.02
N ASN E 204 -21.83 28.34 10.74
CA ASN E 204 -20.87 28.89 9.80
C ASN E 204 -21.60 29.37 8.56
N ILE E 205 -21.26 30.58 8.12
CA ILE E 205 -21.87 31.17 6.93
C ILE E 205 -20.77 31.89 6.15
N PRO E 206 -20.49 31.50 4.90
CA PRO E 206 -19.39 32.15 4.17
C PRO E 206 -19.75 33.55 3.70
N PHE E 207 -19.26 34.54 4.43
CA PHE E 207 -19.47 35.95 4.08
C PHE E 207 -18.58 36.79 4.98
N TYR E 208 -17.92 37.79 4.39
CA TYR E 208 -17.07 38.66 5.17
C TYR E 208 -17.29 40.11 4.75
N LEU E 209 -16.96 41.02 5.66
CA LEU E 209 -17.16 42.45 5.47
C LEU E 209 -15.86 43.18 5.78
N THR E 210 -15.70 44.35 5.15
CA THR E 210 -14.51 45.17 5.30
C THR E 210 -14.90 46.58 5.72
N ASN E 211 -14.00 47.24 6.43
CA ASN E 211 -14.27 48.57 6.95
C ASN E 211 -14.45 49.60 5.83
N ARG E 212 -14.00 49.29 4.62
CA ARG E 212 -14.09 50.25 3.52
C ARG E 212 -15.48 50.34 2.91
N GLY E 213 -16.39 49.47 3.30
CA GLY E 213 -17.76 49.52 2.83
C GLY E 213 -18.16 48.48 1.80
N TYR E 214 -17.34 47.45 1.57
CA TYR E 214 -17.65 46.41 0.60
C TYR E 214 -17.60 45.05 1.29
N GLY E 215 -18.53 44.17 0.90
CA GLY E 215 -18.60 42.84 1.48
C GLY E 215 -18.61 41.78 0.39
N VAL E 216 -18.19 40.58 0.78
CA VAL E 216 -18.06 39.46 -0.14
C VAL E 216 -18.83 38.27 0.40
N LEU E 217 -19.53 37.57 -0.49
CA LEU E 217 -20.30 36.38 -0.16
C LEU E 217 -19.92 35.27 -1.12
N VAL E 218 -19.86 34.04 -0.62
CA VAL E 218 -19.56 32.87 -1.42
C VAL E 218 -20.79 31.97 -1.43
N ASN E 219 -21.30 31.66 -2.62
CA ASN E 219 -22.48 30.83 -2.78
C ASN E 219 -22.02 29.38 -2.98
N HIS E 220 -21.69 28.74 -1.87
CA HIS E 220 -21.24 27.35 -1.88
C HIS E 220 -21.57 26.74 -0.52
N PRO E 221 -22.71 26.04 -0.40
CA PRO E 221 -23.04 25.41 0.89
C PRO E 221 -21.99 24.40 1.34
N GLN E 222 -21.28 23.78 0.41
CA GLN E 222 -20.25 22.81 0.77
C GLN E 222 -19.10 23.52 1.49
N ARG E 223 -18.11 22.73 1.91
CA ARG E 223 -16.97 23.27 2.64
C ARG E 223 -16.24 24.30 1.80
N VAL E 224 -15.90 25.43 2.43
CA VAL E 224 -15.15 26.51 1.78
C VAL E 224 -13.94 26.81 2.64
N SER E 225 -12.77 26.86 2.00
CA SER E 225 -11.51 27.12 2.70
C SER E 225 -11.17 28.59 2.56
N PHE E 226 -11.03 29.27 3.70
CA PHE E 226 -10.74 30.69 3.74
C PHE E 226 -9.35 30.92 4.33
N GLU E 227 -8.63 31.90 3.77
CA GLU E 227 -7.31 32.30 4.24
C GLU E 227 -7.27 33.82 4.23
N VAL E 228 -7.32 34.41 5.43
CA VAL E 228 -7.23 35.86 5.62
C VAL E 228 -5.96 36.14 6.39
N GLY E 229 -5.07 36.94 5.80
CA GLY E 229 -3.80 37.25 6.42
C GLY E 229 -2.80 36.12 6.39
N SER E 230 -3.16 34.97 5.82
CA SER E 230 -2.25 33.85 5.67
C SER E 230 -1.36 34.06 4.46
N GLU E 231 -0.72 33.01 3.96
CA GLU E 231 0.07 33.09 2.74
C GLU E 231 -0.63 33.99 1.74
N LYS E 232 0.15 34.85 1.08
CA LYS E 232 -0.37 36.00 0.36
C LYS E 232 -1.09 36.94 1.31
N VAL E 233 -0.30 37.50 2.22
CA VAL E 233 -0.84 38.32 3.31
C VAL E 233 -1.66 39.48 2.76
N SER E 234 -1.16 40.13 1.71
CA SER E 234 -1.84 41.29 1.14
C SER E 234 -3.11 40.91 0.37
N LYS E 235 -3.56 39.67 0.43
CA LYS E 235 -4.75 39.24 -0.28
C LYS E 235 -5.54 38.26 0.59
N VAL E 236 -6.83 38.18 0.30
CA VAL E 236 -7.74 37.25 0.96
C VAL E 236 -8.07 36.15 -0.04
N GLN E 237 -7.84 34.90 0.35
CA GLN E 237 -8.01 33.76 -0.54
C GLN E 237 -9.20 32.92 -0.09
N PHE E 238 -10.00 32.47 -1.05
CA PHE E 238 -11.04 31.49 -0.76
C PHE E 238 -11.05 30.44 -1.86
N SER E 239 -11.06 29.18 -1.45
CA SER E 239 -10.97 28.05 -2.36
C SER E 239 -12.07 27.04 -2.04
N VAL E 240 -12.49 26.32 -3.07
CA VAL E 240 -13.56 25.34 -2.94
C VAL E 240 -13.30 24.19 -3.91
N GLU E 241 -13.70 22.99 -3.49
CA GLU E 241 -13.60 21.81 -4.34
C GLU E 241 -14.70 21.82 -5.39
N GLY E 242 -14.36 21.31 -6.58
CA GLY E 242 -15.31 21.25 -7.67
C GLY E 242 -14.75 21.79 -8.97
N GLU E 243 -15.62 22.36 -9.81
CA GLU E 243 -15.19 22.89 -11.09
C GLU E 243 -15.68 24.32 -11.35
N TYR E 244 -16.59 24.85 -10.54
CA TYR E 244 -17.12 26.19 -10.72
C TYR E 244 -17.06 26.94 -9.40
N LEU E 245 -16.76 28.23 -9.48
CA LEU E 245 -16.69 29.10 -8.30
C LEU E 245 -17.58 30.31 -8.53
N GLU E 246 -18.53 30.52 -7.64
CA GLU E 246 -19.47 31.64 -7.72
C GLU E 246 -19.37 32.48 -6.47
N TYR E 247 -19.27 33.80 -6.65
CA TYR E 247 -19.20 34.69 -5.50
C TYR E 247 -19.79 36.05 -5.86
N PHE E 248 -20.35 36.71 -4.84
CA PHE E 248 -21.02 37.99 -5.01
C PHE E 248 -20.30 39.06 -4.20
N VAL E 249 -20.29 40.28 -4.75
CA VAL E 249 -19.68 41.44 -4.11
C VAL E 249 -20.77 42.49 -3.94
N ILE E 250 -20.87 43.04 -2.72
CA ILE E 250 -21.87 44.04 -2.39
C ILE E 250 -21.16 45.32 -1.98
N ASP E 251 -21.58 46.44 -2.56
CA ASP E 251 -20.98 47.73 -2.28
C ASP E 251 -21.77 48.45 -1.19
N GLY E 252 -21.40 49.70 -0.93
CA GLY E 252 -22.06 50.51 0.07
C GLY E 252 -21.12 51.50 0.72
N PRO E 253 -21.55 52.75 0.88
CA PRO E 253 -20.68 53.74 1.53
C PRO E 253 -20.25 53.33 2.93
N THR E 254 -21.13 52.68 3.68
CA THR E 254 -20.86 52.28 5.06
C THR E 254 -21.23 50.82 5.25
N PRO E 255 -20.66 50.16 6.26
CA PRO E 255 -21.02 48.75 6.51
C PRO E 255 -22.51 48.55 6.75
N LYS E 256 -23.20 49.56 7.29
CA LYS E 256 -24.63 49.42 7.55
C LYS E 256 -25.40 49.21 6.25
N ALA E 257 -25.03 49.95 5.20
CA ALA E 257 -25.68 49.76 3.91
C ALA E 257 -25.39 48.37 3.35
N VAL E 258 -24.17 47.88 3.54
CA VAL E 258 -23.82 46.54 3.09
C VAL E 258 -24.68 45.50 3.80
N LEU E 259 -24.85 45.66 5.12
CA LEU E 259 -25.69 44.74 5.87
C LEU E 259 -27.13 44.82 5.41
N ASN E 260 -27.63 46.03 5.11
CA ASN E 260 -28.98 46.19 4.61
C ASN E 260 -29.16 45.43 3.30
N ARG E 261 -28.21 45.61 2.37
CA ARG E 261 -28.30 44.92 1.09
C ARG E 261 -28.24 43.41 1.27
N TYR E 262 -27.35 42.93 2.15
CA TYR E 262 -27.25 41.49 2.38
C TYR E 262 -28.54 40.93 2.96
N THR E 263 -29.14 41.65 3.92
CA THR E 263 -30.38 41.19 4.52
C THR E 263 -31.52 41.19 3.51
N GLN E 264 -31.54 42.19 2.63
CA GLN E 264 -32.55 42.19 1.57
C GLN E 264 -32.33 41.02 0.62
N PHE E 265 -31.07 40.67 0.36
CA PHE E 265 -30.77 39.61 -0.60
C PHE E 265 -31.10 38.23 -0.05
N THR E 266 -30.76 37.98 1.21
CA THR E 266 -30.87 36.63 1.78
C THR E 266 -32.10 36.45 2.67
N GLY E 267 -32.77 37.53 3.05
CA GLY E 267 -33.94 37.41 3.92
C GLY E 267 -33.88 38.34 5.10
N ARG E 268 -34.95 39.13 5.30
CA ARG E 268 -34.99 40.08 6.41
C ARG E 268 -35.25 39.34 7.72
N PRO E 269 -34.54 39.71 8.80
CA PRO E 269 -34.84 39.10 10.10
C PRO E 269 -36.26 39.40 10.54
N ALA E 270 -36.87 38.43 11.23
CA ALA E 270 -38.21 38.58 11.74
C ALA E 270 -38.19 39.43 13.02
N LEU E 271 -39.39 39.82 13.45
CA LEU E 271 -39.55 40.64 14.65
C LEU E 271 -40.02 39.76 15.80
N PRO E 272 -39.18 39.49 16.81
CA PRO E 272 -39.64 38.66 17.93
C PRO E 272 -40.72 39.37 18.71
N PRO E 273 -41.59 38.63 19.40
CA PRO E 273 -42.65 39.26 20.18
C PRO E 273 -42.09 40.04 21.36
N ALA E 274 -42.90 40.98 21.86
CA ALA E 274 -42.46 41.84 22.95
C ALA E 274 -42.17 41.03 24.21
N TRP E 275 -43.02 40.05 24.53
CA TRP E 275 -42.83 39.28 25.75
C TRP E 275 -41.55 38.45 25.70
N SER E 276 -41.02 38.17 24.51
CA SER E 276 -39.78 37.41 24.42
C SER E 276 -38.60 38.19 24.98
N PHE E 277 -38.68 39.52 24.96
CA PHE E 277 -37.62 40.38 25.49
C PHE E 277 -37.78 40.47 27.01
N GLY E 278 -37.36 39.41 27.68
CA GLY E 278 -37.46 39.35 29.12
C GLY E 278 -36.49 38.34 29.70
N LEU E 279 -36.58 38.17 31.01
CA LEU E 279 -35.73 37.22 31.72
C LEU E 279 -36.24 35.80 31.51
N TRP E 280 -35.34 34.88 31.18
CA TRP E 280 -35.66 33.48 31.02
C TRP E 280 -34.93 32.67 32.08
N LEU E 281 -35.61 31.69 32.65
CA LEU E 281 -35.04 30.79 33.65
C LEU E 281 -35.23 29.35 33.18
N THR E 282 -34.24 28.51 33.46
CA THR E 282 -34.31 27.10 33.12
C THR E 282 -34.08 26.25 34.38
N THR E 283 -34.42 24.97 34.26
CA THR E 283 -34.25 24.01 35.33
C THR E 283 -32.91 23.28 35.25
N SER E 284 -31.89 23.90 34.64
CA SER E 284 -30.58 23.28 34.50
C SER E 284 -30.68 21.98 33.71
N PHE E 285 -29.53 21.32 33.49
CA PHE E 285 -29.47 20.12 32.66
C PHE E 285 -29.43 18.84 33.48
N THR E 286 -28.46 18.70 34.36
CA THR E 286 -28.26 17.48 35.12
C THR E 286 -28.95 17.50 36.49
N THR E 287 -29.46 18.65 36.91
CA THR E 287 -30.11 18.74 38.21
C THR E 287 -31.40 17.93 38.24
N ASN E 288 -31.77 17.47 39.43
CA ASN E 288 -33.01 16.73 39.64
C ASN E 288 -34.12 17.73 39.93
N TYR E 289 -35.10 17.83 39.03
CA TYR E 289 -36.20 18.76 39.19
C TYR E 289 -37.51 18.06 38.84
N ASP E 290 -38.59 18.56 39.42
CA ASP E 290 -39.92 18.03 39.19
C ASP E 290 -40.91 19.18 39.34
N GLU E 291 -42.20 18.84 39.44
CA GLU E 291 -43.22 19.88 39.59
C GLU E 291 -43.01 20.67 40.88
N ALA E 292 -42.72 19.98 41.98
CA ALA E 292 -42.51 20.66 43.25
C ALA E 292 -41.32 21.60 43.18
N THR E 293 -40.24 21.17 42.53
CA THR E 293 -39.07 22.03 42.41
C THR E 293 -39.38 23.30 41.63
N VAL E 294 -40.11 23.17 40.53
CA VAL E 294 -40.48 24.33 39.73
C VAL E 294 -41.37 25.27 40.54
N ASN E 295 -42.36 24.71 41.25
CA ASN E 295 -43.24 25.53 42.06
C ASN E 295 -42.47 26.27 43.14
N SER E 296 -41.54 25.58 43.81
CA SER E 296 -40.76 26.23 44.86
C SER E 296 -39.87 27.33 44.28
N PHE E 297 -39.25 27.07 43.12
CA PHE E 297 -38.42 28.10 42.49
C PHE E 297 -39.24 29.33 42.15
N ILE E 298 -40.43 29.12 41.57
CA ILE E 298 -41.28 30.25 41.19
C ILE E 298 -41.73 31.02 42.43
N ASP E 299 -42.12 30.30 43.49
CA ASP E 299 -42.55 30.96 44.71
C ASP E 299 -41.41 31.77 45.33
N GLY E 300 -40.21 31.20 45.37
CA GLY E 300 -39.07 31.93 45.90
C GLY E 300 -38.74 33.17 45.09
N MET E 301 -38.81 33.05 43.76
CA MET E 301 -38.55 34.20 42.90
C MET E 301 -39.59 35.29 43.14
N ALA E 302 -40.86 34.91 43.26
CA ALA E 302 -41.91 35.89 43.50
C ALA E 302 -41.75 36.55 44.86
N GLU E 303 -41.36 35.78 45.89
CA GLU E 303 -41.23 36.33 47.22
C GLU E 303 -40.16 37.41 47.28
N ARG E 304 -39.03 37.20 46.59
CA ARG E 304 -37.93 38.15 46.60
C ARG E 304 -38.15 39.33 45.66
N HIS E 305 -39.38 39.53 45.17
CA HIS E 305 -39.69 40.66 44.29
C HIS E 305 -38.80 40.65 43.05
N LEU E 306 -38.57 39.46 42.50
CA LEU E 306 -37.79 39.32 41.28
C LEU E 306 -38.72 38.97 40.14
N PRO E 307 -39.03 39.89 39.23
CA PRO E 307 -39.96 39.56 38.14
C PRO E 307 -39.42 38.45 37.26
N LEU E 308 -40.34 37.58 36.80
CA LEU E 308 -40.00 36.51 35.88
C LEU E 308 -41.09 36.44 34.81
N HIS E 309 -40.67 36.19 33.57
CA HIS E 309 -41.59 36.20 32.44
C HIS E 309 -41.61 34.89 31.66
N VAL E 310 -40.47 34.20 31.55
CA VAL E 310 -40.35 33.01 30.73
C VAL E 310 -39.71 31.89 31.57
N PHE E 311 -40.23 30.68 31.42
CA PHE E 311 -39.70 29.50 32.05
C PHE E 311 -39.41 28.44 30.98
N HIS E 312 -38.38 27.64 31.21
CA HIS E 312 -37.90 26.68 30.24
C HIS E 312 -37.68 25.33 30.90
N PHE E 313 -38.00 24.27 30.15
CA PHE E 313 -37.75 22.90 30.57
C PHE E 313 -36.63 22.33 29.71
N ASP E 314 -35.64 21.72 30.36
CA ASP E 314 -34.45 21.24 29.67
C ASP E 314 -34.69 19.83 29.14
N CYS E 315 -33.61 19.17 28.70
CA CYS E 315 -33.74 17.91 27.99
C CYS E 315 -34.44 16.85 28.81
N PHE E 316 -34.26 16.85 30.12
CA PHE E 316 -34.73 15.75 30.96
C PHE E 316 -36.23 15.81 31.24
N TRP E 317 -36.98 16.66 30.55
CA TRP E 317 -38.43 16.58 30.66
C TRP E 317 -38.98 15.33 29.99
N MET E 318 -38.19 14.66 29.15
CA MET E 318 -38.54 13.37 28.58
C MET E 318 -37.92 12.27 29.44
N LYS E 319 -37.99 11.03 28.97
CA LYS E 319 -37.39 9.91 29.67
C LYS E 319 -35.93 9.75 29.25
N ALA E 320 -35.13 9.21 30.15
CA ALA E 320 -33.71 9.03 29.87
C ALA E 320 -33.50 8.04 28.73
N PHE E 321 -32.51 8.32 27.89
CA PHE E 321 -32.19 7.49 26.72
C PHE E 321 -33.35 7.40 25.74
N GLN E 322 -34.29 8.35 25.82
CA GLN E 322 -35.49 8.34 24.99
C GLN E 322 -35.55 9.50 24.02
N TRP E 323 -34.68 10.50 24.16
CA TRP E 323 -34.81 11.73 23.37
C TRP E 323 -34.53 11.44 21.90
N CYS E 324 -35.33 11.98 20.98
CA CYS E 324 -36.56 12.75 21.25
C CYS E 324 -37.78 11.87 21.00
N ASP E 325 -38.63 11.74 22.02
CA ASP E 325 -39.83 10.92 21.93
C ASP E 325 -41.12 11.70 22.14
N PHE E 326 -41.05 12.94 22.64
CA PHE E 326 -42.21 13.82 22.74
C PHE E 326 -43.28 13.26 23.67
N GLU E 327 -42.88 12.57 24.73
CA GLU E 327 -43.81 12.10 25.76
C GLU E 327 -43.26 12.46 27.13
N TRP E 328 -44.13 13.01 27.98
CA TRP E 328 -43.73 13.40 29.31
C TRP E 328 -43.46 12.18 30.18
N ASP E 329 -42.49 12.29 31.07
CA ASP E 329 -42.18 11.19 31.97
C ASP E 329 -43.26 11.07 33.03
N PRO E 330 -43.95 9.93 33.15
CA PRO E 330 -45.01 9.84 34.16
C PRO E 330 -44.52 9.98 35.58
N LEU E 331 -43.28 9.54 35.87
CA LEU E 331 -42.79 9.54 37.25
C LEU E 331 -42.42 10.93 37.74
N THR E 332 -42.25 11.89 36.84
CA THR E 332 -41.83 13.24 37.22
C THR E 332 -42.90 14.29 37.01
N PHE E 333 -43.66 14.20 35.91
CA PHE E 333 -44.72 15.16 35.59
C PHE E 333 -45.99 14.38 35.28
N PRO E 334 -46.68 13.88 36.30
CA PRO E 334 -47.90 13.09 36.04
C PRO E 334 -48.96 13.85 35.26
N ASP E 335 -49.10 15.15 35.49
CA ASP E 335 -50.14 15.97 34.86
C ASP E 335 -49.51 17.20 34.25
N PRO E 336 -48.86 17.06 33.09
CA PRO E 336 -48.26 18.25 32.44
C PRO E 336 -49.28 19.32 32.12
N GLU E 337 -50.50 18.94 31.73
CA GLU E 337 -51.50 19.93 31.36
C GLU E 337 -51.86 20.82 32.54
N GLY E 338 -52.07 20.22 33.71
CA GLY E 338 -52.40 21.02 34.88
C GLY E 338 -51.28 21.96 35.28
N MET E 339 -50.03 21.47 35.23
CA MET E 339 -48.89 22.31 35.56
C MET E 339 -48.79 23.49 34.59
N ILE E 340 -48.96 23.22 33.28
CA ILE E 340 -48.87 24.28 32.30
C ILE E 340 -49.99 25.29 32.51
N LYS E 341 -51.20 24.82 32.78
CA LYS E 341 -52.31 25.74 33.03
C LYS E 341 -52.05 26.60 34.25
N ARG E 342 -51.54 26.00 35.33
CA ARG E 342 -51.24 26.77 36.54
C ARG E 342 -50.17 27.81 36.26
N LEU E 343 -49.11 27.43 35.53
CA LEU E 343 -48.06 28.39 35.22
C LEU E 343 -48.60 29.54 34.37
N LYS E 344 -49.43 29.23 33.37
CA LYS E 344 -49.98 30.27 32.52
C LYS E 344 -50.89 31.21 33.31
N ALA E 345 -51.69 30.65 34.22
CA ALA E 345 -52.54 31.49 35.07
C ALA E 345 -51.72 32.41 35.95
N LYS E 346 -50.47 32.06 36.25
CA LYS E 346 -49.62 32.88 37.08
C LYS E 346 -48.97 34.02 36.32
N GLY E 347 -49.12 34.08 35.01
CA GLY E 347 -48.54 35.12 34.20
C GLY E 347 -47.22 34.78 33.54
N LEU E 348 -46.81 33.52 33.58
CA LEU E 348 -45.55 33.08 32.99
C LEU E 348 -45.80 32.44 31.63
N LYS E 349 -44.72 32.02 30.98
CA LYS E 349 -44.78 31.33 29.70
C LYS E 349 -44.03 30.01 29.80
N VAL E 350 -44.49 29.03 29.02
CA VAL E 350 -43.91 27.69 28.99
C VAL E 350 -43.35 27.44 27.61
N CYS E 351 -42.15 26.88 27.55
CA CYS E 351 -41.46 26.66 26.29
C CYS E 351 -40.34 25.64 26.51
N VAL E 352 -40.16 24.74 25.54
CA VAL E 352 -39.51 23.46 25.82
C VAL E 352 -38.27 23.24 24.95
N TRP E 353 -37.65 22.08 25.11
CA TRP E 353 -36.41 21.70 24.43
C TRP E 353 -36.68 20.54 23.49
N ILE E 354 -36.16 20.64 22.26
CA ILE E 354 -36.29 19.59 21.26
C ILE E 354 -34.98 19.49 20.48
N ASN E 355 -34.81 18.35 19.81
CA ASN E 355 -33.64 18.13 18.97
C ASN E 355 -34.04 17.18 17.85
N PRO E 356 -33.32 17.19 16.73
CA PRO E 356 -33.69 16.34 15.59
C PRO E 356 -33.10 14.94 15.65
N TYR E 357 -32.61 14.53 16.81
CA TYR E 357 -32.02 13.21 17.00
C TYR E 357 -32.89 12.37 17.91
N ILE E 358 -33.04 11.09 17.56
CA ILE E 358 -33.84 10.15 18.33
C ILE E 358 -32.95 9.01 18.81
N GLY E 359 -33.33 8.41 19.92
CA GLY E 359 -32.58 7.34 20.54
C GLY E 359 -33.16 5.97 20.23
N GLN E 360 -32.29 4.97 20.21
CA GLN E 360 -32.73 3.60 19.95
C GLN E 360 -33.67 3.12 21.04
N ARG E 361 -33.39 3.48 22.28
CA ARG E 361 -34.22 3.08 23.42
C ARG E 361 -35.49 3.93 23.39
N SER E 362 -36.48 3.48 22.62
CA SER E 362 -37.75 4.18 22.52
C SER E 362 -38.78 3.28 21.83
N PRO E 363 -40.01 3.20 22.35
CA PRO E 363 -41.01 2.34 21.70
C PRO E 363 -41.32 2.75 20.27
N VAL E 364 -41.26 4.05 19.97
CA VAL E 364 -41.61 4.53 18.62
C VAL E 364 -40.49 4.31 17.61
N PHE E 365 -39.31 3.87 18.05
CA PHE E 365 -38.21 3.66 17.13
C PHE E 365 -38.55 2.59 16.10
N LYS E 366 -39.16 1.49 16.55
CA LYS E 366 -39.52 0.42 15.63
C LYS E 366 -40.53 0.90 14.59
N GLU E 367 -41.55 1.64 15.03
CA GLU E 367 -42.54 2.16 14.09
C GLU E 367 -41.90 3.12 13.10
N LEU E 368 -41.02 4.00 13.58
CA LEU E 368 -40.35 4.94 12.69
C LEU E 368 -39.50 4.21 11.66
N LYS E 369 -38.77 3.17 12.09
CA LYS E 369 -37.96 2.40 11.16
C LYS E 369 -38.83 1.70 10.14
N GLU E 370 -39.97 1.15 10.57
CA GLU E 370 -40.88 0.50 9.63
C GLU E 370 -41.42 1.49 8.60
N LYS E 371 -41.78 2.69 9.05
CA LYS E 371 -42.28 3.71 8.14
C LYS E 371 -41.18 4.31 7.27
N GLY E 372 -39.91 4.05 7.57
CA GLY E 372 -38.82 4.56 6.76
C GLY E 372 -38.66 6.07 6.81
N TYR E 373 -38.86 6.67 7.99
CA TYR E 373 -38.72 8.11 8.17
C TYR E 373 -37.33 8.51 8.67
N LEU E 374 -36.41 7.56 8.81
CA LEU E 374 -35.10 7.82 9.36
C LEU E 374 -34.04 7.81 8.24
N LEU E 375 -32.90 8.42 8.55
CA LEU E 375 -31.80 8.47 7.60
C LEU E 375 -31.27 7.06 7.35
N LYS E 376 -30.85 6.81 6.11
CA LYS E 376 -30.43 5.49 5.68
C LYS E 376 -28.99 5.53 5.17
N ARG E 377 -28.21 4.52 5.57
CA ARG E 377 -26.90 4.32 4.99
C ARG E 377 -27.04 3.93 3.53
N PRO E 378 -25.97 4.08 2.75
CA PRO E 378 -26.11 3.96 1.28
C PRO E 378 -26.76 2.66 0.82
N ASP E 379 -26.41 1.51 1.40
CA ASP E 379 -26.87 0.24 0.82
C ASP E 379 -28.27 -0.13 1.27
N GLY E 380 -28.44 -0.49 2.54
CA GLY E 380 -29.76 -0.86 3.03
C GLY E 380 -30.02 -0.56 4.48
N SER E 381 -29.05 0.01 5.19
CA SER E 381 -29.07 0.06 6.64
C SER E 381 -29.39 1.47 7.13
N LEU E 382 -29.29 1.65 8.45
CA LEU E 382 -29.44 2.94 9.10
C LEU E 382 -28.07 3.41 9.61
N TRP E 383 -27.99 4.71 9.90
CA TRP E 383 -26.75 5.32 10.38
C TRP E 383 -26.87 5.56 11.88
N GLN E 384 -25.96 4.97 12.65
CA GLN E 384 -25.96 5.08 14.10
C GLN E 384 -24.53 5.11 14.61
N TRP E 385 -24.34 5.69 15.79
CA TRP E 385 -23.03 5.76 16.40
C TRP E 385 -23.18 6.01 17.89
N ASP E 386 -22.09 5.78 18.62
CA ASP E 386 -22.05 5.97 20.07
C ASP E 386 -21.85 7.45 20.35
N LYS E 387 -22.94 8.16 20.65
CA LYS E 387 -22.90 9.60 20.80
C LYS E 387 -23.98 10.01 21.80
N TRP E 388 -24.40 11.28 21.73
CA TRP E 388 -25.29 11.91 22.70
C TRP E 388 -26.33 10.94 23.25
N GLN E 389 -26.96 10.17 22.39
CA GLN E 389 -27.88 9.12 22.81
C GLN E 389 -27.49 7.80 22.19
N PRO E 390 -27.72 6.68 22.88
CA PRO E 390 -27.37 5.38 22.30
C PRO E 390 -28.13 5.12 21.01
N GLY E 391 -27.45 4.54 20.03
CA GLY E 391 -28.07 4.21 18.77
C GLY E 391 -28.70 5.41 18.10
N LEU E 392 -27.96 6.52 18.08
CA LEU E 392 -28.51 7.78 17.58
C LEU E 392 -28.96 7.63 16.13
N ALA E 393 -30.09 8.26 15.81
CA ALA E 393 -30.62 8.30 14.46
C ALA E 393 -31.05 9.72 14.15
N ILE E 394 -31.08 10.04 12.86
CA ILE E 394 -31.35 11.40 12.39
C ILE E 394 -32.62 11.36 11.55
N TYR E 395 -33.57 12.23 11.88
CA TYR E 395 -34.79 12.34 11.08
C TYR E 395 -34.46 12.75 9.66
N ASP E 396 -35.10 12.11 8.69
CA ASP E 396 -34.91 12.42 7.28
C ASP E 396 -35.96 13.47 6.89
N PHE E 397 -35.60 14.74 7.06
CA PHE E 397 -36.54 15.82 6.78
C PHE E 397 -36.80 15.99 5.29
N THR E 398 -36.03 15.35 4.42
CA THR E 398 -36.30 15.41 2.99
C THR E 398 -37.55 14.62 2.61
N ASN E 399 -38.02 13.73 3.48
CA ASN E 399 -39.22 12.96 3.21
C ASN E 399 -40.43 13.70 3.74
N PRO E 400 -41.42 14.05 2.90
CA PRO E 400 -42.55 14.84 3.40
C PRO E 400 -43.33 14.16 4.51
N GLU E 401 -43.42 12.83 4.51
CA GLU E 401 -44.19 12.14 5.54
C GLU E 401 -43.58 12.33 6.92
N ALA E 402 -42.24 12.26 7.01
CA ALA E 402 -41.57 12.49 8.29
C ALA E 402 -41.81 13.91 8.78
N CYS E 403 -41.75 14.88 7.87
CA CYS E 403 -42.03 16.26 8.25
C CYS E 403 -43.47 16.42 8.73
N GLN E 404 -44.41 15.75 8.08
CA GLN E 404 -45.80 15.82 8.51
C GLN E 404 -45.96 15.23 9.91
N TRP E 405 -45.31 14.10 10.17
CA TRP E 405 -45.38 13.48 11.50
C TRP E 405 -44.80 14.41 12.56
N TYR E 406 -43.63 15.00 12.26
CA TYR E 406 -43.01 15.93 13.20
C TYR E 406 -43.91 17.13 13.45
N ALA E 407 -44.52 17.67 12.39
CA ALA E 407 -45.41 18.82 12.53
C ALA E 407 -46.63 18.45 13.36
N SER E 408 -47.19 17.26 13.17
CA SER E 408 -48.34 16.85 13.95
C SER E 408 -47.97 16.74 15.43
N LYS E 409 -46.81 16.15 15.73
CA LYS E 409 -46.37 16.05 17.12
C LYS E 409 -46.17 17.44 17.73
N LEU E 410 -45.55 18.34 16.97
CA LEU E 410 -45.33 19.70 17.47
C LEU E 410 -46.65 20.42 17.67
N LYS E 411 -47.62 20.20 16.78
CA LYS E 411 -48.94 20.81 16.95
C LYS E 411 -49.62 20.29 18.21
N GLY E 412 -49.52 19.00 18.47
CA GLY E 412 -50.06 18.46 19.70
C GLY E 412 -49.40 19.07 20.94
N LEU E 413 -48.07 19.20 20.90
CA LEU E 413 -47.36 19.82 22.02
C LEU E 413 -47.81 21.26 22.22
N VAL E 414 -47.95 22.01 21.13
CA VAL E 414 -48.38 23.41 21.24
C VAL E 414 -49.80 23.47 21.82
N ALA E 415 -50.68 22.59 21.36
CA ALA E 415 -52.02 22.53 21.93
C ALA E 415 -51.98 22.20 23.41
N MET E 416 -50.96 21.44 23.85
CA MET E 416 -50.82 21.16 25.27
C MET E 416 -50.59 22.44 26.07
N GLY E 417 -50.00 23.47 25.46
CA GLY E 417 -49.81 24.75 26.12
C GLY E 417 -48.44 25.36 25.93
N VAL E 418 -47.61 24.75 25.10
CA VAL E 418 -46.24 25.23 24.90
C VAL E 418 -46.28 26.47 24.01
N ASP E 419 -45.23 27.29 24.10
CA ASP E 419 -45.12 28.54 23.37
C ASP E 419 -44.02 28.53 22.32
N CYS E 420 -42.77 28.27 22.72
CA CYS E 420 -41.65 28.16 21.78
C CYS E 420 -40.94 26.84 21.99
N PHE E 421 -39.87 26.65 21.23
CA PHE E 421 -39.06 25.45 21.30
C PHE E 421 -37.60 25.84 21.24
N LYS E 422 -36.74 24.98 21.78
CA LYS E 422 -35.30 25.21 21.80
C LYS E 422 -34.65 24.16 20.91
N THR E 423 -34.39 24.53 19.65
CA THR E 423 -33.82 23.61 18.67
C THR E 423 -32.32 23.50 18.91
N ASP E 424 -31.95 22.53 19.75
CA ASP E 424 -30.55 22.29 20.05
C ASP E 424 -29.95 21.32 19.05
N PHE E 425 -28.61 21.30 19.00
CA PHE E 425 -27.88 20.41 18.09
C PHE E 425 -28.29 20.66 16.65
N GLY E 426 -27.86 19.79 15.74
CA GLY E 426 -28.17 19.94 14.33
C GLY E 426 -26.96 20.31 13.51
N GLU E 427 -25.78 19.92 13.95
CA GLU E 427 -24.53 20.22 13.25
C GLU E 427 -23.65 19.00 13.00
N ARG E 428 -23.78 17.93 13.77
CA ARG E 428 -22.97 16.73 13.59
C ARG E 428 -23.61 15.78 12.59
N ILE E 429 -23.91 16.30 11.40
CA ILE E 429 -24.55 15.51 10.35
C ILE E 429 -23.48 14.75 9.58
N PRO E 430 -23.64 13.46 9.32
CA PRO E 430 -22.63 12.72 8.56
C PRO E 430 -22.67 13.08 7.08
N THR E 431 -21.73 12.50 6.35
CA THR E 431 -21.63 12.71 4.91
C THR E 431 -21.69 11.42 4.09
N ASP E 432 -21.40 10.27 4.69
CA ASP E 432 -21.44 8.99 3.98
C ASP E 432 -22.82 8.35 4.08
N VAL E 433 -23.85 9.10 3.68
CA VAL E 433 -25.23 8.64 3.77
C VAL E 433 -25.94 8.97 2.47
N GLN E 434 -27.06 8.28 2.23
CA GLN E 434 -27.90 8.49 1.06
C GLN E 434 -29.22 9.08 1.52
N TRP E 435 -29.51 10.30 1.11
CA TRP E 435 -30.73 10.97 1.50
C TRP E 435 -31.90 10.52 0.62
N PHE E 436 -33.12 10.74 1.12
CA PHE E 436 -34.31 10.33 0.40
C PHE E 436 -34.43 11.07 -0.93
N ASP E 437 -34.14 12.37 -0.94
CA ASP E 437 -34.25 13.17 -2.14
C ASP E 437 -33.05 13.04 -3.07
N GLY E 438 -31.99 12.37 -2.63
CA GLY E 438 -30.81 12.21 -3.46
C GLY E 438 -29.92 13.43 -3.52
N SER E 439 -30.07 14.37 -2.58
CA SER E 439 -29.26 15.57 -2.58
C SER E 439 -27.81 15.25 -2.20
N ASP E 440 -26.92 16.18 -2.51
CA ASP E 440 -25.51 15.99 -2.22
C ASP E 440 -25.28 16.03 -0.71
N PRO E 441 -24.68 14.99 -0.12
CA PRO E 441 -24.47 15.03 1.35
C PRO E 441 -23.67 16.22 1.83
N GLN E 442 -22.67 16.67 1.04
CA GLN E 442 -21.80 17.74 1.49
C GLN E 442 -22.59 19.02 1.75
N LYS E 443 -23.51 19.37 0.83
CA LYS E 443 -24.32 20.56 1.00
C LYS E 443 -25.42 20.37 2.04
N MET E 444 -25.99 19.16 2.11
CA MET E 444 -26.99 18.90 3.12
C MET E 444 -26.41 19.01 4.53
N HIS E 445 -25.12 18.71 4.69
CA HIS E 445 -24.49 18.83 6.00
C HIS E 445 -24.68 20.23 6.58
N ASN E 446 -24.70 21.26 5.74
CA ASN E 446 -24.94 22.62 6.18
C ASN E 446 -26.38 23.06 6.04
N HIS E 447 -27.13 22.51 5.08
CA HIS E 447 -28.51 22.92 4.88
C HIS E 447 -29.50 22.24 5.82
N TYR E 448 -29.07 21.21 6.55
CA TYR E 448 -29.99 20.50 7.44
C TYR E 448 -30.50 21.41 8.56
N ALA E 449 -29.62 22.22 9.14
CA ALA E 449 -30.05 23.12 10.19
C ALA E 449 -31.07 24.12 9.67
N PHE E 450 -30.84 24.68 8.48
CA PHE E 450 -31.79 25.60 7.90
C PHE E 450 -33.13 24.92 7.64
N ILE E 451 -33.10 23.69 7.12
CA ILE E 451 -34.35 22.98 6.85
C ILE E 451 -35.12 22.74 8.14
N TYR E 452 -34.42 22.30 9.19
CA TYR E 452 -35.08 22.03 10.46
C TYR E 452 -35.68 23.30 11.05
N ASN E 453 -34.92 24.39 11.03
CA ASN E 453 -35.42 25.66 11.56
C ASN E 453 -36.62 26.14 10.76
N GLU E 454 -36.57 26.01 9.43
CA GLU E 454 -37.69 26.43 8.60
C GLU E 454 -38.94 25.61 8.92
N LEU E 455 -38.78 24.29 9.08
CA LEU E 455 -39.93 23.46 9.41
C LEU E 455 -40.53 23.86 10.74
N VAL E 456 -39.68 24.07 11.76
CA VAL E 456 -40.18 24.43 13.08
C VAL E 456 -40.88 25.77 13.03
N TRP E 457 -40.29 26.74 12.32
CA TRP E 457 -40.90 28.06 12.23
C TRP E 457 -42.23 28.01 11.49
N LYS E 458 -42.31 27.19 10.44
CA LYS E 458 -43.58 27.04 9.72
C LYS E 458 -44.65 26.45 10.64
N VAL E 459 -44.29 25.43 11.41
CA VAL E 459 -45.26 24.85 12.34
C VAL E 459 -45.71 25.90 13.36
N LEU E 460 -44.76 26.65 13.91
CA LEU E 460 -45.09 27.65 14.92
C LEU E 460 -46.00 28.73 14.36
N LYS E 461 -45.72 29.19 13.14
CA LYS E 461 -46.54 30.23 12.55
C LYS E 461 -47.92 29.70 12.16
N GLU E 462 -48.01 28.42 11.79
CA GLU E 462 -49.31 27.84 11.49
C GLU E 462 -50.16 27.65 12.74
N THR E 463 -49.52 27.36 13.88
CA THR E 463 -50.27 27.09 15.10
C THR E 463 -50.65 28.38 15.83
N VAL E 464 -49.64 29.16 16.23
CA VAL E 464 -49.87 30.37 17.02
C VAL E 464 -50.07 31.59 16.14
N GLY E 465 -49.08 31.92 15.34
CA GLY E 465 -49.13 33.09 14.48
C GLY E 465 -47.76 33.73 14.32
N GLU E 466 -47.65 34.58 13.30
CA GLU E 466 -46.37 35.21 13.01
C GLU E 466 -45.92 36.11 14.16
N GLN E 467 -46.86 36.87 14.75
CA GLN E 467 -46.48 37.84 15.76
C GLN E 467 -45.86 37.17 16.99
N GLU E 468 -46.43 36.06 17.43
CA GLU E 468 -45.97 35.37 18.63
C GLU E 468 -44.89 34.33 18.34
N ALA E 469 -44.45 34.20 17.09
CA ALA E 469 -43.45 33.20 16.74
C ALA E 469 -42.11 33.59 17.35
N VAL E 470 -41.44 32.61 17.96
CA VAL E 470 -40.11 32.81 18.55
C VAL E 470 -39.49 31.44 18.74
N LEU E 471 -38.16 31.40 18.81
CA LEU E 471 -37.42 30.14 18.90
C LEU E 471 -36.18 30.36 19.74
N PHE E 472 -35.36 29.30 19.84
CA PHE E 472 -34.07 29.36 20.53
C PHE E 472 -33.17 28.31 19.87
N ALA E 473 -32.31 28.75 18.96
CA ALA E 473 -31.52 27.86 18.14
C ALA E 473 -30.04 28.00 18.44
N ARG E 474 -29.31 26.89 18.23
CA ARG E 474 -27.86 26.87 18.40
C ARG E 474 -27.11 26.72 17.09
N SER E 475 -27.74 26.14 16.05
CA SER E 475 -27.12 25.97 14.75
C SER E 475 -27.84 26.85 13.73
N ALA E 476 -27.07 27.35 12.76
CA ALA E 476 -27.61 28.26 11.76
C ALA E 476 -26.80 28.16 10.49
N SER E 477 -27.38 28.66 9.40
CA SER E 477 -26.72 28.69 8.10
C SER E 477 -27.22 29.92 7.36
N VAL E 478 -26.94 29.98 6.06
CA VAL E 478 -27.38 31.11 5.25
C VAL E 478 -28.89 31.12 5.17
N GLY E 479 -29.49 32.28 5.43
CA GLY E 479 -30.93 32.44 5.39
C GLY E 479 -31.64 32.14 6.69
N ALA E 480 -30.92 31.75 7.74
CA ALA E 480 -31.55 31.48 9.03
C ALA E 480 -32.01 32.75 9.73
N GLN E 481 -31.55 33.93 9.28
CA GLN E 481 -31.93 35.16 9.95
C GLN E 481 -33.42 35.38 9.96
N GLN E 482 -34.17 34.72 9.06
CA GLN E 482 -35.62 34.87 9.03
C GLN E 482 -36.28 34.33 10.30
N PHE E 483 -35.56 33.57 11.12
CA PHE E 483 -36.07 33.08 12.41
C PHE E 483 -35.05 33.43 13.48
N PRO E 484 -34.80 34.72 13.71
CA PRO E 484 -33.64 35.11 14.54
C PRO E 484 -33.86 34.99 16.03
N VAL E 485 -33.35 33.91 16.62
CA VAL E 485 -33.08 33.80 18.04
C VAL E 485 -31.94 32.80 18.17
N HIS E 486 -30.82 33.22 18.75
CA HIS E 486 -29.63 32.38 18.78
C HIS E 486 -29.00 32.41 20.15
N TRP E 487 -28.30 31.33 20.49
CA TRP E 487 -27.68 31.14 21.78
C TRP E 487 -26.22 30.72 21.56
N GLY E 488 -25.31 31.34 22.30
CA GLY E 488 -23.89 31.09 22.05
C GLY E 488 -23.52 29.63 22.18
N GLY E 489 -23.99 28.97 23.25
CA GLY E 489 -23.72 27.57 23.45
C GLY E 489 -23.21 27.26 24.84
N ASP E 490 -22.19 26.40 24.91
CA ASP E 490 -21.61 25.98 26.18
C ASP E 490 -20.39 26.86 26.48
N CYS E 491 -20.41 27.54 27.62
CA CYS E 491 -19.33 28.42 28.05
C CYS E 491 -18.92 28.08 29.48
N TYR E 492 -17.76 28.57 29.87
CA TYR E 492 -17.22 28.35 31.21
C TYR E 492 -17.42 29.59 32.06
N ALA E 493 -17.23 29.41 33.38
CA ALA E 493 -17.44 30.48 34.35
C ALA E 493 -16.11 31.19 34.60
N ASN E 494 -15.72 32.02 33.63
CA ASN E 494 -14.49 32.79 33.73
C ASN E 494 -14.65 34.08 32.96
N TYR E 495 -13.81 35.07 33.30
CA TYR E 495 -13.81 36.33 32.57
C TYR E 495 -13.44 36.12 31.11
N GLU E 496 -12.46 35.25 30.86
CA GLU E 496 -12.06 34.96 29.48
C GLU E 496 -13.23 34.38 28.69
N SER E 497 -14.01 33.50 29.30
CA SER E 497 -15.18 32.95 28.63
C SER E 497 -16.19 34.04 28.31
N MET E 498 -16.39 34.98 29.23
CA MET E 498 -17.29 36.09 28.95
C MET E 498 -16.79 36.92 27.78
N ALA E 499 -15.49 37.21 27.74
CA ALA E 499 -14.94 37.98 26.63
C ALA E 499 -15.11 37.24 25.31
N GLU E 500 -14.85 35.93 25.30
CA GLU E 500 -14.99 35.18 24.06
C GLU E 500 -16.46 35.13 23.62
N SER E 501 -17.39 35.00 24.57
CA SER E 501 -18.80 35.00 24.21
C SER E 501 -19.22 36.35 23.65
N LEU E 502 -18.71 37.44 24.23
CA LEU E 502 -19.00 38.77 23.69
C LEU E 502 -18.45 38.92 22.28
N ARG E 503 -17.23 38.43 22.05
CA ARG E 503 -16.66 38.48 20.72
C ARG E 503 -17.51 37.70 19.72
N GLY E 504 -17.93 36.50 20.10
CA GLY E 504 -18.78 35.71 19.22
C GLY E 504 -20.10 36.38 18.92
N GLY E 505 -20.71 36.98 19.95
CA GLY E 505 -21.96 37.71 19.73
C GLY E 505 -21.79 38.88 18.79
N LEU E 506 -20.72 39.65 18.96
CA LEU E 506 -20.46 40.75 18.05
C LEU E 506 -20.25 40.24 16.62
N SER E 507 -19.50 39.15 16.48
CA SER E 507 -19.23 38.61 15.14
C SER E 507 -20.52 38.14 14.47
N ILE E 508 -21.36 37.42 15.20
CA ILE E 508 -22.62 36.95 14.61
C ILE E 508 -23.53 38.11 14.30
N GLY E 509 -23.51 39.15 15.14
CA GLY E 509 -24.28 40.35 14.82
C GLY E 509 -23.81 41.00 13.53
N MET E 510 -22.49 41.05 13.32
CA MET E 510 -21.95 41.64 12.10
C MET E 510 -22.13 40.74 10.89
N SER E 511 -22.55 39.49 11.08
CA SER E 511 -22.69 38.54 9.99
C SER E 511 -24.11 38.49 9.41
N GLY E 512 -25.00 39.35 9.88
CA GLY E 512 -26.36 39.43 9.36
C GLY E 512 -27.45 39.05 10.34
N PHE E 513 -27.12 38.47 11.48
CA PHE E 513 -28.12 38.14 12.50
C PHE E 513 -28.33 39.34 13.40
N GLY E 514 -29.59 39.64 13.68
CA GLY E 514 -29.92 40.83 14.45
C GLY E 514 -30.21 40.59 15.91
N PHE E 515 -30.25 39.32 16.32
CA PHE E 515 -30.55 38.97 17.70
C PHE E 515 -29.63 37.84 18.15
N TRP E 516 -29.18 37.93 19.40
CA TRP E 516 -28.25 36.95 19.96
C TRP E 516 -28.46 36.88 21.47
N SER E 517 -28.09 35.74 22.04
CA SER E 517 -28.24 35.52 23.47
C SER E 517 -27.13 34.60 23.95
N HIS E 518 -26.94 34.59 25.27
CA HIS E 518 -25.90 33.78 25.89
C HIS E 518 -26.35 33.32 27.26
N ASP E 519 -25.70 32.28 27.77
CA ASP E 519 -26.01 31.75 29.08
C ASP E 519 -25.35 32.62 30.15
N ILE E 520 -26.16 33.15 31.06
CA ILE E 520 -25.67 34.01 32.12
C ILE E 520 -25.13 33.14 33.26
N GLY E 521 -23.95 33.51 33.75
CA GLY E 521 -23.32 32.79 34.84
C GLY E 521 -22.52 31.56 34.41
N GLY E 522 -22.48 31.26 33.12
CA GLY E 522 -21.73 30.12 32.62
C GLY E 522 -22.55 28.84 32.61
N PHE E 523 -22.13 27.92 31.74
CA PHE E 523 -22.76 26.62 31.62
C PHE E 523 -22.03 25.55 32.43
N GLU E 524 -20.74 25.38 32.21
CA GLU E 524 -19.94 24.42 32.96
C GLU E 524 -19.36 25.08 34.20
N ASN E 525 -19.11 24.25 35.23
CA ASN E 525 -18.51 24.72 36.47
C ASN E 525 -19.41 25.73 37.17
N THR E 526 -19.14 25.99 38.45
CA THR E 526 -19.93 26.91 39.25
C THR E 526 -19.15 28.21 39.44
N ALA E 527 -19.82 29.33 39.19
CA ALA E 527 -19.17 30.62 39.33
C ALA E 527 -18.98 30.95 40.81
N PRO E 528 -17.84 31.54 41.19
CA PRO E 528 -17.64 31.93 42.60
C PRO E 528 -18.72 32.87 43.11
N ALA E 529 -18.85 34.04 42.47
CA ALA E 529 -19.83 35.05 42.89
C ALA E 529 -19.70 36.32 42.07
N HIS E 530 -18.55 36.98 42.14
CA HIS E 530 -18.38 38.26 41.46
C HIS E 530 -18.56 38.12 39.95
N VAL E 531 -17.94 37.09 39.37
CA VAL E 531 -18.09 36.87 37.93
C VAL E 531 -19.55 36.64 37.59
N TYR E 532 -20.30 35.97 38.46
CA TYR E 532 -21.72 35.78 38.24
C TYR E 532 -22.45 37.12 38.19
N LYS E 533 -22.12 38.03 39.10
CA LYS E 533 -22.76 39.34 39.10
C LYS E 533 -22.44 40.11 37.82
N ARG E 534 -21.17 40.09 37.41
CA ARG E 534 -20.79 40.80 36.19
C ARG E 534 -21.48 40.20 34.97
N TRP E 535 -21.56 38.87 34.91
CA TRP E 535 -22.22 38.22 33.80
C TRP E 535 -23.71 38.55 33.78
N CYS E 536 -24.35 38.59 34.95
CA CYS E 536 -25.76 38.97 35.00
C CYS E 536 -25.95 40.40 34.51
N ALA E 537 -25.08 41.32 34.95
CA ALA E 537 -25.19 42.70 34.51
C ALA E 537 -25.02 42.81 33.00
N PHE E 538 -24.05 42.08 32.44
CA PHE E 538 -23.81 42.13 31.01
C PHE E 538 -24.98 41.54 30.23
N GLY E 539 -25.45 40.36 30.62
CA GLY E 539 -26.51 39.70 29.87
C GLY E 539 -27.83 40.42 29.96
N LEU E 540 -28.15 41.00 31.12
CA LEU E 540 -29.41 41.69 31.28
C LEU E 540 -29.46 43.00 30.50
N LEU E 541 -28.34 43.47 29.98
CA LEU E 541 -28.29 44.65 29.12
C LEU E 541 -28.32 44.29 27.64
N SER E 542 -28.44 43.00 27.30
CA SER E 542 -28.46 42.55 25.93
C SER E 542 -29.91 42.37 25.46
N SER E 543 -30.06 41.84 24.24
CA SER E 543 -31.39 41.64 23.69
C SER E 543 -32.19 40.65 24.52
N HIS E 544 -31.57 39.54 24.91
CA HIS E 544 -32.24 38.49 25.67
C HIS E 544 -31.34 38.04 26.80
N SER E 545 -31.97 37.64 27.91
CA SER E 545 -31.28 37.21 29.11
C SER E 545 -31.76 35.82 29.50
N ARG E 546 -30.82 34.89 29.65
CA ARG E 546 -31.13 33.49 29.93
C ARG E 546 -30.35 33.04 31.17
N LEU E 547 -31.00 32.22 32.01
CA LEU E 547 -30.40 31.63 33.18
C LEU E 547 -30.44 30.11 33.01
N HIS E 548 -29.34 29.54 32.54
CA HIS E 548 -29.21 28.12 32.26
C HIS E 548 -27.92 27.59 32.86
N GLY E 549 -27.98 26.38 33.42
CA GLY E 549 -26.82 25.78 34.05
C GLY E 549 -26.73 24.30 33.70
N SER E 550 -25.55 23.74 33.96
CA SER E 550 -25.27 22.35 33.66
C SER E 550 -25.36 21.45 34.90
N LYS E 551 -24.73 21.85 36.00
CA LYS E 551 -24.72 21.03 37.21
C LYS E 551 -25.35 21.73 38.41
N SER E 552 -25.52 23.05 38.38
CA SER E 552 -26.06 23.79 39.51
C SER E 552 -27.13 24.74 39.03
N TYR E 553 -28.10 25.00 39.90
CA TYR E 553 -29.17 25.93 39.58
C TYR E 553 -28.62 27.35 39.45
N ARG E 554 -29.08 28.05 38.42
CA ARG E 554 -28.65 29.43 38.17
C ARG E 554 -29.69 30.41 38.73
N VAL E 555 -29.82 30.37 40.05
CA VAL E 555 -30.77 31.22 40.79
C VAL E 555 -29.97 32.19 41.63
N PRO E 556 -30.31 33.50 41.63
CA PRO E 556 -29.47 34.46 42.37
C PRO E 556 -29.37 34.16 43.85
N TRP E 557 -30.44 33.70 44.49
CA TRP E 557 -30.40 33.51 45.93
C TRP E 557 -29.53 32.33 46.35
N ALA E 558 -29.09 31.51 45.40
CA ALA E 558 -28.19 30.40 45.72
C ALA E 558 -26.78 30.85 46.07
N TYR E 559 -26.45 32.12 45.84
CA TYR E 559 -25.12 32.65 46.11
C TYR E 559 -25.14 33.66 47.26
N ASP E 560 -25.94 34.71 47.15
CA ASP E 560 -26.00 35.74 48.18
C ASP E 560 -27.11 36.72 47.82
N GLU E 561 -27.39 37.64 48.76
CA GLU E 561 -28.45 38.62 48.55
C GLU E 561 -28.03 39.72 47.58
N GLU E 562 -26.73 40.01 47.50
CA GLU E 562 -26.27 41.07 46.60
C GLU E 562 -26.58 40.70 45.15
N SER E 563 -26.42 39.43 44.78
CA SER E 563 -26.77 39.01 43.43
C SER E 563 -28.25 39.25 43.16
N CYS E 564 -29.11 38.91 44.12
CA CYS E 564 -30.54 39.17 43.95
C CYS E 564 -30.81 40.66 43.78
N ASP E 565 -30.16 41.50 44.58
CA ASP E 565 -30.40 42.94 44.50
C ASP E 565 -29.98 43.48 43.13
N VAL E 566 -28.79 43.09 42.66
CA VAL E 566 -28.32 43.59 41.37
C VAL E 566 -29.20 43.07 40.24
N VAL E 567 -29.64 41.81 40.34
CA VAL E 567 -30.52 41.26 39.32
C VAL E 567 -31.82 42.05 39.27
N ARG E 568 -32.40 42.33 40.44
CA ARG E 568 -33.65 43.09 40.48
C ARG E 568 -33.45 44.48 39.87
N HIS E 569 -32.35 45.15 40.24
CA HIS E 569 -32.10 46.49 39.73
C HIS E 569 -31.96 46.48 38.21
N PHE E 570 -31.18 45.54 37.67
CA PHE E 570 -30.95 45.51 36.24
C PHE E 570 -32.21 45.11 35.48
N THR E 571 -33.01 44.19 36.03
CA THR E 571 -34.26 43.82 35.38
C THR E 571 -35.23 45.00 35.37
N GLN E 572 -35.31 45.75 36.47
CA GLN E 572 -36.16 46.93 36.49
C GLN E 572 -35.68 47.95 35.46
N LEU E 573 -34.36 48.13 35.36
CA LEU E 573 -33.83 49.07 34.37
C LEU E 573 -34.18 48.62 32.95
N LYS E 574 -34.03 47.33 32.66
CA LYS E 574 -34.36 46.83 31.33
C LYS E 574 -35.84 47.01 31.01
N CYS E 575 -36.71 46.72 31.98
CA CYS E 575 -38.13 46.92 31.77
C CYS E 575 -38.45 48.39 31.52
N ARG E 576 -37.80 49.29 32.26
CA ARG E 576 -38.01 50.72 32.06
C ARG E 576 -37.48 51.19 30.71
N MET E 577 -36.57 50.44 30.10
CA MET E 577 -35.96 50.81 28.82
C MET E 577 -36.55 50.03 27.65
N MET E 578 -37.71 49.38 27.84
CA MET E 578 -38.27 48.53 26.80
C MET E 578 -38.55 49.27 25.50
N PRO E 579 -39.22 50.42 25.49
CA PRO E 579 -39.60 51.02 24.20
C PRO E 579 -38.42 51.31 23.27
N TYR E 580 -37.30 51.78 23.82
CA TYR E 580 -36.13 52.04 22.99
C TYR E 580 -35.59 50.76 22.38
N LEU E 581 -35.52 49.69 23.18
CA LEU E 581 -35.06 48.41 22.66
C LEU E 581 -35.99 47.89 21.57
N TYR E 582 -37.30 48.04 21.76
CA TYR E 582 -38.23 47.58 20.74
C TYR E 582 -38.12 48.40 19.45
N ARG E 583 -37.89 49.71 19.59
CA ARG E 583 -37.67 50.54 18.41
C ARG E 583 -36.42 50.10 17.67
N GLN E 584 -35.35 49.81 18.41
CA GLN E 584 -34.12 49.32 17.78
C GLN E 584 -34.37 47.98 17.10
N ALA E 585 -35.16 47.11 17.72
CA ALA E 585 -35.49 45.83 17.10
C ALA E 585 -36.28 46.03 15.80
N ALA E 586 -37.21 46.98 15.80
CA ALA E 586 -37.95 47.28 14.59
C ALA E 586 -37.02 47.81 13.49
N LEU E 587 -36.08 48.66 13.87
CA LEU E 587 -35.09 49.14 12.91
C LEU E 587 -34.26 47.98 12.36
N ALA E 588 -33.89 47.04 13.22
CA ALA E 588 -33.15 45.87 12.78
C ALA E 588 -33.97 45.04 11.80
N ASN E 589 -35.27 44.88 12.07
CA ASN E 589 -36.13 44.15 11.15
C ASN E 589 -36.24 44.85 9.81
N GLU E 590 -36.33 46.19 9.84
CA GLU E 590 -36.52 46.94 8.60
C GLU E 590 -35.25 46.99 7.77
N PHE E 591 -34.20 47.60 8.30
CA PHE E 591 -32.96 47.82 7.56
C PHE E 591 -31.91 46.74 7.77
N GLY E 592 -32.16 45.79 8.66
CA GLY E 592 -31.23 44.70 8.89
C GLY E 592 -30.08 45.01 9.83
N THR E 593 -30.08 46.18 10.46
CA THR E 593 -28.99 46.55 11.35
C THR E 593 -29.14 45.83 12.69
N PRO E 594 -28.15 45.06 13.12
CA PRO E 594 -28.30 44.33 14.39
C PRO E 594 -28.42 45.29 15.57
N MET E 595 -29.14 44.84 16.60
CA MET E 595 -29.29 45.65 17.81
C MET E 595 -27.98 45.71 18.59
N LEU E 596 -27.27 44.58 18.67
CA LEU E 596 -26.00 44.52 19.40
C LEU E 596 -24.87 44.92 18.46
N ARG E 597 -24.87 46.21 18.12
CA ARG E 597 -23.89 46.75 17.17
C ARG E 597 -22.50 46.79 17.80
N ALA E 598 -21.50 46.63 16.94
CA ALA E 598 -20.12 46.81 17.35
C ALA E 598 -19.74 48.28 17.30
N MET E 599 -18.60 48.62 17.90
CA MET E 599 -18.16 50.01 17.93
C MET E 599 -17.90 50.53 16.52
N MET E 600 -17.30 49.70 15.67
CA MET E 600 -16.96 50.14 14.32
C MET E 600 -18.21 50.49 13.52
N LEU E 601 -19.27 49.70 13.66
CA LEU E 601 -20.45 49.89 12.81
C LEU E 601 -21.05 51.27 13.01
N GLU E 602 -21.15 51.74 14.25
CA GLU E 602 -21.72 53.05 14.50
C GLU E 602 -20.80 54.17 14.02
N PHE E 603 -19.49 53.99 14.15
CA PHE E 603 -18.51 55.01 13.77
C PHE E 603 -17.44 54.39 12.89
N PRO E 604 -17.78 54.03 11.66
CA PRO E 604 -16.78 53.42 10.76
C PRO E 604 -15.64 54.35 10.41
N ASP E 605 -15.82 55.66 10.53
CA ASP E 605 -14.81 56.63 10.15
C ASP E 605 -13.80 56.92 11.26
N ASP E 606 -13.97 56.32 12.44
CA ASP E 606 -13.04 56.54 13.54
C ASP E 606 -12.04 55.39 13.59
N PRO E 607 -10.76 55.63 13.32
CA PRO E 607 -9.79 54.52 13.35
C PRO E 607 -9.59 53.93 14.73
N ALA E 608 -9.95 54.66 15.80
CA ALA E 608 -9.69 54.18 17.15
C ALA E 608 -10.55 52.98 17.53
N CYS E 609 -11.67 52.76 16.85
CA CYS E 609 -12.60 51.69 17.18
C CYS E 609 -12.40 50.45 16.30
N ASP E 610 -11.34 50.41 15.51
CA ASP E 610 -11.13 49.26 14.63
C ASP E 610 -10.89 47.99 15.43
N TYR E 611 -10.15 48.07 16.53
CA TYR E 611 -9.72 46.91 17.30
C TYR E 611 -10.32 46.92 18.70
N LEU E 612 -11.61 47.24 18.81
CA LEU E 612 -12.31 47.27 20.09
C LEU E 612 -13.26 46.09 20.15
N ASP E 613 -13.11 45.27 21.20
CA ASP E 613 -13.98 44.11 21.39
C ASP E 613 -14.48 43.92 22.80
N ARG E 614 -13.95 44.63 23.80
CA ARG E 614 -14.39 44.48 25.19
C ARG E 614 -15.58 45.36 25.53
N GLN E 615 -15.99 46.25 24.63
CA GLN E 615 -17.14 47.11 24.83
C GLN E 615 -18.01 47.09 23.58
N TYR E 616 -19.30 47.35 23.75
CA TYR E 616 -20.24 47.29 22.64
C TYR E 616 -21.21 48.46 22.71
N MET E 617 -21.98 48.61 21.64
CA MET E 617 -22.97 49.67 21.50
C MET E 617 -24.34 49.03 21.39
N LEU E 618 -25.24 49.41 22.29
CA LEU E 618 -26.63 48.98 22.27
C LEU E 618 -27.46 50.06 21.60
N GLY E 619 -28.27 49.66 20.62
CA GLY E 619 -29.04 50.61 19.86
C GLY E 619 -28.13 51.52 19.05
N ASP E 620 -28.63 52.70 18.74
CA ASP E 620 -27.87 53.72 18.04
C ASP E 620 -27.37 54.82 18.98
N SER E 621 -27.61 54.70 20.28
CA SER E 621 -27.26 55.74 21.23
C SER E 621 -26.59 55.25 22.51
N VAL E 622 -26.77 53.99 22.91
CA VAL E 622 -26.27 53.50 24.19
C VAL E 622 -24.92 52.82 23.97
N LEU E 623 -24.00 53.03 24.90
CA LEU E 623 -22.70 52.36 24.89
C LEU E 623 -22.49 51.68 26.23
N VAL E 624 -22.10 50.41 26.21
CA VAL E 624 -21.91 49.62 27.41
C VAL E 624 -20.52 49.01 27.37
N ALA E 625 -19.80 49.08 28.49
CA ALA E 625 -18.44 48.54 28.61
C ALA E 625 -18.37 47.61 29.82
N PRO E 626 -18.85 46.38 29.70
CA PRO E 626 -18.87 45.49 30.86
C PRO E 626 -17.47 45.25 31.42
N VAL E 627 -17.40 45.15 32.74
CA VAL E 627 -16.11 44.98 33.42
C VAL E 627 -15.70 43.52 33.40
N PHE E 628 -14.40 43.28 33.45
CA PHE E 628 -13.85 41.92 33.45
C PHE E 628 -12.78 41.75 34.53
N SER E 629 -12.76 42.62 35.53
CA SER E 629 -11.72 42.61 36.56
C SER E 629 -12.35 42.43 37.93
N GLU E 630 -11.63 41.72 38.81
CA GLU E 630 -12.11 41.50 40.16
C GLU E 630 -12.26 42.82 40.92
N ALA E 631 -11.28 43.71 40.78
CA ALA E 631 -11.31 44.98 41.50
C ALA E 631 -12.31 45.97 40.90
N GLY E 632 -12.86 45.69 39.73
CA GLY E 632 -13.80 46.58 39.08
C GLY E 632 -13.18 47.62 38.17
N GLU E 633 -11.85 47.68 38.10
CA GLU E 633 -11.20 48.61 37.20
C GLU E 633 -11.49 48.25 35.75
N VAL E 634 -11.80 49.27 34.94
CA VAL E 634 -12.14 49.05 33.54
C VAL E 634 -11.76 50.30 32.75
N GLN E 635 -11.26 50.08 31.54
CA GLN E 635 -10.88 51.14 30.62
C GLN E 635 -11.73 51.05 29.37
N PHE E 636 -12.26 52.19 28.93
CA PHE E 636 -13.13 52.23 27.74
C PHE E 636 -12.88 53.51 26.97
N TYR E 637 -13.12 53.44 25.67
CA TYR E 637 -12.89 54.57 24.76
C TYR E 637 -14.21 55.19 24.34
N LEU E 638 -14.26 56.52 24.36
CA LEU E 638 -15.43 57.28 23.94
C LEU E 638 -15.12 58.01 22.65
N PRO E 639 -15.97 57.88 21.62
CA PRO E 639 -15.80 58.72 20.41
C PRO E 639 -16.18 60.17 20.65
N GLU E 640 -16.10 60.99 19.61
CA GLU E 640 -16.34 62.42 19.76
C GLU E 640 -17.76 62.67 20.27
N GLY E 641 -17.90 63.68 21.13
CA GLY E 641 -19.18 64.03 21.70
C GLY E 641 -19.20 63.89 23.20
N ARG E 642 -20.13 64.59 23.87
CA ARG E 642 -20.27 64.52 25.31
C ARG E 642 -21.22 63.39 25.67
N TRP E 643 -20.82 62.55 26.61
CA TRP E 643 -21.58 61.38 27.01
C TRP E 643 -22.03 61.53 28.46
N THR E 644 -23.26 61.09 28.73
CA THR E 644 -23.84 61.16 30.06
C THR E 644 -24.31 59.76 30.48
N HIS E 645 -24.04 59.41 31.73
CA HIS E 645 -24.40 58.09 32.23
C HIS E 645 -25.92 57.95 32.29
N LEU E 646 -26.38 56.69 32.18
CA LEU E 646 -27.81 56.44 32.13
C LEU E 646 -28.49 56.82 33.44
N TRP E 647 -27.87 56.50 34.59
CA TRP E 647 -28.48 56.76 35.88
C TRP E 647 -27.52 57.41 36.88
N HIS E 648 -26.35 57.86 36.44
CA HIS E 648 -25.44 58.60 37.31
C HIS E 648 -25.35 60.07 36.95
N ASN E 649 -25.69 60.45 35.73
CA ASN E 649 -25.79 61.84 35.28
C ASN E 649 -24.45 62.57 35.23
N ASP E 650 -23.34 61.84 35.28
CA ASP E 650 -22.04 62.47 35.16
C ASP E 650 -21.69 62.69 33.69
N GLU E 651 -20.85 63.69 33.44
CA GLU E 651 -20.44 64.06 32.09
C GLU E 651 -18.95 63.77 31.90
N LEU E 652 -18.61 63.27 30.72
CA LEU E 652 -17.23 62.94 30.38
C LEU E 652 -16.96 63.40 28.95
N PRO E 653 -15.83 64.08 28.69
CA PRO E 653 -15.52 64.46 27.32
C PRO E 653 -15.22 63.24 26.46
N GLY E 654 -15.49 63.38 25.17
CA GLY E 654 -15.36 62.29 24.22
C GLY E 654 -14.06 62.33 23.44
N SER E 655 -13.93 61.35 22.55
CA SER E 655 -12.75 61.24 21.68
C SER E 655 -11.50 60.96 22.49
N ARG E 656 -11.57 59.99 23.39
CA ARG E 656 -10.43 59.65 24.23
C ARG E 656 -10.78 58.45 25.10
N TRP E 657 -9.76 57.91 25.76
CA TRP E 657 -9.92 56.79 26.66
C TRP E 657 -10.21 57.29 28.08
N HIS E 658 -10.77 56.39 28.90
CA HIS E 658 -11.09 56.71 30.28
C HIS E 658 -11.00 55.43 31.10
N LYS E 659 -10.62 55.60 32.37
CA LYS E 659 -10.48 54.50 33.31
C LYS E 659 -11.36 54.77 34.52
N GLN E 660 -12.06 53.75 34.99
CA GLN E 660 -12.99 53.91 36.10
C GLN E 660 -13.11 52.62 36.89
N ARG E 661 -13.39 52.75 38.17
CA ARG E 661 -13.64 51.63 39.06
C ARG E 661 -15.08 51.71 39.55
N HIS E 662 -15.82 50.61 39.37
CA HIS E 662 -17.23 50.55 39.72
C HIS E 662 -17.50 49.33 40.60
N ASP E 663 -18.48 49.48 41.47
CA ASP E 663 -18.90 48.38 42.34
C ASP E 663 -19.82 47.44 41.58
N ALA E 664 -20.29 46.40 42.27
CA ALA E 664 -21.14 45.39 41.63
C ALA E 664 -22.47 45.96 41.15
N LEU E 665 -22.92 47.07 41.73
CA LEU E 665 -24.20 47.66 41.37
C LEU E 665 -24.10 48.68 40.26
N SER E 666 -22.90 48.95 39.73
CA SER E 666 -22.71 49.95 38.70
C SER E 666 -21.73 49.43 37.67
N LEU E 667 -21.88 49.93 36.43
CA LEU E 667 -20.98 49.60 35.33
C LEU E 667 -21.08 50.71 34.30
N PRO E 668 -20.07 50.86 33.44
CA PRO E 668 -20.08 51.98 32.48
C PRO E 668 -21.12 51.80 31.38
N VAL E 669 -22.20 52.57 31.49
CA VAL E 669 -23.24 52.67 30.48
C VAL E 669 -23.46 54.15 30.23
N TYR E 670 -23.37 54.57 28.96
CA TYR E 670 -23.40 55.98 28.61
C TYR E 670 -24.27 56.20 27.38
N VAL E 671 -24.69 57.45 27.20
CA VAL E 671 -25.54 57.87 26.09
C VAL E 671 -24.87 59.04 25.40
N ARG E 672 -24.82 59.00 24.07
CA ARG E 672 -24.20 60.06 23.31
C ARG E 672 -24.98 61.36 23.46
N ASP E 673 -24.39 62.45 22.96
CA ASP E 673 -25.02 63.76 23.04
C ASP E 673 -26.12 63.88 21.99
N ASN E 674 -26.93 64.94 22.14
CA ASN E 674 -28.00 65.24 21.19
C ASN E 674 -28.96 64.05 21.09
N THR E 675 -29.42 63.56 22.23
CA THR E 675 -30.24 62.36 22.27
C THR E 675 -31.57 62.63 22.94
N LEU E 676 -32.60 61.94 22.46
CA LEU E 676 -33.96 62.01 23.03
C LEU E 676 -34.42 60.57 23.25
N LEU E 677 -34.08 60.04 24.43
CA LEU E 677 -34.45 58.68 24.77
C LEU E 677 -35.89 58.62 25.27
N ALA E 678 -36.44 57.41 25.33
CA ALA E 678 -37.80 57.18 25.81
C ALA E 678 -37.79 56.06 26.84
N LEU E 679 -38.60 56.22 27.88
CA LEU E 679 -38.72 55.22 28.94
C LEU E 679 -40.19 55.11 29.36
N GLY E 680 -40.52 53.97 29.95
CA GLY E 680 -41.86 53.71 30.43
C GLY E 680 -41.95 53.78 31.95
N ASN E 681 -43.18 53.81 32.44
CA ASN E 681 -43.46 53.90 33.87
C ASN E 681 -43.64 52.53 34.52
N ASN E 682 -43.47 51.44 33.77
CA ASN E 682 -43.63 50.10 34.29
C ASN E 682 -42.28 49.39 34.31
N ASP E 683 -41.91 48.84 35.46
CA ASP E 683 -40.63 48.18 35.65
C ASP E 683 -40.79 46.72 36.07
N GLN E 684 -41.94 46.12 35.77
CA GLN E 684 -42.21 44.73 36.11
C GLN E 684 -42.58 43.86 34.93
N LYS E 685 -43.10 44.44 33.85
CA LYS E 685 -43.50 43.68 32.67
C LYS E 685 -42.98 44.39 31.43
N PRO E 686 -42.59 43.65 30.39
CA PRO E 686 -42.15 44.28 29.13
C PRO E 686 -43.24 44.45 28.08
N ASP E 687 -44.49 44.11 28.39
CA ASP E 687 -45.59 44.17 27.44
C ASP E 687 -46.65 45.17 27.88
N TYR E 688 -46.22 46.34 28.34
CA TYR E 688 -47.11 47.39 28.80
C TYR E 688 -47.28 48.45 27.71
N ALA E 689 -48.21 49.36 27.96
CA ALA E 689 -48.50 50.45 27.01
C ALA E 689 -47.34 51.44 27.05
N TRP E 690 -46.50 51.38 26.01
CA TRP E 690 -45.31 52.24 25.97
C TRP E 690 -45.69 53.69 25.72
N HIS E 691 -46.80 53.95 25.04
CA HIS E 691 -47.19 55.30 24.68
C HIS E 691 -48.07 55.96 25.73
N GLU E 692 -48.29 55.31 26.88
CA GLU E 692 -49.08 55.86 27.97
C GLU E 692 -48.15 56.23 29.11
N GLY E 693 -48.18 57.51 29.52
CA GLY E 693 -47.35 57.96 30.61
C GLY E 693 -45.87 57.80 30.37
N THR E 694 -45.44 57.99 29.12
CA THR E 694 -44.03 57.83 28.78
C THR E 694 -43.22 59.01 29.30
N ALA E 695 -41.93 58.76 29.52
CA ALA E 695 -40.99 59.78 29.97
C ALA E 695 -39.85 59.85 28.95
N PHE E 696 -39.81 60.94 28.18
CA PHE E 696 -38.68 61.20 27.31
C PHE E 696 -37.56 61.85 28.10
N GLN E 697 -36.33 61.61 27.68
CA GLN E 697 -35.14 62.12 28.36
C GLN E 697 -34.28 62.85 27.32
N LEU E 698 -33.97 64.10 27.62
CA LEU E 698 -33.21 64.96 26.72
C LEU E 698 -31.77 65.07 27.21
N PHE E 699 -30.82 64.70 26.35
CA PHE E 699 -29.40 64.66 26.64
C PHE E 699 -28.67 65.58 25.68
N GLN E 700 -28.13 66.68 26.19
CA GLN E 700 -27.15 67.52 25.50
C GLN E 700 -27.66 67.94 24.11
N LEU E 701 -28.74 68.70 24.11
CA LEU E 701 -29.27 69.26 22.86
C LEU E 701 -28.48 70.52 22.53
N GLY E 702 -27.58 70.41 21.56
CA GLY E 702 -26.78 71.55 21.16
C GLY E 702 -27.56 72.55 20.33
N ASP E 703 -27.06 73.78 20.30
CA ASP E 703 -27.72 74.85 19.56
C ASP E 703 -27.72 74.55 18.07
N GLY E 704 -28.86 74.78 17.42
CA GLY E 704 -29.00 74.59 16.00
C GLY E 704 -29.21 73.16 15.56
N ASN E 705 -29.37 72.22 16.49
CA ASN E 705 -29.55 70.81 16.17
C ASN E 705 -30.99 70.39 16.37
N GLU E 706 -31.38 69.32 15.68
CA GLU E 706 -32.72 68.77 15.76
C GLU E 706 -32.64 67.28 16.05
N THR E 707 -33.55 66.80 16.89
CA THR E 707 -33.59 65.40 17.29
C THR E 707 -35.02 64.88 17.14
N VAL E 708 -35.12 63.58 16.86
CA VAL E 708 -36.41 62.92 16.66
C VAL E 708 -36.44 61.63 17.47
N CYS E 709 -37.64 61.19 17.82
CA CYS E 709 -37.83 59.95 18.55
C CYS E 709 -39.19 59.37 18.19
N GLN E 710 -39.22 58.08 17.87
CA GLN E 710 -40.44 57.40 17.45
C GLN E 710 -40.69 56.21 18.38
N VAL E 711 -41.70 56.33 19.22
CA VAL E 711 -42.10 55.22 20.07
C VAL E 711 -42.87 54.20 19.23
N PRO E 712 -42.51 52.91 19.27
CA PRO E 712 -43.18 51.92 18.44
C PRO E 712 -44.46 51.39 19.09
N ALA E 713 -45.23 50.67 18.28
CA ALA E 713 -46.45 50.02 18.72
C ALA E 713 -46.18 48.52 18.89
N ALA E 714 -47.25 47.76 19.15
CA ALA E 714 -47.10 46.31 19.30
C ALA E 714 -46.58 45.68 18.01
N ASP E 715 -47.09 46.12 16.87
CA ASP E 715 -46.64 45.60 15.58
C ASP E 715 -45.27 46.13 15.16
N GLY E 716 -44.74 47.13 15.87
CA GLY E 716 -43.45 47.70 15.57
C GLY E 716 -43.50 49.01 14.83
N SER E 717 -44.63 49.36 14.24
CA SER E 717 -44.76 50.63 13.53
C SER E 717 -44.87 51.78 14.53
N ALA E 718 -44.22 52.90 14.20
CA ALA E 718 -44.22 54.05 15.09
C ALA E 718 -45.66 54.52 15.33
N ILE E 719 -45.97 54.80 16.59
CA ILE E 719 -47.30 55.27 16.96
C ILE E 719 -47.30 56.76 17.32
N PHE E 720 -46.18 57.32 17.76
CA PHE E 720 -46.11 58.73 18.14
C PHE E 720 -44.69 59.20 17.92
N THR E 721 -44.54 60.40 17.35
CA THR E 721 -43.24 60.97 17.03
C THR E 721 -43.10 62.34 17.67
N LEU E 722 -41.92 62.59 18.23
CA LEU E 722 -41.63 63.84 18.92
C LEU E 722 -40.36 64.44 18.33
N LYS E 723 -40.39 65.74 18.01
CA LYS E 723 -39.26 66.44 17.44
C LYS E 723 -38.94 67.66 18.28
N ALA E 724 -37.65 67.83 18.61
CA ALA E 724 -37.19 68.94 19.42
C ALA E 724 -36.19 69.75 18.61
N LYS E 725 -36.37 71.07 18.59
CA LYS E 725 -35.50 71.99 17.88
C LYS E 725 -35.04 73.07 18.84
N ARG E 726 -33.73 73.29 18.89
CA ARG E 726 -33.13 74.30 19.77
C ARG E 726 -32.60 75.45 18.94
N GLN E 727 -32.92 76.68 19.36
CA GLN E 727 -32.42 77.89 18.72
C GLN E 727 -32.06 78.88 19.82
N GLY E 728 -30.82 79.32 19.83
CA GLY E 728 -30.37 80.21 20.88
C GLY E 728 -30.52 79.59 22.25
N ASN E 729 -31.49 80.10 23.03
CA ASN E 729 -31.78 79.56 24.36
C ASN E 729 -33.22 79.09 24.47
N THR E 730 -33.88 78.82 23.35
CA THR E 730 -35.27 78.37 23.33
C THR E 730 -35.37 77.03 22.62
N ILE E 731 -36.05 76.08 23.25
CA ILE E 731 -36.24 74.74 22.71
C ILE E 731 -37.73 74.52 22.50
N THR E 732 -38.11 74.15 21.29
CA THR E 732 -39.49 73.88 20.93
C THR E 732 -39.65 72.40 20.62
N VAL E 733 -40.63 71.77 21.27
CA VAL E 733 -40.91 70.34 21.09
C VAL E 733 -42.31 70.20 20.53
N SER E 734 -42.44 69.41 19.46
CA SER E 734 -43.71 69.16 18.81
C SER E 734 -43.91 67.66 18.65
N GLY E 735 -45.08 67.18 19.05
CA GLY E 735 -45.38 65.76 18.97
C GLY E 735 -46.66 65.51 18.20
N GLU E 736 -46.66 64.40 17.47
CA GLU E 736 -47.83 64.02 16.67
C GLU E 736 -47.97 62.51 16.69
N GLY E 737 -49.21 62.04 16.81
CA GLY E 737 -49.49 60.62 16.86
C GLY E 737 -50.60 60.28 17.84
N GLU E 738 -50.38 59.28 18.68
CA GLU E 738 -51.35 58.82 19.67
C GLU E 738 -50.66 58.70 21.01
N ALA E 739 -51.13 59.46 22.00
CA ALA E 739 -50.58 59.40 23.34
C ALA E 739 -51.53 60.10 24.29
N ARG E 740 -51.42 59.76 25.58
CA ARG E 740 -52.26 60.36 26.62
C ARG E 740 -51.40 60.57 27.86
N GLY E 741 -50.83 61.76 27.98
CA GLY E 741 -50.02 62.10 29.14
C GLY E 741 -48.58 61.65 28.99
N TRP E 742 -47.63 62.56 29.16
CA TRP E 742 -46.22 62.22 29.05
C TRP E 742 -45.41 63.31 29.74
N THR E 743 -44.13 62.99 29.96
CA THR E 743 -43.21 63.90 30.61
C THR E 743 -41.91 63.97 29.81
N LEU E 744 -41.22 65.11 29.92
CA LEU E 744 -39.93 65.31 29.30
C LEU E 744 -38.94 65.76 30.36
N CYS E 745 -37.87 65.00 30.57
CA CYS E 745 -36.86 65.29 31.57
C CYS E 745 -35.60 65.76 30.85
N LEU E 746 -35.32 67.06 30.95
CA LEU E 746 -34.06 67.60 30.47
C LEU E 746 -32.99 67.31 31.51
N ARG E 747 -31.90 66.67 31.08
CA ARG E 747 -30.86 66.24 32.01
C ARG E 747 -29.81 67.33 32.19
N ASN E 748 -29.25 67.39 33.40
CA ASN E 748 -28.21 68.35 33.75
C ASN E 748 -28.69 69.78 33.61
N ILE E 749 -29.98 70.01 33.81
CA ILE E 749 -30.57 71.35 33.78
C ILE E 749 -31.26 71.59 35.12
N PRO E 750 -30.59 72.27 36.06
CA PRO E 750 -31.21 72.47 37.37
C PRO E 750 -32.56 73.17 37.33
N GLN E 751 -32.72 74.14 36.43
CA GLN E 751 -33.97 74.91 36.38
C GLN E 751 -34.10 75.54 35.00
N ILE E 752 -35.31 76.04 34.72
CA ILE E 752 -35.61 76.70 33.45
C ILE E 752 -36.17 78.08 33.76
N ALA E 753 -36.10 78.99 32.78
CA ALA E 753 -36.55 80.37 32.93
C ALA E 753 -37.82 80.64 32.13
N GLY E 754 -38.67 79.63 31.95
CA GLY E 754 -39.92 79.81 31.24
C GLY E 754 -40.41 78.57 30.53
N VAL E 755 -41.71 78.33 30.62
CA VAL E 755 -42.36 77.19 29.97
C VAL E 755 -43.64 77.66 29.32
N GLU E 756 -44.11 76.91 28.34
CA GLU E 756 -45.33 77.22 27.59
C GLU E 756 -46.17 75.96 27.48
N GLY E 757 -47.19 75.85 28.34
CA GLY E 757 -48.13 74.76 28.29
C GLY E 757 -47.70 73.51 29.03
N GLY E 758 -46.56 73.52 29.69
CA GLY E 758 -46.09 72.36 30.42
C GLY E 758 -45.83 72.65 31.88
N THR E 759 -46.18 71.72 32.76
CA THR E 759 -45.99 71.91 34.20
C THR E 759 -44.59 71.43 34.58
N GLN E 760 -43.76 72.33 35.08
CA GLN E 760 -42.35 72.05 35.32
C GLN E 760 -42.11 71.72 36.79
N ALA E 761 -41.10 70.88 37.03
CA ALA E 761 -40.69 70.54 38.38
C ALA E 761 -39.23 70.09 38.34
N GLY E 762 -38.59 70.11 39.50
CA GLY E 762 -37.19 69.72 39.60
C GLY E 762 -37.02 68.27 40.05
N SER E 763 -35.85 67.72 39.73
CA SER E 763 -35.52 66.37 40.13
C SER E 763 -34.01 66.22 40.15
N GLU E 764 -33.53 65.19 40.86
CA GLU E 764 -32.10 64.99 41.00
C GLU E 764 -31.42 64.80 39.65
N LEU E 765 -32.15 64.39 38.62
CA LEU E 765 -31.59 64.17 37.30
C LEU E 765 -31.83 65.34 36.35
N GLY E 766 -32.45 66.42 36.81
CA GLY E 766 -32.67 67.57 35.95
C GLY E 766 -34.03 68.23 36.16
N VAL E 767 -34.71 68.55 35.08
CA VAL E 767 -36.01 69.21 35.14
C VAL E 767 -37.03 68.39 34.36
N VAL E 768 -38.13 68.03 35.01
CA VAL E 768 -39.18 67.22 34.43
C VAL E 768 -40.38 68.12 34.16
N VAL E 769 -40.83 68.15 32.90
CA VAL E 769 -41.99 68.92 32.49
C VAL E 769 -43.05 67.94 32.03
N SER E 770 -44.19 67.93 32.72
CA SER E 770 -45.34 67.14 32.30
C SER E 770 -46.13 67.93 31.25
N ALA E 771 -46.45 67.27 30.14
CA ALA E 771 -47.08 67.92 29.00
C ALA E 771 -48.58 67.62 28.99
N GLN E 772 -49.38 68.67 28.96
CA GLN E 772 -50.83 68.55 28.81
C GLN E 772 -51.28 68.72 27.37
N GLY E 773 -50.35 68.87 26.42
CA GLY E 773 -50.69 69.03 25.03
C GLY E 773 -49.70 68.33 24.12
N ASN E 774 -49.61 68.76 22.87
CA ASN E 774 -48.72 68.16 21.88
C ASN E 774 -47.75 69.19 21.30
N ALA E 775 -47.47 70.27 22.05
CA ALA E 775 -46.53 71.28 21.60
C ALA E 775 -46.14 72.14 22.79
N LEU E 776 -44.83 72.27 23.01
CA LEU E 776 -44.32 73.07 24.13
C LEU E 776 -43.11 73.87 23.66
N THR E 777 -42.87 74.97 24.38
CA THR E 777 -41.70 75.82 24.14
C THR E 777 -41.13 76.24 25.49
N ILE E 778 -39.82 76.04 25.66
CA ILE E 778 -39.15 76.33 26.92
C ILE E 778 -37.97 77.25 26.65
N SER E 779 -37.92 78.37 27.36
CA SER E 779 -36.84 79.33 27.20
C SER E 779 -35.78 79.14 28.30
N MET F 9 3.38 -8.42 -19.59
CA MET F 9 2.85 -9.11 -20.77
C MET F 9 3.76 -10.28 -21.16
N LYS F 10 5.02 -10.22 -20.74
CA LYS F 10 5.96 -11.29 -21.05
C LYS F 10 5.51 -12.59 -20.41
N ILE F 11 5.63 -13.67 -21.16
CA ILE F 11 5.20 -15.00 -20.72
C ILE F 11 6.38 -15.89 -20.37
N SER F 12 7.36 -15.99 -21.26
CA SER F 12 8.51 -16.86 -21.07
C SER F 12 9.75 -16.02 -20.79
N ASP F 13 10.43 -16.33 -19.69
CA ASP F 13 11.67 -15.65 -19.31
C ASP F 13 12.86 -16.47 -19.82
N GLY F 14 12.94 -16.56 -21.15
CA GLY F 14 13.96 -17.36 -21.80
C GLY F 14 13.40 -18.58 -22.48
N ASN F 15 14.04 -19.73 -22.28
CA ASN F 15 13.59 -20.99 -22.87
C ASN F 15 13.41 -22.12 -21.87
N TRP F 16 13.77 -21.93 -20.61
CA TRP F 16 13.65 -22.96 -19.59
C TRP F 16 12.74 -22.59 -18.43
N LEU F 17 12.62 -21.30 -18.10
CA LEU F 17 11.80 -20.85 -16.99
C LEU F 17 10.84 -19.77 -17.47
N ILE F 18 9.91 -19.40 -16.57
CA ILE F 18 8.89 -18.39 -16.85
C ILE F 18 8.88 -17.38 -15.72
N GLN F 19 8.24 -16.25 -15.97
CA GLN F 19 8.19 -15.18 -14.99
C GLN F 19 7.41 -15.63 -13.75
N PRO F 20 7.76 -15.12 -12.58
CA PRO F 20 7.04 -15.52 -11.35
C PRO F 20 5.58 -15.09 -11.40
N GLY F 21 4.74 -15.84 -10.69
CA GLY F 21 3.34 -15.49 -10.58
C GLY F 21 2.56 -15.58 -11.87
N LEU F 22 2.82 -16.60 -12.69
CA LEU F 22 2.11 -16.80 -13.95
C LEU F 22 1.81 -18.29 -14.08
N ASN F 23 0.57 -18.67 -13.75
CA ASN F 23 0.15 -20.06 -13.88
C ASN F 23 -0.18 -20.36 -15.33
N LEU F 24 0.41 -21.44 -15.86
CA LEU F 24 0.25 -21.83 -17.25
C LEU F 24 -0.49 -23.15 -17.32
N ILE F 25 -1.55 -23.20 -18.14
CA ILE F 25 -2.30 -24.42 -18.39
C ILE F 25 -2.33 -24.63 -19.90
N GLN F 26 -1.70 -25.71 -20.37
CA GLN F 26 -1.54 -25.94 -21.79
C GLN F 26 -2.08 -27.31 -22.16
N PRO F 27 -2.66 -27.46 -23.36
CA PRO F 27 -3.09 -28.79 -23.80
C PRO F 27 -1.89 -29.67 -24.14
N VAL F 28 -1.97 -30.93 -23.74
CA VAL F 28 -0.87 -31.87 -23.93
C VAL F 28 -1.37 -33.11 -24.65
N GLN F 29 -2.66 -33.40 -24.55
CA GLN F 29 -3.22 -34.62 -25.11
C GLN F 29 -4.63 -34.34 -25.62
N VAL F 30 -5.07 -35.15 -26.58
CA VAL F 30 -6.41 -35.08 -27.14
C VAL F 30 -7.27 -36.12 -26.46
N TYR F 31 -8.37 -35.68 -25.86
CA TYR F 31 -9.27 -36.58 -25.14
C TYR F 31 -10.43 -37.05 -26.01
N GLU F 32 -11.17 -36.14 -26.63
CA GLU F 32 -12.34 -36.52 -27.40
C GLU F 32 -12.50 -35.63 -28.63
N VAL F 33 -13.15 -36.19 -29.65
CA VAL F 33 -13.45 -35.49 -30.89
C VAL F 33 -14.90 -35.76 -31.25
N GLU F 34 -15.61 -34.71 -31.67
CA GLU F 34 -17.01 -34.81 -32.04
C GLU F 34 -17.26 -34.01 -33.31
N GLN F 35 -18.29 -34.41 -34.06
CA GLN F 35 -18.70 -33.76 -35.29
C GLN F 35 -20.11 -33.19 -35.08
N GLN F 36 -20.23 -31.87 -35.12
CA GLN F 36 -21.51 -31.18 -34.97
C GLN F 36 -21.83 -30.54 -36.32
N GLY F 37 -22.63 -31.23 -37.13
CA GLY F 37 -22.99 -30.73 -38.44
C GLY F 37 -21.78 -30.54 -39.33
N ASN F 38 -21.45 -29.28 -39.62
CA ASN F 38 -20.30 -28.94 -40.45
C ASN F 38 -19.11 -28.46 -39.64
N GLU F 39 -19.15 -28.61 -38.32
CA GLU F 39 -18.09 -28.16 -37.44
C GLU F 39 -17.49 -29.34 -36.68
N MET F 40 -16.24 -29.17 -36.25
CA MET F 40 -15.53 -30.19 -35.48
C MET F 40 -15.20 -29.63 -34.10
N VAL F 41 -15.36 -30.46 -33.08
CA VAL F 41 -15.10 -30.07 -31.70
C VAL F 41 -14.07 -31.03 -31.12
N VAL F 42 -13.05 -30.48 -30.48
CA VAL F 42 -11.99 -31.27 -29.85
C VAL F 42 -11.90 -30.86 -28.39
N TYR F 43 -12.06 -31.84 -27.50
CA TYR F 43 -11.90 -31.63 -26.07
C TYR F 43 -10.56 -32.21 -25.65
N ALA F 44 -9.68 -31.37 -25.11
CA ALA F 44 -8.33 -31.75 -24.77
C ALA F 44 -8.05 -31.44 -23.31
N ALA F 45 -7.06 -32.14 -22.76
CA ALA F 45 -6.67 -31.99 -21.36
C ALA F 45 -5.16 -31.76 -21.25
N PRO F 46 -4.70 -31.16 -20.15
CA PRO F 46 -3.27 -30.88 -20.01
C PRO F 46 -2.43 -32.07 -19.60
N ARG F 47 -3.05 -33.21 -19.27
CA ARG F 47 -2.32 -34.36 -18.78
C ARG F 47 -2.92 -35.63 -19.37
N ASP F 48 -2.22 -36.74 -19.18
CA ASP F 48 -2.72 -38.03 -19.63
C ASP F 48 -4.05 -38.34 -18.96
N VAL F 49 -5.04 -38.74 -19.76
CA VAL F 49 -6.37 -39.02 -19.24
C VAL F 49 -6.86 -40.36 -19.77
N ARG F 50 -5.95 -41.15 -20.35
CA ARG F 50 -6.34 -42.48 -20.83
C ARG F 50 -6.83 -43.36 -19.69
N GLU F 51 -6.29 -43.16 -18.49
CA GLU F 51 -6.70 -43.94 -17.33
C GLU F 51 -7.86 -43.24 -16.62
N ARG F 52 -8.70 -44.04 -15.96
CA ARG F 52 -9.88 -43.51 -15.30
C ARG F 52 -9.54 -42.67 -14.07
N ALA F 53 -8.33 -42.85 -13.50
CA ALA F 53 -8.00 -42.15 -12.27
C ALA F 53 -7.84 -40.66 -12.50
N TRP F 54 -7.31 -40.26 -13.65
CA TRP F 54 -7.01 -38.87 -13.93
C TRP F 54 -8.11 -38.17 -14.72
N GLN F 55 -9.27 -38.81 -14.89
CA GLN F 55 -10.39 -38.20 -15.61
C GLN F 55 -11.25 -37.35 -14.69
N LEU F 56 -10.61 -36.43 -13.96
CA LEU F 56 -11.31 -35.55 -13.04
C LEU F 56 -10.30 -34.58 -12.43
N ASP F 57 -10.83 -33.50 -11.85
CA ASP F 57 -10.01 -32.51 -11.15
C ASP F 57 -8.97 -31.88 -12.07
N THR F 58 -9.29 -31.75 -13.36
CA THR F 58 -8.41 -31.14 -14.33
C THR F 58 -9.21 -30.26 -15.28
N PRO F 59 -8.59 -29.24 -15.86
CA PRO F 59 -9.30 -28.40 -16.84
C PRO F 59 -9.53 -29.14 -18.14
N LEU F 60 -10.16 -28.48 -19.11
CA LEU F 60 -10.43 -29.10 -20.41
C LEU F 60 -10.61 -27.99 -21.44
N PHE F 61 -9.68 -27.88 -22.38
CA PHE F 61 -9.80 -26.90 -23.45
C PHE F 61 -10.70 -27.41 -24.55
N THR F 62 -11.54 -26.52 -25.09
CA THR F 62 -12.46 -26.86 -26.16
C THR F 62 -12.06 -26.09 -27.41
N LEU F 63 -11.76 -26.83 -28.49
CA LEU F 63 -11.34 -26.23 -29.75
C LEU F 63 -12.41 -26.53 -30.80
N ARG F 64 -12.95 -25.48 -31.40
CA ARG F 64 -13.97 -25.60 -32.44
C ARG F 64 -13.37 -25.17 -33.77
N PHE F 65 -13.45 -26.06 -34.76
CA PHE F 65 -12.95 -25.80 -36.10
C PHE F 65 -14.14 -25.74 -37.06
N PHE F 66 -14.23 -24.65 -37.82
CA PHE F 66 -15.31 -24.45 -38.76
C PHE F 66 -14.77 -23.76 -40.01
N SER F 67 -15.62 -23.64 -41.03
CA SER F 67 -15.25 -23.05 -42.30
C SER F 67 -16.29 -22.03 -42.72
N PRO F 68 -16.16 -20.78 -42.27
CA PRO F 68 -17.14 -19.76 -42.67
C PRO F 68 -17.16 -19.49 -44.16
N GLN F 69 -16.06 -19.75 -44.86
CA GLN F 69 -15.98 -19.50 -46.29
C GLN F 69 -14.99 -20.48 -46.90
N GLU F 70 -15.15 -20.73 -48.19
CA GLU F 70 -14.23 -21.62 -48.90
C GLU F 70 -12.82 -21.09 -48.82
N GLY F 71 -11.87 -21.97 -48.47
CA GLY F 71 -10.48 -21.59 -48.35
C GLY F 71 -10.11 -20.91 -47.05
N ILE F 72 -11.05 -20.75 -46.13
CA ILE F 72 -10.81 -20.10 -44.85
C ILE F 72 -11.23 -21.05 -43.74
N ILE F 73 -10.38 -21.20 -42.72
CA ILE F 73 -10.65 -22.08 -41.59
C ILE F 73 -10.60 -21.24 -40.32
N GLY F 74 -11.65 -21.32 -39.52
CA GLY F 74 -11.75 -20.59 -38.27
C GLY F 74 -11.62 -21.52 -37.08
N VAL F 75 -10.78 -21.11 -36.12
CA VAL F 75 -10.49 -21.89 -34.92
C VAL F 75 -10.87 -21.05 -33.71
N ARG F 76 -11.62 -21.65 -32.79
CA ARG F 76 -12.09 -21.01 -31.58
C ARG F 76 -11.68 -21.88 -30.39
N MET F 77 -10.77 -21.37 -29.57
CA MET F 77 -10.29 -22.08 -28.39
C MET F 77 -10.90 -21.44 -27.15
N GLU F 78 -11.51 -22.26 -26.29
CA GLU F 78 -12.25 -21.79 -25.14
C GLU F 78 -11.89 -22.59 -23.91
N HIS F 79 -11.95 -21.91 -22.75
CA HIS F 79 -11.77 -22.50 -21.44
C HIS F 79 -13.05 -22.44 -20.61
N PHE F 80 -13.62 -21.25 -20.44
CA PHE F 80 -14.87 -21.06 -19.73
C PHE F 80 -15.91 -20.46 -20.67
N GLN F 81 -17.09 -21.06 -20.73
CA GLN F 81 -18.19 -20.56 -21.54
C GLN F 81 -19.15 -19.65 -20.77
N GLY F 82 -18.90 -19.43 -19.48
CA GLY F 82 -19.78 -18.62 -18.67
C GLY F 82 -19.53 -17.12 -18.76
N ALA F 83 -18.51 -16.70 -19.49
CA ALA F 83 -18.21 -15.28 -19.61
C ALA F 83 -19.23 -14.60 -20.52
N LEU F 84 -19.25 -13.27 -20.45
CA LEU F 84 -20.17 -12.47 -21.23
C LEU F 84 -19.51 -12.02 -22.54
N ASP F 85 -20.27 -12.08 -23.62
CA ASP F 85 -19.81 -11.64 -24.94
C ASP F 85 -20.79 -10.56 -25.43
N ASN F 86 -20.41 -9.31 -25.23
CA ASN F 86 -21.26 -8.17 -25.56
C ASN F 86 -20.90 -7.61 -26.94
N SER F 87 -21.77 -6.74 -27.44
CA SER F 87 -21.54 -6.08 -28.71
C SER F 87 -20.38 -5.09 -28.58
N PRO F 88 -19.76 -4.71 -29.70
CA PRO F 88 -20.03 -5.11 -31.09
C PRO F 88 -19.16 -6.26 -31.57
N HIS F 89 -19.32 -6.67 -32.82
CA HIS F 89 -18.49 -7.70 -33.44
C HIS F 89 -18.12 -7.25 -34.84
N TYR F 90 -17.01 -7.78 -35.33
CA TYR F 90 -16.53 -7.39 -36.65
C TYR F 90 -17.56 -7.80 -37.70
N PRO F 91 -17.80 -6.97 -38.73
CA PRO F 91 -18.78 -7.32 -39.77
C PRO F 91 -18.26 -8.35 -40.77
N LEU F 92 -18.34 -9.62 -40.38
CA LEU F 92 -17.84 -10.72 -41.19
C LEU F 92 -19.00 -11.38 -41.93
N ASN F 93 -18.81 -11.60 -43.23
CA ASN F 93 -19.81 -12.28 -44.05
C ASN F 93 -19.58 -13.78 -43.96
N VAL F 94 -20.58 -14.50 -43.48
CA VAL F 94 -20.49 -15.94 -43.25
C VAL F 94 -21.54 -16.64 -44.11
N GLN F 95 -21.12 -17.68 -44.82
CA GLN F 95 -21.99 -18.46 -45.68
C GLN F 95 -22.24 -19.82 -45.03
N LYS F 96 -23.51 -20.22 -44.99
CA LYS F 96 -23.91 -21.49 -44.40
C LYS F 96 -24.11 -22.59 -45.43
N ASP F 97 -23.71 -22.35 -46.67
CA ASP F 97 -23.86 -23.30 -47.76
C ASP F 97 -22.50 -23.68 -48.34
N VAL F 98 -21.54 -23.94 -47.46
CA VAL F 98 -20.17 -24.27 -47.85
C VAL F 98 -19.99 -25.78 -47.74
N HIS F 99 -19.43 -26.39 -48.77
CA HIS F 99 -19.15 -27.83 -48.77
C HIS F 99 -17.86 -28.09 -48.01
N VAL F 100 -17.93 -28.93 -46.98
CA VAL F 100 -16.77 -29.25 -46.15
C VAL F 100 -16.72 -30.76 -45.97
N GLU F 101 -15.52 -31.25 -45.65
CA GLU F 101 -15.28 -32.67 -45.45
C GLU F 101 -14.63 -32.89 -44.08
N ILE F 102 -15.04 -33.95 -43.41
CA ILE F 102 -14.51 -34.31 -42.10
C ILE F 102 -14.11 -35.77 -42.13
N GLU F 103 -12.90 -36.06 -41.64
CA GLU F 103 -12.38 -37.43 -41.55
C GLU F 103 -11.93 -37.66 -40.12
N ASN F 104 -12.62 -38.55 -39.41
CA ASN F 104 -12.34 -38.85 -38.00
C ASN F 104 -11.96 -40.32 -37.90
N THR F 105 -10.69 -40.61 -38.05
CA THR F 105 -10.16 -41.97 -37.89
C THR F 105 -9.45 -42.08 -36.54
N ALA F 106 -9.06 -43.33 -36.22
CA ALA F 106 -8.46 -43.61 -34.92
C ALA F 106 -7.09 -42.98 -34.74
N GLU F 107 -6.49 -42.47 -35.82
CA GLU F 107 -5.14 -41.91 -35.76
C GLU F 107 -5.12 -40.39 -35.74
N PHE F 108 -5.99 -39.74 -36.50
CA PHE F 108 -5.97 -38.28 -36.60
C PHE F 108 -7.35 -37.78 -37.00
N ALA F 109 -7.55 -36.48 -36.82
CA ALA F 109 -8.79 -35.81 -37.21
C ALA F 109 -8.45 -34.74 -38.25
N GLU F 110 -9.17 -34.78 -39.38
CA GLU F 110 -8.91 -33.88 -40.49
C GLU F 110 -10.18 -33.15 -40.87
N LEU F 111 -10.08 -31.83 -41.02
CA LEU F 111 -11.18 -30.99 -41.51
C LEU F 111 -10.68 -30.31 -42.78
N LYS F 112 -11.28 -30.68 -43.92
CA LYS F 112 -10.84 -30.20 -45.22
C LYS F 112 -11.90 -29.30 -45.84
N SER F 113 -11.50 -28.09 -46.22
CA SER F 113 -12.35 -27.16 -46.96
C SER F 113 -11.58 -26.69 -48.18
N GLY F 114 -12.18 -26.85 -49.35
CA GLY F 114 -11.50 -26.44 -50.57
C GLY F 114 -10.16 -27.16 -50.70
N SER F 115 -9.12 -26.38 -50.93
CA SER F 115 -7.77 -26.91 -51.04
C SER F 115 -7.02 -26.92 -49.71
N LEU F 116 -7.61 -26.36 -48.65
CA LEU F 116 -6.97 -26.28 -47.35
C LEU F 116 -7.52 -27.36 -46.43
N SER F 117 -6.71 -27.74 -45.44
CA SER F 117 -7.15 -28.71 -44.45
C SER F 117 -6.41 -28.45 -43.14
N VAL F 118 -7.04 -28.91 -42.06
CA VAL F 118 -6.48 -28.83 -40.71
C VAL F 118 -6.43 -30.24 -40.14
N ARG F 119 -5.26 -30.63 -39.63
CA ARG F 119 -5.03 -31.97 -39.12
C ARG F 119 -4.60 -31.89 -37.67
N VAL F 120 -5.20 -32.74 -36.84
CA VAL F 120 -4.86 -32.87 -35.42
C VAL F 120 -4.50 -34.33 -35.17
N THR F 121 -3.35 -34.55 -34.55
CA THR F 121 -2.85 -35.90 -34.29
C THR F 121 -3.25 -36.32 -32.88
N LYS F 122 -3.85 -37.50 -32.76
CA LYS F 122 -4.26 -38.04 -31.48
C LYS F 122 -3.13 -38.87 -30.87
N GLY F 123 -3.33 -39.25 -29.61
CA GLY F 123 -2.35 -40.05 -28.89
C GLY F 123 -1.57 -39.25 -27.86
N GLU F 124 -0.35 -39.68 -27.56
CA GLU F 124 0.45 -38.99 -26.56
C GLU F 124 1.02 -37.69 -27.10
N PHE F 125 1.23 -37.60 -28.42
CA PHE F 125 1.85 -36.43 -29.03
C PHE F 125 0.73 -35.52 -29.57
N TRP F 126 0.66 -34.31 -29.04
CA TRP F 126 -0.31 -33.32 -29.49
C TRP F 126 0.35 -32.41 -30.52
N ALA F 127 -0.32 -32.23 -31.66
CA ALA F 127 0.21 -31.39 -32.72
C ALA F 127 -0.92 -30.94 -33.61
N LEU F 128 -0.84 -29.71 -34.10
CA LEU F 128 -1.82 -29.13 -35.02
C LEU F 128 -1.10 -28.68 -36.28
N ASP F 129 -1.63 -29.05 -37.44
CA ASP F 129 -1.00 -28.72 -38.71
C ASP F 129 -2.03 -28.19 -39.69
N PHE F 130 -1.59 -27.27 -40.55
CA PHE F 130 -2.38 -26.76 -41.65
C PHE F 130 -1.74 -27.22 -42.96
N LEU F 131 -2.53 -27.90 -43.80
CA LEU F 131 -2.02 -28.53 -45.01
C LEU F 131 -2.69 -27.92 -46.23
N ARG F 132 -1.88 -27.51 -47.20
CA ARG F 132 -2.35 -27.01 -48.48
C ARG F 132 -2.17 -28.14 -49.50
N ASP F 133 -3.20 -28.97 -49.65
CA ASP F 133 -3.18 -30.11 -50.55
C ASP F 133 -2.29 -31.24 -50.02
N GLY F 134 -2.15 -31.34 -48.70
CA GLY F 134 -1.43 -32.44 -48.08
C GLY F 134 -0.02 -32.13 -47.64
N VAL F 135 0.43 -30.88 -47.80
CA VAL F 135 1.77 -30.47 -47.40
C VAL F 135 1.65 -29.38 -46.34
N ARG F 136 2.34 -29.57 -45.22
CA ARG F 136 2.26 -28.60 -44.13
C ARG F 136 2.87 -27.27 -44.54
N ILE F 137 2.23 -26.19 -44.10
CA ILE F 137 2.73 -24.84 -44.33
C ILE F 137 2.98 -24.16 -42.99
N THR F 138 2.23 -24.57 -41.97
CA THR F 138 2.36 -24.00 -40.62
C THR F 138 1.53 -24.84 -39.66
N GLY F 139 1.55 -24.44 -38.40
CA GLY F 139 0.80 -25.14 -37.38
C GLY F 139 1.29 -24.78 -36.00
N SER F 140 0.75 -25.50 -35.02
CA SER F 140 1.08 -25.32 -33.61
C SER F 140 1.69 -26.61 -33.07
N GLN F 141 2.83 -26.48 -32.40
CA GLN F 141 3.53 -27.61 -31.82
C GLN F 141 3.04 -27.85 -30.40
N LEU F 142 3.74 -28.71 -29.67
CA LEU F 142 3.35 -29.05 -28.31
C LEU F 142 3.67 -27.90 -27.35
N LYS F 143 2.78 -27.69 -26.37
CA LYS F 143 2.98 -26.69 -25.32
C LYS F 143 3.23 -25.31 -25.91
N ASN F 144 2.39 -24.93 -26.89
CA ASN F 144 2.45 -23.62 -27.50
C ASN F 144 1.08 -22.96 -27.61
N ASN F 145 0.06 -23.54 -26.99
CA ASN F 145 -1.32 -23.03 -27.03
C ASN F 145 -1.84 -22.83 -25.62
N GLY F 146 -1.05 -22.19 -24.76
CA GLY F 146 -1.34 -22.15 -23.35
C GLY F 146 -2.33 -21.07 -22.95
N TYR F 147 -2.75 -21.16 -21.69
CA TYR F 147 -3.62 -20.19 -21.04
C TYR F 147 -2.94 -19.71 -19.77
N VAL F 148 -2.89 -18.40 -19.57
CA VAL F 148 -2.06 -17.78 -18.54
C VAL F 148 -2.97 -17.11 -17.52
N GLN F 149 -2.71 -17.38 -16.25
CA GLN F 149 -3.37 -16.72 -15.13
C GLN F 149 -2.32 -15.89 -14.39
N ASP F 150 -2.58 -14.59 -14.25
CA ASP F 150 -1.67 -13.68 -13.57
C ASP F 150 -2.29 -13.30 -12.23
N SER F 151 -1.62 -13.70 -11.14
CA SER F 151 -2.12 -13.41 -9.81
C SER F 151 -1.89 -11.95 -9.41
N LYS F 152 -0.82 -11.33 -9.90
CA LYS F 152 -0.54 -9.94 -9.55
C LYS F 152 -1.71 -9.04 -9.91
N THR F 153 -2.18 -9.11 -11.15
CA THR F 153 -3.33 -8.34 -11.61
C THR F 153 -4.62 -9.15 -11.58
N GLN F 154 -4.56 -10.41 -11.15
CA GLN F 154 -5.74 -11.27 -11.15
C GLN F 154 -6.41 -11.31 -12.52
N ARG F 155 -5.59 -11.41 -13.56
CA ARG F 155 -6.05 -11.36 -14.94
C ARG F 155 -5.83 -12.71 -15.62
N ASN F 156 -6.45 -12.84 -16.79
CA ASN F 156 -6.37 -14.06 -17.59
C ASN F 156 -6.06 -13.70 -19.03
N TYR F 157 -5.19 -14.48 -19.65
CA TYR F 157 -4.76 -14.24 -21.03
C TYR F 157 -4.75 -15.55 -21.81
N MET F 158 -5.04 -15.44 -23.10
CA MET F 158 -4.97 -16.57 -24.03
C MET F 158 -4.01 -16.21 -25.14
N PHE F 159 -3.00 -17.05 -25.36
CA PHE F 159 -1.96 -16.80 -26.36
C PHE F 159 -1.83 -18.01 -27.27
N GLU F 160 -1.47 -17.73 -28.53
CA GLU F 160 -1.29 -18.77 -29.52
C GLU F 160 -0.03 -18.47 -30.34
N ARG F 161 0.71 -19.52 -30.66
CA ARG F 161 1.95 -19.42 -31.42
C ARG F 161 1.82 -20.23 -32.70
N LEU F 162 2.29 -19.66 -33.80
CA LEU F 162 2.27 -20.31 -35.11
C LEU F 162 3.70 -20.42 -35.63
N ASP F 163 4.04 -21.59 -36.15
CA ASP F 163 5.42 -21.85 -36.58
C ASP F 163 5.77 -21.05 -37.82
N LEU F 164 7.06 -20.79 -37.99
CA LEU F 164 7.60 -20.11 -39.16
C LEU F 164 8.76 -20.93 -39.71
N GLY F 165 8.75 -21.15 -41.03
CA GLY F 165 9.83 -21.84 -41.70
C GLY F 165 10.98 -20.91 -42.02
N VAL F 166 11.86 -21.40 -42.89
CA VAL F 166 13.03 -20.62 -43.32
C VAL F 166 12.60 -19.67 -44.44
N GLY F 167 12.99 -18.40 -44.32
CA GLY F 167 12.67 -17.41 -45.33
C GLY F 167 11.33 -16.75 -45.17
N GLU F 168 10.58 -17.07 -44.12
CA GLU F 168 9.26 -16.46 -43.93
C GLU F 168 9.41 -14.96 -43.68
N THR F 169 8.50 -14.19 -44.27
CA THR F 169 8.45 -12.75 -44.07
C THR F 169 7.00 -12.35 -43.80
N VAL F 170 6.80 -11.51 -42.80
CA VAL F 170 5.48 -11.11 -42.34
C VAL F 170 5.21 -9.68 -42.80
N TYR F 171 4.02 -9.44 -43.33
CA TYR F 171 3.63 -8.12 -43.81
C TYR F 171 2.23 -7.79 -43.35
N GLY F 172 1.93 -6.50 -43.31
CA GLY F 172 0.59 -6.04 -42.99
C GLY F 172 0.49 -5.39 -41.62
N LEU F 173 -0.51 -5.81 -40.84
CA LEU F 173 -0.74 -5.28 -39.50
C LEU F 173 -1.08 -3.79 -39.52
N GLY F 174 -1.66 -3.32 -40.60
CA GLY F 174 -2.15 -1.96 -40.67
C GLY F 174 -1.11 -0.96 -41.12
N GLU F 175 -1.42 0.31 -40.86
CA GLU F 175 -0.55 1.42 -41.26
C GLU F 175 0.58 1.52 -40.25
N ARG F 176 1.74 0.98 -40.60
CA ARG F 176 2.95 1.08 -39.80
C ARG F 176 4.03 1.76 -40.61
N PHE F 177 4.72 2.72 -40.00
CA PHE F 177 5.80 3.45 -40.66
C PHE F 177 7.18 2.88 -40.32
N THR F 178 7.22 1.74 -39.64
CA THR F 178 8.47 1.06 -39.34
C THR F 178 8.93 0.30 -40.58
N ALA F 179 9.92 -0.58 -40.40
CA ALA F 179 10.41 -1.37 -41.53
C ALA F 179 9.29 -2.20 -42.11
N LEU F 180 9.33 -2.37 -43.44
CA LEU F 180 8.25 -3.09 -44.11
C LEU F 180 8.12 -4.51 -43.59
N VAL F 181 9.24 -5.19 -43.37
CA VAL F 181 9.22 -6.53 -42.81
C VAL F 181 8.98 -6.42 -41.31
N ARG F 182 7.98 -7.14 -40.83
CA ARG F 182 7.56 -7.07 -39.43
C ARG F 182 8.38 -7.98 -38.51
N ASN F 183 9.33 -8.72 -39.06
CA ASN F 183 10.16 -9.58 -38.22
C ASN F 183 10.93 -8.74 -37.21
N GLY F 184 10.90 -9.18 -35.95
CA GLY F 184 11.60 -8.48 -34.89
C GLY F 184 10.84 -7.34 -34.25
N GLN F 185 9.55 -7.20 -34.54
CA GLN F 185 8.74 -6.09 -34.04
C GLN F 185 7.67 -6.62 -33.10
N THR F 186 7.53 -5.97 -31.94
CA THR F 186 6.47 -6.30 -30.98
C THR F 186 5.28 -5.36 -31.16
N VAL F 187 4.65 -5.49 -32.33
CA VAL F 187 3.54 -4.61 -32.67
C VAL F 187 2.35 -4.88 -31.75
N GLU F 188 1.56 -3.83 -31.50
CA GLU F 188 0.34 -3.93 -30.71
C GLU F 188 -0.76 -3.16 -31.42
N THR F 189 -1.97 -3.73 -31.41
CA THR F 189 -3.12 -3.14 -32.11
C THR F 189 -3.89 -2.27 -31.13
N TRP F 190 -3.68 -0.96 -31.20
CA TRP F 190 -4.42 -0.01 -30.38
C TRP F 190 -4.35 1.35 -31.05
N ASN F 191 -5.48 1.82 -31.55
CA ASN F 191 -5.51 3.11 -32.24
C ASN F 191 -5.04 4.22 -31.32
N GLU F 192 -4.14 5.07 -31.83
CA GLU F 192 -3.60 6.17 -31.06
C GLU F 192 -3.11 7.25 -32.02
N ASP F 193 -3.27 8.50 -31.61
CA ASP F 193 -2.85 9.65 -32.42
C ASP F 193 -1.46 10.08 -31.93
N GLY F 194 -0.43 9.43 -32.44
CA GLY F 194 0.93 9.72 -32.03
C GLY F 194 1.84 10.10 -33.18
N GLY F 195 1.25 10.65 -34.24
CA GLY F 195 2.02 11.06 -35.40
C GLY F 195 2.41 9.88 -36.26
N THR F 196 3.33 10.16 -37.19
CA THR F 196 3.85 9.15 -38.10
C THR F 196 5.24 8.67 -37.74
N SER F 197 6.07 9.51 -37.14
CA SER F 197 7.42 9.09 -36.76
C SER F 197 7.37 7.97 -35.72
N THR F 198 6.47 8.09 -34.75
CA THR F 198 6.38 7.09 -33.70
C THR F 198 5.75 5.80 -34.22
N GLU F 199 6.03 4.70 -33.52
CA GLU F 199 5.49 3.42 -33.92
C GLU F 199 3.96 3.38 -33.82
N GLN F 200 3.36 4.29 -33.06
CA GLN F 200 1.91 4.32 -32.94
C GLN F 200 1.28 4.57 -34.30
N SER F 201 0.13 3.94 -34.52
CA SER F 201 -0.56 3.99 -35.80
C SER F 201 -1.99 4.51 -35.60
N TYR F 202 -2.42 5.36 -36.53
CA TYR F 202 -3.79 5.87 -36.49
C TYR F 202 -4.79 4.75 -36.68
N LYS F 203 -4.53 3.84 -37.62
CA LYS F 203 -5.44 2.75 -37.97
C LYS F 203 -4.74 1.43 -37.73
N ASN F 204 -5.38 0.56 -36.95
CA ASN F 204 -4.83 -0.75 -36.62
C ASN F 204 -5.86 -1.81 -36.93
N ILE F 205 -5.43 -2.88 -37.61
CA ILE F 205 -6.30 -3.99 -37.97
C ILE F 205 -5.53 -5.29 -37.77
N PRO F 206 -5.96 -6.19 -36.90
CA PRO F 206 -5.18 -7.41 -36.66
C PRO F 206 -5.29 -8.40 -37.81
N PHE F 207 -4.25 -8.44 -38.65
CA PHE F 207 -4.18 -9.36 -39.76
C PHE F 207 -2.78 -9.28 -40.34
N TYR F 208 -2.20 -10.45 -40.66
CA TYR F 208 -0.87 -10.48 -41.24
C TYR F 208 -0.83 -11.48 -42.39
N LEU F 209 0.13 -11.27 -43.29
CA LEU F 209 0.29 -12.08 -44.48
C LEU F 209 1.74 -12.56 -44.58
N THR F 210 1.93 -13.69 -45.25
CA THR F 210 3.23 -14.30 -45.40
C THR F 210 3.49 -14.56 -46.89
N ASN F 211 4.78 -14.54 -47.25
CA ASN F 211 5.16 -14.71 -48.65
C ASN F 211 4.82 -16.08 -49.18
N ARG F 212 4.56 -17.06 -48.31
CA ARG F 212 4.27 -18.42 -48.75
C ARG F 212 2.84 -18.60 -49.26
N GLY F 213 1.99 -17.59 -49.10
CA GLY F 213 0.64 -17.64 -49.63
C GLY F 213 -0.46 -17.86 -48.60
N TYR F 214 -0.17 -17.75 -47.31
CA TYR F 214 -1.17 -17.94 -46.26
C TYR F 214 -1.22 -16.71 -45.37
N GLY F 215 -2.43 -16.35 -44.94
CA GLY F 215 -2.62 -15.20 -44.10
C GLY F 215 -3.43 -15.56 -42.86
N VAL F 216 -3.25 -14.74 -41.83
CA VAL F 216 -3.88 -14.98 -40.53
C VAL F 216 -4.62 -13.73 -40.11
N LEU F 217 -5.82 -13.93 -39.56
CA LEU F 217 -6.67 -12.85 -39.06
C LEU F 217 -7.10 -13.19 -37.64
N VAL F 218 -7.18 -12.18 -36.79
CA VAL F 218 -7.63 -12.34 -35.40
C VAL F 218 -8.94 -11.57 -35.25
N ASN F 219 -9.98 -12.26 -34.82
CA ASN F 219 -11.30 -11.65 -34.63
C ASN F 219 -11.43 -11.21 -33.18
N HIS F 220 -10.82 -10.07 -32.88
CA HIS F 220 -10.86 -9.50 -31.53
C HIS F 220 -10.70 -7.99 -31.65
N PRO F 221 -11.81 -7.24 -31.66
CA PRO F 221 -11.69 -5.77 -31.73
C PRO F 221 -10.89 -5.18 -30.58
N GLN F 222 -10.89 -5.82 -29.42
CA GLN F 222 -10.15 -5.33 -28.28
C GLN F 222 -8.64 -5.39 -28.56
N ARG F 223 -7.85 -4.92 -27.60
CA ARG F 223 -6.41 -4.89 -27.78
C ARG F 223 -5.86 -6.29 -27.99
N VAL F 224 -4.97 -6.44 -28.96
CA VAL F 224 -4.32 -7.70 -29.27
C VAL F 224 -2.82 -7.48 -29.25
N SER F 225 -2.10 -8.34 -28.52
CA SER F 225 -0.65 -8.24 -28.38
C SER F 225 0.00 -9.17 -29.39
N PHE F 226 0.83 -8.61 -30.27
CA PHE F 226 1.52 -9.36 -31.31
C PHE F 226 3.01 -9.37 -31.05
N GLU F 227 3.64 -10.51 -31.32
CA GLU F 227 5.09 -10.68 -31.20
C GLU F 227 5.57 -11.46 -32.43
N VAL F 228 6.24 -10.76 -33.33
CA VAL F 228 6.81 -11.34 -34.54
C VAL F 228 8.32 -11.19 -34.44
N GLY F 229 9.03 -12.31 -34.48
CA GLY F 229 10.48 -12.31 -34.35
C GLY F 229 10.98 -12.03 -32.95
N SER F 230 10.08 -11.82 -31.99
CA SER F 230 10.46 -11.63 -30.60
C SER F 230 10.73 -12.98 -29.95
N GLU F 231 10.74 -13.03 -28.62
CA GLU F 231 10.87 -14.29 -27.89
C GLU F 231 10.09 -15.39 -28.61
N LYS F 232 10.70 -16.56 -28.72
CA LYS F 232 10.27 -17.60 -29.65
C LYS F 232 10.36 -17.08 -31.09
N VAL F 233 11.61 -16.82 -31.49
CA VAL F 233 11.89 -16.19 -32.78
C VAL F 233 11.28 -17.01 -33.92
N SER F 234 11.41 -18.33 -33.86
CA SER F 234 10.92 -19.20 -34.93
C SER F 234 9.39 -19.31 -34.95
N LYS F 235 8.68 -18.51 -34.16
CA LYS F 235 7.22 -18.56 -34.11
C LYS F 235 6.67 -17.14 -33.99
N VAL F 236 5.42 -16.99 -34.42
CA VAL F 236 4.69 -15.73 -34.30
C VAL F 236 3.63 -15.92 -33.22
N GLN F 237 3.65 -15.04 -32.23
CA GLN F 237 2.77 -15.17 -31.07
C GLN F 237 1.72 -14.05 -31.09
N PHE F 238 0.48 -14.40 -30.77
CA PHE F 238 -0.55 -13.40 -30.55
C PHE F 238 -1.35 -13.77 -29.31
N SER F 239 -1.55 -12.79 -28.44
CA SER F 239 -2.22 -13.00 -27.16
C SER F 239 -3.29 -11.94 -26.95
N VAL F 240 -4.32 -12.32 -26.21
CA VAL F 240 -5.45 -11.44 -25.95
C VAL F 240 -6.00 -11.72 -24.57
N GLU F 241 -6.49 -10.67 -23.91
CA GLU F 241 -7.13 -10.82 -22.61
C GLU F 241 -8.53 -11.40 -22.77
N GLY F 242 -8.93 -12.21 -21.79
CA GLY F 242 -10.24 -12.82 -21.80
C GLY F 242 -10.20 -14.31 -21.54
N GLU F 243 -11.15 -15.05 -22.11
CA GLU F 243 -11.22 -16.50 -21.92
C GLU F 243 -11.33 -17.28 -23.21
N TYR F 244 -11.58 -16.63 -24.35
CA TYR F 244 -11.71 -17.31 -25.63
C TYR F 244 -10.84 -16.62 -26.67
N LEU F 245 -10.25 -17.41 -27.56
CA LEU F 245 -9.41 -16.90 -28.64
C LEU F 245 -9.92 -17.45 -29.97
N GLU F 246 -10.26 -16.56 -30.89
CA GLU F 246 -10.77 -16.93 -32.20
C GLU F 246 -9.87 -16.36 -33.27
N TYR F 247 -9.47 -17.18 -34.24
CA TYR F 247 -8.64 -16.70 -35.33
C TYR F 247 -8.91 -17.51 -36.59
N PHE F 248 -8.72 -16.87 -37.73
CA PHE F 248 -9.00 -17.46 -39.03
C PHE F 248 -7.71 -17.52 -39.86
N VAL F 249 -7.60 -18.58 -40.66
CA VAL F 249 -6.46 -18.80 -41.54
C VAL F 249 -6.99 -18.89 -42.96
N ILE F 250 -6.38 -18.15 -43.87
CA ILE F 250 -6.78 -18.09 -45.28
C ILE F 250 -5.62 -18.59 -46.12
N ASP F 251 -5.90 -19.51 -47.03
CA ASP F 251 -4.91 -20.09 -47.91
C ASP F 251 -4.86 -19.34 -49.23
N GLY F 252 -4.08 -19.85 -50.18
CA GLY F 252 -3.95 -19.24 -51.48
C GLY F 252 -2.57 -19.46 -52.07
N PRO F 253 -2.50 -19.84 -53.35
CA PRO F 253 -1.18 -20.03 -53.98
C PRO F 253 -0.31 -18.79 -53.93
N THR F 254 -0.90 -17.60 -54.05
CA THR F 254 -0.17 -16.35 -54.08
C THR F 254 -0.82 -15.36 -53.12
N PRO F 255 -0.07 -14.35 -52.67
CA PRO F 255 -0.67 -13.35 -51.78
C PRO F 255 -1.87 -12.64 -52.39
N LYS F 256 -1.92 -12.52 -53.71
CA LYS F 256 -3.05 -11.85 -54.35
C LYS F 256 -4.34 -12.61 -54.10
N ALA F 257 -4.30 -13.95 -54.17
CA ALA F 257 -5.48 -14.74 -53.87
C ALA F 257 -5.90 -14.58 -52.41
N VAL F 258 -4.92 -14.51 -51.51
CA VAL F 258 -5.22 -14.31 -50.09
C VAL F 258 -5.93 -12.97 -49.90
N LEU F 259 -5.43 -11.92 -50.55
CA LEU F 259 -6.07 -10.62 -50.45
C LEU F 259 -7.47 -10.65 -51.03
N ASN F 260 -7.66 -11.36 -52.15
CA ASN F 260 -8.99 -11.49 -52.73
C ASN F 260 -9.95 -12.15 -51.75
N ARG F 261 -9.51 -13.25 -51.13
CA ARG F 261 -10.37 -13.94 -50.16
C ARG F 261 -10.68 -13.05 -48.97
N TYR F 262 -9.68 -12.32 -48.47
CA TYR F 262 -9.90 -11.44 -47.33
C TYR F 262 -10.88 -10.35 -47.67
N THR F 263 -10.75 -9.75 -48.86
CA THR F 263 -11.66 -8.68 -49.26
C THR F 263 -13.07 -9.21 -49.46
N GLN F 264 -13.21 -10.44 -49.98
CA GLN F 264 -14.52 -11.04 -50.08
C GLN F 264 -15.12 -11.30 -48.71
N PHE F 265 -14.27 -11.67 -47.73
CA PHE F 265 -14.76 -12.02 -46.41
C PHE F 265 -15.19 -10.78 -45.62
N THR F 266 -14.41 -9.71 -45.69
CA THR F 266 -14.64 -8.54 -44.84
C THR F 266 -15.32 -7.39 -45.56
N GLY F 267 -15.42 -7.43 -46.89
CA GLY F 267 -16.04 -6.36 -47.64
C GLY F 267 -15.18 -5.85 -48.78
N ARG F 268 -15.76 -5.80 -49.97
CA ARG F 268 -15.03 -5.34 -51.16
C ARG F 268 -14.86 -3.83 -51.13
N PRO F 269 -13.67 -3.31 -51.46
CA PRO F 269 -13.51 -1.85 -51.55
C PRO F 269 -14.42 -1.25 -52.61
N ALA F 270 -14.91 -0.05 -52.33
CA ALA F 270 -15.76 0.66 -53.26
C ALA F 270 -14.93 1.28 -54.38
N LEU F 271 -15.62 1.77 -55.42
CA LEU F 271 -14.99 2.39 -56.56
C LEU F 271 -15.12 3.90 -56.46
N PRO F 272 -14.03 4.65 -56.20
CA PRO F 272 -14.16 6.11 -56.12
C PRO F 272 -14.51 6.68 -57.47
N PRO F 273 -15.15 7.85 -57.50
CA PRO F 273 -15.50 8.46 -58.78
C PRO F 273 -14.27 8.90 -59.56
N ALA F 274 -14.45 9.05 -60.87
CA ALA F 274 -13.35 9.41 -61.75
C ALA F 274 -12.76 10.77 -61.38
N TRP F 275 -13.62 11.76 -61.09
CA TRP F 275 -13.13 13.09 -60.78
C TRP F 275 -12.31 13.12 -59.50
N SER F 276 -12.49 12.14 -58.61
CA SER F 276 -11.71 12.11 -57.38
C SER F 276 -10.23 11.86 -57.67
N PHE F 277 -9.92 11.20 -58.79
CA PHE F 277 -8.54 10.93 -59.18
C PHE F 277 -7.96 12.18 -59.84
N GLY F 278 -7.61 13.15 -59.01
CA GLY F 278 -7.07 14.40 -59.51
C GLY F 278 -6.27 15.11 -58.43
N LEU F 279 -5.81 16.31 -58.78
CA LEU F 279 -5.05 17.12 -57.85
C LEU F 279 -5.98 17.81 -56.87
N TRP F 280 -5.64 17.75 -55.59
CA TRP F 280 -6.39 18.41 -54.53
C TRP F 280 -5.52 19.49 -53.89
N LEU F 281 -6.14 20.63 -53.61
CA LEU F 281 -5.46 21.74 -52.95
C LEU F 281 -6.25 22.13 -51.71
N THR F 282 -5.53 22.51 -50.65
CA THR F 282 -6.16 22.96 -49.41
C THR F 282 -5.65 24.35 -49.05
N THR F 283 -6.36 24.99 -48.12
CA THR F 283 -6.00 26.31 -47.62
C THR F 283 -5.12 26.24 -46.37
N SER F 284 -4.36 25.16 -46.20
CA SER F 284 -3.50 24.99 -45.04
C SER F 284 -4.31 25.02 -43.75
N PHE F 285 -3.64 24.87 -42.61
CA PHE F 285 -4.31 24.76 -41.33
C PHE F 285 -4.29 26.06 -40.54
N THR F 286 -3.09 26.60 -40.28
CA THR F 286 -2.94 27.79 -39.44
C THR F 286 -2.91 29.08 -40.24
N THR F 287 -2.81 29.00 -41.58
CA THR F 287 -2.74 30.20 -42.39
C THR F 287 -4.06 30.97 -42.34
N ASN F 288 -3.96 32.28 -42.55
CA ASN F 288 -5.13 33.14 -42.58
C ASN F 288 -5.65 33.20 -44.02
N TYR F 289 -6.85 32.67 -44.24
CA TYR F 289 -7.44 32.62 -45.57
C TYR F 289 -8.89 33.04 -45.49
N ASP F 290 -9.39 33.56 -46.61
CA ASP F 290 -10.79 34.00 -46.71
C ASP F 290 -11.22 33.81 -48.17
N GLU F 291 -12.36 34.40 -48.52
CA GLU F 291 -12.85 34.29 -49.90
C GLU F 291 -11.87 34.90 -50.89
N ALA F 292 -11.32 36.07 -50.55
CA ALA F 292 -10.37 36.72 -51.46
C ALA F 292 -9.12 35.87 -51.65
N THR F 293 -8.63 35.26 -50.57
CA THR F 293 -7.44 34.41 -50.69
C THR F 293 -7.70 33.23 -51.60
N VAL F 294 -8.86 32.58 -51.44
CA VAL F 294 -9.18 31.43 -52.30
C VAL F 294 -9.30 31.88 -53.75
N ASN F 295 -9.97 33.01 -53.99
CA ASN F 295 -10.11 33.50 -55.36
C ASN F 295 -8.75 33.81 -55.97
N SER F 296 -7.87 34.46 -55.21
CA SER F 296 -6.55 34.78 -55.73
C SER F 296 -5.73 33.52 -56.01
N PHE F 297 -5.82 32.53 -55.12
CA PHE F 297 -5.10 31.28 -55.36
C PHE F 297 -5.60 30.61 -56.63
N ILE F 298 -6.92 30.55 -56.82
CA ILE F 298 -7.48 29.91 -58.01
C ILE F 298 -7.07 30.66 -59.26
N ASP F 299 -7.13 32.00 -59.22
CA ASP F 299 -6.76 32.80 -60.38
C ASP F 299 -5.28 32.59 -60.72
N GLY F 300 -4.41 32.57 -59.71
CA GLY F 300 -3.00 32.35 -59.97
C GLY F 300 -2.73 30.97 -60.54
N MET F 301 -3.42 29.96 -60.01
CA MET F 301 -3.25 28.60 -60.54
C MET F 301 -3.71 28.53 -61.99
N ALA F 302 -4.84 29.17 -62.31
CA ALA F 302 -5.32 29.16 -63.69
C ALA F 302 -4.38 29.91 -64.62
N GLU F 303 -3.82 31.03 -64.15
CA GLU F 303 -2.94 31.82 -65.01
C GLU F 303 -1.70 31.04 -65.42
N ARG F 304 -1.12 30.28 -64.48
CA ARG F 304 0.08 29.52 -64.75
C ARG F 304 -0.18 28.20 -65.49
N HIS F 305 -1.38 28.03 -66.06
CA HIS F 305 -1.71 26.84 -66.83
C HIS F 305 -1.52 25.58 -65.98
N LEU F 306 -1.92 25.65 -64.71
CA LEU F 306 -1.86 24.51 -63.81
C LEU F 306 -3.26 24.00 -63.55
N PRO F 307 -3.66 22.86 -64.14
CA PRO F 307 -5.04 22.39 -63.94
C PRO F 307 -5.30 22.06 -62.47
N LEU F 308 -6.53 22.37 -62.04
CA LEU F 308 -6.99 22.06 -60.69
C LEU F 308 -8.39 21.50 -60.77
N HIS F 309 -8.69 20.50 -59.96
CA HIS F 309 -9.96 19.80 -59.99
C HIS F 309 -10.70 19.82 -58.67
N VAL F 310 -10.00 19.77 -57.54
CA VAL F 310 -10.61 19.66 -56.22
C VAL F 310 -10.03 20.73 -55.31
N PHE F 311 -10.89 21.35 -54.51
CA PHE F 311 -10.49 22.33 -53.51
C PHE F 311 -11.04 21.89 -52.15
N HIS F 312 -10.29 22.21 -51.10
CA HIS F 312 -10.60 21.76 -49.75
C HIS F 312 -10.53 22.92 -48.78
N PHE F 313 -11.43 22.92 -47.80
CA PHE F 313 -11.43 23.88 -46.71
C PHE F 313 -11.04 23.16 -45.43
N ASP F 314 -10.09 23.73 -44.70
CA ASP F 314 -9.53 23.09 -43.52
C ASP F 314 -10.38 23.40 -42.30
N CYS F 315 -9.86 23.09 -41.11
CA CYS F 315 -10.66 23.17 -39.90
C CYS F 315 -11.19 24.57 -39.64
N PHE F 316 -10.43 25.60 -40.00
CA PHE F 316 -10.78 26.96 -39.61
C PHE F 316 -11.90 27.57 -40.45
N TRP F 317 -12.60 26.78 -41.26
CA TRP F 317 -13.80 27.28 -41.91
C TRP F 317 -14.94 27.50 -40.91
N MET F 318 -14.83 26.94 -39.71
CA MET F 318 -15.76 27.22 -38.63
C MET F 318 -15.17 28.30 -37.73
N LYS F 319 -15.81 28.56 -36.60
CA LYS F 319 -15.30 29.53 -35.63
C LYS F 319 -14.31 28.87 -34.68
N ALA F 320 -13.38 29.67 -34.17
CA ALA F 320 -12.36 29.15 -33.27
C ALA F 320 -13.00 28.65 -31.98
N PHE F 321 -12.46 27.54 -31.46
CA PHE F 321 -12.95 26.92 -30.23
C PHE F 321 -14.40 26.46 -30.37
N GLN F 322 -14.87 26.31 -31.60
CA GLN F 322 -16.26 25.95 -31.86
C GLN F 322 -16.42 24.58 -32.51
N TRP F 323 -15.33 23.96 -32.97
CA TRP F 323 -15.45 22.74 -33.75
C TRP F 323 -15.96 21.59 -32.88
N CYS F 324 -16.90 20.79 -33.40
CA CYS F 324 -17.58 20.95 -34.68
C CYS F 324 -18.98 21.52 -34.44
N ASP F 325 -19.28 22.65 -35.09
CA ASP F 325 -20.57 23.30 -34.94
C ASP F 325 -21.33 23.44 -36.25
N PHE F 326 -20.69 23.21 -37.39
CA PHE F 326 -21.36 23.17 -38.69
C PHE F 326 -22.02 24.50 -39.04
N GLU F 327 -21.39 25.61 -38.68
CA GLU F 327 -21.85 26.93 -39.06
C GLU F 327 -20.67 27.75 -39.57
N TRP F 328 -20.86 28.40 -40.72
CA TRP F 328 -19.80 29.20 -41.30
C TRP F 328 -19.54 30.45 -40.48
N ASP F 329 -18.30 30.87 -40.43
CA ASP F 329 -17.93 32.08 -39.70
C ASP F 329 -18.40 33.30 -40.47
N PRO F 330 -19.27 34.15 -39.90
CA PRO F 330 -19.74 35.32 -40.66
C PRO F 330 -18.63 36.29 -41.03
N LEU F 331 -17.59 36.40 -40.20
CA LEU F 331 -16.55 37.41 -40.44
C LEU F 331 -15.62 37.02 -41.57
N THR F 332 -15.59 35.75 -41.97
CA THR F 332 -14.67 35.28 -43.01
C THR F 332 -15.37 34.86 -44.29
N PHE F 333 -16.53 34.21 -44.19
CA PHE F 333 -17.29 33.75 -45.36
C PHE F 333 -18.73 34.23 -45.20
N PRO F 334 -19.00 35.51 -45.47
CA PRO F 334 -20.37 36.01 -45.30
C PRO F 334 -21.40 35.27 -46.14
N ASP F 335 -21.04 34.85 -47.35
CA ASP F 335 -21.96 34.21 -48.29
C ASP F 335 -21.34 32.91 -48.79
N PRO F 336 -21.36 31.86 -47.98
CA PRO F 336 -20.81 30.57 -48.44
C PRO F 336 -21.50 30.04 -49.69
N GLU F 337 -22.82 30.23 -49.80
CA GLU F 337 -23.54 29.70 -50.95
C GLU F 337 -23.05 30.33 -52.25
N GLY F 338 -22.87 31.65 -52.26
CA GLY F 338 -22.39 32.31 -53.46
C GLY F 338 -20.99 31.86 -53.84
N MET F 339 -20.11 31.73 -52.86
CA MET F 339 -18.75 31.27 -53.14
C MET F 339 -18.76 29.86 -53.71
N ILE F 340 -19.56 28.97 -53.12
CA ILE F 340 -19.63 27.60 -53.61
C ILE F 340 -20.18 27.56 -55.03
N LYS F 341 -21.22 28.36 -55.30
CA LYS F 341 -21.78 28.40 -56.64
C LYS F 341 -20.76 28.91 -57.65
N ARG F 342 -20.01 29.96 -57.28
CA ARG F 342 -18.99 30.49 -58.18
C ARG F 342 -17.90 29.46 -58.45
N LEU F 343 -17.46 28.75 -57.41
CA LEU F 343 -16.44 27.73 -57.59
C LEU F 343 -16.94 26.60 -58.48
N LYS F 344 -18.18 26.16 -58.27
CA LYS F 344 -18.73 25.08 -59.09
C LYS F 344 -18.87 25.51 -60.54
N ALA F 345 -19.28 26.76 -60.77
CA ALA F 345 -19.38 27.26 -62.14
C ALA F 345 -18.03 27.32 -62.82
N LYS F 346 -16.94 27.40 -62.06
CA LYS F 346 -15.60 27.45 -62.62
C LYS F 346 -15.06 26.07 -62.98
N GLY F 347 -15.77 25.00 -62.65
CA GLY F 347 -15.34 23.65 -62.96
C GLY F 347 -14.63 22.93 -61.83
N LEU F 348 -14.63 23.49 -60.62
CA LEU F 348 -13.96 22.88 -59.48
C LEU F 348 -14.98 22.14 -58.61
N LYS F 349 -14.47 21.53 -57.54
CA LYS F 349 -15.31 20.84 -56.57
C LYS F 349 -15.01 21.38 -55.17
N VAL F 350 -16.03 21.34 -54.32
CA VAL F 350 -15.95 21.84 -52.95
C VAL F 350 -16.18 20.68 -52.00
N CYS F 351 -15.35 20.58 -50.97
CA CYS F 351 -15.40 19.47 -50.03
C CYS F 351 -14.65 19.86 -48.76
N VAL F 352 -15.20 19.47 -47.61
CA VAL F 352 -14.90 20.16 -46.36
C VAL F 352 -14.31 19.22 -45.31
N TRP F 353 -14.05 19.76 -44.12
CA TRP F 353 -13.43 19.06 -43.00
C TRP F 353 -14.42 18.94 -41.86
N ILE F 354 -14.50 17.74 -41.28
CA ILE F 354 -15.36 17.48 -40.14
C ILE F 354 -14.65 16.53 -39.18
N ASN F 355 -15.13 16.49 -37.95
CA ASN F 355 -14.59 15.60 -36.93
C ASN F 355 -15.71 15.27 -35.95
N PRO F 356 -15.59 14.14 -35.24
CA PRO F 356 -16.67 13.72 -34.32
C PRO F 356 -16.56 14.31 -32.93
N TYR F 357 -15.73 15.35 -32.77
CA TYR F 357 -15.54 15.99 -31.48
C TYR F 357 -16.11 17.40 -31.51
N ILE F 358 -16.76 17.80 -30.42
CA ILE F 358 -17.36 19.11 -30.28
C ILE F 358 -16.72 19.83 -29.11
N GLY F 359 -16.72 21.17 -29.18
CA GLY F 359 -16.12 22.00 -28.17
C GLY F 359 -17.14 22.58 -27.22
N GLN F 360 -16.71 22.83 -25.98
CA GLN F 360 -17.60 23.41 -24.98
C GLN F 360 -18.04 24.81 -25.40
N ARG F 361 -17.14 25.59 -25.99
CA ARG F 361 -17.44 26.94 -26.45
C ARG F 361 -18.28 26.83 -27.71
N SER F 362 -19.59 26.69 -27.55
CA SER F 362 -20.50 26.60 -28.67
C SER F 362 -21.94 26.77 -28.19
N PRO F 363 -22.77 27.56 -28.87
CA PRO F 363 -24.15 27.72 -28.40
C PRO F 363 -24.95 26.42 -28.40
N VAL F 364 -24.66 25.51 -29.33
CA VAL F 364 -25.41 24.25 -29.41
C VAL F 364 -25.00 23.24 -28.37
N PHE F 365 -23.93 23.50 -27.62
CA PHE F 365 -23.48 22.54 -26.61
C PHE F 365 -24.54 22.33 -25.55
N LYS F 366 -25.17 23.41 -25.09
CA LYS F 366 -26.20 23.28 -24.06
C LYS F 366 -27.38 22.45 -24.56
N GLU F 367 -27.83 22.72 -25.79
CA GLU F 367 -28.94 21.95 -26.35
C GLU F 367 -28.57 20.49 -26.51
N LEU F 368 -27.35 20.21 -26.97
CA LEU F 368 -26.92 18.82 -27.13
C LEU F 368 -26.88 18.12 -25.78
N LYS F 369 -26.37 18.79 -24.75
CA LYS F 369 -26.33 18.20 -23.42
C LYS F 369 -27.73 17.93 -22.90
N GLU F 370 -28.65 18.87 -23.13
CA GLU F 370 -30.04 18.66 -22.69
C GLU F 370 -30.66 17.47 -23.40
N LYS F 371 -30.42 17.33 -24.71
CA LYS F 371 -30.95 16.20 -25.46
C LYS F 371 -30.25 14.89 -25.14
N GLY F 372 -29.12 14.93 -24.44
CA GLY F 372 -28.42 13.71 -24.08
C GLY F 372 -27.82 12.97 -25.25
N TYR F 373 -27.28 13.69 -26.23
CA TYR F 373 -26.66 13.08 -27.40
C TYR F 373 -25.15 12.91 -27.25
N LEU F 374 -24.58 13.26 -26.10
CA LEU F 374 -23.15 13.22 -25.88
C LEU F 374 -22.76 12.03 -25.01
N LEU F 375 -21.49 11.68 -25.08
CA LEU F 375 -20.97 10.57 -24.27
C LEU F 375 -21.04 10.93 -22.80
N LYS F 376 -21.33 9.92 -21.98
CA LYS F 376 -21.55 10.10 -20.55
C LYS F 376 -20.55 9.29 -19.75
N ARG F 377 -20.01 9.90 -18.70
CA ARG F 377 -19.22 9.17 -17.73
C ARG F 377 -20.11 8.21 -16.97
N PRO F 378 -19.53 7.19 -16.32
CA PRO F 378 -20.34 6.10 -15.79
C PRO F 378 -21.47 6.53 -14.87
N ASP F 379 -21.25 7.50 -13.97
CA ASP F 379 -22.26 7.76 -12.95
C ASP F 379 -23.36 8.71 -13.45
N GLY F 380 -23.03 9.98 -13.67
CA GLY F 380 -24.03 10.92 -14.15
C GLY F 380 -23.50 12.04 -15.02
N SER F 381 -22.21 12.07 -15.28
CA SER F 381 -21.55 13.25 -15.83
C SER F 381 -21.18 13.03 -17.29
N LEU F 382 -20.45 14.01 -17.84
CA LEU F 382 -19.90 13.93 -19.18
C LEU F 382 -18.39 13.75 -19.12
N TRP F 383 -17.81 13.32 -20.23
CA TRP F 383 -16.38 13.08 -20.33
C TRP F 383 -15.73 14.22 -21.09
N GLN F 384 -14.79 14.91 -20.45
CA GLN F 384 -14.10 16.05 -21.04
C GLN F 384 -12.66 16.07 -20.56
N TRP F 385 -11.79 16.69 -21.36
CA TRP F 385 -10.38 16.81 -21.02
C TRP F 385 -9.76 17.96 -21.80
N ASP F 386 -8.59 18.39 -21.35
CA ASP F 386 -7.85 19.47 -21.99
C ASP F 386 -7.11 18.90 -23.21
N LYS F 387 -7.70 19.09 -24.38
CA LYS F 387 -7.18 18.49 -25.61
C LYS F 387 -7.53 19.40 -26.79
N TRP F 388 -7.53 18.81 -27.99
CA TRP F 388 -7.67 19.54 -29.25
C TRP F 388 -8.57 20.76 -29.14
N GLN F 389 -9.73 20.60 -28.49
CA GLN F 389 -10.61 21.73 -28.22
C GLN F 389 -10.94 21.77 -26.74
N PRO F 390 -11.15 22.95 -26.16
CA PRO F 390 -11.49 23.03 -24.74
C PRO F 390 -12.80 22.30 -24.45
N GLY F 391 -12.84 21.60 -23.32
CA GLY F 391 -14.03 20.90 -22.91
C GLY F 391 -14.49 19.91 -23.96
N LEU F 392 -13.57 19.14 -24.51
CA LEU F 392 -13.90 18.25 -25.61
C LEU F 392 -14.98 17.25 -25.20
N ALA F 393 -15.89 16.99 -26.13
CA ALA F 393 -16.93 15.99 -25.95
C ALA F 393 -17.02 15.14 -27.20
N ILE F 394 -17.53 13.92 -27.04
CA ILE F 394 -17.59 12.94 -28.12
C ILE F 394 -19.05 12.60 -28.38
N TYR F 395 -19.44 12.69 -29.65
CA TYR F 395 -20.80 12.31 -30.03
C TYR F 395 -21.04 10.83 -29.72
N ASP F 396 -22.21 10.54 -29.16
CA ASP F 396 -22.59 9.16 -28.84
C ASP F 396 -23.35 8.61 -30.05
N PHE F 397 -22.61 8.02 -30.99
CA PHE F 397 -23.21 7.49 -32.20
C PHE F 397 -24.06 6.25 -31.95
N THR F 398 -23.98 5.66 -30.77
CA THR F 398 -24.84 4.52 -30.45
C THR F 398 -26.29 4.93 -30.26
N ASN F 399 -26.55 6.21 -30.05
CA ASN F 399 -27.92 6.71 -29.88
C ASN F 399 -28.48 7.10 -31.25
N PRO F 400 -29.59 6.50 -31.70
CA PRO F 400 -30.09 6.82 -33.03
C PRO F 400 -30.44 8.29 -33.23
N GLU F 401 -30.91 8.98 -32.18
CA GLU F 401 -31.29 10.38 -32.33
C GLU F 401 -30.09 11.24 -32.68
N ALA F 402 -28.95 11.00 -32.02
CA ALA F 402 -27.75 11.76 -32.34
C ALA F 402 -27.31 11.52 -33.79
N CYS F 403 -27.39 10.27 -34.24
CA CYS F 403 -27.05 9.96 -35.63
C CYS F 403 -28.00 10.67 -36.58
N GLN F 404 -29.28 10.71 -36.25
CA GLN F 404 -30.24 11.42 -37.10
C GLN F 404 -29.92 12.91 -37.17
N TRP F 405 -29.58 13.51 -36.04
CA TRP F 405 -29.21 14.92 -36.03
C TRP F 405 -27.97 15.18 -36.87
N TYR F 406 -26.95 14.33 -36.72
CA TYR F 406 -25.73 14.47 -37.51
C TYR F 406 -26.03 14.32 -39.00
N ALA F 407 -26.87 13.34 -39.35
CA ALA F 407 -27.22 13.13 -40.75
C ALA F 407 -27.99 14.31 -41.31
N SER F 408 -28.89 14.90 -40.52
CA SER F 408 -29.62 16.07 -41.00
C SER F 408 -28.68 17.24 -41.24
N LYS F 409 -27.74 17.46 -40.32
CA LYS F 409 -26.77 18.54 -40.52
C LYS F 409 -25.91 18.30 -41.76
N LEU F 410 -25.47 17.05 -41.95
CA LEU F 410 -24.67 16.73 -43.12
C LEU F 410 -25.48 16.89 -44.41
N LYS F 411 -26.76 16.53 -44.37
CA LYS F 411 -27.63 16.71 -45.53
C LYS F 411 -27.78 18.19 -45.86
N GLY F 412 -27.95 19.03 -44.84
CA GLY F 412 -28.01 20.46 -45.08
C GLY F 412 -26.72 20.98 -45.70
N LEU F 413 -25.58 20.53 -45.17
CA LEU F 413 -24.29 20.97 -45.73
C LEU F 413 -24.16 20.53 -47.18
N VAL F 414 -24.56 19.29 -47.49
CA VAL F 414 -24.48 18.80 -48.86
C VAL F 414 -25.38 19.62 -49.78
N ALA F 415 -26.60 19.93 -49.31
CA ALA F 415 -27.48 20.78 -50.09
C ALA F 415 -26.87 22.16 -50.29
N MET F 416 -26.04 22.62 -49.36
CA MET F 416 -25.35 23.89 -49.55
C MET F 416 -24.43 23.85 -50.77
N GLY F 417 -23.91 22.68 -51.12
CA GLY F 417 -23.09 22.53 -52.30
C GLY F 417 -21.83 21.70 -52.10
N VAL F 418 -21.68 21.10 -50.93
CA VAL F 418 -20.49 20.32 -50.62
C VAL F 418 -20.55 18.98 -51.34
N ASP F 419 -19.38 18.37 -51.55
CA ASP F 419 -19.27 17.11 -52.27
C ASP F 419 -18.81 15.96 -51.39
N CYS F 420 -17.65 16.08 -50.74
CA CYS F 420 -17.16 15.06 -49.81
C CYS F 420 -16.85 15.70 -48.47
N PHE F 421 -16.35 14.88 -47.54
CA PHE F 421 -15.98 15.33 -46.22
C PHE F 421 -14.66 14.69 -45.84
N LYS F 422 -13.95 15.33 -44.92
CA LYS F 422 -12.65 14.84 -44.44
C LYS F 422 -12.81 14.46 -42.99
N THR F 423 -13.05 13.18 -42.74
CA THR F 423 -13.28 12.67 -41.39
C THR F 423 -11.94 12.52 -40.68
N ASP F 424 -11.53 13.59 -40.00
CA ASP F 424 -10.28 13.59 -39.26
C ASP F 424 -10.51 13.07 -37.83
N PHE F 425 -9.41 12.69 -37.18
CA PHE F 425 -9.47 12.19 -35.81
C PHE F 425 -10.38 10.99 -35.71
N GLY F 426 -10.69 10.56 -34.48
CA GLY F 426 -11.55 9.42 -34.27
C GLY F 426 -10.79 8.21 -33.73
N GLU F 427 -9.70 8.47 -33.00
CA GLU F 427 -8.88 7.41 -32.44
C GLU F 427 -8.59 7.57 -30.95
N ARG F 428 -8.67 8.78 -30.41
CA ARG F 428 -8.42 9.00 -28.98
C ARG F 428 -9.69 8.82 -28.16
N ILE F 429 -10.33 7.67 -28.31
CA ILE F 429 -11.57 7.38 -27.60
C ILE F 429 -11.24 6.83 -26.22
N PRO F 430 -11.87 7.31 -25.15
CA PRO F 430 -11.57 6.78 -23.82
C PRO F 430 -12.16 5.39 -23.63
N THR F 431 -11.87 4.82 -22.45
CA THR F 431 -12.38 3.50 -22.09
C THR F 431 -13.17 3.49 -20.79
N ASP F 432 -12.99 4.47 -19.91
CA ASP F 432 -13.72 4.55 -18.65
C ASP F 432 -15.02 5.32 -18.80
N VAL F 433 -15.85 4.90 -19.76
CA VAL F 433 -17.12 5.56 -20.06
C VAL F 433 -18.21 4.51 -20.21
N GLN F 434 -19.45 4.97 -20.08
CA GLN F 434 -20.63 4.13 -20.25
C GLN F 434 -21.38 4.57 -21.49
N TRP F 435 -21.43 3.69 -22.49
CA TRP F 435 -22.11 4.02 -23.74
C TRP F 435 -23.61 3.82 -23.61
N PHE F 436 -24.35 4.46 -24.52
CA PHE F 436 -25.81 4.38 -24.49
C PHE F 436 -26.28 2.95 -24.69
N ASP F 437 -25.67 2.22 -25.62
CA ASP F 437 -26.07 0.85 -25.91
C ASP F 437 -25.51 -0.16 -24.94
N GLY F 438 -24.62 0.25 -24.03
CA GLY F 438 -24.04 -0.68 -23.08
C GLY F 438 -22.96 -1.57 -23.65
N SER F 439 -22.39 -1.22 -24.80
CA SER F 439 -21.37 -2.04 -25.40
C SER F 439 -20.07 -1.96 -24.60
N ASP F 440 -19.19 -2.92 -24.84
CA ASP F 440 -17.92 -2.97 -24.13
C ASP F 440 -17.03 -1.80 -24.57
N PRO F 441 -16.55 -0.96 -23.65
CA PRO F 441 -15.71 0.17 -24.08
C PRO F 441 -14.46 -0.24 -24.84
N GLN F 442 -13.86 -1.38 -24.47
CA GLN F 442 -12.60 -1.78 -25.11
C GLN F 442 -12.78 -2.00 -26.60
N LYS F 443 -13.87 -2.67 -27.00
CA LYS F 443 -14.12 -2.92 -28.41
C LYS F 443 -14.64 -1.68 -29.12
N MET F 444 -15.44 -0.85 -28.43
CA MET F 444 -15.91 0.39 -29.03
C MET F 444 -14.75 1.32 -29.33
N HIS F 445 -13.68 1.26 -28.54
CA HIS F 445 -12.52 2.11 -28.79
C HIS F 445 -12.02 1.95 -30.23
N ASN F 446 -12.12 0.75 -30.78
CA ASN F 446 -11.71 0.49 -32.16
C ASN F 446 -12.86 0.54 -33.14
N HIS F 447 -14.09 0.24 -32.70
CA HIS F 447 -15.23 0.23 -33.62
C HIS F 447 -15.84 1.61 -33.84
N TYR F 448 -15.43 2.62 -33.06
CA TYR F 448 -16.03 3.94 -33.21
C TYR F 448 -15.69 4.54 -34.57
N ALA F 449 -14.45 4.38 -35.02
CA ALA F 449 -14.07 4.92 -36.32
C ALA F 449 -14.89 4.26 -37.43
N PHE F 450 -15.06 2.94 -37.36
CA PHE F 450 -15.85 2.26 -38.36
C PHE F 450 -17.30 2.74 -38.34
N ILE F 451 -17.87 2.92 -37.15
CA ILE F 451 -19.25 3.39 -37.05
C ILE F 451 -19.39 4.78 -37.66
N TYR F 452 -18.45 5.67 -37.34
CA TYR F 452 -18.51 7.03 -37.86
C TYR F 452 -18.39 7.04 -39.38
N ASN F 453 -17.43 6.28 -39.90
CA ASN F 453 -17.25 6.23 -41.35
C ASN F 453 -18.48 5.64 -42.03
N GLU F 454 -19.08 4.60 -41.44
CA GLU F 454 -20.27 4.01 -42.02
C GLU F 454 -21.43 5.01 -42.04
N LEU F 455 -21.60 5.76 -40.95
CA LEU F 455 -22.67 6.76 -40.91
C LEU F 455 -22.45 7.82 -41.98
N VAL F 456 -21.22 8.32 -42.10
CA VAL F 456 -20.93 9.37 -43.08
C VAL F 456 -21.15 8.84 -44.50
N TRP F 457 -20.69 7.61 -44.77
CA TRP F 457 -20.87 7.03 -46.10
C TRP F 457 -22.35 6.82 -46.41
N LYS F 458 -23.12 6.38 -45.43
CA LYS F 458 -24.56 6.20 -45.64
C LYS F 458 -25.22 7.53 -45.97
N VAL F 459 -24.86 8.60 -45.24
CA VAL F 459 -25.42 9.91 -45.54
C VAL F 459 -25.04 10.34 -46.95
N LEU F 460 -23.78 10.17 -47.31
CA LEU F 460 -23.31 10.59 -48.63
C LEU F 460 -24.00 9.82 -49.74
N LYS F 461 -24.19 8.52 -49.57
CA LYS F 461 -24.86 7.73 -50.60
C LYS F 461 -26.34 8.05 -50.67
N GLU F 462 -26.97 8.41 -49.54
CA GLU F 462 -28.36 8.80 -49.57
C GLU F 462 -28.56 10.15 -50.23
N THR F 463 -27.60 11.07 -50.09
CA THR F 463 -27.76 12.42 -50.64
C THR F 463 -27.38 12.46 -52.11
N VAL F 464 -26.12 12.13 -52.42
CA VAL F 464 -25.61 12.25 -53.79
C VAL F 464 -25.82 10.97 -54.57
N GLY F 465 -25.25 9.87 -54.12
CA GLY F 465 -25.34 8.59 -54.80
C GLY F 465 -24.08 7.78 -54.62
N GLU F 466 -24.19 6.49 -54.92
CA GLU F 466 -23.06 5.58 -54.75
C GLU F 466 -21.90 5.96 -55.67
N GLN F 467 -22.20 6.32 -56.91
CA GLN F 467 -21.14 6.57 -57.89
C GLN F 467 -20.27 7.75 -57.47
N GLU F 468 -20.87 8.82 -56.97
CA GLU F 468 -20.14 10.02 -56.61
C GLU F 468 -19.66 10.01 -55.16
N ALA F 469 -19.89 8.93 -54.43
CA ALA F 469 -19.48 8.88 -53.03
C ALA F 469 -17.97 8.82 -52.92
N VAL F 470 -17.41 9.64 -52.02
CA VAL F 470 -15.98 9.66 -51.77
C VAL F 470 -15.75 10.34 -50.43
N LEU F 471 -14.61 10.06 -49.79
CA LEU F 471 -14.32 10.55 -48.46
C LEU F 471 -12.83 10.82 -48.34
N PHE F 472 -12.40 11.20 -47.14
CA PHE F 472 -10.99 11.39 -46.83
C PHE F 472 -10.83 11.14 -45.33
N ALA F 473 -10.38 9.94 -44.98
CA ALA F 473 -10.35 9.48 -43.59
C ALA F 473 -8.93 9.28 -43.12
N ARG F 474 -8.72 9.46 -41.81
CA ARG F 474 -7.44 9.21 -41.17
C ARG F 474 -7.43 8.01 -40.25
N SER F 475 -8.59 7.61 -39.73
CA SER F 475 -8.71 6.46 -38.85
C SER F 475 -9.52 5.38 -39.55
N ALA F 476 -9.17 4.12 -39.27
CA ALA F 476 -9.81 2.98 -39.92
C ALA F 476 -9.73 1.77 -39.02
N SER F 477 -10.56 0.79 -39.32
CA SER F 477 -10.59 -0.49 -38.60
C SER F 477 -10.99 -1.57 -39.58
N VAL F 478 -11.32 -2.75 -39.05
CA VAL F 478 -11.72 -3.86 -39.90
C VAL F 478 -13.04 -3.52 -40.59
N GLY F 479 -13.09 -3.73 -41.90
CA GLY F 479 -14.28 -3.45 -42.67
C GLY F 479 -14.37 -2.05 -43.22
N ALA F 480 -13.40 -1.17 -42.93
CA ALA F 480 -13.44 0.19 -43.44
C ALA F 480 -13.13 0.25 -44.93
N GLN F 481 -12.62 -0.83 -45.52
CA GLN F 481 -12.26 -0.80 -46.93
C GLN F 481 -13.47 -0.49 -47.81
N GLN F 482 -14.68 -0.70 -47.31
CA GLN F 482 -15.87 -0.41 -48.10
C GLN F 482 -16.03 1.08 -48.40
N PHE F 483 -15.26 1.94 -47.72
CA PHE F 483 -15.25 3.38 -48.01
C PHE F 483 -13.81 3.83 -48.18
N PRO F 484 -13.12 3.30 -49.20
CA PRO F 484 -11.66 3.47 -49.26
C PRO F 484 -11.21 4.82 -49.78
N VAL F 485 -10.83 5.70 -48.86
CA VAL F 485 -9.97 6.86 -49.14
C VAL F 485 -9.26 7.16 -47.84
N HIS F 486 -7.92 7.13 -47.86
CA HIS F 486 -7.16 7.25 -46.63
C HIS F 486 -5.99 8.20 -46.83
N TRP F 487 -5.57 8.83 -45.74
CA TRP F 487 -4.50 9.82 -45.73
C TRP F 487 -3.51 9.46 -44.65
N GLY F 488 -2.22 9.51 -44.98
CA GLY F 488 -1.21 9.05 -44.04
C GLY F 488 -1.26 9.79 -42.72
N GLY F 489 -1.36 11.12 -42.77
CA GLY F 489 -1.45 11.92 -41.55
C GLY F 489 -0.47 13.07 -41.54
N ASP F 490 0.16 13.29 -40.40
CA ASP F 490 1.11 14.39 -40.22
C ASP F 490 2.52 13.86 -40.47
N CYS F 491 3.22 14.48 -41.42
CA CYS F 491 4.57 14.10 -41.79
C CYS F 491 5.47 15.33 -41.81
N TYR F 492 6.77 15.10 -41.81
CA TYR F 492 7.76 16.16 -41.83
C TYR F 492 8.34 16.31 -43.24
N ALA F 493 9.04 17.42 -43.46
CA ALA F 493 9.61 17.74 -44.76
C ALA F 493 11.06 17.24 -44.81
N ASN F 494 11.18 15.93 -44.96
CA ASN F 494 12.50 15.30 -45.06
C ASN F 494 12.39 14.05 -45.92
N TYR F 495 13.54 13.62 -46.45
CA TYR F 495 13.57 12.39 -47.24
C TYR F 495 13.17 11.18 -46.39
N GLU F 496 13.62 11.15 -45.14
CA GLU F 496 13.25 10.05 -44.25
C GLU F 496 11.74 9.99 -44.04
N SER F 497 11.11 11.17 -43.89
CA SER F 497 9.66 11.20 -43.76
C SER F 497 8.98 10.65 -45.01
N MET F 498 9.49 10.99 -46.18
CA MET F 498 8.94 10.47 -47.42
C MET F 498 9.07 8.95 -47.46
N ALA F 499 10.23 8.42 -47.07
CA ALA F 499 10.42 6.97 -47.06
C ALA F 499 9.47 6.29 -46.09
N GLU F 500 9.30 6.87 -44.89
CA GLU F 500 8.39 6.27 -43.92
C GLU F 500 6.95 6.32 -44.41
N SER F 501 6.55 7.41 -45.06
CA SER F 501 5.20 7.50 -45.61
C SER F 501 4.99 6.47 -46.70
N LEU F 502 5.99 6.28 -47.56
CA LEU F 502 5.89 5.25 -48.59
C LEU F 502 5.76 3.87 -47.98
N ARG F 503 6.55 3.60 -46.92
CA ARG F 503 6.44 2.31 -46.24
C ARG F 503 5.05 2.11 -45.66
N GLY F 504 4.51 3.14 -45.00
CA GLY F 504 3.17 3.02 -44.45
C GLY F 504 2.11 2.81 -45.52
N GLY F 505 2.24 3.51 -46.65
CA GLY F 505 1.30 3.31 -47.73
C GLY F 505 1.35 1.91 -48.29
N LEU F 506 2.56 1.37 -48.48
CA LEU F 506 2.69 0.00 -48.94
C LEU F 506 2.07 -0.98 -47.94
N SER F 507 2.33 -0.75 -46.65
CA SER F 507 1.80 -1.65 -45.63
C SER F 507 0.27 -1.63 -45.61
N ILE F 508 -0.32 -0.44 -45.67
CA ILE F 508 -1.79 -0.35 -45.66
C ILE F 508 -2.36 -0.94 -46.94
N GLY F 509 -1.66 -0.77 -48.06
CA GLY F 509 -2.11 -1.43 -49.28
C GLY F 509 -2.11 -2.94 -49.16
N MET F 510 -1.07 -3.50 -48.52
CA MET F 510 -1.00 -4.94 -48.33
C MET F 510 -1.96 -5.44 -47.25
N SER F 511 -2.59 -4.54 -46.49
CA SER F 511 -3.48 -4.93 -45.41
C SER F 511 -4.95 -5.00 -45.83
N GLY F 512 -5.24 -4.81 -47.11
CA GLY F 512 -6.60 -4.91 -47.63
C GLY F 512 -7.18 -3.62 -48.16
N PHE F 513 -6.56 -2.47 -47.92
CA PHE F 513 -7.04 -1.21 -48.46
C PHE F 513 -6.46 -1.00 -49.86
N GLY F 514 -7.31 -0.58 -50.79
CA GLY F 514 -6.90 -0.46 -52.18
C GLY F 514 -6.55 0.95 -52.61
N PHE F 515 -6.77 1.93 -51.74
CA PHE F 515 -6.50 3.31 -52.07
C PHE F 515 -5.84 4.00 -50.88
N TRP F 516 -4.87 4.87 -51.16
CA TRP F 516 -4.13 5.57 -50.13
C TRP F 516 -3.64 6.89 -50.68
N SER F 517 -3.40 7.85 -49.78
CA SER F 517 -2.96 9.17 -50.16
C SER F 517 -2.06 9.73 -49.05
N HIS F 518 -1.30 10.77 -49.41
CA HIS F 518 -0.38 11.40 -48.47
C HIS F 518 -0.28 12.88 -48.79
N ASP F 519 0.19 13.65 -47.81
CA ASP F 519 0.37 15.08 -47.96
C ASP F 519 1.66 15.35 -48.74
N ILE F 520 1.55 16.05 -49.86
CA ILE F 520 2.70 16.36 -50.69
C ILE F 520 3.41 17.58 -50.12
N GLY F 521 4.74 17.49 -50.04
CA GLY F 521 5.55 18.58 -49.53
C GLY F 521 5.68 18.61 -48.03
N GLY F 522 5.03 17.70 -47.32
CA GLY F 522 5.11 17.66 -45.88
C GLY F 522 4.04 18.50 -45.20
N PHE F 523 3.74 18.13 -43.95
CA PHE F 523 2.77 18.85 -43.14
C PHE F 523 3.43 19.86 -42.21
N GLU F 524 4.38 19.42 -41.39
CA GLU F 524 5.12 20.30 -40.50
C GLU F 524 6.36 20.84 -41.19
N ASN F 525 6.80 22.02 -40.75
CA ASN F 525 8.00 22.66 -41.28
C ASN F 525 7.84 22.98 -42.76
N THR F 526 8.72 23.82 -43.29
CA THR F 526 8.69 24.24 -44.69
C THR F 526 9.81 23.54 -45.45
N ALA F 527 9.45 22.94 -46.58
CA ALA F 527 10.44 22.24 -47.40
C ALA F 527 11.37 23.25 -48.08
N PRO F 528 12.67 22.96 -48.16
CA PRO F 528 13.58 23.88 -48.87
C PRO F 528 13.18 24.11 -50.31
N ALA F 529 13.12 23.03 -51.10
CA ALA F 529 12.78 23.14 -52.53
C ALA F 529 12.88 21.80 -53.23
N HIS F 530 14.09 21.22 -53.26
CA HIS F 530 14.29 19.97 -53.99
C HIS F 530 13.41 18.85 -53.43
N VAL F 531 13.36 18.72 -52.11
CA VAL F 531 12.54 17.68 -51.51
C VAL F 531 11.07 17.90 -51.88
N TYR F 532 10.66 19.17 -51.98
CA TYR F 532 9.29 19.45 -52.41
C TYR F 532 9.04 18.94 -53.82
N LYS F 533 10.01 19.15 -54.73
CA LYS F 533 9.84 18.66 -56.10
C LYS F 533 9.76 17.14 -56.13
N ARG F 534 10.65 16.47 -55.39
CA ARG F 534 10.62 15.01 -55.37
C ARG F 534 9.31 14.49 -54.78
N TRP F 535 8.83 15.12 -53.71
CA TRP F 535 7.57 14.72 -53.11
C TRP F 535 6.41 14.92 -54.06
N CYS F 536 6.41 16.04 -54.80
CA CYS F 536 5.36 16.28 -55.78
C CYS F 536 5.39 15.21 -56.86
N ALA F 537 6.59 14.88 -57.36
CA ALA F 537 6.69 13.86 -58.40
C ALA F 537 6.19 12.51 -57.88
N PHE F 538 6.54 12.16 -56.65
CA PHE F 538 6.12 10.88 -56.08
C PHE F 538 4.60 10.85 -55.88
N GLY F 539 4.04 11.89 -55.26
CA GLY F 539 2.62 11.90 -54.96
C GLY F 539 1.75 11.96 -56.20
N LEU F 540 2.18 12.71 -57.21
CA LEU F 540 1.38 12.84 -58.42
C LEU F 540 1.37 11.56 -59.24
N LEU F 541 2.22 10.58 -58.92
CA LEU F 541 2.21 9.28 -59.56
C LEU F 541 1.41 8.24 -58.78
N SER F 542 0.79 8.64 -57.68
CA SER F 542 0.02 7.74 -56.84
C SER F 542 -1.46 7.84 -57.20
N SER F 543 -2.29 7.14 -56.42
CA SER F 543 -3.73 7.14 -56.69
C SER F 543 -4.32 8.53 -56.54
N HIS F 544 -3.94 9.24 -55.47
CA HIS F 544 -4.46 10.57 -55.20
C HIS F 544 -3.33 11.49 -54.80
N SER F 545 -3.47 12.78 -55.15
CA SER F 545 -2.47 13.79 -54.88
C SER F 545 -3.11 14.94 -54.11
N ARG F 546 -2.52 15.28 -52.96
CA ARG F 546 -3.05 16.29 -52.06
C ARG F 546 -1.98 17.32 -51.76
N LEU F 547 -2.38 18.58 -51.68
CA LEU F 547 -1.50 19.70 -51.32
C LEU F 547 -2.07 20.33 -50.05
N HIS F 548 -1.51 19.92 -48.90
CA HIS F 548 -1.95 20.37 -47.58
C HIS F 548 -0.74 20.78 -46.76
N GLY F 549 -0.89 21.86 -45.99
CA GLY F 549 0.19 22.37 -45.18
C GLY F 549 -0.31 22.80 -43.82
N SER F 550 0.64 22.97 -42.90
CA SER F 550 0.34 23.34 -41.53
C SER F 550 0.55 24.83 -41.26
N LYS F 551 1.69 25.38 -41.66
CA LYS F 551 2.01 26.79 -41.42
C LYS F 551 2.23 27.60 -42.69
N SER F 552 2.46 26.95 -43.83
CA SER F 552 2.73 27.65 -45.08
C SER F 552 1.88 27.07 -46.20
N TYR F 553 1.54 27.92 -47.15
CA TYR F 553 0.76 27.48 -48.30
C TYR F 553 1.57 26.52 -49.15
N ARG F 554 0.93 25.43 -49.58
CA ARG F 554 1.57 24.43 -50.42
C ARG F 554 1.23 24.69 -51.89
N VAL F 555 1.71 25.82 -52.38
CA VAL F 555 1.48 26.26 -53.77
C VAL F 555 2.82 26.26 -54.48
N PRO F 556 2.91 25.69 -55.69
CA PRO F 556 4.23 25.60 -56.35
C PRO F 556 4.91 26.93 -56.57
N TRP F 557 4.16 27.99 -56.91
CA TRP F 557 4.79 29.26 -57.23
C TRP F 557 5.37 29.95 -56.00
N ALA F 558 5.07 29.46 -54.80
CA ALA F 558 5.65 30.04 -53.59
C ALA F 558 7.13 29.72 -53.43
N TYR F 559 7.67 28.81 -54.23
CA TYR F 559 9.07 28.42 -54.14
C TYR F 559 9.87 28.86 -55.36
N ASP F 560 9.45 28.45 -56.56
CA ASP F 560 10.16 28.81 -57.78
C ASP F 560 9.34 28.32 -58.97
N GLU F 561 9.80 28.71 -60.17
CA GLU F 561 9.10 28.33 -61.39
C GLU F 561 9.34 26.88 -61.76
N GLU F 562 10.49 26.31 -61.37
CA GLU F 562 10.77 24.92 -61.70
C GLU F 562 9.75 23.98 -61.06
N SER F 563 9.35 24.28 -59.82
CA SER F 563 8.32 23.48 -59.18
C SER F 563 7.01 23.53 -59.96
N CYS F 564 6.64 24.72 -60.43
CA CYS F 564 5.42 24.83 -61.24
C CYS F 564 5.55 24.02 -62.52
N ASP F 565 6.70 24.10 -63.18
CA ASP F 565 6.89 23.36 -64.43
C ASP F 565 6.78 21.85 -64.21
N VAL F 566 7.45 21.34 -63.18
CA VAL F 566 7.42 19.91 -62.92
C VAL F 566 6.02 19.48 -62.52
N VAL F 567 5.32 20.29 -61.73
CA VAL F 567 3.95 19.96 -61.34
C VAL F 567 3.06 19.89 -62.57
N ARG F 568 3.18 20.86 -63.48
CA ARG F 568 2.38 20.85 -64.69
C ARG F 568 2.67 19.60 -65.52
N HIS F 569 3.96 19.29 -65.68
CA HIS F 569 4.32 18.12 -66.48
C HIS F 569 3.75 16.84 -65.89
N PHE F 570 3.90 16.66 -64.58
CA PHE F 570 3.44 15.43 -63.94
C PHE F 570 1.91 15.34 -63.96
N THR F 571 1.22 16.47 -63.77
CA THR F 571 -0.24 16.45 -63.82
C THR F 571 -0.72 16.11 -65.22
N GLN F 572 -0.08 16.67 -66.25
CA GLN F 572 -0.43 16.32 -67.62
C GLN F 572 -0.20 14.84 -67.87
N LEU F 573 0.93 14.30 -67.38
CA LEU F 573 1.20 12.87 -67.55
C LEU F 573 0.13 12.03 -66.87
N LYS F 574 -0.25 12.40 -65.64
CA LYS F 574 -1.27 11.63 -64.93
C LYS F 574 -2.61 11.68 -65.66
N CYS F 575 -2.99 12.86 -66.17
CA CYS F 575 -4.24 12.97 -66.91
C CYS F 575 -4.18 12.11 -68.17
N ARG F 576 -3.04 12.10 -68.86
CA ARG F 576 -2.89 11.28 -70.05
C ARG F 576 -2.92 9.79 -69.72
N MET F 577 -2.64 9.41 -68.47
CA MET F 577 -2.61 8.02 -68.06
C MET F 577 -3.87 7.61 -67.30
N MET F 578 -4.93 8.39 -67.37
CA MET F 578 -6.12 8.11 -66.57
C MET F 578 -6.74 6.74 -66.87
N PRO F 579 -6.97 6.34 -68.12
CA PRO F 579 -7.70 5.08 -68.34
C PRO F 579 -7.04 3.86 -67.71
N TYR F 580 -5.71 3.78 -67.76
CA TYR F 580 -5.02 2.64 -67.15
C TYR F 580 -5.21 2.64 -65.64
N LEU F 581 -5.11 3.81 -65.01
CA LEU F 581 -5.32 3.90 -63.57
C LEU F 581 -6.74 3.51 -63.20
N TYR F 582 -7.73 3.93 -64.00
CA TYR F 582 -9.11 3.58 -63.70
C TYR F 582 -9.35 2.09 -63.88
N ARG F 583 -8.71 1.48 -64.90
CA ARG F 583 -8.84 0.03 -65.06
C ARG F 583 -8.22 -0.70 -63.87
N GLN F 584 -7.07 -0.22 -63.38
CA GLN F 584 -6.47 -0.83 -62.20
C GLN F 584 -7.37 -0.65 -60.98
N ALA F 585 -8.02 0.50 -60.86
CA ALA F 585 -8.94 0.71 -59.75
C ALA F 585 -10.13 -0.23 -59.83
N ALA F 586 -10.65 -0.46 -61.05
CA ALA F 586 -11.74 -1.41 -61.22
C ALA F 586 -11.29 -2.81 -60.84
N LEU F 587 -10.08 -3.19 -61.23
CA LEU F 587 -9.54 -4.49 -60.83
C LEU F 587 -9.43 -4.59 -59.31
N ALA F 588 -8.99 -3.51 -58.66
CA ALA F 588 -8.91 -3.49 -57.21
C ALA F 588 -10.28 -3.65 -56.58
N ASN F 589 -11.30 -3.00 -57.15
CA ASN F 589 -12.66 -3.15 -56.63
C ASN F 589 -13.15 -4.59 -56.80
N GLU F 590 -12.82 -5.22 -57.93
CA GLU F 590 -13.33 -6.55 -58.21
C GLU F 590 -12.62 -7.61 -57.38
N PHE F 591 -11.31 -7.75 -57.57
CA PHE F 591 -10.54 -8.81 -56.93
C PHE F 591 -9.87 -8.38 -55.63
N GLY F 592 -9.95 -7.10 -55.27
CA GLY F 592 -9.39 -6.62 -54.03
C GLY F 592 -7.91 -6.31 -54.08
N THR F 593 -7.27 -6.38 -55.25
CA THR F 593 -5.85 -6.12 -55.35
C THR F 593 -5.58 -4.62 -55.29
N PRO F 594 -4.77 -4.13 -54.34
CA PRO F 594 -4.53 -2.69 -54.26
C PRO F 594 -3.83 -2.16 -55.50
N MET F 595 -4.11 -0.89 -55.82
CA MET F 595 -3.45 -0.27 -56.97
C MET F 595 -1.98 -0.01 -56.68
N LEU F 596 -1.66 0.43 -55.45
CA LEU F 596 -0.28 0.73 -55.06
C LEU F 596 0.38 -0.56 -54.54
N ARG F 597 0.59 -1.48 -55.47
CA ARG F 597 1.15 -2.79 -55.14
C ARG F 597 2.60 -2.67 -54.74
N ALA F 598 3.02 -3.57 -53.84
CA ALA F 598 4.42 -3.69 -53.49
C ALA F 598 5.14 -4.57 -54.51
N MET F 599 6.47 -4.55 -54.46
CA MET F 599 7.26 -5.34 -55.40
C MET F 599 7.00 -6.83 -55.21
N MET F 600 6.89 -7.28 -53.96
CA MET F 600 6.68 -8.70 -53.70
C MET F 600 5.37 -9.20 -54.31
N LEU F 601 4.31 -8.41 -54.19
CA LEU F 601 2.99 -8.87 -54.60
C LEU F 601 2.97 -9.25 -56.07
N GLU F 602 3.59 -8.43 -56.93
CA GLU F 602 3.60 -8.72 -58.35
C GLU F 602 4.48 -9.92 -58.67
N PHE F 603 5.59 -10.09 -57.96
CA PHE F 603 6.55 -11.16 -58.21
C PHE F 603 6.88 -11.87 -56.90
N PRO F 604 5.92 -12.61 -56.34
CA PRO F 604 6.18 -13.31 -55.07
C PRO F 604 7.26 -14.37 -55.18
N ASP F 605 7.54 -14.87 -56.38
CA ASP F 605 8.51 -15.95 -56.57
C ASP F 605 9.94 -15.45 -56.71
N ASP F 606 10.16 -14.14 -56.71
CA ASP F 606 11.50 -13.58 -56.84
C ASP F 606 12.03 -13.25 -55.46
N PRO F 607 13.06 -13.94 -54.96
CA PRO F 607 13.57 -13.61 -53.62
C PRO F 607 14.19 -12.24 -53.52
N ALA F 608 14.58 -11.62 -54.64
CA ALA F 608 15.27 -10.35 -54.60
C ALA F 608 14.37 -9.20 -54.14
N CYS F 609 13.05 -9.36 -54.25
CA CYS F 609 12.11 -8.29 -53.92
C CYS F 609 11.51 -8.45 -52.53
N ASP F 610 12.04 -9.36 -51.72
CA ASP F 610 11.49 -9.57 -50.38
C ASP F 610 11.67 -8.34 -49.50
N TYR F 611 12.82 -7.68 -49.60
CA TYR F 611 13.19 -6.58 -48.72
C TYR F 611 13.33 -5.27 -49.49
N LEU F 612 12.39 -5.00 -50.39
CA LEU F 612 12.39 -3.77 -51.18
C LEU F 612 11.27 -2.87 -50.68
N ASP F 613 11.62 -1.63 -50.31
CA ASP F 613 10.64 -0.67 -49.82
C ASP F 613 10.81 0.73 -50.39
N ARG F 614 11.91 1.05 -51.06
CA ARG F 614 12.11 2.38 -51.62
C ARG F 614 11.52 2.55 -53.01
N GLN F 615 11.02 1.48 -53.62
CA GLN F 615 10.39 1.53 -54.93
C GLN F 615 9.09 0.74 -54.88
N TYR F 616 8.16 1.09 -55.75
CA TYR F 616 6.85 0.46 -55.75
C TYR F 616 6.41 0.19 -57.18
N MET F 617 5.31 -0.55 -57.30
CA MET F 617 4.72 -0.93 -58.58
C MET F 617 3.32 -0.34 -58.66
N LEU F 618 3.09 0.46 -59.69
CA LEU F 618 1.77 1.02 -59.98
C LEU F 618 1.09 0.16 -61.02
N GLY F 619 -0.15 -0.23 -60.73
CA GLY F 619 -0.87 -1.12 -61.61
C GLY F 619 -0.20 -2.48 -61.65
N ASP F 620 -0.42 -3.20 -62.74
CA ASP F 620 0.21 -4.49 -62.97
C ASP F 620 1.37 -4.40 -63.95
N SER F 621 1.71 -3.20 -64.42
CA SER F 621 2.74 -3.03 -65.43
C SER F 621 3.74 -1.92 -65.16
N VAL F 622 3.41 -0.91 -64.35
CA VAL F 622 4.26 0.25 -64.17
C VAL F 622 5.10 0.06 -62.91
N LEU F 623 6.36 0.47 -62.96
CA LEU F 623 7.26 0.44 -61.81
C LEU F 623 7.85 1.82 -61.62
N VAL F 624 7.80 2.33 -60.39
CA VAL F 624 8.27 3.68 -60.08
C VAL F 624 9.25 3.57 -58.91
N ALA F 625 10.38 4.26 -59.02
CA ALA F 625 11.41 4.26 -57.99
C ALA F 625 11.76 5.71 -57.62
N PRO F 626 10.94 6.36 -56.79
CA PRO F 626 11.20 7.77 -56.47
C PRO F 626 12.56 7.96 -55.83
N VAL F 627 13.19 9.09 -56.16
CA VAL F 627 14.53 9.38 -55.66
C VAL F 627 14.43 9.99 -54.26
N PHE F 628 15.50 9.79 -53.48
CA PHE F 628 15.57 10.33 -52.12
C PHE F 628 16.90 11.01 -51.85
N SER F 629 17.62 11.40 -52.90
CA SER F 629 18.95 11.98 -52.76
C SER F 629 18.99 13.37 -53.37
N GLU F 630 19.79 14.24 -52.76
CA GLU F 630 19.94 15.60 -53.27
C GLU F 630 20.53 15.60 -54.68
N ALA F 631 21.55 14.78 -54.90
CA ALA F 631 22.22 14.75 -56.20
C ALA F 631 21.39 14.03 -57.26
N GLY F 632 20.32 13.35 -56.89
CA GLY F 632 19.49 12.62 -57.83
C GLY F 632 19.90 11.19 -58.07
N GLU F 633 21.01 10.74 -57.48
CA GLU F 633 21.44 9.36 -57.63
C GLU F 633 20.43 8.42 -56.98
N VAL F 634 20.10 7.33 -57.67
CA VAL F 634 19.12 6.38 -57.17
C VAL F 634 19.44 5.00 -57.74
N GLN F 635 19.25 3.97 -56.92
CA GLN F 635 19.47 2.59 -57.30
C GLN F 635 18.16 1.83 -57.18
N PHE F 636 17.83 1.04 -58.21
CA PHE F 636 16.59 0.29 -58.23
C PHE F 636 16.82 -1.05 -58.90
N TYR F 637 16.00 -2.04 -58.51
CA TYR F 637 16.12 -3.41 -59.00
C TYR F 637 15.00 -3.70 -59.98
N LEU F 638 15.35 -4.34 -61.10
CA LEU F 638 14.40 -4.75 -62.11
C LEU F 638 14.28 -6.27 -62.13
N PRO F 639 13.06 -6.83 -62.07
CA PRO F 639 12.90 -8.27 -62.26
C PRO F 639 13.12 -8.70 -63.70
N GLU F 640 12.95 -10.00 -63.97
CA GLU F 640 13.23 -10.52 -65.30
C GLU F 640 12.34 -9.84 -66.34
N GLY F 641 12.90 -9.61 -67.53
CA GLY F 641 12.19 -8.97 -68.60
C GLY F 641 12.80 -7.65 -69.02
N ARG F 642 12.52 -7.21 -70.24
CA ARG F 642 13.03 -5.94 -70.75
C ARG F 642 12.06 -4.83 -70.40
N TRP F 643 12.59 -3.74 -69.84
CA TRP F 643 11.79 -2.62 -69.38
C TRP F 643 12.10 -1.38 -70.20
N THR F 644 11.06 -0.61 -70.52
CA THR F 644 11.18 0.62 -71.30
C THR F 644 10.58 1.78 -70.52
N HIS F 645 11.27 2.91 -70.53
CA HIS F 645 10.80 4.07 -69.80
C HIS F 645 9.52 4.62 -70.41
N LEU F 646 8.70 5.27 -69.56
CA LEU F 646 7.40 5.74 -70.01
C LEU F 646 7.53 6.81 -71.08
N TRP F 647 8.48 7.75 -70.92
CA TRP F 647 8.63 8.85 -71.86
C TRP F 647 10.07 9.09 -72.29
N HIS F 648 11.00 8.18 -71.96
CA HIS F 648 12.37 8.29 -72.44
C HIS F 648 12.72 7.23 -73.48
N ASN F 649 11.97 6.13 -73.53
CA ASN F 649 12.10 5.09 -74.56
C ASN F 649 13.41 4.33 -74.51
N ASP F 650 14.17 4.43 -73.41
CA ASP F 650 15.39 3.67 -73.28
C ASP F 650 15.09 2.26 -72.79
N GLU F 651 15.97 1.32 -73.13
CA GLU F 651 15.82 -0.08 -72.79
C GLU F 651 16.90 -0.49 -71.80
N LEU F 652 16.51 -1.32 -70.82
CA LEU F 652 17.43 -1.79 -69.79
C LEU F 652 17.14 -3.27 -69.55
N PRO F 653 18.17 -4.12 -69.49
CA PRO F 653 17.93 -5.54 -69.18
C PRO F 653 17.43 -5.70 -67.76
N GLY F 654 16.66 -6.78 -67.55
CA GLY F 654 16.04 -7.04 -66.28
C GLY F 654 16.79 -8.05 -65.44
N SER F 655 16.22 -8.34 -64.27
CA SER F 655 16.77 -9.31 -63.33
C SER F 655 18.13 -8.85 -62.80
N ARG F 656 18.18 -7.60 -62.35
CA ARG F 656 19.44 -7.04 -61.84
C ARG F 656 19.18 -5.63 -61.31
N TRP F 657 20.18 -5.10 -60.63
CA TRP F 657 20.13 -3.74 -60.10
C TRP F 657 20.67 -2.76 -61.12
N HIS F 658 20.31 -1.49 -60.93
CA HIS F 658 20.75 -0.42 -61.82
C HIS F 658 20.84 0.88 -61.01
N LYS F 659 21.77 1.73 -61.41
CA LYS F 659 21.99 3.02 -60.76
C LYS F 659 21.88 4.12 -61.82
N GLN F 660 21.20 5.20 -61.46
CA GLN F 660 20.97 6.28 -62.41
C GLN F 660 20.84 7.61 -61.68
N ARG F 661 21.23 8.68 -62.37
CA ARG F 661 21.09 10.05 -61.87
C ARG F 661 20.11 10.79 -62.77
N HIS F 662 19.10 11.40 -62.16
CA HIS F 662 18.05 12.08 -62.88
C HIS F 662 17.87 13.49 -62.32
N ASP F 663 17.47 14.41 -63.20
CA ASP F 663 17.20 15.78 -62.79
C ASP F 663 15.79 15.88 -62.19
N ALA F 664 15.41 17.09 -61.80
CA ALA F 664 14.12 17.29 -61.15
C ALA F 664 12.95 16.97 -62.06
N LEU F 665 13.14 17.01 -63.38
CA LEU F 665 12.06 16.77 -64.33
C LEU F 665 11.95 15.31 -64.74
N SER F 666 12.80 14.43 -64.22
CA SER F 666 12.78 13.02 -64.59
C SER F 666 12.99 12.16 -63.35
N LEU F 667 12.46 10.95 -63.41
CA LEU F 667 12.63 9.95 -62.35
C LEU F 667 12.41 8.58 -62.95
N PRO F 668 12.91 7.52 -62.30
CA PRO F 668 12.79 6.18 -62.90
C PRO F 668 11.36 5.64 -62.86
N VAL F 669 10.72 5.64 -64.01
CA VAL F 669 9.42 5.03 -64.24
C VAL F 669 9.55 4.15 -65.46
N TYR F 670 9.17 2.87 -65.33
CA TYR F 670 9.40 1.89 -66.37
C TYR F 670 8.17 1.00 -66.54
N VAL F 671 8.11 0.34 -67.69
CA VAL F 671 7.00 -0.56 -68.04
C VAL F 671 7.61 -1.90 -68.45
N ARG F 672 7.03 -2.98 -67.94
CA ARG F 672 7.53 -4.31 -68.25
C ARG F 672 7.31 -4.63 -69.73
N ASP F 673 7.90 -5.73 -70.17
CA ASP F 673 7.78 -6.16 -71.55
C ASP F 673 6.42 -6.80 -71.81
N ASN F 674 6.10 -6.98 -73.09
CA ASN F 674 4.86 -7.61 -73.52
C ASN F 674 3.66 -6.86 -72.96
N THR F 675 3.65 -5.54 -73.17
CA THR F 675 2.62 -4.69 -72.58
C THR F 675 1.88 -3.91 -73.65
N LEU F 676 0.60 -3.69 -73.41
CA LEU F 676 -0.27 -2.89 -74.28
C LEU F 676 -0.97 -1.86 -73.40
N LEU F 677 -0.33 -0.71 -73.21
CA LEU F 677 -0.88 0.34 -72.39
C LEU F 677 -1.88 1.17 -73.19
N ALA F 678 -2.66 1.98 -72.46
CA ALA F 678 -3.65 2.85 -73.08
C ALA F 678 -3.52 4.25 -72.52
N LEU F 679 -3.69 5.26 -73.38
CA LEU F 679 -3.60 6.65 -72.98
C LEU F 679 -4.67 7.45 -73.71
N GLY F 680 -5.03 8.60 -73.14
CA GLY F 680 -6.01 9.48 -73.72
C GLY F 680 -5.38 10.72 -74.34
N ASN F 681 -6.19 11.44 -75.11
CA ASN F 681 -5.75 12.64 -75.79
C ASN F 681 -6.00 13.91 -74.99
N ASN F 682 -6.51 13.79 -73.77
CA ASN F 682 -6.81 14.93 -72.92
C ASN F 682 -5.87 14.93 -71.72
N ASP F 683 -5.19 16.07 -71.51
CA ASP F 683 -4.22 16.20 -70.43
C ASP F 683 -4.60 17.32 -69.46
N GLN F 684 -5.88 17.69 -69.41
CA GLN F 684 -6.35 18.74 -68.51
C GLN F 684 -7.44 18.30 -67.56
N LYS F 685 -8.20 17.26 -67.90
CA LYS F 685 -9.29 16.77 -67.07
C LYS F 685 -9.22 15.25 -66.97
N PRO F 686 -9.57 14.66 -65.84
CA PRO F 686 -9.58 13.20 -65.72
C PRO F 686 -10.93 12.54 -66.00
N ASP F 687 -11.94 13.30 -66.42
CA ASP F 687 -13.28 12.78 -66.64
C ASP F 687 -13.69 12.92 -68.11
N TYR F 688 -12.77 12.61 -69.01
CA TYR F 688 -13.01 12.70 -70.44
C TYR F 688 -13.34 11.33 -71.01
N ALA F 689 -13.74 11.32 -72.28
CA ALA F 689 -14.10 10.08 -72.97
C ALA F 689 -12.83 9.30 -73.25
N TRP F 690 -12.59 8.25 -72.45
CA TRP F 690 -11.37 7.47 -72.59
C TRP F 690 -11.37 6.63 -73.87
N HIS F 691 -12.54 6.25 -74.36
CA HIS F 691 -12.65 5.38 -75.52
C HIS F 691 -12.72 6.16 -76.83
N GLU F 692 -12.58 7.48 -76.80
CA GLU F 692 -12.59 8.32 -77.99
C GLU F 692 -11.18 8.82 -78.25
N GLY F 693 -10.66 8.52 -79.44
CA GLY F 693 -9.32 8.99 -79.80
C GLY F 693 -8.23 8.46 -78.90
N THR F 694 -8.37 7.22 -78.42
CA THR F 694 -7.39 6.64 -77.53
C THR F 694 -6.13 6.26 -78.29
N ALA F 695 -5.01 6.23 -77.57
CA ALA F 695 -3.72 5.83 -78.11
C ALA F 695 -3.19 4.65 -77.29
N PHE F 696 -3.19 3.46 -77.90
CA PHE F 696 -2.56 2.32 -77.28
C PHE F 696 -1.06 2.34 -77.57
N GLN F 697 -0.29 1.78 -76.65
CA GLN F 697 1.17 1.76 -76.75
C GLN F 697 1.64 0.32 -76.59
N LEU F 698 2.40 -0.15 -77.58
CA LEU F 698 2.88 -1.53 -77.60
C LEU F 698 4.34 -1.57 -77.20
N PHE F 699 4.64 -2.35 -76.16
CA PHE F 699 5.97 -2.46 -75.56
C PHE F 699 6.42 -3.91 -75.64
N GLN F 700 7.43 -4.18 -76.47
CA GLN F 700 8.18 -5.43 -76.47
C GLN F 700 7.26 -6.65 -76.57
N LEU F 701 6.56 -6.74 -77.69
CA LEU F 701 5.71 -7.91 -77.96
C LEU F 701 6.59 -9.02 -78.51
N GLY F 702 6.89 -10.01 -77.66
CA GLY F 702 7.71 -11.12 -78.10
C GLY F 702 6.96 -12.09 -78.99
N ASP F 703 7.73 -12.86 -79.75
CA ASP F 703 7.14 -13.82 -80.67
C ASP F 703 6.39 -14.91 -79.91
N GLY F 704 5.21 -15.25 -80.41
CA GLY F 704 4.39 -16.30 -79.83
C GLY F 704 3.60 -15.88 -78.61
N ASN F 705 3.61 -14.61 -78.24
CA ASN F 705 2.92 -14.12 -77.06
C ASN F 705 1.66 -13.35 -77.45
N GLU F 706 0.72 -13.29 -76.53
CA GLU F 706 -0.55 -12.59 -76.73
C GLU F 706 -0.78 -11.62 -75.57
N THR F 707 -1.31 -10.44 -75.90
CA THR F 707 -1.57 -9.40 -74.91
C THR F 707 -2.99 -8.89 -75.09
N VAL F 708 -3.59 -8.44 -73.98
CA VAL F 708 -4.95 -7.92 -73.99
C VAL F 708 -4.98 -6.61 -73.21
N CYS F 709 -5.97 -5.77 -73.54
CA CYS F 709 -6.16 -4.50 -72.86
C CYS F 709 -7.65 -4.16 -72.90
N GLN F 710 -8.19 -3.76 -71.75
CA GLN F 710 -9.61 -3.44 -71.61
C GLN F 710 -9.74 -2.01 -71.09
N VAL F 711 -10.18 -1.11 -71.93
CA VAL F 711 -10.46 0.26 -71.51
C VAL F 711 -11.77 0.29 -70.74
N PRO F 712 -11.83 0.87 -69.55
CA PRO F 712 -13.06 0.85 -68.76
C PRO F 712 -14.00 2.00 -69.14
N ALA F 713 -15.22 1.89 -68.64
CA ALA F 713 -16.24 2.91 -68.82
C ALA F 713 -16.37 3.74 -67.53
N ALA F 714 -17.38 4.61 -67.50
CA ALA F 714 -17.61 5.41 -66.30
C ALA F 714 -17.93 4.54 -65.10
N ASP F 715 -18.75 3.50 -65.30
CA ASP F 715 -19.10 2.59 -64.23
C ASP F 715 -17.98 1.61 -63.88
N GLY F 716 -16.92 1.55 -64.69
CA GLY F 716 -15.80 0.67 -64.45
C GLY F 716 -15.80 -0.59 -65.29
N SER F 717 -16.93 -0.94 -65.90
CA SER F 717 -16.98 -2.12 -66.75
C SER F 717 -16.29 -1.84 -68.08
N ALA F 718 -15.56 -2.84 -68.57
CA ALA F 718 -14.83 -2.69 -69.83
C ALA F 718 -15.79 -2.35 -70.96
N ILE F 719 -15.41 -1.36 -71.77
CA ILE F 719 -16.22 -0.94 -72.91
C ILE F 719 -15.64 -1.38 -74.24
N PHE F 720 -14.33 -1.60 -74.33
CA PHE F 720 -13.70 -2.01 -75.56
C PHE F 720 -12.44 -2.81 -75.22
N THR F 721 -12.23 -3.91 -75.93
CA THR F 721 -11.12 -4.81 -75.68
C THR F 721 -10.31 -5.01 -76.96
N LEU F 722 -8.99 -4.99 -76.82
CA LEU F 722 -8.07 -5.13 -77.93
C LEU F 722 -7.09 -6.25 -77.62
N LYS F 723 -6.89 -7.14 -78.59
CA LYS F 723 -5.99 -8.28 -78.44
C LYS F 723 -4.98 -8.28 -79.58
N ALA F 724 -3.70 -8.44 -79.23
CA ALA F 724 -2.61 -8.46 -80.20
C ALA F 724 -1.89 -9.79 -80.13
N LYS F 725 -1.69 -10.41 -81.28
CA LYS F 725 -1.00 -11.70 -81.38
C LYS F 725 0.13 -11.58 -82.38
N ARG F 726 1.33 -12.00 -81.97
CA ARG F 726 2.52 -11.93 -82.80
C ARG F 726 2.94 -13.33 -83.22
N GLN F 727 3.21 -13.51 -84.50
CA GLN F 727 3.69 -14.78 -85.04
C GLN F 727 4.77 -14.47 -86.06
N GLY F 728 5.96 -15.01 -85.85
CA GLY F 728 7.07 -14.71 -86.73
C GLY F 728 7.38 -13.24 -86.77
N ASN F 729 7.06 -12.59 -87.89
CA ASN F 729 7.26 -11.15 -88.06
C ASN F 729 5.96 -10.43 -88.37
N THR F 730 4.82 -11.03 -88.07
CA THR F 730 3.51 -10.46 -88.35
C THR F 730 2.71 -10.34 -87.06
N ILE F 731 2.15 -9.16 -86.81
CA ILE F 731 1.35 -8.90 -85.62
C ILE F 731 -0.06 -8.55 -86.07
N THR F 732 -1.04 -9.27 -85.52
CA THR F 732 -2.44 -9.06 -85.82
C THR F 732 -3.14 -8.52 -84.58
N VAL F 733 -3.87 -7.43 -84.74
CA VAL F 733 -4.58 -6.78 -83.65
C VAL F 733 -6.08 -6.79 -83.98
N SER F 734 -6.88 -7.24 -83.03
CA SER F 734 -8.34 -7.32 -83.20
C SER F 734 -9.00 -6.65 -82.01
N GLY F 735 -9.95 -5.75 -82.29
CA GLY F 735 -10.65 -5.03 -81.26
C GLY F 735 -12.15 -5.20 -81.39
N GLU F 736 -12.81 -5.24 -80.23
CA GLU F 736 -14.26 -5.40 -80.18
C GLU F 736 -14.81 -4.58 -79.02
N GLY F 737 -15.94 -3.92 -79.26
CA GLY F 737 -16.57 -3.10 -78.26
C GLY F 737 -17.16 -1.82 -78.83
N GLU F 738 -16.88 -0.69 -78.18
CA GLU F 738 -17.39 0.61 -78.61
C GLU F 738 -16.23 1.59 -78.65
N ALA F 739 -15.97 2.16 -79.83
CA ALA F 739 -14.91 3.14 -79.99
C ALA F 739 -15.09 3.83 -81.33
N ARG F 740 -14.51 5.03 -81.44
CA ARG F 740 -14.57 5.81 -82.68
C ARG F 740 -13.22 6.49 -82.87
N GLY F 741 -12.34 5.85 -83.62
CA GLY F 741 -11.04 6.41 -83.91
C GLY F 741 -10.02 6.14 -82.83
N TRP F 742 -8.89 5.56 -83.20
CA TRP F 742 -7.84 5.26 -82.23
C TRP F 742 -6.52 5.07 -82.97
N THR F 743 -5.45 5.07 -82.19
CA THR F 743 -4.10 4.89 -82.72
C THR F 743 -3.35 3.85 -81.90
N LEU F 744 -2.39 3.20 -82.54
CA LEU F 744 -1.52 2.23 -81.90
C LEU F 744 -0.08 2.62 -82.18
N CYS F 745 0.69 2.87 -81.12
CA CYS F 745 2.08 3.28 -81.24
C CYS F 745 2.96 2.12 -80.79
N LEU F 746 3.63 1.48 -81.76
CA LEU F 746 4.62 0.47 -81.44
C LEU F 746 5.91 1.19 -81.07
N ARG F 747 6.45 0.86 -79.89
CA ARG F 747 7.62 1.56 -79.38
C ARG F 747 8.90 0.88 -79.84
N ASN F 748 9.94 1.71 -80.05
CA ASN F 748 11.26 1.23 -80.46
C ASN F 748 11.21 0.53 -81.81
N ILE F 749 10.28 0.92 -82.67
CA ILE F 749 10.14 0.39 -84.01
C ILE F 749 10.24 1.55 -85.00
N PRO F 750 11.42 1.81 -85.56
CA PRO F 750 11.57 2.96 -86.46
C PRO F 750 10.61 2.93 -87.65
N GLN F 751 10.35 1.76 -88.21
CA GLN F 751 9.49 1.67 -89.39
C GLN F 751 8.95 0.25 -89.50
N ILE F 752 7.95 0.10 -90.37
CA ILE F 752 7.31 -1.20 -90.61
C ILE F 752 7.37 -1.48 -92.11
N ALA F 753 7.25 -2.77 -92.47
CA ALA F 753 7.34 -3.20 -93.86
C ALA F 753 6.00 -3.66 -94.40
N GLY F 754 4.90 -3.07 -93.92
CA GLY F 754 3.59 -3.42 -94.40
C GLY F 754 2.49 -3.24 -93.38
N VAL F 755 1.35 -2.70 -93.81
CA VAL F 755 0.18 -2.50 -92.95
C VAL F 755 -1.06 -2.91 -93.72
N GLU F 756 -2.12 -3.22 -92.98
CA GLU F 756 -3.39 -3.68 -93.55
C GLU F 756 -4.52 -2.91 -92.88
N GLY F 757 -5.02 -1.87 -93.55
CA GLY F 757 -6.16 -1.11 -93.08
C GLY F 757 -5.83 0.01 -92.12
N GLY F 758 -4.55 0.23 -91.81
CA GLY F 758 -4.16 1.29 -90.90
C GLY F 758 -3.19 2.28 -91.53
N THR F 759 -3.37 3.57 -91.23
CA THR F 759 -2.50 4.59 -91.79
C THR F 759 -1.29 4.77 -90.87
N GLN F 760 -0.11 4.50 -91.40
CA GLN F 760 1.11 4.47 -90.60
C GLN F 760 1.88 5.78 -90.72
N ALA F 761 2.59 6.13 -89.65
CA ALA F 761 3.46 7.31 -89.63
C ALA F 761 4.55 7.10 -88.58
N GLY F 762 5.61 7.89 -88.70
CA GLY F 762 6.71 7.78 -87.77
C GLY F 762 6.65 8.82 -86.66
N SER F 763 7.33 8.52 -85.56
CA SER F 763 7.39 9.45 -84.43
C SER F 763 8.64 9.12 -83.62
N GLU F 764 9.06 10.09 -82.81
CA GLU F 764 10.27 9.92 -82.02
C GLU F 764 10.18 8.72 -81.08
N LEU F 765 8.98 8.29 -80.74
CA LEU F 765 8.79 7.16 -79.84
C LEU F 765 8.50 5.85 -80.57
N GLY F 766 8.50 5.85 -81.91
CA GLY F 766 8.26 4.64 -82.66
C GLY F 766 7.41 4.84 -83.89
N VAL F 767 6.42 3.97 -84.10
CA VAL F 767 5.55 4.04 -85.27
C VAL F 767 4.11 4.08 -84.81
N VAL F 768 3.37 5.09 -85.25
CA VAL F 768 1.98 5.30 -84.88
C VAL F 768 1.11 4.95 -86.07
N VAL F 769 0.17 4.02 -85.88
CA VAL F 769 -0.77 3.60 -86.90
C VAL F 769 -2.16 4.00 -86.44
N SER F 770 -2.81 4.88 -87.20
CA SER F 770 -4.20 5.23 -86.94
C SER F 770 -5.10 4.19 -87.58
N ALA F 771 -6.07 3.70 -86.81
CA ALA F 771 -6.94 2.61 -87.25
C ALA F 771 -8.28 3.15 -87.69
N GLN F 772 -8.67 2.81 -88.92
CA GLN F 772 -10.00 3.15 -89.44
C GLN F 772 -10.98 2.00 -89.29
N GLY F 773 -10.57 0.89 -88.66
CA GLY F 773 -11.45 -0.25 -88.47
C GLY F 773 -11.23 -0.91 -87.13
N ASN F 774 -11.60 -2.19 -87.02
CA ASN F 774 -11.46 -2.94 -85.78
C ASN F 774 -10.61 -4.20 -85.97
N ALA F 775 -9.72 -4.18 -86.96
CA ALA F 775 -8.84 -5.32 -87.19
C ALA F 775 -7.71 -4.87 -88.12
N LEU F 776 -6.47 -5.11 -87.71
CA LEU F 776 -5.31 -4.73 -88.50
C LEU F 776 -4.26 -5.83 -88.43
N THR F 777 -3.41 -5.86 -89.47
CA THR F 777 -2.29 -6.79 -89.53
C THR F 777 -1.08 -6.04 -90.06
N ILE F 778 0.04 -6.15 -89.36
CA ILE F 778 1.26 -5.44 -89.71
C ILE F 778 2.40 -6.45 -89.83
N SER F 779 3.09 -6.43 -90.96
CA SER F 779 4.21 -7.33 -91.19
C SER F 779 5.54 -6.62 -90.92
#